data_8CG1
#
_entry.id   8CG1
#
_cell.length_a   109.409
_cell.length_b   103.215
_cell.length_c   175.493
_cell.angle_alpha   90.00
_cell.angle_beta   99.57
_cell.angle_gamma   90.00
#
_symmetry.space_group_name_H-M   'P 1 2 1'
#
loop_
_entity.id
_entity.type
_entity.pdbx_description
1 polymer Adenosylhomocysteinase
2 non-polymer NICOTINAMIDE-ADENINE-DINUCLEOTIDE
3 non-polymer ADENINE
4 non-polymer 'POTASSIUM ION'
5 non-polymer 'PHOSPHATE ION'
6 non-polymer 'DIMETHYL SULFOXIDE'
7 non-polymer ~{N}-(2-thiophen-2-ylethyl)pyridine-4-carboxamide
8 water water
#
_entity_poly.entity_id   1
_entity_poly.type   'polypeptide(L)'
_entity_poly.pdbx_seq_one_letter_code
;SNAMSAVMTPAGFTDYKVADITLAAWGRRELIIAESEMPALMGLRRKYAGQQPLKGAKILGCIHMTIQTGVLIETLVALG
AEVRWSSCNIFSTQDQAAAAIAAAGIPVFAWKGETEEEYEWCIEQTILKDGQPWDANMVLDDGGDLTEILHKKYPQMLER
IHGITEETTTGVHRLLDMLKNGTLKVPAINVNDSVTKSKNDNKYGCRHSLNDAIKRGTDHLLSGKQALVIGYGDVGKGSS
QSLRQEGMIVKVAEVDPICAMQACMDGFEVVSPYKNGINDGTEASIDAALLGKIDLIVTTTGNVNVCDANMLKALKKRAV
VCNIGHFDNEIDTAFMRKNWAWEEVKPQVHKIHRTGKDGFDAHNDDYLILLAEGRLVNLGNATGHPSRIMDGSFANQVLA
QIHLFEQKYADLPAAEKAKRLSVEVLPKKLDEEVALEMVKGFGGVVTQLTPKQAEYIGVSVEGPFKPDTYRY
;
_entity_poly.pdbx_strand_id   A,B,C,D,G,H,I,J
#
# COMPACT_ATOMS: atom_id res chain seq x y z
N ALA A 11 66.38 -11.37 28.37
CA ALA A 11 67.77 -11.21 27.97
C ALA A 11 67.90 -11.27 26.44
N GLY A 12 68.01 -10.11 25.81
CA GLY A 12 68.18 -10.06 24.38
C GLY A 12 66.97 -10.44 23.57
N PHE A 13 65.78 -10.05 24.01
CA PHE A 13 64.56 -10.29 23.25
C PHE A 13 64.40 -9.17 22.22
N THR A 14 64.31 -9.54 20.94
CA THR A 14 64.22 -8.56 19.88
C THR A 14 63.07 -8.83 18.92
N ASP A 15 62.25 -9.84 19.19
CA ASP A 15 61.22 -10.28 18.24
C ASP A 15 59.93 -9.50 18.49
N TYR A 16 59.98 -8.21 18.18
CA TYR A 16 58.86 -7.32 18.39
C TYR A 16 59.12 -6.03 17.62
N LYS A 17 58.08 -5.22 17.49
CA LYS A 17 58.22 -3.88 16.93
C LYS A 17 57.14 -3.02 17.55
N VAL A 18 57.55 -2.04 18.37
CA VAL A 18 56.63 -1.13 19.04
C VAL A 18 57.16 0.29 18.91
N ALA A 19 56.34 1.23 19.36
CA ALA A 19 56.69 2.64 19.25
C ALA A 19 57.86 3.00 20.14
N ASP A 20 57.83 2.56 21.41
CA ASP A 20 58.77 3.04 22.41
C ASP A 20 58.76 2.03 23.55
N ILE A 21 59.82 1.22 23.64
CA ILE A 21 59.87 0.18 24.66
C ILE A 21 59.91 0.76 26.06
N THR A 22 60.33 2.02 26.21
CA THR A 22 60.44 2.65 27.52
C THR A 22 59.09 3.00 28.13
N LEU A 23 57.98 2.79 27.41
CA LEU A 23 56.65 2.93 28.01
C LEU A 23 56.22 1.68 28.76
N ALA A 24 57.08 0.67 28.82
CA ALA A 24 56.68 -0.63 29.35
C ALA A 24 56.25 -0.52 30.81
N ALA A 25 57.03 0.21 31.61
CA ALA A 25 56.68 0.35 33.02
C ALA A 25 55.31 1.00 33.19
N TRP A 26 55.08 2.11 32.48
CA TRP A 26 53.76 2.72 32.51
C TRP A 26 52.68 1.71 32.16
N GLY A 27 52.92 0.92 31.10
CA GLY A 27 51.92 -0.05 30.69
C GLY A 27 51.67 -1.11 31.74
N ARG A 28 52.74 -1.56 32.41
CA ARG A 28 52.59 -2.55 33.47
C ARG A 28 51.73 -2.00 34.61
N ARG A 29 51.95 -0.74 34.99
CA ARG A 29 51.10 -0.12 36.01
C ARG A 29 49.63 -0.16 35.61
N GLU A 30 49.33 0.14 34.34
CA GLU A 30 47.94 0.11 33.91
C GLU A 30 47.41 -1.30 33.75
N LEU A 31 48.26 -2.26 33.38
CA LEU A 31 47.81 -3.65 33.35
C LEU A 31 47.41 -4.13 34.74
N ILE A 32 48.18 -3.75 35.77
CA ILE A 32 47.85 -4.18 37.12
C ILE A 32 46.50 -3.62 37.55
N ILE A 33 46.22 -2.37 37.19
CA ILE A 33 44.88 -1.82 37.45
C ILE A 33 43.83 -2.61 36.68
N ALA A 34 44.05 -2.82 35.38
CA ALA A 34 43.06 -3.50 34.57
C ALA A 34 42.73 -4.88 35.13
N GLU A 35 43.71 -5.57 35.70
CA GLU A 35 43.45 -6.90 36.25
C GLU A 35 42.40 -6.85 37.35
N SER A 36 42.41 -5.79 38.17
CA SER A 36 41.38 -5.64 39.20
C SER A 36 40.03 -5.27 38.61
N GLU A 37 39.98 -4.77 37.38
CA GLU A 37 38.72 -4.48 36.71
C GLU A 37 38.19 -5.65 35.89
N MET A 38 38.89 -6.78 35.84
CA MET A 38 38.53 -7.88 34.94
C MET A 38 38.42 -9.18 35.73
N PRO A 39 37.42 -9.29 36.60
CA PRO A 39 37.33 -10.48 37.46
C PRO A 39 37.06 -11.78 36.72
N ALA A 40 36.25 -11.76 35.66
CA ALA A 40 35.96 -12.98 34.94
C ALA A 40 37.21 -13.52 34.25
N LEU A 41 37.93 -12.64 33.55
CA LEU A 41 39.18 -13.05 32.91
C LEU A 41 40.20 -13.50 33.93
N MET A 42 40.34 -12.74 35.02
N MET A 42 40.32 -12.78 35.05
CA MET A 42 41.23 -13.13 36.11
CA MET A 42 41.29 -13.20 36.05
C MET A 42 40.83 -14.46 36.70
C MET A 42 40.84 -14.45 36.80
N GLY A 43 39.53 -14.65 36.96
CA GLY A 43 39.06 -15.89 37.54
C GLY A 43 39.37 -17.08 36.66
N LEU A 44 39.31 -16.88 35.34
CA LEU A 44 39.76 -17.92 34.42
C LEU A 44 41.24 -18.19 34.58
N ARG A 45 42.04 -17.13 34.66
CA ARG A 45 43.48 -17.28 34.83
C ARG A 45 43.78 -18.07 36.11
N ARG A 46 43.09 -17.74 37.21
CA ARG A 46 43.31 -18.48 38.45
C ARG A 46 42.84 -19.92 38.32
N LYS A 47 41.64 -20.13 37.77
CA LYS A 47 41.05 -21.47 37.76
C LYS A 47 41.84 -22.44 36.88
N TYR A 48 42.39 -21.98 35.76
CA TYR A 48 43.01 -22.88 34.80
C TYR A 48 44.53 -22.85 34.83
N ALA A 49 45.14 -21.99 35.64
CA ALA A 49 46.59 -21.88 35.67
C ALA A 49 47.26 -23.23 35.89
N GLY A 50 46.78 -24.00 36.88
CA GLY A 50 47.41 -25.26 37.20
C GLY A 50 47.17 -26.32 36.14
N GLN A 51 46.02 -26.28 35.48
CA GLN A 51 45.68 -27.28 34.47
C GLN A 51 46.46 -27.07 33.18
N GLN A 52 46.91 -25.85 32.90
CA GLN A 52 47.62 -25.50 31.67
C GLN A 52 46.90 -25.98 30.42
N PRO A 53 45.63 -25.59 30.23
CA PRO A 53 44.86 -26.13 29.11
C PRO A 53 45.36 -25.68 27.74
N LEU A 54 46.17 -24.63 27.68
CA LEU A 54 46.69 -24.15 26.41
C LEU A 54 48.16 -24.49 26.20
N LYS A 55 48.71 -25.40 27.00
CA LYS A 55 50.06 -25.88 26.72
C LYS A 55 50.08 -26.56 25.36
N GLY A 56 51.00 -26.13 24.51
CA GLY A 56 51.06 -26.56 23.13
C GLY A 56 50.37 -25.64 22.15
N ALA A 57 49.53 -24.74 22.65
CA ALA A 57 48.82 -23.82 21.77
C ALA A 57 49.77 -22.76 21.25
N LYS A 58 49.69 -22.50 19.96
CA LYS A 58 50.48 -21.44 19.33
C LYS A 58 49.47 -20.54 18.60
N ILE A 59 49.20 -19.38 19.18
CA ILE A 59 48.07 -18.54 18.80
C ILE A 59 48.56 -17.32 18.03
N LEU A 60 48.09 -17.17 16.80
CA LEU A 60 48.22 -15.92 16.07
C LEU A 60 47.07 -15.00 16.49
N GLY A 61 47.42 -13.84 17.07
CA GLY A 61 46.42 -12.91 17.58
C GLY A 61 46.45 -11.60 16.81
N CYS A 62 45.27 -11.16 16.36
CA CYS A 62 45.11 -9.88 15.66
C CYS A 62 43.90 -9.16 16.25
N ILE A 63 44.15 -8.30 17.24
CA ILE A 63 43.08 -7.50 17.86
C ILE A 63 43.74 -6.31 18.53
N HIS A 64 43.01 -5.17 18.53
CA HIS A 64 43.47 -3.91 19.08
C HIS A 64 44.40 -4.09 20.26
N MET A 65 45.63 -3.60 20.14
CA MET A 65 46.65 -3.81 21.17
C MET A 65 46.51 -2.76 22.27
N THR A 66 45.45 -2.93 23.06
CA THR A 66 45.10 -2.10 24.20
C THR A 66 45.57 -2.74 25.50
N ILE A 67 45.49 -1.96 26.58
CA ILE A 67 45.69 -2.50 27.91
C ILE A 67 44.82 -3.74 28.13
N GLN A 68 43.56 -3.67 27.66
CA GLN A 68 42.63 -4.79 27.88
C GLN A 68 43.09 -6.03 27.13
N THR A 69 43.51 -5.87 25.88
CA THR A 69 44.06 -7.00 25.13
C THR A 69 45.31 -7.54 25.80
N GLY A 70 46.07 -6.68 26.48
CA GLY A 70 47.23 -7.16 27.21
C GLY A 70 46.88 -8.15 28.30
N VAL A 71 45.80 -7.89 29.05
CA VAL A 71 45.39 -8.82 30.08
C VAL A 71 44.92 -10.13 29.45
N LEU A 72 44.27 -10.03 28.29
CA LEU A 72 43.89 -11.22 27.55
C LEU A 72 45.11 -12.02 27.12
N ILE A 73 46.07 -11.35 26.47
CA ILE A 73 47.30 -12.00 26.03
C ILE A 73 47.96 -12.73 27.19
N GLU A 74 48.22 -12.00 28.27
CA GLU A 74 48.91 -12.60 29.41
C GLU A 74 48.07 -13.68 30.08
N THR A 75 46.75 -13.68 29.89
CA THR A 75 45.94 -14.78 30.39
C THR A 75 46.14 -16.03 29.56
N LEU A 76 46.14 -15.88 28.23
CA LEU A 76 46.43 -17.00 27.35
C LEU A 76 47.82 -17.57 27.61
N VAL A 77 48.82 -16.68 27.73
CA VAL A 77 50.17 -17.14 28.07
C VAL A 77 50.16 -17.86 29.40
N ALA A 78 49.45 -17.31 30.39
CA ALA A 78 49.37 -17.91 31.72
C ALA A 78 48.78 -19.31 31.67
N LEU A 79 47.90 -19.59 30.72
CA LEU A 79 47.29 -20.90 30.60
C LEU A 79 48.10 -21.87 29.74
N GLY A 80 49.30 -21.47 29.31
CA GLY A 80 50.20 -22.36 28.59
C GLY A 80 50.47 -22.00 27.16
N ALA A 81 49.81 -20.99 26.61
CA ALA A 81 49.93 -20.68 25.19
C ALA A 81 51.19 -19.88 24.88
N GLU A 82 51.67 -20.03 23.65
CA GLU A 82 52.56 -19.10 23.00
C GLU A 82 51.75 -18.29 22.00
N VAL A 83 52.09 -17.01 21.84
CA VAL A 83 51.34 -16.12 20.97
C VAL A 83 52.29 -15.27 20.15
N ARG A 84 51.82 -14.81 18.99
CA ARG A 84 52.42 -13.72 18.24
C ARG A 84 51.31 -12.76 17.85
N TRP A 85 51.48 -11.47 18.16
CA TRP A 85 50.35 -10.55 18.23
C TRP A 85 50.53 -9.31 17.36
N SER A 86 49.43 -8.87 16.76
CA SER A 86 49.36 -7.61 16.04
C SER A 86 48.01 -6.96 16.33
N SER A 87 47.91 -5.67 16.03
CA SER A 87 46.63 -4.99 16.18
C SER A 87 45.82 -5.17 14.91
N CYS A 88 44.51 -5.01 15.04
CA CYS A 88 43.62 -5.11 13.88
C CYS A 88 43.14 -3.73 13.39
N ASN A 89 43.78 -2.66 13.83
CA ASN A 89 43.48 -1.33 13.32
C ASN A 89 44.72 -0.46 13.45
N ILE A 90 44.92 0.42 12.47
CA ILE A 90 46.14 1.21 12.46
C ILE A 90 46.20 2.24 13.59
N PHE A 91 45.05 2.61 14.18
CA PHE A 91 45.02 3.66 15.20
C PHE A 91 44.66 3.15 16.59
N SER A 92 44.38 1.86 16.77
CA SER A 92 43.78 1.43 18.02
C SER A 92 44.78 1.00 19.09
N THR A 93 46.06 0.92 18.77
CA THR A 93 47.04 0.46 19.75
C THR A 93 47.26 1.52 20.82
N GLN A 94 47.36 1.09 22.07
CA GLN A 94 47.92 1.90 23.14
C GLN A 94 49.40 1.54 23.28
N ASP A 95 50.28 2.49 22.99
CA ASP A 95 51.70 2.18 22.89
C ASP A 95 52.27 1.66 24.21
N GLN A 96 51.79 2.16 25.35
CA GLN A 96 52.31 1.65 26.62
C GLN A 96 51.89 0.20 26.85
N ALA A 97 50.75 -0.20 26.28
CA ALA A 97 50.34 -1.60 26.40
C ALA A 97 51.17 -2.49 25.50
N ALA A 98 51.37 -2.09 24.25
CA ALA A 98 52.30 -2.80 23.36
C ALA A 98 53.67 -2.92 24.00
N ALA A 99 54.14 -1.86 24.66
CA ALA A 99 55.47 -1.88 25.26
C ALA A 99 55.56 -2.88 26.40
N ALA A 100 54.53 -2.94 27.26
CA ALA A 100 54.59 -3.86 28.37
C ALA A 100 54.58 -5.32 27.90
N ILE A 101 53.88 -5.59 26.79
CA ILE A 101 53.80 -6.96 26.28
C ILE A 101 55.12 -7.37 25.64
N ALA A 102 55.71 -6.48 24.85
CA ALA A 102 57.05 -6.74 24.32
C ALA A 102 58.06 -6.92 25.44
N ALA A 103 58.03 -6.04 26.43
CA ALA A 103 58.99 -6.12 27.53
C ALA A 103 58.86 -7.43 28.30
N ALA A 104 57.69 -8.06 28.27
CA ALA A 104 57.51 -9.35 28.93
C ALA A 104 57.96 -10.52 28.07
N GLY A 105 58.58 -10.27 26.93
CA GLY A 105 59.08 -11.34 26.08
C GLY A 105 58.05 -11.96 25.17
N ILE A 106 57.06 -11.20 24.72
CA ILE A 106 55.97 -11.70 23.90
C ILE A 106 56.04 -10.99 22.55
N PRO A 107 56.19 -11.72 21.45
CA PRO A 107 56.26 -11.06 20.13
C PRO A 107 54.99 -10.26 19.84
N VAL A 108 55.15 -8.97 19.66
CA VAL A 108 54.03 -8.07 19.37
C VAL A 108 54.53 -7.04 18.36
N PHE A 109 53.72 -6.77 17.34
CA PHE A 109 54.07 -5.84 16.28
C PHE A 109 52.91 -4.87 16.13
N ALA A 110 53.01 -3.72 16.81
CA ALA A 110 51.85 -2.84 16.92
C ALA A 110 52.28 -1.48 17.45
N TRP A 111 51.74 -0.42 16.85
CA TRP A 111 51.93 0.93 17.36
C TRP A 111 50.79 1.82 16.84
N LYS A 112 50.48 2.86 17.62
CA LYS A 112 49.43 3.80 17.22
C LYS A 112 49.92 4.62 16.04
N GLY A 113 49.11 4.69 14.98
CA GLY A 113 49.45 5.46 13.81
C GLY A 113 50.19 4.71 12.74
N GLU A 114 49.93 3.42 12.56
CA GLU A 114 50.56 2.67 11.48
C GLU A 114 50.03 3.14 10.12
N THR A 115 50.89 3.05 9.11
CA THR A 115 50.41 3.12 7.74
C THR A 115 49.74 1.80 7.35
N GLU A 116 48.99 1.83 6.24
CA GLU A 116 48.37 0.60 5.74
C GLU A 116 49.42 -0.45 5.44
N GLU A 117 50.55 -0.05 4.85
CA GLU A 117 51.64 -0.99 4.59
C GLU A 117 52.19 -1.54 5.88
N GLU A 118 52.46 -0.68 6.87
CA GLU A 118 52.95 -1.15 8.15
C GLU A 118 51.96 -2.10 8.81
N TYR A 119 50.66 -1.80 8.67
CA TYR A 119 49.63 -2.68 9.21
C TYR A 119 49.75 -4.10 8.66
N GLU A 120 49.83 -4.22 7.34
CA GLU A 120 49.98 -5.53 6.72
C GLU A 120 51.28 -6.18 7.15
N TRP A 121 52.35 -5.38 7.25
CA TRP A 121 53.64 -5.93 7.65
C TRP A 121 53.58 -6.51 9.06
N CYS A 122 52.96 -5.78 10.00
CA CYS A 122 52.83 -6.27 11.37
C CYS A 122 52.15 -7.63 11.41
N ILE A 123 51.03 -7.78 10.70
CA ILE A 123 50.34 -9.07 10.65
C ILE A 123 51.29 -10.15 10.15
N GLU A 124 52.03 -9.86 9.08
CA GLU A 124 52.95 -10.85 8.53
C GLU A 124 54.02 -11.22 9.55
N GLN A 125 54.46 -10.26 10.37
CA GLN A 125 55.45 -10.57 11.38
C GLN A 125 54.94 -11.54 12.41
N THR A 126 53.63 -11.64 12.60
CA THR A 126 53.13 -12.68 13.49
C THR A 126 53.07 -14.03 12.79
N ILE A 127 52.77 -14.04 11.49
CA ILE A 127 52.65 -15.28 10.73
C ILE A 127 54.02 -15.89 10.48
N LEU A 128 55.03 -15.06 10.25
CA LEU A 128 56.39 -15.51 9.96
C LEU A 128 57.28 -15.34 11.17
N LYS A 129 58.04 -16.38 11.51
CA LYS A 129 59.08 -16.31 12.52
C LYS A 129 60.40 -16.60 11.83
N ASP A 130 61.34 -15.66 11.92
CA ASP A 130 62.64 -15.77 11.25
C ASP A 130 62.46 -16.12 9.77
N GLY A 131 61.52 -15.44 9.12
CA GLY A 131 61.34 -15.57 7.69
C GLY A 131 60.56 -16.78 7.23
N GLN A 132 60.22 -17.69 8.13
CA GLN A 132 59.48 -18.91 7.81
C GLN A 132 58.13 -18.88 8.49
N PRO A 133 57.14 -19.60 7.96
CA PRO A 133 55.85 -19.72 8.67
C PRO A 133 56.02 -20.32 10.06
N TRP A 134 55.49 -19.60 11.05
CA TRP A 134 55.40 -20.11 12.41
C TRP A 134 54.49 -21.33 12.45
N ASP A 135 54.75 -22.25 13.37
CA ASP A 135 53.92 -23.44 13.49
C ASP A 135 52.68 -23.16 14.34
N ALA A 136 51.88 -22.22 13.85
CA ALA A 136 50.66 -21.83 14.53
C ALA A 136 49.62 -22.95 14.48
N ASN A 137 48.82 -23.05 15.53
CA ASN A 137 47.70 -23.99 15.54
C ASN A 137 46.40 -23.38 16.04
N MET A 138 46.37 -22.09 16.32
CA MET A 138 45.17 -21.41 16.80
C MET A 138 45.18 -19.98 16.29
N VAL A 139 43.99 -19.43 16.00
CA VAL A 139 43.85 -18.06 15.55
C VAL A 139 42.86 -17.32 16.43
N LEU A 140 43.25 -16.13 16.89
CA LEU A 140 42.33 -15.19 17.53
C LEU A 140 42.29 -13.92 16.68
N ASP A 141 41.10 -13.57 16.19
CA ASP A 141 40.95 -12.53 15.18
C ASP A 141 39.85 -11.54 15.57
N ASP A 142 39.98 -10.32 15.09
CA ASP A 142 38.98 -9.29 15.33
C ASP A 142 38.79 -8.53 14.01
N GLY A 143 37.74 -8.89 13.28
CA GLY A 143 37.45 -8.28 12.00
C GLY A 143 37.74 -9.17 10.80
N GLY A 144 38.52 -10.24 10.97
CA GLY A 144 38.75 -11.19 9.90
C GLY A 144 39.90 -10.89 8.96
N ASP A 145 40.73 -9.89 9.28
CA ASP A 145 41.86 -9.58 8.39
C ASP A 145 42.91 -10.68 8.43
N LEU A 146 43.32 -11.09 9.64
CA LEU A 146 44.26 -12.19 9.76
C LEU A 146 43.73 -13.47 9.13
N THR A 147 42.45 -13.77 9.39
CA THR A 147 41.81 -14.95 8.79
C THR A 147 41.87 -14.88 7.27
N GLU A 148 41.58 -13.72 6.69
CA GLU A 148 41.62 -13.58 5.25
C GLU A 148 43.02 -13.79 4.71
N ILE A 149 44.02 -13.19 5.36
CA ILE A 149 45.40 -13.35 4.88
C ILE A 149 45.83 -14.81 4.97
N LEU A 150 45.41 -15.52 6.01
CA LEU A 150 45.76 -16.93 6.14
C LEU A 150 45.15 -17.77 5.02
N HIS A 151 43.85 -17.60 4.77
CA HIS A 151 43.20 -18.37 3.71
C HIS A 151 43.75 -18.02 2.34
N LYS A 152 44.12 -16.76 2.14
CA LYS A 152 44.48 -16.26 0.82
C LYS A 152 45.96 -16.51 0.49
N LYS A 153 46.84 -16.21 1.44
CA LYS A 153 48.27 -16.24 1.19
C LYS A 153 49.01 -17.34 1.92
N TYR A 154 48.43 -17.94 2.95
CA TYR A 154 49.12 -19.02 3.65
C TYR A 154 48.22 -20.23 3.92
N PRO A 155 47.51 -20.76 2.92
CA PRO A 155 46.58 -21.87 3.20
C PRO A 155 47.25 -23.09 3.80
N GLN A 156 48.54 -23.32 3.54
CA GLN A 156 49.21 -24.48 4.10
C GLN A 156 49.28 -24.40 5.62
N MET A 157 49.36 -23.19 6.18
CA MET A 157 49.41 -23.05 7.63
C MET A 157 48.09 -23.46 8.27
N LEU A 158 46.99 -23.35 7.53
CA LEU A 158 45.70 -23.64 8.13
C LEU A 158 45.48 -25.12 8.33
N GLU A 159 46.24 -25.96 7.60
CA GLU A 159 46.16 -27.41 7.78
C GLU A 159 46.49 -27.81 9.22
N ARG A 160 47.27 -26.99 9.92
CA ARG A 160 47.71 -27.29 11.27
C ARG A 160 46.94 -26.50 12.33
N ILE A 161 46.03 -25.64 11.93
CA ILE A 161 45.33 -24.75 12.86
C ILE A 161 44.02 -25.40 13.26
N HIS A 162 43.78 -25.46 14.57
CA HIS A 162 42.62 -26.15 15.13
C HIS A 162 41.34 -25.29 15.16
N GLY A 163 41.44 -23.98 14.99
CA GLY A 163 40.24 -23.18 14.98
C GLY A 163 40.53 -21.71 15.09
N ILE A 164 39.49 -20.91 14.80
CA ILE A 164 39.50 -19.46 14.86
C ILE A 164 38.49 -19.02 15.90
N THR A 165 38.84 -18.03 16.72
CA THR A 165 37.87 -17.39 17.60
C THR A 165 37.76 -15.93 17.17
N GLU A 166 36.58 -15.58 16.63
CA GLU A 166 36.37 -14.29 16.00
C GLU A 166 35.60 -13.35 16.92
N GLU A 167 36.13 -12.14 17.11
CA GLU A 167 35.64 -11.24 18.15
C GLU A 167 34.36 -10.50 17.75
N THR A 168 34.21 -10.11 16.49
CA THR A 168 33.31 -9.01 16.19
C THR A 168 32.36 -9.34 15.04
N THR A 169 31.32 -8.51 14.93
CA THR A 169 30.21 -8.76 14.02
C THR A 169 30.68 -8.88 12.58
N THR A 170 31.46 -7.90 12.11
CA THR A 170 31.94 -7.93 10.74
C THR A 170 32.75 -9.20 10.47
N GLY A 171 33.55 -9.62 11.45
CA GLY A 171 34.36 -10.82 11.26
C GLY A 171 33.52 -12.08 11.16
N VAL A 172 32.47 -12.18 11.98
CA VAL A 172 31.58 -13.34 11.91
C VAL A 172 30.91 -13.41 10.54
N HIS A 173 30.45 -12.27 10.03
CA HIS A 173 29.82 -12.27 8.71
C HIS A 173 30.78 -12.80 7.66
N ARG A 174 32.04 -12.36 7.69
CA ARG A 174 33.01 -12.82 6.71
C ARG A 174 33.27 -14.32 6.86
N LEU A 175 33.22 -14.85 8.08
CA LEU A 175 33.37 -16.29 8.28
C LEU A 175 32.18 -17.05 7.71
N LEU A 176 30.97 -16.54 7.96
CA LEU A 176 29.77 -17.21 7.47
C LEU A 176 29.69 -17.19 5.96
N ASP A 177 30.26 -16.15 5.33
CA ASP A 177 30.34 -16.12 3.86
C ASP A 177 31.31 -17.17 3.34
N MET A 178 32.46 -17.32 3.99
CA MET A 178 33.38 -18.38 3.59
C MET A 178 32.74 -19.74 3.76
N LEU A 179 31.98 -19.94 4.84
CA LEU A 179 31.40 -21.23 5.12
C LEU A 179 30.40 -21.63 4.05
N LYS A 180 29.50 -20.71 3.67
CA LYS A 180 28.53 -21.05 2.64
C LYS A 180 29.22 -21.24 1.29
N ASN A 181 30.36 -20.60 1.07
CA ASN A 181 31.14 -20.75 -0.15
C ASN A 181 32.09 -21.94 -0.12
N GLY A 182 32.07 -22.74 0.94
CA GLY A 182 32.96 -23.87 1.02
C GLY A 182 34.44 -23.52 1.00
N THR A 183 34.79 -22.30 1.40
CA THR A 183 36.18 -21.85 1.40
C THR A 183 36.76 -21.67 2.79
N LEU A 184 35.97 -21.92 3.85
CA LEU A 184 36.48 -21.87 5.21
C LEU A 184 37.20 -23.17 5.54
N LYS A 185 38.45 -23.06 6.00
CA LYS A 185 39.31 -24.23 6.15
C LYS A 185 39.35 -24.80 7.57
N VAL A 186 39.01 -24.01 8.59
CA VAL A 186 39.02 -24.48 9.98
C VAL A 186 37.76 -24.00 10.68
N PRO A 187 37.31 -24.75 11.69
CA PRO A 187 36.12 -24.33 12.43
C PRO A 187 36.36 -23.03 13.19
N ALA A 188 35.28 -22.31 13.45
CA ALA A 188 35.36 -21.06 14.16
C ALA A 188 34.37 -21.06 15.32
N ILE A 189 34.68 -20.27 16.35
CA ILE A 189 33.71 -19.96 17.39
C ILE A 189 33.37 -18.48 17.25
N ASN A 190 32.09 -18.20 17.08
CA ASN A 190 31.53 -16.85 17.04
C ASN A 190 31.46 -16.34 18.48
N VAL A 191 32.49 -15.59 18.89
CA VAL A 191 32.52 -15.02 20.23
C VAL A 191 31.53 -13.87 20.34
N ASN A 192 31.33 -13.14 19.24
CA ASN A 192 30.50 -11.94 19.28
C ASN A 192 29.14 -12.22 19.88
N ASP A 193 28.55 -13.38 19.58
CA ASP A 193 27.16 -13.62 19.93
C ASP A 193 26.97 -14.33 21.26
N SER A 194 28.00 -14.40 22.10
CA SER A 194 27.74 -14.50 23.53
C SER A 194 26.96 -13.27 23.97
N VAL A 195 26.02 -13.45 24.89
CA VAL A 195 25.32 -12.29 25.42
C VAL A 195 26.28 -11.41 26.21
N THR A 196 27.16 -12.03 27.01
CA THR A 196 28.20 -11.27 27.73
C THR A 196 29.25 -10.67 26.80
N LYS A 197 29.05 -10.79 25.49
CA LYS A 197 29.86 -10.07 24.52
C LYS A 197 28.98 -9.09 23.76
N SER A 198 28.04 -9.58 22.93
CA SER A 198 27.25 -8.71 22.07
C SER A 198 26.48 -7.66 22.86
N LYS A 199 25.69 -8.10 23.84
CA LYS A 199 24.84 -7.17 24.59
C LYS A 199 25.57 -6.59 25.78
N ASN A 200 26.88 -6.39 25.64
CA ASN A 200 27.74 -5.89 26.70
C ASN A 200 28.80 -5.01 26.06
N ASP A 201 29.71 -5.66 25.37
CA ASP A 201 30.72 -4.99 24.56
C ASP A 201 30.08 -4.07 23.53
N ASN A 202 29.33 -4.64 22.59
CA ASN A 202 28.90 -3.89 21.40
C ASN A 202 28.01 -2.71 21.80
N LYS A 203 27.14 -2.89 22.79
CA LYS A 203 26.19 -1.85 23.18
C LYS A 203 26.77 -0.99 24.30
N TYR A 204 26.97 -1.58 25.47
CA TYR A 204 27.41 -0.78 26.62
C TYR A 204 28.80 -0.20 26.42
N GLY A 205 29.68 -0.93 25.73
CA GLY A 205 31.03 -0.41 25.49
C GLY A 205 31.03 0.85 24.65
N CYS A 206 30.18 0.91 23.64
CA CYS A 206 30.08 2.12 22.82
C CYS A 206 29.40 3.26 23.57
N ARG A 207 28.44 2.92 24.43
CA ARG A 207 27.88 3.90 25.34
C ARG A 207 28.97 4.63 26.13
N HIS A 208 29.94 3.87 26.64
CA HIS A 208 31.03 4.46 27.43
C HIS A 208 31.98 5.27 26.55
N SER A 209 32.37 4.71 25.40
CA SER A 209 33.56 5.18 24.70
C SER A 209 33.29 6.10 23.51
N LEU A 210 32.04 6.26 23.07
CA LEU A 210 31.79 7.14 21.94
C LEU A 210 31.87 8.61 22.33
N ASN A 211 31.08 9.04 23.33
CA ASN A 211 31.21 10.43 23.79
CA ASN A 211 31.21 10.42 23.81
C ASN A 211 32.60 10.69 24.36
N ASP A 212 33.22 9.66 24.93
CA ASP A 212 34.61 9.75 25.39
C ASP A 212 35.52 10.19 24.25
N ALA A 213 35.47 9.48 23.12
CA ALA A 213 36.36 9.80 22.01
C ALA A 213 36.02 11.15 21.39
N ILE A 214 34.74 11.50 21.30
CA ILE A 214 34.39 12.79 20.73
C ILE A 214 34.92 13.93 21.62
N LYS A 215 34.81 13.76 22.95
CA LYS A 215 35.32 14.78 23.87
C LYS A 215 36.84 14.92 23.78
N ARG A 216 37.56 13.81 23.70
CA ARG A 216 39.03 13.90 23.58
C ARG A 216 39.45 14.55 22.27
N GLY A 217 38.76 14.21 21.17
CA GLY A 217 39.14 14.74 19.88
C GLY A 217 38.87 16.22 19.74
N THR A 218 37.69 16.67 20.19
CA THR A 218 37.18 17.99 19.90
C THR A 218 36.90 18.85 21.13
N ASP A 219 36.61 18.24 22.27
CA ASP A 219 36.15 18.94 23.48
C ASP A 219 34.88 19.74 23.24
N HIS A 220 34.15 19.40 22.19
CA HIS A 220 32.87 20.03 21.90
C HIS A 220 31.84 19.72 22.98
N LEU A 221 31.11 20.74 23.41
CA LEU A 221 29.89 20.48 24.15
C LEU A 221 28.95 19.66 23.27
N LEU A 222 28.28 18.69 23.87
CA LEU A 222 27.30 17.90 23.14
C LEU A 222 25.86 18.22 23.49
N SER A 223 25.59 18.60 24.75
CA SER A 223 24.24 18.99 25.15
C SER A 223 23.66 20.02 24.20
N GLY A 224 22.41 19.79 23.80
CA GLY A 224 21.68 20.75 23.01
C GLY A 224 21.93 20.70 21.52
N LYS A 225 22.97 20.00 21.08
CA LYS A 225 23.29 19.90 19.66
C LYS A 225 22.64 18.66 19.03
N GLN A 226 22.66 18.61 17.72
CA GLN A 226 21.88 17.64 16.96
C GLN A 226 22.78 16.55 16.42
N ALA A 227 22.40 15.29 16.66
CA ALA A 227 23.16 14.14 16.22
C ALA A 227 22.30 13.26 15.33
N LEU A 228 22.94 12.64 14.34
CA LEU A 228 22.33 11.62 13.50
C LEU A 228 23.17 10.36 13.60
N VAL A 229 22.58 9.31 14.15
CA VAL A 229 23.24 8.02 14.27
C VAL A 229 22.70 7.12 13.16
N ILE A 230 23.59 6.64 12.32
CA ILE A 230 23.22 5.73 11.22
C ILE A 230 23.36 4.31 11.74
N GLY A 231 22.24 3.62 11.90
CA GLY A 231 22.23 2.29 12.44
C GLY A 231 21.70 2.27 13.86
N TYR A 232 20.99 1.19 14.21
CA TYR A 232 20.45 0.98 15.54
C TYR A 232 20.53 -0.49 15.89
N GLY A 233 21.61 -1.17 15.49
CA GLY A 233 21.93 -2.50 15.97
C GLY A 233 22.51 -2.37 17.36
N ASP A 234 23.37 -3.29 17.80
CA ASP A 234 23.89 -3.15 19.17
C ASP A 234 24.77 -1.91 19.31
N VAL A 235 25.68 -1.70 18.36
CA VAL A 235 26.54 -0.52 18.39
C VAL A 235 25.72 0.76 18.26
N GLY A 236 24.70 0.75 17.40
CA GLY A 236 23.87 1.94 17.24
C GLY A 236 23.05 2.24 18.48
N LYS A 237 22.53 1.19 19.12
CA LYS A 237 21.87 1.38 20.40
C LYS A 237 22.80 2.04 21.41
N GLY A 238 23.98 1.45 21.62
CA GLY A 238 24.93 1.99 22.59
C GLY A 238 25.39 3.39 22.25
N SER A 239 25.64 3.65 20.96
CA SER A 239 26.12 4.96 20.54
C SER A 239 25.04 6.03 20.72
N SER A 240 23.81 5.71 20.31
CA SER A 240 22.70 6.64 20.49
C SER A 240 22.55 7.03 21.95
N GLN A 241 22.66 6.06 22.87
CA GLN A 241 22.58 6.34 24.29
C GLN A 241 23.77 7.18 24.76
N SER A 242 24.97 6.87 24.26
CA SER A 242 26.15 7.65 24.58
C SER A 242 25.93 9.14 24.33
N LEU A 243 25.17 9.47 23.30
CA LEU A 243 24.95 10.86 22.93
C LEU A 243 23.72 11.45 23.59
N ARG A 244 22.65 10.65 23.71
CA ARG A 244 21.43 11.14 24.37
C ARG A 244 21.67 11.43 25.85
N GLN A 245 22.49 10.61 26.52
CA GLN A 245 22.75 10.84 27.94
C GLN A 245 23.56 12.10 28.17
N GLU A 246 24.33 12.54 27.18
CA GLU A 246 25.00 13.83 27.19
C GLU A 246 24.06 14.99 26.91
N GLY A 247 22.79 14.74 26.61
CA GLY A 247 21.85 15.78 26.26
C GLY A 247 21.77 16.12 24.79
N MET A 248 22.28 15.29 23.90
CA MET A 248 22.09 15.53 22.48
C MET A 248 20.65 15.22 22.08
N ILE A 249 20.20 15.89 21.04
CA ILE A 249 18.95 15.55 20.37
C ILE A 249 19.33 14.60 19.24
N VAL A 250 19.01 13.32 19.41
CA VAL A 250 19.53 12.26 18.54
C VAL A 250 18.43 11.80 17.61
N LYS A 251 18.71 11.81 16.31
CA LYS A 251 17.87 11.15 15.33
C LYS A 251 18.58 9.89 14.85
N VAL A 252 17.82 8.87 14.50
CA VAL A 252 18.35 7.56 14.17
C VAL A 252 17.91 7.18 12.76
N ALA A 253 18.81 6.60 11.98
CA ALA A 253 18.47 6.02 10.69
C ALA A 253 18.65 4.50 10.75
N GLU A 254 17.78 3.78 10.04
CA GLU A 254 17.87 2.33 9.98
C GLU A 254 17.30 1.84 8.64
N VAL A 255 17.79 0.69 8.20
CA VAL A 255 17.12 -0.05 7.15
C VAL A 255 16.28 -1.19 7.73
N ASP A 256 16.52 -1.58 8.99
CA ASP A 256 15.81 -2.69 9.61
C ASP A 256 14.60 -2.13 10.34
N PRO A 257 13.37 -2.44 9.93
CA PRO A 257 12.21 -1.84 10.60
C PRO A 257 12.04 -2.28 12.05
N ILE A 258 12.49 -3.48 12.43
CA ILE A 258 12.39 -3.86 13.84
C ILE A 258 13.30 -2.99 14.68
N CYS A 259 14.55 -2.82 14.23
CA CYS A 259 15.47 -1.95 14.95
C CYS A 259 14.95 -0.52 14.97
N ALA A 260 14.32 -0.07 13.87
CA ALA A 260 13.74 1.27 13.84
C ALA A 260 12.61 1.39 14.86
N MET A 261 11.82 0.33 15.03
N MET A 261 11.82 0.33 15.03
CA MET A 261 10.76 0.35 16.02
CA MET A 261 10.76 0.34 16.03
C MET A 261 11.32 0.53 17.42
C MET A 261 11.33 0.55 17.42
N GLN A 262 12.39 -0.19 17.74
CA GLN A 262 13.05 -0.02 19.03
C GLN A 262 13.51 1.41 19.22
N ALA A 263 14.04 2.03 18.17
CA ALA A 263 14.52 3.40 18.29
C ALA A 263 13.38 4.34 18.65
N CYS A 264 12.23 4.20 17.98
CA CYS A 264 11.06 5.02 18.31
C CYS A 264 10.66 4.81 19.76
N MET A 265 10.55 3.55 20.19
CA MET A 265 10.14 3.27 21.56
C MET A 265 11.18 3.76 22.56
N ASP A 266 12.46 3.80 22.17
CA ASP A 266 13.48 4.33 23.06
C ASP A 266 13.49 5.85 23.10
N GLY A 267 12.61 6.50 22.35
CA GLY A 267 12.45 7.93 22.43
C GLY A 267 13.23 8.72 21.41
N PHE A 268 13.47 8.15 20.23
CA PHE A 268 14.24 8.78 19.18
C PHE A 268 13.37 9.00 17.94
N GLU A 269 13.63 10.10 17.25
CA GLU A 269 13.01 10.33 15.94
C GLU A 269 13.79 9.54 14.89
N VAL A 270 13.09 8.70 14.15
CA VAL A 270 13.70 7.88 13.10
C VAL A 270 13.56 8.60 11.77
N VAL A 271 14.70 8.87 11.13
CA VAL A 271 14.75 9.69 9.92
C VAL A 271 15.67 9.01 8.92
N SER A 272 15.68 9.53 7.71
CA SER A 272 16.55 9.01 6.66
C SER A 272 17.30 10.16 6.01
N PRO A 273 18.59 9.97 5.69
CA PRO A 273 19.31 11.01 4.92
C PRO A 273 18.68 11.28 3.57
N TYR A 274 17.85 10.37 3.08
CA TYR A 274 17.27 10.45 1.75
C TYR A 274 15.77 10.67 1.84
N LYS A 275 15.24 11.46 0.90
CA LYS A 275 13.80 11.68 0.83
C LYS A 275 13.07 10.36 0.64
N ASN A 276 12.09 10.11 1.50
CA ASN A 276 11.31 8.87 1.49
C ASN A 276 12.19 7.63 1.62
N GLY A 277 13.40 7.79 2.15
CA GLY A 277 14.32 6.68 2.33
C GLY A 277 14.97 6.12 1.08
N ILE A 278 14.86 6.81 -0.06
CA ILE A 278 15.24 6.23 -1.35
C ILE A 278 16.56 6.83 -1.80
N ASN A 279 17.60 5.99 -1.79
CA ASN A 279 18.97 6.37 -2.12
C ASN A 279 19.20 6.08 -3.60
N ASP A 280 18.89 7.06 -4.47
CA ASP A 280 19.05 6.88 -5.90
C ASP A 280 20.37 7.44 -6.42
N GLY A 281 21.30 7.79 -5.54
CA GLY A 281 22.62 8.23 -5.95
C GLY A 281 22.72 9.68 -6.43
N THR A 282 21.62 10.41 -6.48
CA THR A 282 21.66 11.80 -6.93
C THR A 282 21.61 12.75 -5.74
N GLU A 283 22.08 13.97 -5.99
CA GLU A 283 22.05 14.97 -4.93
C GLU A 283 20.63 15.34 -4.55
N ALA A 284 19.70 15.22 -5.50
CA ALA A 284 18.31 15.56 -5.24
C ALA A 284 17.67 14.62 -4.22
N SER A 285 18.22 13.43 -4.02
CA SER A 285 17.66 12.51 -3.03
C SER A 285 17.99 12.95 -1.61
N ILE A 286 18.98 13.81 -1.43
CA ILE A 286 19.42 14.16 -0.08
C ILE A 286 18.39 15.08 0.57
N ASP A 287 17.90 14.68 1.74
CA ASP A 287 17.13 15.59 2.59
C ASP A 287 18.11 16.65 3.09
N ALA A 288 18.30 17.68 2.26
CA ALA A 288 19.26 18.73 2.57
C ALA A 288 18.84 19.52 3.79
N ALA A 289 17.54 19.69 4.00
CA ALA A 289 17.05 20.38 5.20
C ALA A 289 17.50 19.65 6.46
N LEU A 290 17.31 18.33 6.49
CA LEU A 290 17.67 17.56 7.66
C LEU A 290 19.17 17.61 7.91
N LEU A 291 19.96 17.31 6.87
CA LEU A 291 21.41 17.25 7.05
C LEU A 291 22.00 18.60 7.40
N GLY A 292 21.40 19.69 6.91
CA GLY A 292 21.87 21.02 7.27
C GLY A 292 21.68 21.39 8.73
N LYS A 293 20.94 20.59 9.51
CA LYS A 293 20.75 20.82 10.93
C LYS A 293 21.61 19.94 11.81
N ILE A 294 22.40 19.03 11.24
CA ILE A 294 23.10 18.00 12.00
C ILE A 294 24.46 18.52 12.42
N ASP A 295 24.75 18.44 13.72
CA ASP A 295 26.07 18.80 14.24
C ASP A 295 27.03 17.62 14.31
N LEU A 296 26.52 16.39 14.35
CA LEU A 296 27.36 15.22 14.54
C LEU A 296 26.71 14.03 13.85
N ILE A 297 27.47 13.28 13.07
CA ILE A 297 26.97 12.06 12.47
C ILE A 297 27.91 10.91 12.85
N VAL A 298 27.31 9.77 13.19
CA VAL A 298 28.04 8.59 13.64
C VAL A 298 27.52 7.40 12.86
N THR A 299 28.43 6.66 12.22
CA THR A 299 28.06 5.46 11.49
C THR A 299 28.35 4.23 12.36
N THR A 300 27.41 3.28 12.34
CA THR A 300 27.45 2.13 13.24
C THR A 300 27.04 0.85 12.53
N THR A 301 27.10 0.80 11.19
CA THR A 301 26.34 -0.21 10.46
C THR A 301 27.13 -1.48 10.15
N GLY A 302 28.45 -1.39 9.97
CA GLY A 302 29.13 -2.49 9.33
C GLY A 302 28.84 -2.61 7.86
N ASN A 303 28.15 -1.64 7.28
CA ASN A 303 27.84 -1.56 5.86
C ASN A 303 28.82 -0.61 5.18
N VAL A 304 28.59 -0.38 3.89
CA VAL A 304 29.48 0.44 3.06
C VAL A 304 28.74 1.71 2.66
N ASN A 305 29.44 2.85 2.74
CA ASN A 305 28.96 4.10 2.16
C ASN A 305 27.59 4.52 2.73
N VAL A 306 27.46 4.46 4.06
CA VAL A 306 26.23 4.89 4.70
C VAL A 306 26.26 6.37 5.07
N CYS A 307 27.43 7.00 5.02
CA CYS A 307 27.56 8.45 5.02
C CYS A 307 28.30 8.81 3.74
N ASP A 308 27.55 8.99 2.65
CA ASP A 308 28.11 9.09 1.31
C ASP A 308 28.51 10.52 0.97
N ALA A 309 29.05 10.70 -0.24
CA ALA A 309 29.57 12.01 -0.65
C ALA A 309 28.47 13.06 -0.67
N ASN A 310 27.29 12.72 -1.17
CA ASN A 310 26.21 13.69 -1.21
C ASN A 310 25.77 14.10 0.20
N MET A 311 25.81 13.17 1.16
CA MET A 311 25.53 13.53 2.54
C MET A 311 26.61 14.46 3.09
N LEU A 312 27.88 14.18 2.79
CA LEU A 312 28.93 15.03 3.30
C LEU A 312 28.85 16.43 2.70
N LYS A 313 28.40 16.54 1.45
CA LYS A 313 28.26 17.85 0.84
C LYS A 313 27.15 18.66 1.50
N ALA A 314 26.14 17.99 2.05
CA ALA A 314 24.96 18.67 2.58
C ALA A 314 25.04 18.93 4.08
N LEU A 315 26.04 18.41 4.78
CA LEU A 315 26.07 18.53 6.23
C LEU A 315 26.27 19.98 6.65
N LYS A 316 25.69 20.33 7.80
CA LYS A 316 25.89 21.63 8.43
C LYS A 316 27.38 21.94 8.51
N LYS A 317 27.74 23.20 8.21
CA LYS A 317 29.12 23.65 8.38
C LYS A 317 29.61 23.30 9.78
N ARG A 318 30.88 22.85 9.85
CA ARG A 318 31.58 22.52 11.08
C ARG A 318 31.00 21.31 11.81
N ALA A 319 30.16 20.53 11.15
CA ALA A 319 29.69 19.27 11.72
C ALA A 319 30.85 18.30 11.93
N VAL A 320 30.68 17.38 12.89
CA VAL A 320 31.65 16.35 13.19
C VAL A 320 31.20 15.04 12.53
N VAL A 321 32.15 14.32 11.94
CA VAL A 321 31.91 13.07 11.22
C VAL A 321 32.81 12.00 11.84
N CYS A 322 32.22 10.87 12.22
CA CYS A 322 33.04 9.79 12.77
C CYS A 322 32.35 8.46 12.55
N ASN A 323 33.13 7.39 12.66
CA ASN A 323 32.66 6.04 12.40
C ASN A 323 33.09 5.16 13.55
N ILE A 324 32.16 4.35 14.05
CA ILE A 324 32.44 3.41 15.13
C ILE A 324 32.17 1.97 14.72
N GLY A 325 31.73 1.73 13.48
CA GLY A 325 31.77 0.39 12.92
C GLY A 325 33.19 -0.04 12.62
N HIS A 326 33.35 -1.29 12.17
CA HIS A 326 34.69 -1.86 12.17
C HIS A 326 35.59 -1.27 11.08
N PHE A 327 35.05 -0.96 9.89
CA PHE A 327 35.87 -0.50 8.78
C PHE A 327 35.50 0.91 8.37
N ASP A 328 36.48 1.62 7.81
CA ASP A 328 36.35 3.04 7.47
C ASP A 328 35.56 3.30 6.19
N ASN A 329 35.12 2.28 5.48
CA ASN A 329 34.36 2.51 4.26
C ASN A 329 32.90 2.83 4.52
N GLU A 330 32.51 3.00 5.79
CA GLU A 330 31.17 3.49 6.09
C GLU A 330 31.01 4.95 5.66
N ILE A 331 32.08 5.72 5.72
CA ILE A 331 32.12 7.11 5.28
C ILE A 331 32.89 7.17 3.97
N ASP A 332 32.41 7.96 3.02
CA ASP A 332 33.14 8.10 1.76
C ASP A 332 34.31 9.06 1.98
N THR A 333 35.31 8.56 2.71
CA THR A 333 36.51 9.37 2.94
C THR A 333 37.31 9.54 1.66
N ALA A 334 37.21 8.59 0.73
CA ALA A 334 37.95 8.70 -0.53
C ALA A 334 37.49 9.91 -1.32
N PHE A 335 36.18 10.13 -1.36
CA PHE A 335 35.66 11.34 -1.98
C PHE A 335 36.30 12.58 -1.36
N MET A 336 36.43 12.60 -0.03
CA MET A 336 36.97 13.78 0.64
C MET A 336 38.46 13.96 0.37
N ARG A 337 39.22 12.85 0.38
CA ARG A 337 40.64 12.93 -0.02
C ARG A 337 40.79 13.44 -1.44
N LYS A 338 39.86 13.08 -2.33
CA LYS A 338 39.98 13.44 -3.73
C LYS A 338 39.63 14.88 -4.00
N ASN A 339 38.70 15.46 -3.22
CA ASN A 339 38.13 16.77 -3.55
C ASN A 339 38.42 17.87 -2.55
N TRP A 340 38.68 17.56 -1.29
CA TRP A 340 38.73 18.57 -0.25
C TRP A 340 40.10 18.60 0.41
N ALA A 341 40.44 19.76 0.98
CA ALA A 341 41.75 19.97 1.59
C ALA A 341 41.71 19.64 3.08
N TRP A 342 42.70 18.86 3.53
CA TRP A 342 42.74 18.36 4.90
C TRP A 342 43.69 19.20 5.75
N GLU A 343 43.20 19.68 6.88
CA GLU A 343 44.03 20.40 7.84
C GLU A 343 44.06 19.56 9.11
N GLU A 344 45.26 19.16 9.53
CA GLU A 344 45.40 18.41 10.78
C GLU A 344 45.34 19.38 11.95
N VAL A 345 44.37 19.16 12.83
CA VAL A 345 44.36 19.86 14.11
C VAL A 345 45.35 19.23 15.07
N LYS A 346 45.26 17.91 15.19
CA LYS A 346 46.16 17.10 15.98
C LYS A 346 45.97 15.66 15.50
N PRO A 347 46.80 14.73 15.96
CA PRO A 347 46.64 13.34 15.52
C PRO A 347 45.19 12.87 15.62
N GLN A 348 44.72 12.24 14.55
CA GLN A 348 43.40 11.65 14.46
C GLN A 348 42.26 12.68 14.58
N VAL A 349 42.54 13.95 14.25
CA VAL A 349 41.52 14.99 14.16
C VAL A 349 41.86 15.87 12.97
N HIS A 350 41.01 15.88 11.96
CA HIS A 350 41.25 16.66 10.75
C HIS A 350 40.07 17.57 10.47
N LYS A 351 40.37 18.82 10.11
CA LYS A 351 39.43 19.71 9.47
C LYS A 351 39.49 19.46 7.97
N ILE A 352 38.34 19.23 7.36
CA ILE A 352 38.27 18.96 5.93
C ILE A 352 37.51 20.10 5.29
N HIS A 353 38.22 20.88 4.48
CA HIS A 353 37.74 22.16 3.96
C HIS A 353 37.01 21.94 2.63
N ARG A 354 35.70 22.16 2.64
CA ARG A 354 34.88 21.92 1.46
C ARG A 354 35.06 23.00 0.39
N THR A 355 35.97 23.95 0.59
CA THR A 355 36.16 25.06 -0.35
C THR A 355 36.98 24.66 -1.57
N GLY A 356 37.65 23.53 -1.56
CA GLY A 356 38.47 23.13 -2.69
C GLY A 356 39.56 22.17 -2.26
N LYS A 357 40.26 21.66 -3.27
CA LYS A 357 41.27 20.62 -3.08
C LYS A 357 42.65 21.20 -2.78
N ASP A 358 43.05 22.24 -3.48
CA ASP A 358 44.44 22.69 -3.47
C ASP A 358 44.85 23.21 -2.10
N GLY A 359 44.28 24.33 -1.68
CA GLY A 359 44.62 24.85 -0.37
C GLY A 359 43.42 25.16 0.49
N PHE A 360 43.64 25.81 1.63
CA PHE A 360 42.54 26.26 2.45
C PHE A 360 42.92 27.56 3.13
N ASP A 361 41.91 28.37 3.41
CA ASP A 361 42.08 29.52 4.29
C ASP A 361 42.03 29.04 5.73
N ALA A 362 43.03 29.43 6.54
CA ALA A 362 43.05 29.00 7.93
C ALA A 362 41.81 29.44 8.70
N HIS A 363 41.12 30.49 8.24
CA HIS A 363 39.92 30.98 8.89
C HIS A 363 38.65 30.64 8.11
N ASN A 364 38.74 29.71 7.16
CA ASN A 364 37.56 29.22 6.46
C ASN A 364 36.57 28.62 7.45
N ASP A 365 35.28 28.87 7.24
CA ASP A 365 34.25 28.38 8.13
C ASP A 365 33.52 27.15 7.58
N ASP A 366 33.66 26.87 6.29
CA ASP A 366 33.01 25.73 5.66
C ASP A 366 33.97 24.54 5.68
N TYR A 367 34.00 23.85 6.83
CA TYR A 367 34.79 22.63 6.99
C TYR A 367 33.99 21.61 7.77
N LEU A 368 34.40 20.35 7.66
CA LEU A 368 33.94 19.29 8.54
C LEU A 368 35.09 18.85 9.43
N ILE A 369 34.77 18.32 10.60
CA ILE A 369 35.77 17.70 11.46
C ILE A 369 35.60 16.19 11.36
N LEU A 370 36.64 15.53 10.86
CA LEU A 370 36.66 14.08 10.78
C LEU A 370 37.57 13.53 11.89
N LEU A 371 37.12 12.48 12.56
CA LEU A 371 37.88 11.86 13.64
C LEU A 371 38.45 10.53 13.18
N ALA A 372 39.71 10.27 13.53
CA ALA A 372 40.38 8.99 13.25
C ALA A 372 40.33 8.63 11.77
N GLU A 373 40.31 9.63 10.91
CA GLU A 373 40.24 9.44 9.46
C GLU A 373 39.18 8.42 9.07
N GLY A 374 38.09 8.36 9.86
CA GLY A 374 37.00 7.46 9.58
C GLY A 374 37.15 6.06 10.14
N ARG A 375 38.25 5.76 10.83
CA ARG A 375 38.41 4.49 11.51
C ARG A 375 37.71 4.53 12.87
N LEU A 376 37.51 3.34 13.46
CA LEU A 376 36.87 3.14 14.76
C LEU A 376 37.20 4.29 15.71
N VAL A 377 36.23 5.16 15.98
CA VAL A 377 36.54 6.40 16.68
C VAL A 377 36.78 6.16 18.17
N ASN A 378 36.05 5.24 18.80
CA ASN A 378 36.27 5.02 20.22
C ASN A 378 37.70 4.59 20.48
N LEU A 379 38.26 3.75 19.61
CA LEU A 379 39.65 3.32 19.81
C LEU A 379 40.65 4.32 19.24
N GLY A 380 40.29 5.02 18.16
CA GLY A 380 41.19 5.94 17.50
C GLY A 380 41.45 7.22 18.27
N ASN A 381 40.41 7.81 18.87
CA ASN A 381 40.53 9.06 19.60
C ASN A 381 40.44 8.91 21.11
N ALA A 382 40.08 7.73 21.61
CA ALA A 382 40.17 7.47 23.05
C ALA A 382 40.83 6.10 23.27
N THR A 383 40.34 5.31 24.22
CA THR A 383 40.96 4.02 24.53
C THR A 383 39.99 2.85 24.32
N GLY A 384 38.94 3.06 23.53
CA GLY A 384 37.98 2.01 23.35
C GLY A 384 37.23 1.68 24.63
N HIS A 385 36.74 0.45 24.69
CA HIS A 385 35.90 0.03 25.80
C HIS A 385 36.70 -0.08 27.09
N PRO A 386 36.07 0.11 28.24
CA PRO A 386 36.78 -0.01 29.51
C PRO A 386 37.00 -1.47 29.89
N SER A 387 38.01 -1.67 30.74
CA SER A 387 38.42 -3.02 31.12
C SER A 387 37.26 -3.85 31.64
N ARG A 388 36.40 -3.26 32.49
CA ARG A 388 35.34 -4.06 33.10
C ARG A 388 34.30 -4.50 32.09
N ILE A 389 34.21 -3.82 30.95
CA ILE A 389 33.34 -4.32 29.90
C ILE A 389 34.05 -5.37 29.05
N MET A 390 35.33 -5.12 28.70
CA MET A 390 36.09 -6.08 27.91
C MET A 390 36.32 -7.38 28.65
N ASP A 391 36.19 -7.37 29.98
CA ASP A 391 36.22 -8.58 30.79
C ASP A 391 35.29 -9.66 30.24
N GLY A 392 34.05 -9.28 29.90
CA GLY A 392 33.12 -10.25 29.35
C GLY A 392 33.58 -10.81 28.01
N SER A 393 33.90 -9.91 27.08
CA SER A 393 34.36 -10.33 25.76
C SER A 393 35.55 -11.29 25.87
N PHE A 394 36.54 -10.91 26.67
CA PHE A 394 37.81 -11.62 26.65
C PHE A 394 37.78 -12.88 27.49
N ALA A 395 36.90 -12.96 28.48
CA ALA A 395 36.63 -14.25 29.11
C ALA A 395 36.06 -15.24 28.09
N ASN A 396 35.17 -14.76 27.23
CA ASN A 396 34.61 -15.65 26.20
C ASN A 396 35.69 -16.11 25.24
N GLN A 397 36.65 -15.24 24.92
CA GLN A 397 37.74 -15.59 24.03
C GLN A 397 38.57 -16.71 24.63
N VAL A 398 38.93 -16.58 25.91
CA VAL A 398 39.71 -17.61 26.57
C VAL A 398 38.96 -18.94 26.57
N LEU A 399 37.67 -18.91 26.89
CA LEU A 399 36.89 -20.13 26.86
C LEU A 399 36.80 -20.70 25.46
N ALA A 400 36.72 -19.82 24.46
CA ALA A 400 36.65 -20.29 23.08
C ALA A 400 37.98 -20.90 22.66
N GLN A 401 39.09 -20.27 23.04
CA GLN A 401 40.40 -20.82 22.69
C GLN A 401 40.61 -22.19 23.32
N ILE A 402 40.24 -22.35 24.59
CA ILE A 402 40.42 -23.66 25.23
C ILE A 402 39.59 -24.71 24.52
N HIS A 403 38.35 -24.38 24.18
CA HIS A 403 37.48 -25.38 23.58
C HIS A 403 38.02 -25.85 22.23
N LEU A 404 38.39 -24.91 21.36
CA LEU A 404 38.83 -25.29 20.03
C LEU A 404 40.19 -25.97 20.07
N PHE A 405 41.07 -25.52 20.97
CA PHE A 405 42.36 -26.17 21.08
C PHE A 405 42.21 -27.60 21.60
N GLU A 406 41.32 -27.82 22.57
CA GLU A 406 41.13 -29.16 23.10
C GLU A 406 40.45 -30.08 22.09
N GLN A 407 39.69 -29.55 21.14
CA GLN A 407 39.02 -30.38 20.15
C GLN A 407 39.99 -30.91 19.09
N LYS A 408 41.10 -30.23 18.85
CA LYS A 408 42.16 -30.69 17.96
C LYS A 408 41.62 -31.06 16.57
N TYR A 409 40.89 -30.12 15.97
CA TYR A 409 40.29 -30.36 14.65
C TYR A 409 41.33 -30.74 13.61
N ALA A 410 42.52 -30.14 13.66
CA ALA A 410 43.52 -30.33 12.62
C ALA A 410 44.13 -31.72 12.64
N ASP A 411 43.93 -32.48 13.71
CA ASP A 411 44.43 -33.85 13.77
C ASP A 411 43.41 -34.86 13.28
N LEU A 412 42.25 -34.41 12.77
CA LEU A 412 41.19 -35.33 12.35
C LEU A 412 41.42 -35.79 10.91
N PRO A 413 40.96 -37.00 10.58
CA PRO A 413 40.92 -37.41 9.17
C PRO A 413 40.00 -36.50 8.37
N ALA A 414 40.24 -36.46 7.06
CA ALA A 414 39.46 -35.58 6.18
C ALA A 414 37.97 -35.82 6.34
N ALA A 415 37.55 -37.06 6.57
CA ALA A 415 36.13 -37.35 6.74
C ALA A 415 35.57 -36.74 8.02
N GLU A 416 36.38 -36.64 9.08
CA GLU A 416 35.90 -36.09 10.34
C GLU A 416 35.97 -34.57 10.36
N LYS A 417 37.02 -33.99 9.77
CA LYS A 417 37.09 -32.55 9.57
C LYS A 417 35.80 -32.01 8.96
N ALA A 418 35.29 -32.70 7.93
CA ALA A 418 34.09 -32.24 7.25
C ALA A 418 32.88 -32.26 8.19
N LYS A 419 32.88 -33.16 9.17
CA LYS A 419 31.73 -33.25 10.07
C LYS A 419 31.77 -32.20 11.17
N ARG A 420 32.93 -31.58 11.41
CA ARG A 420 33.06 -30.60 12.47
C ARG A 420 33.37 -29.21 11.96
N LEU A 421 33.39 -29.00 10.65
CA LEU A 421 33.70 -27.69 10.08
C LEU A 421 32.46 -26.81 10.17
N SER A 422 32.48 -25.83 11.07
CA SER A 422 31.31 -25.03 11.35
C SER A 422 31.70 -23.78 12.10
N VAL A 423 30.72 -22.90 12.29
CA VAL A 423 30.84 -21.68 13.07
C VAL A 423 29.83 -21.78 14.20
N GLU A 424 30.32 -21.93 15.43
CA GLU A 424 29.48 -22.18 16.60
C GLU A 424 29.61 -21.04 17.61
N VAL A 425 28.70 -21.04 18.58
CA VAL A 425 28.81 -20.15 19.73
C VAL A 425 29.03 -20.98 20.99
N LEU A 426 29.50 -20.30 22.03
CA LEU A 426 29.68 -20.94 23.32
C LEU A 426 28.33 -21.35 23.88
N PRO A 427 28.28 -22.42 24.69
CA PRO A 427 27.01 -22.81 25.30
C PRO A 427 26.55 -21.77 26.31
N LYS A 428 25.23 -21.70 26.50
CA LYS A 428 24.67 -20.68 27.38
C LYS A 428 25.18 -20.82 28.81
N LYS A 429 25.46 -22.04 29.27
CA LYS A 429 25.95 -22.23 30.63
C LYS A 429 27.25 -21.47 30.86
N LEU A 430 28.14 -21.44 29.86
CA LEU A 430 29.37 -20.68 29.98
C LEU A 430 29.11 -19.18 29.92
N ASP A 431 28.22 -18.76 29.01
CA ASP A 431 27.79 -17.37 28.96
C ASP A 431 27.29 -16.89 30.32
N GLU A 432 26.51 -17.74 31.01
CA GLU A 432 25.98 -17.38 32.33
C GLU A 432 27.08 -17.30 33.37
N GLU A 433 28.08 -18.17 33.27
CA GLU A 433 29.15 -18.16 34.27
C GLU A 433 30.04 -16.95 34.12
N VAL A 434 30.28 -16.51 32.89
CA VAL A 434 30.96 -15.23 32.69
C VAL A 434 30.12 -14.11 33.28
N ALA A 435 28.79 -14.18 33.10
CA ALA A 435 27.93 -13.13 33.63
C ALA A 435 27.95 -13.11 35.16
N LEU A 436 28.03 -14.29 35.79
CA LEU A 436 28.07 -14.32 37.25
C LEU A 436 29.29 -13.60 37.78
N GLU A 437 30.46 -13.85 37.19
CA GLU A 437 31.66 -13.16 37.64
C GLU A 437 31.61 -11.66 37.34
N MET A 438 30.92 -11.25 36.28
CA MET A 438 30.75 -9.82 36.04
C MET A 438 29.90 -9.17 37.12
N VAL A 439 28.75 -9.79 37.43
CA VAL A 439 27.85 -9.25 38.45
C VAL A 439 28.55 -9.18 39.81
N LYS A 440 29.20 -10.28 40.22
CA LYS A 440 29.99 -10.25 41.44
C LYS A 440 30.99 -9.10 41.46
N GLY A 441 31.54 -8.74 40.30
CA GLY A 441 32.49 -7.65 40.26
C GLY A 441 31.89 -6.30 40.63
N PHE A 442 30.60 -6.11 40.35
CA PHE A 442 29.86 -4.93 40.78
C PHE A 442 29.37 -5.04 42.21
N GLY A 443 29.58 -6.18 42.87
CA GLY A 443 29.00 -6.38 44.17
C GLY A 443 27.57 -6.84 44.14
N GLY A 444 27.06 -7.23 42.97
CA GLY A 444 25.69 -7.70 42.89
C GLY A 444 25.54 -9.09 43.49
N VAL A 445 24.34 -9.39 43.95
CA VAL A 445 24.04 -10.67 44.59
C VAL A 445 22.92 -11.32 43.80
N VAL A 446 23.23 -12.44 43.15
CA VAL A 446 22.24 -13.20 42.40
C VAL A 446 21.48 -14.10 43.36
N THR A 447 20.16 -14.16 43.19
CA THR A 447 19.33 -15.01 44.02
C THR A 447 19.38 -16.45 43.50
N GLN A 448 19.34 -17.41 44.41
CA GLN A 448 19.30 -18.81 44.04
C GLN A 448 17.86 -19.31 44.08
N LEU A 449 17.45 -20.02 43.03
CA LEU A 449 16.13 -20.61 42.98
C LEU A 449 16.01 -21.71 44.02
N THR A 450 14.83 -21.81 44.64
CA THR A 450 14.52 -23.00 45.39
C THR A 450 14.21 -24.13 44.42
N PRO A 451 14.39 -25.39 44.85
CA PRO A 451 14.01 -26.51 43.97
C PRO A 451 12.61 -26.37 43.37
N LYS A 452 11.61 -26.02 44.19
CA LYS A 452 10.26 -25.87 43.70
C LYS A 452 10.13 -24.71 42.72
N GLN A 453 10.93 -23.66 42.89
CA GLN A 453 10.91 -22.58 41.91
C GLN A 453 11.52 -23.02 40.60
N ALA A 454 12.65 -23.73 40.66
CA ALA A 454 13.26 -24.25 39.44
C ALA A 454 12.31 -25.20 38.72
N GLU A 455 11.71 -26.12 39.48
CA GLU A 455 10.70 -27.02 38.92
C GLU A 455 9.58 -26.23 38.24
N TYR A 456 9.16 -25.13 38.85
CA TYR A 456 7.99 -24.40 38.39
C TYR A 456 8.20 -23.78 37.01
N ILE A 457 9.36 -23.15 36.78
CA ILE A 457 9.65 -22.59 35.47
C ILE A 457 10.45 -23.54 34.60
N GLY A 458 10.71 -24.75 35.07
CA GLY A 458 11.33 -25.79 34.26
C GLY A 458 12.80 -25.59 33.96
N VAL A 459 13.60 -25.19 34.96
CA VAL A 459 15.04 -25.04 34.80
C VAL A 459 15.72 -25.80 35.92
N SER A 460 17.02 -25.99 35.77
CA SER A 460 17.85 -26.48 36.85
C SER A 460 18.23 -25.31 37.75
N VAL A 461 18.44 -25.61 39.03
CA VAL A 461 18.80 -24.56 39.99
C VAL A 461 20.04 -23.81 39.54
N GLU A 462 20.99 -24.50 38.93
CA GLU A 462 22.24 -23.89 38.53
C GLU A 462 22.20 -23.30 37.11
N GLY A 463 21.10 -23.46 36.39
CA GLY A 463 21.02 -22.99 35.03
C GLY A 463 21.36 -24.07 34.01
N PRO A 464 21.23 -23.76 32.71
CA PRO A 464 20.83 -22.49 32.10
C PRO A 464 19.40 -22.10 32.45
N PHE A 465 19.15 -20.79 32.48
CA PHE A 465 17.90 -20.25 32.97
C PHE A 465 16.94 -19.86 31.86
N LYS A 466 17.39 -19.83 30.61
CA LYS A 466 16.63 -19.40 29.45
C LYS A 466 16.83 -20.40 28.32
N PRO A 467 15.81 -20.63 27.49
CA PRO A 467 16.01 -21.44 26.29
C PRO A 467 16.94 -20.73 25.33
N ASP A 468 17.48 -21.49 24.38
CA ASP A 468 18.43 -20.91 23.44
C ASP A 468 17.80 -19.84 22.56
N THR A 469 16.47 -19.84 22.42
CA THR A 469 15.78 -18.81 21.66
C THR A 469 15.73 -17.46 22.37
N TYR A 470 16.02 -17.39 23.67
CA TYR A 470 15.78 -16.17 24.41
C TYR A 470 16.68 -15.03 23.92
N ARG A 471 16.12 -13.83 23.86
CA ARG A 471 16.80 -12.68 23.27
C ARG A 471 17.32 -11.68 24.28
N TYR A 472 16.94 -11.79 25.55
CA TYR A 472 17.40 -10.87 26.60
C TYR A 472 17.08 -9.41 26.22
N GLY B 12 61.31 40.65 19.14
CA GLY B 12 61.65 39.56 20.05
C GLY B 12 60.92 39.64 21.38
N PHE B 13 59.70 39.09 21.42
CA PHE B 13 58.91 39.07 22.64
C PHE B 13 59.44 38.01 23.58
N THR B 14 59.77 38.41 24.82
CA THR B 14 60.23 37.47 25.84
C THR B 14 59.49 37.59 27.15
N ASP B 15 58.49 38.47 27.24
CA ASP B 15 57.80 38.76 28.50
C ASP B 15 56.74 37.68 28.76
N TYR B 16 57.22 36.47 28.99
CA TYR B 16 56.34 35.33 29.24
C TYR B 16 57.17 34.18 29.80
N LYS B 17 56.47 33.13 30.23
CA LYS B 17 57.10 31.83 30.41
C LYS B 17 56.02 30.77 30.30
N VAL B 18 56.23 29.81 29.39
CA VAL B 18 55.30 28.73 29.13
C VAL B 18 56.11 27.43 29.04
N ALA B 19 55.39 26.32 28.91
CA ALA B 19 56.06 25.03 28.83
C ALA B 19 56.89 24.94 27.56
N ASP B 20 56.32 25.33 26.43
CA ASP B 20 56.93 25.05 25.13
C ASP B 20 56.27 25.93 24.09
N ILE B 21 56.99 26.96 23.62
CA ILE B 21 56.43 27.90 22.66
C ILE B 21 56.13 27.25 21.31
N THR B 22 56.75 26.11 20.99
CA THR B 22 56.50 25.46 19.71
C THR B 22 55.10 24.85 19.62
N LEU B 23 54.34 24.84 20.71
CA LEU B 23 52.95 24.38 20.68
C LEU B 23 51.98 25.46 20.21
N ALA B 24 52.47 26.64 19.85
CA ALA B 24 51.58 27.76 19.56
C ALA B 24 50.70 27.49 18.36
N ALA B 25 51.28 26.98 17.26
CA ALA B 25 50.49 26.72 16.07
C ALA B 25 49.34 25.77 16.36
N TRP B 26 49.61 24.73 17.15
CA TRP B 26 48.55 23.82 17.57
C TRP B 26 47.49 24.57 18.37
N GLY B 27 47.92 25.34 19.37
CA GLY B 27 46.97 26.14 20.14
C GLY B 27 46.16 27.08 19.27
N ARG B 28 46.82 27.73 18.30
CA ARG B 28 46.10 28.60 17.37
C ARG B 28 45.01 27.85 16.62
N ARG B 29 45.32 26.63 16.14
CA ARG B 29 44.30 25.84 15.47
C ARG B 29 43.11 25.60 16.38
N GLU B 30 43.36 25.31 17.66
CA GLU B 30 42.25 25.06 18.57
C GLU B 30 41.56 26.35 19.01
N LEU B 31 42.27 27.48 18.99
CA LEU B 31 41.59 28.74 19.27
C LEU B 31 40.61 29.08 18.15
N ILE B 32 40.98 28.78 16.91
CA ILE B 32 40.10 29.09 15.77
C ILE B 32 38.83 28.26 15.84
N ILE B 33 38.93 27.00 16.28
CA ILE B 33 37.75 26.17 16.49
C ILE B 33 36.93 26.69 17.66
N ALA B 34 37.60 27.09 18.74
CA ALA B 34 36.89 27.56 19.92
C ALA B 34 36.06 28.80 19.62
N GLU B 35 36.59 29.70 18.79
CA GLU B 35 35.84 30.91 18.44
C GLU B 35 34.51 30.56 17.81
N SER B 36 34.47 29.51 16.97
CA SER B 36 33.21 29.12 16.36
C SER B 36 32.26 28.48 17.37
N GLU B 37 32.76 28.08 18.54
CA GLU B 37 31.92 27.53 19.60
C GLU B 37 31.52 28.59 20.62
N MET B 38 31.95 29.83 20.46
CA MET B 38 31.74 30.88 21.47
C MET B 38 31.09 32.10 20.83
N PRO B 39 29.84 31.97 20.36
CA PRO B 39 29.21 33.09 19.65
C PRO B 39 28.91 34.30 20.52
N ALA B 40 28.56 34.11 21.79
CA ALA B 40 28.29 35.27 22.63
C ALA B 40 29.54 36.11 22.82
N LEU B 41 30.67 35.47 23.09
CA LEU B 41 31.94 36.17 23.24
C LEU B 41 32.37 36.79 21.91
N MET B 42 32.30 36.02 20.82
CA MET B 42 32.65 36.58 19.51
C MET B 42 31.69 37.68 19.11
N GLY B 43 30.41 37.56 19.50
CA GLY B 43 29.48 38.64 19.27
C GLY B 43 29.89 39.91 19.99
N LEU B 44 30.43 39.78 21.21
CA LEU B 44 30.93 40.94 21.93
C LEU B 44 32.13 41.56 21.22
N ARG B 45 32.97 40.74 20.59
CA ARG B 45 34.04 41.27 19.77
C ARG B 45 33.50 42.14 18.65
N ARG B 46 32.46 41.67 17.95
CA ARG B 46 31.93 42.45 16.83
C ARG B 46 31.21 43.70 17.31
N LYS B 47 30.50 43.61 18.43
CA LYS B 47 29.66 44.73 18.86
C LYS B 47 30.50 45.89 19.38
N TYR B 48 31.55 45.60 20.13
CA TYR B 48 32.34 46.62 20.80
C TYR B 48 33.67 46.92 20.10
N ALA B 49 33.95 46.27 18.96
CA ALA B 49 35.22 46.46 18.28
C ALA B 49 35.46 47.94 17.93
N GLY B 50 34.54 48.53 17.19
CA GLY B 50 34.76 49.89 16.72
C GLY B 50 34.93 50.89 17.84
N GLN B 51 34.33 50.63 19.00
CA GLN B 51 34.30 51.59 20.09
C GLN B 51 35.50 51.48 21.03
N GLN B 52 36.19 50.34 21.02
CA GLN B 52 37.35 50.13 21.88
C GLN B 52 37.10 50.47 23.35
N PRO B 53 36.07 49.87 23.97
CA PRO B 53 35.68 50.30 25.33
C PRO B 53 36.70 49.98 26.40
N LEU B 54 37.66 49.11 26.13
CA LEU B 54 38.70 48.82 27.11
C LEU B 54 40.05 49.42 26.72
N LYS B 55 40.07 50.30 25.72
CA LYS B 55 41.29 51.03 25.42
C LYS B 55 41.77 51.77 26.66
N GLY B 56 43.04 51.61 26.99
CA GLY B 56 43.57 52.15 28.22
C GLY B 56 43.40 51.25 29.43
N ALA B 57 42.70 50.13 29.29
CA ALA B 57 42.62 49.17 30.39
C ALA B 57 43.88 48.35 30.46
N LYS B 58 44.32 48.06 31.68
CA LYS B 58 45.49 47.23 31.94
C LYS B 58 45.05 46.20 32.99
N ILE B 59 44.82 44.97 32.54
CA ILE B 59 44.10 43.97 33.31
C ILE B 59 45.09 42.95 33.86
N LEU B 60 45.06 42.75 35.17
CA LEU B 60 45.72 41.61 35.80
C LEU B 60 44.74 40.46 35.80
N GLY B 61 45.08 39.38 35.07
CA GLY B 61 44.18 38.26 34.96
C GLY B 61 44.79 37.01 35.58
N CYS B 62 43.98 36.28 36.35
CA CYS B 62 44.44 35.03 36.96
C CYS B 62 43.28 34.04 36.86
N ILE B 63 43.35 33.17 35.84
CA ILE B 63 42.33 32.16 35.62
C ILE B 63 42.92 31.08 34.73
N HIS B 64 42.49 29.84 34.94
CA HIS B 64 42.97 28.66 34.21
C HIS B 64 43.30 28.97 32.76
N MET B 65 44.59 28.83 32.40
CA MET B 65 45.06 29.20 31.07
C MET B 65 44.71 28.10 30.06
N THR B 66 43.42 28.02 29.75
CA THR B 66 42.86 27.10 28.78
C THR B 66 42.69 27.76 27.43
N ILE B 67 42.35 26.94 26.42
CA ILE B 67 41.97 27.48 25.12
C ILE B 67 40.82 28.47 25.28
N GLN B 68 39.85 28.14 26.14
CA GLN B 68 38.71 29.02 26.35
C GLN B 68 39.15 30.35 26.94
N THR B 69 40.04 30.31 27.92
CA THR B 69 40.60 31.56 28.44
C THR B 69 41.36 32.31 27.35
N GLY B 70 42.01 31.58 26.44
CA GLY B 70 42.67 32.21 25.32
C GLY B 70 41.73 33.12 24.53
N VAL B 71 40.52 32.64 24.24
CA VAL B 71 39.56 33.45 23.48
C VAL B 71 39.09 34.63 24.32
N LEU B 72 38.93 34.43 25.63
CA LEU B 72 38.63 35.54 26.53
C LEU B 72 39.72 36.59 26.49
N ILE B 73 40.97 36.16 26.66
CA ILE B 73 42.11 37.09 26.64
C ILE B 73 42.10 37.90 25.36
N GLU B 74 42.02 37.23 24.20
CA GLU B 74 42.06 37.94 22.94
C GLU B 74 40.81 38.77 22.70
N THR B 75 39.68 38.42 23.31
CA THR B 75 38.53 39.32 23.21
C THR B 75 38.80 40.61 23.96
N LEU B 76 39.43 40.52 25.14
CA LEU B 76 39.75 41.73 25.90
C LEU B 76 40.74 42.61 25.15
N VAL B 77 41.77 41.99 24.55
CA VAL B 77 42.75 42.75 23.77
C VAL B 77 42.09 43.40 22.57
N ALA B 78 41.24 42.65 21.86
CA ALA B 78 40.58 43.19 20.68
C ALA B 78 39.80 44.47 21.01
N LEU B 79 39.28 44.58 22.24
CA LEU B 79 38.53 45.75 22.66
C LEU B 79 39.42 46.87 23.22
N GLY B 80 40.73 46.67 23.27
CA GLY B 80 41.66 47.74 23.60
C GLY B 80 42.59 47.45 24.75
N ALA B 81 42.35 46.39 25.51
CA ALA B 81 43.07 46.20 26.77
C ALA B 81 44.47 45.65 26.55
N GLU B 82 45.36 45.97 27.50
CA GLU B 82 46.59 45.23 27.72
C GLU B 82 46.37 44.32 28.91
N VAL B 83 46.95 43.12 28.86
CA VAL B 83 46.77 42.17 29.93
C VAL B 83 48.11 41.56 30.34
N ARG B 84 48.10 40.93 31.50
CA ARG B 84 49.21 40.10 31.98
C ARG B 84 48.58 38.95 32.73
N TRP B 85 48.84 37.73 32.27
CA TRP B 85 48.01 36.59 32.64
C TRP B 85 48.79 35.52 33.39
N SER B 86 48.12 34.90 34.35
CA SER B 86 48.57 33.67 35.00
C SER B 86 47.37 32.76 35.14
N SER B 87 47.63 31.52 35.52
CA SER B 87 46.59 30.56 35.79
C SER B 87 46.27 30.57 37.29
N CYS B 88 45.03 30.24 37.63
CA CYS B 88 44.65 30.16 39.03
C CYS B 88 44.72 28.73 39.58
N ASN B 89 45.29 27.79 38.82
CA ASN B 89 45.52 26.44 39.34
C ASN B 89 46.76 25.85 38.69
N ILE B 90 47.46 25.02 39.46
CA ILE B 90 48.77 24.52 39.02
C ILE B 90 48.66 23.44 37.95
N PHE B 91 47.48 22.83 37.76
CA PHE B 91 47.32 21.76 36.79
C PHE B 91 46.36 22.10 35.65
N SER B 92 45.77 23.29 35.64
CA SER B 92 44.67 23.57 34.73
C SER B 92 45.09 24.18 33.40
N THR B 93 46.36 24.56 33.24
CA THR B 93 46.80 25.15 31.99
C THR B 93 46.84 24.12 30.87
N GLN B 94 46.29 24.48 29.71
CA GLN B 94 46.59 23.81 28.45
C GLN B 94 47.83 24.48 27.87
N ASP B 95 48.93 23.73 27.73
CA ASP B 95 50.19 24.33 27.32
C ASP B 95 50.13 24.89 25.91
N GLN B 96 49.36 24.24 25.01
CA GLN B 96 49.24 24.81 23.67
C GLN B 96 48.47 26.12 23.69
N ALA B 97 47.56 26.29 24.66
CA ALA B 97 46.84 27.56 24.79
C ALA B 97 47.76 28.67 25.29
N ALA B 98 48.50 28.39 26.37
CA ALA B 98 49.50 29.34 26.85
C ALA B 98 50.51 29.67 25.76
N ALA B 99 50.95 28.66 25.01
CA ALA B 99 51.93 28.89 23.94
C ALA B 99 51.39 29.89 22.92
N ALA B 100 50.16 29.68 22.46
CA ALA B 100 49.58 30.56 21.44
C ALA B 100 49.43 31.97 21.95
N ILE B 101 49.03 32.13 23.21
CA ILE B 101 48.89 33.47 23.79
C ILE B 101 50.25 34.17 23.82
N ALA B 102 51.27 33.48 24.33
CA ALA B 102 52.63 34.03 24.32
C ALA B 102 53.06 34.40 22.91
N ALA B 103 52.90 33.49 21.95
CA ALA B 103 53.35 33.74 20.59
C ALA B 103 52.70 34.97 19.99
N ALA B 104 51.46 35.26 20.41
CA ALA B 104 50.76 36.45 19.96
C ALA B 104 51.32 37.73 20.57
N GLY B 105 52.34 37.64 21.41
CA GLY B 105 52.89 38.81 22.06
C GLY B 105 52.13 39.27 23.27
N ILE B 106 51.51 38.37 24.01
CA ILE B 106 50.75 38.69 25.21
C ILE B 106 51.49 38.10 26.40
N PRO B 107 51.77 38.89 27.44
CA PRO B 107 52.49 38.36 28.61
C PRO B 107 51.66 37.32 29.35
N VAL B 108 52.19 36.10 29.45
CA VAL B 108 51.50 34.99 30.10
C VAL B 108 52.53 34.14 30.82
N PHE B 109 52.19 33.73 32.04
CA PHE B 109 53.07 32.91 32.87
C PHE B 109 52.24 31.77 33.44
N ALA B 110 52.34 30.60 32.81
CA ALA B 110 51.44 29.50 33.12
C ALA B 110 51.89 28.25 32.37
N TRP B 111 51.85 27.11 33.06
CA TRP B 111 52.07 25.82 32.41
C TRP B 111 51.41 24.74 33.26
N LYS B 112 51.27 23.56 32.66
CA LYS B 112 50.63 22.45 33.35
C LYS B 112 51.66 21.73 34.22
N GLY B 113 51.33 21.56 35.50
CA GLY B 113 52.25 20.93 36.42
C GLY B 113 53.19 21.89 37.13
N GLU B 114 52.71 23.08 37.48
CA GLU B 114 53.51 23.99 38.28
C GLU B 114 53.63 23.49 39.70
N THR B 115 54.75 23.82 40.35
CA THR B 115 54.86 23.67 41.79
C THR B 115 54.14 24.83 42.49
N GLU B 116 53.95 24.70 43.81
CA GLU B 116 53.34 25.80 44.55
C GLU B 116 54.18 27.07 44.45
N GLU B 117 55.49 26.92 44.56
CA GLU B 117 56.40 28.04 44.40
C GLU B 117 56.23 28.71 43.04
N GLU B 118 56.25 27.91 41.96
CA GLU B 118 56.11 28.46 40.63
C GLU B 118 54.75 29.14 40.44
N TYR B 119 53.69 28.54 40.99
CA TYR B 119 52.38 29.16 40.95
C TYR B 119 52.42 30.58 41.49
N GLU B 120 53.02 30.73 42.69
CA GLU B 120 53.15 32.05 43.28
C GLU B 120 54.02 32.96 42.42
N TRP B 121 55.08 32.41 41.84
CA TRP B 121 55.96 33.20 40.99
C TRP B 121 55.23 33.69 39.76
N CYS B 122 54.34 32.88 39.21
CA CYS B 122 53.62 33.28 38.00
C CYS B 122 52.69 34.46 38.26
N ILE B 123 51.99 34.45 39.41
CA ILE B 123 51.16 35.60 39.75
C ILE B 123 52.02 36.84 39.91
N GLU B 124 53.19 36.70 40.53
CA GLU B 124 54.08 37.83 40.74
C GLU B 124 54.56 38.40 39.41
N GLN B 125 54.80 37.54 38.42
CA GLN B 125 55.24 38.03 37.12
C GLN B 125 54.18 38.88 36.43
N THR B 126 52.90 38.57 36.64
CA THR B 126 51.86 39.42 36.10
C THR B 126 51.78 40.74 36.87
N ILE B 127 52.03 40.70 38.17
CA ILE B 127 51.93 41.91 38.99
C ILE B 127 53.09 42.85 38.69
N LEU B 128 54.29 42.31 38.51
CA LEU B 128 55.50 43.11 38.32
C LEU B 128 55.91 43.09 36.85
N LYS B 129 56.22 44.26 36.32
CA LYS B 129 56.81 44.38 34.98
C LYS B 129 58.15 45.07 35.12
N ASP B 130 59.23 44.36 34.74
CA ASP B 130 60.58 44.89 34.83
C ASP B 130 60.92 45.29 36.27
N GLY B 131 60.57 44.43 37.22
CA GLY B 131 60.92 44.63 38.60
C GLY B 131 60.06 45.59 39.39
N GLN B 132 59.21 46.36 38.72
CA GLN B 132 58.34 47.32 39.38
C GLN B 132 56.88 46.98 39.11
N PRO B 133 55.96 47.39 39.99
CA PRO B 133 54.54 47.12 39.76
C PRO B 133 54.05 47.69 38.44
N TRP B 134 53.42 46.85 37.64
CA TRP B 134 52.73 47.32 36.44
C TRP B 134 51.69 48.38 36.83
N ASP B 135 51.38 49.27 35.89
CA ASP B 135 50.36 50.28 36.12
C ASP B 135 48.96 49.71 35.83
N ALA B 136 48.65 48.63 36.54
CA ALA B 136 47.39 47.94 36.34
C ALA B 136 46.22 48.77 36.85
N ASN B 137 45.07 48.63 36.19
CA ASN B 137 43.86 49.32 36.63
C ASN B 137 42.63 48.42 36.65
N MET B 138 42.75 47.16 36.23
CA MET B 138 41.65 46.21 36.31
C MET B 138 42.18 44.88 36.79
N VAL B 139 41.29 44.09 37.38
CA VAL B 139 41.59 42.77 37.91
C VAL B 139 40.51 41.82 37.46
N LEU B 140 40.92 40.68 36.88
CA LEU B 140 40.05 39.55 36.59
C LEU B 140 40.60 38.34 37.33
N ASP B 141 39.76 37.71 38.14
CA ASP B 141 40.22 36.69 39.09
C ASP B 141 39.25 35.52 39.11
N ASP B 142 39.79 34.36 39.48
CA ASP B 142 39.02 33.12 39.56
C ASP B 142 39.46 32.44 40.85
N GLY B 143 38.76 32.72 41.96
CA GLY B 143 39.05 32.08 43.22
C GLY B 143 39.63 32.99 44.28
N GLY B 144 40.08 34.20 43.91
CA GLY B 144 40.48 35.19 44.87
C GLY B 144 41.96 35.25 45.21
N ASP B 145 42.80 34.42 44.58
CA ASP B 145 44.21 34.40 44.96
C ASP B 145 44.92 35.67 44.52
N LEU B 146 44.65 36.14 43.30
CA LEU B 146 45.23 37.40 42.85
C LEU B 146 44.70 38.57 43.66
N THR B 147 43.39 38.59 43.93
CA THR B 147 42.80 39.60 44.78
C THR B 147 43.48 39.66 46.13
N GLU B 148 43.74 38.50 46.74
CA GLU B 148 44.33 38.48 48.07
C GLU B 148 45.76 39.03 48.06
N ILE B 149 46.57 38.62 47.08
CA ILE B 149 47.97 39.07 47.03
C ILE B 149 48.05 40.57 46.85
N LEU B 150 47.18 41.14 46.00
CA LEU B 150 47.16 42.59 45.84
C LEU B 150 46.79 43.29 47.15
N HIS B 151 45.71 42.83 47.79
CA HIS B 151 45.27 43.46 49.03
C HIS B 151 46.30 43.31 50.16
N LYS B 152 47.08 42.23 50.17
CA LYS B 152 48.00 42.02 51.29
C LYS B 152 49.44 42.38 50.99
N LYS B 153 49.92 42.20 49.75
CA LYS B 153 51.31 42.47 49.45
C LYS B 153 51.54 43.76 48.64
N TYR B 154 50.55 44.21 47.88
CA TYR B 154 50.68 45.43 47.08
C TYR B 154 49.45 46.33 47.27
N PRO B 155 49.15 46.74 48.49
CA PRO B 155 47.93 47.55 48.71
C PRO B 155 47.94 48.87 47.95
N GLN B 156 49.11 49.40 47.57
CA GLN B 156 49.15 50.68 46.88
C GLN B 156 48.69 50.58 45.43
N MET B 157 48.92 49.43 44.78
CA MET B 157 48.44 49.27 43.42
C MET B 157 46.91 49.38 43.35
N LEU B 158 46.22 48.94 44.39
CA LEU B 158 44.76 48.98 44.41
C LEU B 158 44.23 50.41 44.38
N GLU B 159 45.07 51.40 44.69
CA GLU B 159 44.64 52.78 44.55
C GLU B 159 44.49 53.19 43.11
N ARG B 160 45.06 52.44 42.17
CA ARG B 160 44.94 52.73 40.75
C ARG B 160 43.94 51.83 40.03
N ILE B 161 43.36 50.85 40.71
CA ILE B 161 42.55 49.81 40.08
C ILE B 161 41.07 50.18 40.19
N HIS B 162 40.36 50.12 39.06
CA HIS B 162 38.96 50.51 39.02
C HIS B 162 38.01 49.40 39.50
N GLY B 163 38.44 48.15 39.55
CA GLY B 163 37.54 47.11 40.02
C GLY B 163 38.10 45.71 39.77
N ILE B 164 37.35 44.74 40.30
CA ILE B 164 37.66 43.32 40.18
C ILE B 164 36.44 42.61 39.57
N THR B 165 36.68 41.66 38.69
CA THR B 165 35.63 40.80 38.16
C THR B 165 35.96 39.36 38.52
N GLU B 166 35.20 38.78 39.45
CA GLU B 166 35.56 37.52 40.07
C GLU B 166 34.70 36.38 39.53
N GLU B 167 35.38 35.31 39.10
CA GLU B 167 34.74 34.26 38.32
C GLU B 167 33.89 33.32 39.15
N THR B 168 34.33 32.92 40.35
CA THR B 168 33.84 31.68 40.93
C THR B 168 33.43 31.83 42.39
N THR B 169 32.55 30.90 42.79
CA THR B 169 31.83 30.97 44.07
C THR B 169 32.79 31.23 45.23
N THR B 170 33.91 30.50 45.25
CA THR B 170 34.89 30.67 46.30
C THR B 170 35.45 32.09 46.33
N GLY B 171 35.69 32.66 45.15
CA GLY B 171 36.21 34.02 45.11
C GLY B 171 35.20 35.03 45.60
N VAL B 172 33.95 34.90 45.16
CA VAL B 172 32.90 35.82 45.61
C VAL B 172 32.74 35.76 47.13
N HIS B 173 32.86 34.57 47.71
CA HIS B 173 32.73 34.48 49.16
C HIS B 173 33.88 35.19 49.86
N ARG B 174 35.09 35.12 49.30
CA ARG B 174 36.19 35.86 49.91
C ARG B 174 35.97 37.36 49.76
N LEU B 175 35.48 37.80 48.61
CA LEU B 175 35.18 39.22 48.42
C LEU B 175 34.17 39.73 49.44
N LEU B 176 33.13 38.94 49.72
CA LEU B 176 32.06 39.38 50.60
C LEU B 176 32.52 39.46 52.05
N ASP B 177 33.47 38.61 52.46
CA ASP B 177 34.08 38.76 53.78
C ASP B 177 34.83 40.07 53.87
N MET B 178 35.60 40.42 52.84
CA MET B 178 36.34 41.67 52.85
C MET B 178 35.40 42.86 52.86
N LEU B 179 34.28 42.76 52.12
CA LEU B 179 33.29 43.83 52.14
C LEU B 179 32.71 44.00 53.54
N LYS B 180 32.27 42.88 54.14
CA LYS B 180 31.74 42.94 55.50
C LYS B 180 32.78 43.45 56.49
N ASN B 181 34.06 43.13 56.27
CA ASN B 181 35.13 43.48 57.18
C ASN B 181 35.78 44.81 56.85
N GLY B 182 35.27 45.54 55.86
CA GLY B 182 35.83 46.83 55.50
C GLY B 182 37.23 46.78 54.94
N THR B 183 37.67 45.65 54.41
CA THR B 183 39.03 45.52 53.92
C THR B 183 39.11 45.45 52.40
N LEU B 184 37.97 45.43 51.71
CA LEU B 184 37.95 45.46 50.25
C LEU B 184 38.22 46.88 49.77
N LYS B 185 39.18 47.03 48.86
CA LYS B 185 39.61 48.37 48.47
C LYS B 185 38.86 48.90 47.24
N VAL B 186 38.54 48.04 46.29
CA VAL B 186 37.94 48.47 45.03
C VAL B 186 36.61 47.72 44.87
N PRO B 187 35.71 48.24 44.04
CA PRO B 187 34.48 47.51 43.77
C PRO B 187 34.77 46.23 42.99
N ALA B 188 33.80 45.32 43.02
CA ALA B 188 33.92 44.07 42.32
C ALA B 188 32.57 43.70 41.72
N ILE B 189 32.63 42.89 40.68
CA ILE B 189 31.43 42.29 40.13
C ILE B 189 31.49 40.80 40.42
N ASN B 190 30.43 40.30 41.06
CA ASN B 190 30.17 38.89 41.20
C ASN B 190 29.77 38.34 39.84
N VAL B 191 30.76 37.89 39.05
CA VAL B 191 30.46 37.28 37.76
C VAL B 191 29.80 35.92 37.97
N ASN B 192 30.12 35.23 39.06
CA ASN B 192 29.64 33.87 39.26
C ASN B 192 28.11 33.79 39.20
N ASP B 193 27.40 34.77 39.75
CA ASP B 193 25.97 34.65 39.98
C ASP B 193 25.09 35.16 38.85
N SER B 194 25.66 35.48 37.69
CA SER B 194 24.85 35.51 36.48
C SER B 194 24.23 34.12 36.27
N VAL B 195 22.97 34.07 35.85
CA VAL B 195 22.39 32.77 35.56
C VAL B 195 23.14 32.11 34.41
N THR B 196 23.52 32.90 33.40
CA THR B 196 24.35 32.38 32.31
C THR B 196 25.76 32.06 32.77
N LYS B 197 26.06 32.15 34.06
CA LYS B 197 27.31 31.62 34.60
C LYS B 197 27.02 30.50 35.59
N SER B 198 26.47 30.81 36.77
CA SER B 198 26.28 29.81 37.81
C SER B 198 25.47 28.63 37.30
N LYS B 199 24.33 28.90 36.67
CA LYS B 199 23.43 27.85 36.22
C LYS B 199 23.79 27.32 34.84
N ASN B 200 25.01 27.58 34.38
CA ASN B 200 25.51 27.10 33.11
C ASN B 200 26.88 26.49 33.31
N ASP B 201 27.84 27.34 33.70
CA ASP B 201 29.20 26.90 33.98
C ASP B 201 29.24 25.90 35.13
N ASN B 202 28.82 26.31 36.33
CA ASN B 202 29.00 25.47 37.51
C ASN B 202 28.23 24.16 37.40
N LYS B 203 27.09 24.16 36.73
CA LYS B 203 26.26 22.96 36.69
C LYS B 203 26.51 22.16 35.42
N TYR B 204 26.11 22.70 34.27
CA TYR B 204 26.26 21.97 33.02
C TYR B 204 27.72 21.73 32.68
N GLY B 205 28.61 22.64 33.09
CA GLY B 205 30.02 22.46 32.80
C GLY B 205 30.59 21.23 33.47
N CYS B 206 30.29 21.06 34.76
CA CYS B 206 30.74 19.87 35.47
C CYS B 206 30.04 18.61 34.97
N ARG B 207 28.79 18.74 34.53
CA ARG B 207 28.11 17.61 33.91
C ARG B 207 28.91 17.09 32.72
N HIS B 208 29.47 18.00 31.93
CA HIS B 208 30.27 17.60 30.77
C HIS B 208 31.63 17.05 31.19
N SER B 209 32.28 17.72 32.14
CA SER B 209 33.71 17.53 32.30
C SER B 209 34.12 16.63 33.46
N LEU B 210 33.21 16.28 34.38
CA LEU B 210 33.61 15.39 35.47
C LEU B 210 33.87 13.97 34.96
N ASN B 211 32.88 13.34 34.33
CA ASN B 211 33.09 12.00 33.82
CA ASN B 211 33.08 12.00 33.80
C ASN B 211 34.16 12.00 32.73
N ASP B 212 34.26 13.08 31.96
CA ASP B 212 35.35 13.25 31.01
C ASP B 212 36.71 13.09 31.69
N ALA B 213 36.91 13.77 32.82
CA ALA B 213 38.20 13.68 33.50
C ALA B 213 38.40 12.32 34.13
N ILE B 214 37.33 11.72 34.67
CA ILE B 214 37.52 10.41 35.30
C ILE B 214 37.90 9.38 34.25
N LYS B 215 37.25 9.42 33.08
CA LYS B 215 37.58 8.50 32.00
C LYS B 215 39.03 8.67 31.54
N ARG B 216 39.47 9.90 31.34
CA ARG B 216 40.84 10.08 30.86
C ARG B 216 41.86 9.64 31.88
N GLY B 217 41.55 9.82 33.16
CA GLY B 217 42.51 9.47 34.19
C GLY B 217 42.60 7.98 34.47
N THR B 218 41.45 7.30 34.47
CA THR B 218 41.37 5.90 34.89
C THR B 218 40.84 4.96 33.81
N ASP B 219 40.09 5.46 32.83
CA ASP B 219 39.39 4.62 31.85
C ASP B 219 38.51 3.59 32.54
N HIS B 220 38.05 3.91 33.75
CA HIS B 220 37.15 3.02 34.48
C HIS B 220 35.75 3.08 33.88
N LEU B 221 35.16 1.90 33.68
CA LEU B 221 33.71 1.84 33.53
C LEU B 221 33.05 2.50 34.73
N LEU B 222 32.07 3.36 34.49
CA LEU B 222 31.29 3.94 35.56
C LEU B 222 29.94 3.27 35.75
N SER B 223 29.31 2.82 34.66
CA SER B 223 28.01 2.17 34.76
C SER B 223 28.05 1.05 35.79
N GLY B 224 27.00 0.97 36.61
CA GLY B 224 26.85 -0.08 37.58
C GLY B 224 27.59 0.10 38.89
N LYS B 225 28.46 1.11 39.00
CA LYS B 225 29.26 1.34 40.20
C LYS B 225 28.61 2.39 41.09
N GLN B 226 29.09 2.45 42.34
CA GLN B 226 28.51 3.30 43.38
CA GLN B 226 28.50 3.30 43.36
C GLN B 226 29.35 4.55 43.55
N ALA B 227 28.70 5.71 43.51
CA ALA B 227 29.38 6.98 43.70
C ALA B 227 28.76 7.70 44.88
N LEU B 228 29.59 8.46 45.58
CA LEU B 228 29.13 9.38 46.61
C LEU B 228 29.58 10.78 46.23
N VAL B 229 28.61 11.66 45.99
CA VAL B 229 28.88 13.06 45.69
C VAL B 229 28.63 13.87 46.95
N ILE B 230 29.66 14.56 47.43
CA ILE B 230 29.57 15.38 48.62
C ILE B 230 29.19 16.79 48.19
N GLY B 231 27.98 17.21 48.50
CA GLY B 231 27.52 18.50 48.06
C GLY B 231 26.55 18.39 46.91
N TYR B 232 25.57 19.31 46.89
CA TYR B 232 24.55 19.34 45.83
C TYR B 232 24.14 20.78 45.57
N GLY B 233 25.12 21.68 45.50
CA GLY B 233 24.92 23.00 44.94
C GLY B 233 24.96 22.91 43.43
N ASP B 234 25.37 24.01 42.78
CA ASP B 234 25.44 23.98 41.32
C ASP B 234 26.46 22.96 40.84
N VAL B 235 27.62 22.89 41.49
CA VAL B 235 28.65 21.94 41.08
C VAL B 235 28.20 20.53 41.43
N GLY B 236 27.75 20.33 42.67
CA GLY B 236 27.26 19.01 43.05
C GLY B 236 26.12 18.53 42.17
N LYS B 237 25.23 19.46 41.76
CA LYS B 237 24.12 19.06 40.91
C LYS B 237 24.62 18.55 39.56
N GLY B 238 25.56 19.27 38.94
CA GLY B 238 26.07 18.86 37.64
C GLY B 238 26.94 17.61 37.75
N SER B 239 27.81 17.56 38.75
CA SER B 239 28.62 16.38 39.01
C SER B 239 27.76 15.14 39.17
N SER B 240 26.76 15.22 40.05
CA SER B 240 25.84 14.09 40.24
C SER B 240 25.25 13.64 38.92
N GLN B 241 24.86 14.60 38.07
CA GLN B 241 24.27 14.25 36.78
C GLN B 241 25.33 13.67 35.85
N SER B 242 26.56 14.15 35.94
CA SER B 242 27.64 13.61 35.12
C SER B 242 27.79 12.10 35.32
N LEU B 243 27.66 11.65 36.56
CA LEU B 243 27.86 10.25 36.90
C LEU B 243 26.59 9.43 36.67
N ARG B 244 25.43 9.96 37.06
CA ARG B 244 24.18 9.22 36.92
C ARG B 244 23.87 8.94 35.46
N GLN B 245 24.17 9.88 34.57
CA GLN B 245 23.90 9.68 33.14
C GLN B 245 24.81 8.61 32.53
N GLU B 246 25.95 8.33 33.16
CA GLU B 246 26.80 7.20 32.79
C GLU B 246 26.31 5.88 33.36
N GLY B 247 25.31 5.91 34.23
CA GLY B 247 24.80 4.71 34.84
C GLY B 247 25.33 4.42 36.23
N MET B 248 25.99 5.37 36.87
CA MET B 248 26.36 5.16 38.27
C MET B 248 25.14 5.18 39.16
N ILE B 249 25.21 4.41 40.25
CA ILE B 249 24.28 4.53 41.36
C ILE B 249 24.85 5.62 42.27
N VAL B 250 24.22 6.79 42.26
CA VAL B 250 24.78 7.98 42.91
C VAL B 250 24.05 8.25 44.21
N LYS B 251 24.82 8.37 45.29
CA LYS B 251 24.35 8.90 46.57
C LYS B 251 24.90 10.30 46.77
N VAL B 252 24.14 11.14 47.47
CA VAL B 252 24.45 12.56 47.63
C VAL B 252 24.46 12.91 49.13
N ALA B 253 25.49 13.60 49.57
CA ALA B 253 25.54 14.15 50.91
C ALA B 253 25.34 15.67 50.85
N GLU B 254 24.74 16.22 51.89
CA GLU B 254 24.52 17.67 51.97
C GLU B 254 24.37 18.11 53.42
N VAL B 255 24.78 19.35 53.70
CA VAL B 255 24.45 20.01 54.94
C VAL B 255 23.21 20.90 54.81
N ASP B 256 22.85 21.27 53.59
CA ASP B 256 21.72 22.16 53.35
C ASP B 256 20.48 21.32 53.08
N PRO B 257 19.43 21.42 53.90
CA PRO B 257 18.26 20.57 53.69
C PRO B 257 17.52 20.89 52.41
N ILE B 258 17.54 22.14 51.97
CA ILE B 258 16.89 22.48 50.71
C ILE B 258 17.61 21.81 49.54
N CYS B 259 18.94 21.86 49.54
CA CYS B 259 19.69 21.17 48.49
C CYS B 259 19.50 19.67 48.59
N ALA B 260 19.41 19.13 49.81
CA ALA B 260 19.16 17.71 49.99
C ALA B 260 17.77 17.33 49.48
N MET B 261 16.79 18.22 49.65
N MET B 261 16.79 18.22 49.65
CA MET B 261 15.45 17.98 49.11
CA MET B 261 15.46 17.95 49.11
C MET B 261 15.49 17.85 47.60
C MET B 261 15.49 17.84 47.58
N GLN B 262 16.28 18.70 46.94
CA GLN B 262 16.39 18.62 45.49
C GLN B 262 17.01 17.30 45.06
N ALA B 263 18.05 16.85 45.78
CA ALA B 263 18.66 15.56 45.43
C ALA B 263 17.63 14.45 45.52
N CYS B 264 16.82 14.44 46.57
CA CYS B 264 15.76 13.44 46.69
C CYS B 264 14.84 13.48 45.48
N MET B 265 14.29 14.65 45.17
CA MET B 265 13.35 14.77 44.08
C MET B 265 13.99 14.45 42.73
N ASP B 266 15.28 14.68 42.60
CA ASP B 266 16.01 14.37 41.38
C ASP B 266 16.31 12.89 41.25
N GLY B 267 15.94 12.08 42.23
CA GLY B 267 16.12 10.64 42.16
C GLY B 267 17.36 10.10 42.84
N PHE B 268 17.95 10.83 43.78
CA PHE B 268 19.14 10.36 44.47
C PHE B 268 18.82 10.03 45.92
N GLU B 269 19.53 9.03 46.43
CA GLU B 269 19.49 8.69 47.84
C GLU B 269 20.42 9.63 48.60
N VAL B 270 19.89 10.30 49.63
CA VAL B 270 20.67 11.27 50.39
C VAL B 270 21.20 10.58 51.65
N VAL B 271 22.53 10.61 51.81
CA VAL B 271 23.23 9.87 52.84
C VAL B 271 24.27 10.76 53.47
N SER B 272 24.75 10.35 54.64
CA SER B 272 25.82 11.06 55.27
C SER B 272 27.01 10.13 55.49
N PRO B 273 28.23 10.64 55.36
CA PRO B 273 29.39 9.80 55.73
C PRO B 273 29.39 9.41 57.20
N TYR B 274 28.69 10.17 58.05
CA TYR B 274 28.71 9.97 59.49
C TYR B 274 27.36 9.43 59.95
N LYS B 275 27.40 8.58 60.99
CA LYS B 275 26.18 7.99 61.53
C LYS B 275 25.23 9.07 62.06
N ASN B 276 24.01 9.05 61.56
CA ASN B 276 23.00 10.06 61.87
C ASN B 276 23.45 11.47 61.48
N GLY B 277 24.42 11.56 60.57
CA GLY B 277 24.89 12.85 60.09
C GLY B 277 25.79 13.62 61.03
N ILE B 278 26.10 13.08 62.21
CA ILE B 278 26.86 13.82 63.21
C ILE B 278 28.35 13.48 63.07
N ASN B 279 29.15 14.48 62.72
CA ASN B 279 30.60 14.32 62.59
C ASN B 279 31.24 14.72 63.91
N ASP B 280 31.66 13.74 64.71
CA ASP B 280 32.35 14.02 65.97
C ASP B 280 33.85 13.83 65.86
N GLY B 281 34.37 13.60 64.66
CA GLY B 281 35.80 13.49 64.44
C GLY B 281 36.40 12.11 64.69
N THR B 282 35.59 11.11 65.05
CA THR B 282 36.10 9.80 65.41
C THR B 282 35.77 8.77 64.33
N GLU B 283 36.62 7.73 64.25
CA GLU B 283 36.33 6.62 63.34
C GLU B 283 34.97 6.01 63.64
N ALA B 284 34.54 6.05 64.90
CA ALA B 284 33.27 5.45 65.28
C ALA B 284 32.10 6.16 64.63
N SER B 285 32.26 7.45 64.32
CA SER B 285 31.17 8.18 63.67
C SER B 285 31.01 7.79 62.21
N ILE B 286 32.01 7.15 61.60
CA ILE B 286 31.96 6.83 60.18
C ILE B 286 30.99 5.69 59.92
N ASP B 287 30.12 5.88 58.93
CA ASP B 287 29.26 4.79 58.43
C ASP B 287 30.13 3.88 57.56
N ALA B 288 30.85 2.98 58.22
CA ALA B 288 31.83 2.15 57.51
C ALA B 288 31.15 1.24 56.50
N ALA B 289 29.90 0.85 56.74
CA ALA B 289 29.20 0.00 55.77
C ALA B 289 28.87 0.79 54.51
N LEU B 290 28.46 2.06 54.65
CA LEU B 290 28.24 2.89 53.47
C LEU B 290 29.54 3.14 52.72
N LEU B 291 30.57 3.61 53.43
CA LEU B 291 31.83 3.96 52.76
C LEU B 291 32.47 2.72 52.12
N GLY B 292 32.29 1.55 52.72
CA GLY B 292 32.87 0.34 52.17
C GLY B 292 32.27 -0.12 50.86
N LYS B 293 31.21 0.54 50.39
CA LYS B 293 30.58 0.21 49.13
C LYS B 293 30.86 1.22 48.03
N ILE B 294 31.58 2.30 48.33
CA ILE B 294 31.70 3.43 47.42
C ILE B 294 32.90 3.21 46.50
N ASP B 295 32.65 3.17 45.17
CA ASP B 295 33.72 3.06 44.19
C ASP B 295 34.30 4.42 43.79
N LEU B 296 33.62 5.51 44.11
CA LEU B 296 34.03 6.83 43.65
C LEU B 296 33.43 7.88 44.55
N ILE B 297 34.25 8.81 45.04
CA ILE B 297 33.78 9.94 45.82
C ILE B 297 34.25 11.22 45.15
N VAL B 298 33.34 12.20 45.06
CA VAL B 298 33.63 13.48 44.44
C VAL B 298 33.18 14.59 45.38
N THR B 299 34.08 15.52 45.69
CA THR B 299 33.76 16.64 46.57
C THR B 299 33.41 17.87 45.75
N THR B 300 32.31 18.55 46.14
CA THR B 300 31.81 19.68 45.35
C THR B 300 31.42 20.89 46.19
N THR B 301 32.00 21.07 47.38
CA THR B 301 31.40 21.93 48.40
C THR B 301 31.96 23.35 48.42
N GLY B 302 33.22 23.54 48.08
CA GLY B 302 33.90 24.76 48.47
C GLY B 302 34.21 24.86 49.94
N ASN B 303 34.00 23.78 50.69
CA ASN B 303 34.23 23.77 52.13
C ASN B 303 35.56 23.06 52.40
N VAL B 304 35.88 22.86 53.68
CA VAL B 304 37.17 22.33 54.09
C VAL B 304 36.97 20.92 54.64
N ASN B 305 37.80 19.98 54.18
CA ASN B 305 37.89 18.65 54.77
C ASN B 305 36.54 17.93 54.78
N VAL B 306 35.90 17.89 53.60
CA VAL B 306 34.63 17.18 53.51
C VAL B 306 34.81 15.73 53.06
N CYS B 307 36.01 15.35 52.66
CA CYS B 307 36.41 13.95 52.52
C CYS B 307 37.61 13.80 53.45
N ASP B 308 37.37 13.40 54.69
CA ASP B 308 38.38 13.51 55.71
C ASP B 308 39.16 12.20 55.86
N ALA B 309 40.10 12.19 56.82
CA ALA B 309 40.98 11.04 56.99
C ALA B 309 40.19 9.80 57.36
N ASN B 310 39.21 9.93 58.25
CA ASN B 310 38.43 8.75 58.65
C ASN B 310 37.62 8.21 57.49
N MET B 311 37.08 9.09 56.64
CA MET B 311 36.38 8.62 55.45
C MET B 311 37.33 7.90 54.52
N LEU B 312 38.54 8.42 54.37
CA LEU B 312 39.51 7.81 53.47
C LEU B 312 39.95 6.43 53.97
N LYS B 313 40.07 6.26 55.29
CA LYS B 313 40.42 4.94 55.81
C LYS B 313 39.33 3.92 55.54
N ALA B 314 38.08 4.37 55.47
CA ALA B 314 36.95 3.46 55.39
C ALA B 314 36.50 3.17 53.96
N LEU B 315 36.99 3.90 52.96
CA LEU B 315 36.55 3.70 51.59
C LEU B 315 36.86 2.28 51.12
N LYS B 316 35.95 1.73 50.32
CA LYS B 316 36.19 0.48 49.62
C LYS B 316 37.53 0.50 48.93
N LYS B 317 38.23 -0.63 48.99
CA LYS B 317 39.51 -0.76 48.30
C LYS B 317 39.36 -0.37 46.83
N ARG B 318 40.35 0.34 46.31
CA ARG B 318 40.46 0.76 44.92
C ARG B 318 39.41 1.79 44.51
N ALA B 319 38.75 2.44 45.47
CA ALA B 319 37.89 3.56 45.13
C ALA B 319 38.70 4.70 44.52
N VAL B 320 38.04 5.48 43.67
CA VAL B 320 38.60 6.72 43.14
C VAL B 320 38.19 7.89 44.03
N VAL B 321 39.14 8.79 44.31
CA VAL B 321 38.90 9.98 45.12
C VAL B 321 39.25 11.19 44.28
N CYS B 322 38.33 12.16 44.17
CA CYS B 322 38.65 13.36 43.42
C CYS B 322 37.82 14.55 43.90
N ASN B 323 38.32 15.74 43.57
CA ASN B 323 37.73 17.00 43.98
C ASN B 323 37.50 17.85 42.74
N ILE B 324 36.33 18.48 42.67
CA ILE B 324 35.99 19.41 41.61
C ILE B 324 35.61 20.78 42.17
N GLY B 325 35.73 20.96 43.49
CA GLY B 325 35.73 22.30 44.06
C GLY B 325 37.01 23.04 43.75
N HIS B 326 37.04 24.31 44.14
CA HIS B 326 38.10 25.18 43.65
C HIS B 326 39.45 24.86 44.30
N PHE B 327 39.44 24.47 45.58
CA PHE B 327 40.66 24.25 46.35
C PHE B 327 40.75 22.79 46.75
N ASP B 328 41.98 22.30 46.91
CA ASP B 328 42.19 20.88 47.20
C ASP B 328 41.97 20.51 48.66
N ASN B 329 41.78 21.48 49.54
CA ASN B 329 41.61 21.15 50.94
C ASN B 329 40.25 20.53 51.23
N GLU B 330 39.39 20.33 50.23
CA GLU B 330 38.18 19.54 50.45
C GLU B 330 38.52 18.11 50.87
N ILE B 331 39.68 17.61 50.43
CA ILE B 331 40.12 16.25 50.69
C ILE B 331 41.36 16.35 51.57
N ASP B 332 41.37 15.58 52.66
CA ASP B 332 42.56 15.57 53.52
C ASP B 332 43.68 14.83 52.81
N THR B 333 44.30 15.47 51.82
CA THR B 333 45.46 14.89 51.18
C THR B 333 46.70 14.97 52.08
N ALA B 334 46.72 15.94 52.99
CA ALA B 334 47.82 16.01 53.95
C ALA B 334 47.98 14.69 54.68
N PHE B 335 46.86 14.14 55.18
CA PHE B 335 46.91 12.88 55.90
C PHE B 335 47.44 11.75 55.01
N MET B 336 47.08 11.79 53.72
CA MET B 336 47.52 10.73 52.82
C MET B 336 49.00 10.86 52.48
N ARG B 337 49.52 12.09 52.39
CA ARG B 337 50.96 12.26 52.15
C ARG B 337 51.78 11.79 53.35
N LYS B 338 51.22 11.88 54.55
CA LYS B 338 51.97 11.54 55.75
C LYS B 338 52.05 10.05 55.98
N ASN B 339 50.96 9.32 55.72
CA ASN B 339 50.82 7.96 56.18
C ASN B 339 50.83 6.91 55.08
N TRP B 340 50.55 7.28 53.84
CA TRP B 340 50.34 6.32 52.78
C TRP B 340 51.29 6.57 51.62
N ALA B 341 51.76 5.48 51.00
CA ALA B 341 52.72 5.58 49.91
C ALA B 341 52.00 5.93 48.61
N TRP B 342 52.57 6.88 47.87
CA TRP B 342 52.01 7.33 46.61
C TRP B 342 52.77 6.72 45.46
N GLU B 343 52.05 6.07 44.54
CA GLU B 343 52.61 5.50 43.32
C GLU B 343 52.02 6.24 42.13
N GLU B 344 52.86 6.94 41.38
CA GLU B 344 52.36 7.65 40.20
C GLU B 344 52.04 6.65 39.09
N VAL B 345 50.77 6.60 38.68
CA VAL B 345 50.40 5.83 37.49
C VAL B 345 50.84 6.56 36.23
N LYS B 346 50.45 7.82 36.14
CA LYS B 346 50.85 8.76 35.10
C LYS B 346 50.58 10.15 35.66
N PRO B 347 51.00 11.21 34.95
CA PRO B 347 50.72 12.57 35.48
C PRO B 347 49.28 12.74 35.93
N GLN B 348 49.11 13.24 37.15
CA GLN B 348 47.82 13.54 37.76
C GLN B 348 47.01 12.31 38.07
N VAL B 349 47.63 11.13 38.18
CA VAL B 349 46.96 9.91 38.58
C VAL B 349 47.90 9.16 39.53
N HIS B 350 47.51 9.04 40.79
CA HIS B 350 48.34 8.40 41.81
C HIS B 350 47.54 7.32 42.52
N LYS B 351 48.15 6.15 42.69
CA LYS B 351 47.64 5.13 43.60
C LYS B 351 48.16 5.42 45.00
N ILE B 352 47.26 5.47 45.98
CA ILE B 352 47.63 5.77 47.35
C ILE B 352 47.53 4.46 48.13
N HIS B 353 48.68 3.92 48.54
CA HIS B 353 48.74 2.60 49.16
C HIS B 353 48.49 2.73 50.64
N ARG B 354 47.36 2.20 51.10
CA ARG B 354 46.94 2.30 52.49
C ARG B 354 47.64 1.30 53.40
N THR B 355 48.64 0.58 52.89
CA THR B 355 49.40 -0.35 53.70
C THR B 355 50.51 0.33 54.49
N GLY B 356 50.85 1.56 54.16
CA GLY B 356 51.86 2.29 54.90
C GLY B 356 52.66 3.20 54.00
N LYS B 357 53.71 3.78 54.57
CA LYS B 357 54.65 4.61 53.83
C LYS B 357 55.95 3.90 53.53
N ASP B 358 56.23 2.77 54.18
CA ASP B 358 57.48 2.05 53.99
C ASP B 358 57.39 1.23 52.70
N GLY B 359 57.53 1.93 51.58
CA GLY B 359 57.42 1.30 50.28
C GLY B 359 56.01 0.80 50.01
N PHE B 360 55.88 0.06 48.92
CA PHE B 360 54.60 -0.56 48.58
C PHE B 360 54.85 -1.77 47.71
N ASP B 361 53.97 -2.76 47.86
CA ASP B 361 53.94 -3.90 46.94
C ASP B 361 53.26 -3.45 45.65
N ALA B 362 53.97 -3.59 44.52
CA ALA B 362 53.42 -3.17 43.24
C ALA B 362 52.11 -3.87 42.90
N HIS B 363 51.82 -4.99 43.55
CA HIS B 363 50.57 -5.71 43.37
C HIS B 363 49.66 -5.60 44.60
N ASN B 364 49.95 -4.69 45.53
CA ASN B 364 49.04 -4.41 46.62
C ASN B 364 47.64 -4.11 46.09
N ASP B 365 46.64 -4.72 46.69
CA ASP B 365 45.26 -4.47 46.30
C ASP B 365 44.60 -3.37 47.12
N ASP B 366 45.21 -2.94 48.21
CA ASP B 366 44.58 -1.99 49.13
C ASP B 366 45.15 -0.61 48.86
N TYR B 367 44.60 0.03 47.83
CA TYR B 367 44.97 1.38 47.46
C TYR B 367 43.73 2.16 47.06
N LEU B 368 43.90 3.47 47.00
CA LEU B 368 42.92 4.38 46.43
C LEU B 368 43.57 5.05 45.23
N ILE B 369 42.77 5.48 44.26
CA ILE B 369 43.27 6.27 43.15
C ILE B 369 42.83 7.71 43.39
N LEU B 370 43.81 8.61 43.48
CA LEU B 370 43.57 10.04 43.61
C LEU B 370 43.89 10.72 42.30
N LEU B 371 42.99 11.56 41.82
CA LEU B 371 43.16 12.31 40.58
C LEU B 371 43.60 13.73 40.89
N ALA B 372 44.58 14.21 40.11
CA ALA B 372 45.07 15.59 40.14
C ALA B 372 45.52 16.02 41.53
N GLU B 373 45.88 15.06 42.37
CA GLU B 373 46.34 15.31 43.73
C GLU B 373 45.33 16.10 44.54
N GLY B 374 44.04 15.94 44.20
CA GLY B 374 42.98 16.67 44.87
C GLY B 374 42.63 18.01 44.25
N ARG B 375 43.43 18.51 43.31
CA ARG B 375 43.09 19.73 42.61
C ARG B 375 41.88 19.49 41.71
N LEU B 376 41.23 20.58 41.28
CA LEU B 376 40.00 20.45 40.51
C LEU B 376 40.19 19.50 39.34
N VAL B 377 39.40 18.43 39.34
CA VAL B 377 39.74 17.28 38.52
C VAL B 377 39.37 17.51 37.04
N ASN B 378 38.30 18.25 36.75
CA ASN B 378 37.91 18.44 35.36
C ASN B 378 39.01 19.16 34.59
N LEU B 379 39.65 20.13 35.21
CA LEU B 379 40.76 20.83 34.56
C LEU B 379 42.10 20.12 34.72
N GLY B 380 42.26 19.32 35.77
CA GLY B 380 43.53 18.68 36.02
C GLY B 380 43.75 17.43 35.18
N ASN B 381 42.69 16.64 34.99
CA ASN B 381 42.77 15.39 34.25
C ASN B 381 42.07 15.46 32.91
N ALA B 382 41.50 16.62 32.54
CA ALA B 382 40.96 16.81 31.21
C ALA B 382 41.15 18.26 30.79
N THR B 383 40.13 18.89 30.19
CA THR B 383 40.27 20.25 29.69
C THR B 383 39.23 21.19 30.27
N GLY B 384 38.62 20.82 31.38
CA GLY B 384 37.64 21.69 31.98
C GLY B 384 36.39 21.78 31.14
N HIS B 385 35.69 22.90 31.28
CA HIS B 385 34.41 23.07 30.61
C HIS B 385 34.62 23.26 29.11
N PRO B 386 33.65 22.87 28.29
CA PRO B 386 33.75 23.10 26.85
C PRO B 386 33.54 24.56 26.48
N SER B 387 34.10 24.91 25.32
CA SER B 387 34.03 26.29 24.82
C SER B 387 32.61 26.84 24.84
N ARG B 388 31.63 26.05 24.37
CA ARG B 388 30.28 26.60 24.25
C ARG B 388 29.66 26.87 25.62
N ILE B 389 30.16 26.26 26.68
CA ILE B 389 29.72 26.60 28.03
C ILE B 389 30.51 27.80 28.57
N MET B 390 31.83 27.80 28.39
CA MET B 390 32.62 28.93 28.85
C MET B 390 32.28 30.21 28.09
N ASP B 391 31.63 30.08 26.93
CA ASP B 391 31.15 31.25 26.20
C ASP B 391 30.26 32.10 27.07
N GLY B 392 29.34 31.48 27.83
CA GLY B 392 28.47 32.24 28.70
C GLY B 392 29.25 32.94 29.80
N SER B 393 30.10 32.20 30.50
CA SER B 393 30.88 32.78 31.59
C SER B 393 31.70 33.96 31.12
N PHE B 394 32.43 33.79 30.02
CA PHE B 394 33.40 34.78 29.62
C PHE B 394 32.79 35.97 28.90
N ALA B 395 31.56 35.82 28.38
CA ALA B 395 30.83 37.00 27.95
C ALA B 395 30.45 37.86 29.15
N ASN B 396 30.06 37.22 30.25
CA ASN B 396 29.82 37.96 31.49
C ASN B 396 31.08 38.66 31.97
N GLN B 397 32.24 38.01 31.81
CA GLN B 397 33.49 38.60 32.28
C GLN B 397 33.86 39.85 31.48
N VAL B 398 33.68 39.81 30.16
CA VAL B 398 34.00 40.97 29.33
C VAL B 398 33.06 42.12 29.64
N LEU B 399 31.77 41.82 29.76
CA LEU B 399 30.79 42.85 30.10
C LEU B 399 31.08 43.45 31.48
N ALA B 400 31.45 42.61 32.45
CA ALA B 400 31.80 43.11 33.77
C ALA B 400 33.05 43.99 33.71
N GLN B 401 34.05 43.58 32.93
CA GLN B 401 35.24 44.40 32.75
C GLN B 401 34.87 45.78 32.19
N ILE B 402 34.02 45.81 31.16
CA ILE B 402 33.62 47.09 30.59
C ILE B 402 32.83 47.92 31.60
N HIS B 403 31.91 47.29 32.34
CA HIS B 403 31.09 48.00 33.31
C HIS B 403 31.94 48.67 34.39
N LEU B 404 32.89 47.94 34.96
CA LEU B 404 33.71 48.53 36.01
C LEU B 404 34.74 49.50 35.44
N PHE B 405 35.28 49.21 34.25
CA PHE B 405 36.28 50.11 33.69
C PHE B 405 35.67 51.44 33.29
N GLU B 406 34.48 51.43 32.69
CA GLU B 406 33.88 52.69 32.27
C GLU B 406 33.41 53.51 33.47
N GLN B 407 33.31 52.92 34.66
CA GLN B 407 32.93 53.66 35.86
C GLN B 407 34.11 54.43 36.45
N LYS B 408 35.32 53.92 36.29
CA LYS B 408 36.55 54.60 36.72
C LYS B 408 36.51 54.95 38.20
N TYR B 409 36.40 53.91 39.03
CA TYR B 409 36.32 54.13 40.48
C TYR B 409 37.58 54.80 41.02
N ALA B 410 38.76 54.43 40.50
CA ALA B 410 39.99 54.96 41.05
C ALA B 410 40.15 56.47 40.81
N ASP B 411 39.45 57.01 39.82
CA ASP B 411 39.50 58.44 39.55
C ASP B 411 38.38 59.22 40.24
N LEU B 412 37.50 58.54 40.97
CA LEU B 412 36.36 59.23 41.58
C LEU B 412 36.81 60.06 42.78
N PRO B 413 36.18 61.20 43.02
CA PRO B 413 36.39 61.90 44.29
C PRO B 413 36.01 61.00 45.45
N ALA B 414 36.72 61.17 46.57
CA ALA B 414 36.53 60.29 47.71
C ALA B 414 35.08 60.26 48.17
N ALA B 415 34.40 61.42 48.16
CA ALA B 415 33.02 61.53 48.64
C ALA B 415 32.01 60.88 47.70
N GLU B 416 32.45 60.28 46.59
CA GLU B 416 31.58 59.54 45.69
C GLU B 416 31.90 58.06 45.64
N LYS B 417 32.97 57.62 46.31
CA LYS B 417 33.39 56.22 46.23
C LYS B 417 32.53 55.29 47.06
N ALA B 418 32.03 55.76 48.20
CA ALA B 418 31.31 54.88 49.12
C ALA B 418 30.05 54.32 48.47
N LYS B 419 29.34 55.14 47.69
CA LYS B 419 28.16 54.66 46.97
C LYS B 419 28.50 53.51 46.03
N ARG B 420 29.73 53.50 45.49
CA ARG B 420 30.12 52.54 44.48
C ARG B 420 30.94 51.38 45.00
N LEU B 421 31.38 51.41 46.26
CA LEU B 421 32.24 50.37 46.81
C LEU B 421 31.37 49.20 47.24
N SER B 422 31.18 48.25 46.34
CA SER B 422 30.26 47.15 46.57
C SER B 422 30.69 45.94 45.76
N VAL B 423 29.98 44.83 46.00
CA VAL B 423 30.11 43.61 45.24
C VAL B 423 28.73 43.34 44.65
N GLU B 424 28.59 43.51 43.34
CA GLU B 424 27.29 43.35 42.70
C GLU B 424 27.36 42.39 41.52
N VAL B 425 26.19 41.90 41.13
CA VAL B 425 26.02 41.08 39.95
C VAL B 425 25.66 41.99 38.78
N LEU B 426 25.80 41.46 37.57
CA LEU B 426 25.37 42.19 36.39
C LEU B 426 23.85 42.29 36.35
N PRO B 427 23.31 43.35 35.76
CA PRO B 427 21.85 43.44 35.62
C PRO B 427 21.30 42.32 34.77
N LYS B 428 20.07 41.91 35.08
CA LYS B 428 19.45 40.79 34.38
C LYS B 428 19.39 41.01 32.88
N LYS B 429 19.29 42.27 32.44
CA LYS B 429 19.27 42.56 31.01
C LYS B 429 20.54 42.05 30.33
N LEU B 430 21.69 42.21 30.97
CA LEU B 430 22.91 41.65 30.40
C LEU B 430 22.88 40.14 30.42
N ASP B 431 22.44 39.56 31.54
CA ASP B 431 22.28 38.12 31.66
C ASP B 431 21.45 37.57 30.51
N GLU B 432 20.32 38.22 30.22
CA GLU B 432 19.46 37.78 29.13
C GLU B 432 20.13 37.95 27.78
N GLU B 433 20.89 39.03 27.61
CA GLU B 433 21.57 39.25 26.34
CA GLU B 433 21.60 39.26 26.35
C GLU B 433 22.60 38.15 26.06
N VAL B 434 23.34 37.72 27.10
CA VAL B 434 24.27 36.62 26.91
C VAL B 434 23.51 35.33 26.57
N ALA B 435 22.40 35.09 27.26
CA ALA B 435 21.64 33.85 27.07
C ALA B 435 21.09 33.74 25.65
N LEU B 436 20.60 34.85 25.09
CA LEU B 436 20.05 34.80 23.74
C LEU B 436 21.11 34.38 22.74
N GLU B 437 22.32 34.92 22.87
CA GLU B 437 23.39 34.55 21.95
C GLU B 437 23.76 33.08 22.09
N MET B 438 23.74 32.55 23.31
CA MET B 438 23.96 31.12 23.49
C MET B 438 22.86 30.33 22.81
N VAL B 439 21.60 30.69 23.05
CA VAL B 439 20.47 30.00 22.44
C VAL B 439 20.58 30.00 20.92
N LYS B 440 20.96 31.14 20.35
CA LYS B 440 21.14 31.22 18.90
C LYS B 440 22.28 30.31 18.44
N GLY B 441 23.30 30.11 19.30
CA GLY B 441 24.36 29.20 18.97
C GLY B 441 23.87 27.79 18.72
N PHE B 442 22.83 27.38 19.44
CA PHE B 442 22.20 26.07 19.27
C PHE B 442 21.17 26.04 18.16
N GLY B 443 20.97 27.14 17.44
CA GLY B 443 19.87 27.20 16.50
C GLY B 443 18.51 27.40 17.12
N GLY B 444 18.43 27.69 18.42
CA GLY B 444 17.13 27.92 19.04
C GLY B 444 16.48 29.20 18.54
N VAL B 445 15.17 29.23 18.60
CA VAL B 445 14.37 30.37 18.16
C VAL B 445 13.53 30.85 19.34
N VAL B 446 13.83 32.05 19.84
CA VAL B 446 13.09 32.62 20.96
C VAL B 446 11.85 33.32 20.45
N THR B 447 10.71 33.06 21.10
CA THR B 447 9.45 33.68 20.72
C THR B 447 9.41 35.10 21.27
N GLN B 448 8.91 36.02 20.45
CA GLN B 448 8.75 37.41 20.83
C GLN B 448 7.33 37.62 21.32
N LEU B 449 7.18 38.24 22.48
CA LEU B 449 5.86 38.52 23.02
C LEU B 449 5.12 39.52 22.13
N THR B 450 3.81 39.34 22.03
CA THR B 450 2.97 40.41 21.50
C THR B 450 2.83 41.50 22.56
N PRO B 451 2.40 42.71 22.18
CA PRO B 451 2.19 43.75 23.20
C PRO B 451 1.18 43.36 24.27
N LYS B 452 0.08 42.71 23.89
CA LYS B 452 -0.93 42.30 24.86
C LYS B 452 -0.36 41.28 25.83
N GLN B 453 0.40 40.29 25.34
CA GLN B 453 1.02 39.31 26.22
C GLN B 453 2.00 39.97 27.19
N ALA B 454 2.82 40.90 26.69
CA ALA B 454 3.73 41.62 27.57
C ALA B 454 2.96 42.41 28.63
N GLU B 455 1.86 43.02 28.22
CA GLU B 455 1.01 43.74 29.17
C GLU B 455 0.41 42.76 30.17
N TYR B 456 -0.02 41.59 29.70
CA TYR B 456 -0.73 40.64 30.55
C TYR B 456 0.15 40.16 31.70
N ILE B 457 1.42 39.89 31.42
CA ILE B 457 2.35 39.45 32.45
C ILE B 457 3.24 40.56 32.97
N GLY B 458 3.01 41.80 32.53
CA GLY B 458 3.65 42.95 33.15
C GLY B 458 5.14 43.09 32.91
N VAL B 459 5.60 42.85 31.68
CA VAL B 459 7.00 43.01 31.32
C VAL B 459 7.05 43.75 29.98
N SER B 460 8.21 44.32 29.69
CA SER B 460 8.46 44.88 28.37
C SER B 460 8.74 43.77 27.37
N VAL B 461 8.42 44.02 26.11
CA VAL B 461 8.73 43.02 25.07
C VAL B 461 10.23 42.83 24.96
N GLU B 462 11.02 43.82 25.39
CA GLU B 462 12.47 43.73 25.38
C GLU B 462 13.05 43.07 26.61
N GLY B 463 12.23 42.77 27.60
CA GLY B 463 12.74 42.28 28.87
C GLY B 463 13.19 43.43 29.76
N PRO B 464 13.70 43.10 30.97
CA PRO B 464 13.92 41.75 31.49
C PRO B 464 12.59 41.03 31.75
N PHE B 465 12.61 39.71 31.67
CA PHE B 465 11.38 38.92 31.66
C PHE B 465 10.99 38.38 33.02
N LYS B 466 11.87 38.49 34.01
CA LYS B 466 11.67 37.95 35.35
C LYS B 466 12.06 39.00 36.37
N PRO B 467 11.41 39.01 37.54
CA PRO B 467 11.86 39.89 38.62
C PRO B 467 13.23 39.47 39.11
N ASP B 468 13.88 40.36 39.87
CA ASP B 468 15.20 40.00 40.40
C ASP B 468 15.14 38.87 41.42
N THR B 469 13.95 38.60 41.97
CA THR B 469 13.79 37.50 42.91
C THR B 469 13.80 36.13 42.24
N TYR B 470 13.62 36.06 40.92
CA TYR B 470 13.42 34.78 40.24
C TYR B 470 14.67 33.92 40.28
N ARG B 471 14.48 32.61 40.52
CA ARG B 471 15.58 31.68 40.73
C ARG B 471 15.87 30.77 39.55
N TYR B 472 14.99 30.71 38.54
CA TYR B 472 15.17 29.83 37.38
C TYR B 472 15.32 28.38 37.82
N ALA C 11 -25.19 15.22 59.80
CA ALA C 11 -26.03 15.22 60.99
C ALA C 11 -26.24 16.64 61.50
N GLY C 12 -27.48 17.14 61.38
CA GLY C 12 -27.81 18.47 61.83
C GLY C 12 -27.12 19.60 61.07
N PHE C 13 -25.89 19.37 60.64
CA PHE C 13 -25.05 20.38 59.99
C PHE C 13 -25.28 20.36 58.48
N THR C 14 -25.65 21.52 57.92
CA THR C 14 -25.96 21.63 56.50
C THR C 14 -25.21 22.77 55.83
N ASP C 15 -24.15 23.29 56.46
CA ASP C 15 -23.43 24.46 55.95
C ASP C 15 -22.28 24.03 55.04
N TYR C 16 -22.66 23.50 53.87
CA TYR C 16 -21.72 23.01 52.87
C TYR C 16 -22.50 22.72 51.59
N LYS C 17 -21.75 22.37 50.54
CA LYS C 17 -22.37 21.76 49.35
C LYS C 17 -21.29 20.97 48.63
N VAL C 18 -21.45 19.65 48.59
CA VAL C 18 -20.52 18.76 47.90
C VAL C 18 -21.33 17.88 46.96
N ALA C 19 -20.60 17.14 46.11
CA ALA C 19 -21.27 16.26 45.16
C ALA C 19 -22.03 15.15 45.86
N ASP C 20 -21.43 14.55 46.89
CA ASP C 20 -21.98 13.34 47.48
C ASP C 20 -21.33 13.15 48.85
N ILE C 21 -22.08 13.48 49.90
CA ILE C 21 -21.55 13.37 51.26
C ILE C 21 -21.28 11.92 51.66
N THR C 22 -21.85 10.96 50.93
CA THR C 22 -21.65 9.56 51.27
C THR C 22 -20.28 9.03 50.85
N LEU C 23 -19.49 9.83 50.15
CA LEU C 23 -18.11 9.50 49.83
C LEU C 23 -17.14 9.84 50.95
N ALA C 24 -17.66 10.21 52.12
CA ALA C 24 -16.82 10.77 53.18
C ALA C 24 -15.89 9.72 53.77
N ALA C 25 -16.40 8.51 54.00
CA ALA C 25 -15.57 7.48 54.60
C ALA C 25 -14.41 7.10 53.69
N TRP C 26 -14.67 7.05 52.37
CA TRP C 26 -13.61 6.83 51.41
C TRP C 26 -12.58 7.96 51.48
N GLY C 27 -13.05 9.20 51.46
CA GLY C 27 -12.14 10.33 51.59
C GLY C 27 -11.34 10.27 52.87
N ARG C 28 -11.99 9.90 53.98
CA ARG C 28 -11.30 9.74 55.25
C ARG C 28 -10.21 8.67 55.17
N ARG C 29 -10.47 7.55 54.48
CA ARG C 29 -9.43 6.54 54.30
C ARG C 29 -8.23 7.12 53.55
N GLU C 30 -8.48 7.91 52.51
CA GLU C 30 -7.39 8.52 51.76
C GLU C 30 -6.74 9.68 52.50
N LEU C 31 -7.50 10.34 53.38
CA LEU C 31 -6.87 11.35 54.23
C LEU C 31 -5.84 10.73 55.15
N ILE C 32 -6.17 9.58 55.74
CA ILE C 32 -5.28 8.94 56.69
C ILE C 32 -4.00 8.48 56.00
N ILE C 33 -4.11 8.03 54.76
CA ILE C 33 -2.91 7.67 53.99
C ILE C 33 -2.08 8.90 53.69
N ALA C 34 -2.72 9.98 53.24
CA ALA C 34 -2.01 11.21 52.92
C ALA C 34 -1.21 11.73 54.11
N GLU C 35 -1.79 11.64 55.31
CA GLU C 35 -1.10 12.10 56.51
C GLU C 35 0.25 11.40 56.66
N SER C 36 0.31 10.10 56.36
CA SER C 36 1.58 9.40 56.44
C SER C 36 2.55 9.83 55.34
N GLU C 37 2.05 10.45 54.27
CA GLU C 37 2.89 10.96 53.20
C GLU C 37 3.28 12.43 53.37
N MET C 38 2.81 13.10 54.43
CA MET C 38 3.04 14.53 54.61
C MET C 38 3.69 14.79 55.96
N PRO C 39 4.98 14.45 56.10
CA PRO C 39 5.63 14.60 57.41
C PRO C 39 5.80 16.03 57.87
N ALA C 40 6.09 16.96 56.97
CA ALA C 40 6.28 18.36 57.37
C ALA C 40 4.97 18.97 57.85
N LEU C 41 3.88 18.71 57.13
CA LEU C 41 2.57 19.19 57.55
C LEU C 41 2.16 18.55 58.88
N MET C 42 2.34 17.23 59.01
N MET C 42 2.36 17.24 59.03
CA MET C 42 2.04 16.55 60.26
CA MET C 42 1.99 16.62 60.29
C MET C 42 2.94 17.05 61.38
C MET C 42 2.96 16.99 61.41
N GLY C 43 4.21 17.33 61.07
CA GLY C 43 5.13 17.78 62.09
C GLY C 43 4.75 19.13 62.67
N LEU C 44 4.18 20.01 61.85
CA LEU C 44 3.64 21.25 62.37
C LEU C 44 2.40 21.00 63.21
N ARG C 45 1.57 20.03 62.79
CA ARG C 45 0.39 19.68 63.57
C ARG C 45 0.79 19.29 64.99
N ARG C 46 1.81 18.45 65.13
CA ARG C 46 2.23 18.01 66.46
C ARG C 46 2.94 19.12 67.22
N LYS C 47 3.78 19.90 66.54
CA LYS C 47 4.58 20.90 67.23
C LYS C 47 3.71 21.99 67.85
N TYR C 48 2.71 22.47 67.11
CA TYR C 48 1.92 23.62 67.54
C TYR C 48 0.56 23.24 68.11
N ALA C 49 0.25 21.95 68.23
CA ALA C 49 -1.05 21.55 68.77
C ALA C 49 -1.29 22.11 70.17
N GLY C 50 -0.28 22.03 71.04
CA GLY C 50 -0.45 22.53 72.39
C GLY C 50 -0.59 24.04 72.44
N GLN C 51 0.16 24.74 71.59
CA GLN C 51 0.17 26.20 71.63
C GLN C 51 -1.11 26.80 71.06
N GLN C 52 -1.76 26.12 70.13
CA GLN C 52 -2.96 26.64 69.46
C GLN C 52 -2.70 28.01 68.84
N PRO C 53 -1.72 28.13 67.94
CA PRO C 53 -1.34 29.47 67.45
C PRO C 53 -2.38 30.11 66.55
N LEU C 54 -3.39 29.36 66.10
CA LEU C 54 -4.44 29.91 65.25
C LEU C 54 -5.75 30.03 66.01
N LYS C 55 -5.71 29.97 67.34
CA LYS C 55 -6.87 30.27 68.14
C LYS C 55 -7.37 31.67 67.80
N GLY C 56 -8.58 31.74 67.25
CA GLY C 56 -9.17 32.99 66.84
C GLY C 56 -9.15 33.24 65.34
N ALA C 57 -8.29 32.53 64.60
CA ALA C 57 -8.24 32.72 63.16
C ALA C 57 -9.54 32.24 62.53
N LYS C 58 -10.05 33.01 61.58
CA LYS C 58 -11.20 32.63 60.79
C LYS C 58 -10.78 32.78 59.33
N ILE C 59 -10.37 31.67 58.71
CA ILE C 59 -9.68 31.68 57.43
C ILE C 59 -10.66 31.39 56.31
N LEU C 60 -10.69 32.27 55.31
CA LEU C 60 -11.33 31.96 54.05
C LEU C 60 -10.30 31.28 53.17
N GLY C 61 -10.60 30.08 52.70
CA GLY C 61 -9.68 29.33 51.86
C GLY C 61 -10.28 29.08 50.48
N CYS C 62 -9.45 29.27 49.46
CA CYS C 62 -9.85 29.01 48.07
C CYS C 62 -8.67 28.32 47.38
N ILE C 63 -8.71 26.99 47.36
CA ILE C 63 -7.66 26.20 46.74
C ILE C 63 -8.21 24.81 46.49
N HIS C 64 -7.91 24.25 45.31
CA HIS C 64 -8.33 22.94 44.84
C HIS C 64 -8.68 21.99 45.97
N MET C 65 -9.94 21.54 46.02
CA MET C 65 -10.42 20.75 47.15
C MET C 65 -10.05 19.27 46.95
N THR C 66 -8.75 19.00 47.13
CA THR C 66 -8.17 17.67 47.00
C THR C 66 -7.98 17.04 48.37
N ILE C 67 -7.47 15.81 48.37
CA ILE C 67 -7.11 15.13 49.60
C ILE C 67 -5.98 15.88 50.30
N GLN C 68 -5.03 16.39 49.53
CA GLN C 68 -3.90 17.12 50.09
C GLN C 68 -4.38 18.41 50.76
N THR C 69 -5.32 19.11 50.12
CA THR C 69 -5.90 20.29 50.73
C THR C 69 -6.65 19.93 51.99
N GLY C 70 -7.33 18.77 52.00
CA GLY C 70 -7.94 18.29 53.22
C GLY C 70 -6.98 18.24 54.38
N VAL C 71 -5.78 17.71 54.15
CA VAL C 71 -4.80 17.63 55.24
C VAL C 71 -4.37 19.02 55.67
N LEU C 72 -4.25 19.95 54.71
CA LEU C 72 -3.99 21.35 55.06
C LEU C 72 -5.13 21.92 55.90
N ILE C 73 -6.37 21.69 55.47
CA ILE C 73 -7.52 22.25 56.16
C ILE C 73 -7.60 21.73 57.58
N GLU C 74 -7.36 20.43 57.78
CA GLU C 74 -7.43 19.88 59.13
C GLU C 74 -6.22 20.22 59.98
N THR C 75 -5.11 20.61 59.36
CA THR C 75 -4.00 21.13 60.15
C THR C 75 -4.32 22.50 60.70
N LEU C 76 -4.91 23.37 59.87
CA LEU C 76 -5.32 24.69 60.35
C LEU C 76 -6.33 24.57 61.49
N VAL C 77 -7.36 23.74 61.29
CA VAL C 77 -8.36 23.52 62.33
C VAL C 77 -7.70 22.97 63.59
N ALA C 78 -6.76 22.04 63.42
CA ALA C 78 -6.07 21.45 64.57
C ALA C 78 -5.26 22.48 65.34
N LEU C 79 -4.85 23.57 64.70
CA LEU C 79 -4.12 24.62 65.38
C LEU C 79 -5.01 25.72 65.93
N GLY C 80 -6.33 25.52 65.87
CA GLY C 80 -7.28 26.42 66.49
C GLY C 80 -8.10 27.25 65.53
N ALA C 81 -7.85 27.14 64.23
CA ALA C 81 -8.53 27.98 63.25
C ALA C 81 -9.93 27.46 62.95
N GLU C 82 -10.80 28.39 62.57
CA GLU C 82 -12.03 28.06 61.85
C GLU C 82 -11.83 28.45 60.40
N VAL C 83 -12.42 27.68 59.49
CA VAL C 83 -12.27 27.96 58.06
C VAL C 83 -13.60 27.85 57.34
N ARG C 84 -13.67 28.48 56.17
CA ARG C 84 -14.72 28.28 55.19
C ARG C 84 -14.06 28.16 53.83
N TRP C 85 -14.31 27.06 53.13
CA TRP C 85 -13.46 26.68 52.01
C TRP C 85 -14.25 26.52 50.71
N SER C 86 -13.59 26.88 49.63
CA SER C 86 -14.05 26.63 48.27
C SER C 86 -12.84 26.21 47.43
N SER C 87 -13.10 25.70 46.24
CA SER C 87 -12.02 25.34 45.33
C SER C 87 -11.73 26.51 44.40
N CYS C 88 -10.48 26.57 43.93
CA CYS C 88 -10.08 27.61 42.99
C CYS C 88 -10.13 27.14 41.53
N ASN C 89 -10.80 26.02 41.26
CA ASN C 89 -10.98 25.56 39.88
C ASN C 89 -12.20 24.66 39.81
N ILE C 90 -12.90 24.73 38.67
CA ILE C 90 -14.15 23.99 38.53
C ILE C 90 -13.94 22.48 38.40
N PHE C 91 -12.77 22.02 37.98
CA PHE C 91 -12.53 20.60 37.74
C PHE C 91 -11.57 19.97 38.72
N SER C 92 -10.98 20.73 39.65
CA SER C 92 -9.86 20.22 40.45
C SER C 92 -10.29 19.53 41.74
N THR C 93 -11.52 19.73 42.20
CA THR C 93 -11.99 19.09 43.42
C THR C 93 -11.98 17.57 43.29
N GLN C 94 -11.51 16.90 44.35
CA GLN C 94 -11.79 15.48 44.55
C GLN C 94 -13.04 15.37 45.43
N ASP C 95 -14.09 14.74 44.90
CA ASP C 95 -15.38 14.73 45.59
C ASP C 95 -15.31 13.99 46.93
N GLN C 96 -14.51 12.91 47.01
CA GLN C 96 -14.41 12.20 48.29
C GLN C 96 -13.67 13.04 49.32
N ALA C 97 -12.77 13.93 48.87
CA ALA C 97 -12.08 14.80 49.81
C ALA C 97 -12.99 15.88 50.34
N ALA C 98 -13.78 16.52 49.47
CA ALA C 98 -14.75 17.50 49.94
C ALA C 98 -15.75 16.86 50.89
N ALA C 99 -16.18 15.63 50.59
CA ALA C 99 -17.14 14.94 51.44
C ALA C 99 -16.57 14.72 52.82
N ALA C 100 -15.34 14.20 52.91
CA ALA C 100 -14.73 13.95 54.21
C ALA C 100 -14.59 15.23 55.02
N ILE C 101 -14.39 16.36 54.35
CA ILE C 101 -14.23 17.63 55.07
C ILE C 101 -15.58 18.13 55.57
N ALA C 102 -16.58 18.22 54.67
CA ALA C 102 -17.93 18.56 55.11
C ALA C 102 -18.39 17.65 56.23
N ALA C 103 -18.12 16.34 56.11
CA ALA C 103 -18.54 15.39 57.14
C ALA C 103 -17.84 15.61 58.47
N ALA C 104 -16.67 16.25 58.47
CA ALA C 104 -15.97 16.61 59.69
C ALA C 104 -16.52 17.87 60.33
N GLY C 105 -17.62 18.40 59.81
CA GLY C 105 -18.21 19.62 60.33
C GLY C 105 -17.61 20.90 59.79
N ILE C 106 -16.83 20.85 58.72
CA ILE C 106 -16.14 22.01 58.20
C ILE C 106 -16.85 22.51 56.94
N PRO C 107 -17.24 23.78 56.88
CA PRO C 107 -17.99 24.30 55.72
C PRO C 107 -17.13 24.28 54.46
N VAL C 108 -17.57 23.55 53.46
CA VAL C 108 -16.86 23.43 52.19
C VAL C 108 -17.88 23.49 51.06
N PHE C 109 -17.55 24.22 50.00
CA PHE C 109 -18.44 24.40 48.87
C PHE C 109 -17.60 24.13 47.62
N ALA C 110 -17.59 22.89 47.16
CA ALA C 110 -16.74 22.50 46.03
C ALA C 110 -17.17 21.14 45.50
N TRP C 111 -17.16 21.00 44.18
CA TRP C 111 -17.33 19.69 43.57
C TRP C 111 -16.65 19.67 42.20
N LYS C 112 -16.32 18.47 41.75
CA LYS C 112 -15.71 18.31 40.44
C LYS C 112 -16.75 18.54 39.36
N GLY C 113 -16.48 19.48 38.46
CA GLY C 113 -17.38 19.74 37.36
C GLY C 113 -18.39 20.85 37.58
N GLU C 114 -17.99 21.90 38.28
CA GLU C 114 -18.86 23.05 38.46
C GLU C 114 -19.00 23.85 37.16
N THR C 115 -20.04 24.68 37.11
CA THR C 115 -20.16 25.72 36.10
C THR C 115 -19.50 27.00 36.61
N GLU C 116 -19.35 27.96 35.70
CA GLU C 116 -18.75 29.24 36.08
C GLU C 116 -19.60 29.99 37.09
N GLU C 117 -20.92 29.86 37.00
CA GLU C 117 -21.79 30.47 38.00
C GLU C 117 -21.63 29.77 39.34
N GLU C 118 -21.70 28.44 39.35
CA GLU C 118 -21.54 27.69 40.60
C GLU C 118 -20.18 27.96 41.24
N TYR C 119 -19.14 28.13 40.42
CA TYR C 119 -17.82 28.44 40.95
C TYR C 119 -17.85 29.75 41.74
N GLU C 120 -18.37 30.81 41.13
CA GLU C 120 -18.51 32.08 41.85
C GLU C 120 -19.38 31.93 43.08
N TRP C 121 -20.47 31.17 42.94
CA TRP C 121 -21.38 30.96 44.06
C TRP C 121 -20.67 30.29 45.23
N CYS C 122 -19.80 29.31 44.95
CA CYS C 122 -19.07 28.64 46.01
C CYS C 122 -18.18 29.62 46.78
N ILE C 123 -17.43 30.46 46.06
CA ILE C 123 -16.61 31.45 46.74
C ILE C 123 -17.48 32.39 47.56
N GLU C 124 -18.69 32.71 47.08
CA GLU C 124 -19.58 33.59 47.84
CA GLU C 124 -19.58 33.59 47.84
C GLU C 124 -20.08 32.91 49.11
N GLN C 125 -20.32 31.60 49.06
CA GLN C 125 -20.83 30.88 50.22
C GLN C 125 -19.79 30.78 51.34
N THR C 126 -18.50 30.88 51.02
CA THR C 126 -17.51 30.98 52.08
C THR C 126 -17.48 32.39 52.65
N ILE C 127 -17.61 33.40 51.78
CA ILE C 127 -17.57 34.79 52.21
C ILE C 127 -18.76 35.10 53.11
N LEU C 128 -19.94 34.59 52.76
CA LEU C 128 -21.19 34.91 53.45
C LEU C 128 -21.61 33.75 54.35
N LYS C 129 -22.01 34.08 55.58
CA LYS C 129 -22.64 33.13 56.50
C LYS C 129 -24.01 33.66 56.88
N ASP C 130 -25.06 32.95 56.44
CA ASP C 130 -26.45 33.34 56.68
C ASP C 130 -26.75 34.71 56.05
N GLY C 131 -26.35 34.86 54.79
CA GLY C 131 -26.61 36.07 54.04
C GLY C 131 -25.80 37.28 54.46
N GLN C 132 -24.97 37.16 55.49
CA GLN C 132 -24.16 38.27 55.94
C GLN C 132 -22.68 37.91 55.86
N PRO C 133 -21.80 38.88 55.70
CA PRO C 133 -20.36 38.57 55.63
C PRO C 133 -19.86 37.93 56.91
N TRP C 134 -19.17 36.81 56.77
CA TRP C 134 -18.48 36.15 57.86
C TRP C 134 -17.46 37.11 58.48
N ASP C 135 -17.13 36.87 59.75
CA ASP C 135 -16.09 37.67 60.41
C ASP C 135 -14.72 37.03 60.22
N ALA C 136 -14.31 36.99 58.95
CA ALA C 136 -12.98 36.49 58.61
C ALA C 136 -11.91 37.46 59.09
N ASN C 137 -10.72 36.92 59.31
CA ASN C 137 -9.56 37.74 59.61
C ASN C 137 -8.29 37.20 58.96
N MET C 138 -8.38 36.18 58.12
CA MET C 138 -7.26 35.57 57.41
C MET C 138 -7.75 35.06 56.06
N VAL C 139 -6.86 35.08 55.06
CA VAL C 139 -7.21 34.61 53.72
C VAL C 139 -6.13 33.65 53.22
N LEU C 140 -6.55 32.50 52.69
CA LEU C 140 -5.67 31.57 52.00
C LEU C 140 -6.20 31.39 50.59
N ASP C 141 -5.37 31.75 49.60
CA ASP C 141 -5.81 31.84 48.21
C ASP C 141 -4.82 31.16 47.28
N ASP C 142 -5.32 30.72 46.12
CA ASP C 142 -4.52 30.05 45.10
C ASP C 142 -4.99 30.60 43.76
N GLY C 143 -4.28 31.60 43.25
CA GLY C 143 -4.65 32.23 41.99
C GLY C 143 -5.23 33.62 42.12
N GLY C 144 -5.64 34.05 43.32
CA GLY C 144 -6.09 35.41 43.52
C GLY C 144 -7.55 35.69 43.29
N ASP C 145 -8.34 34.68 42.88
CA ASP C 145 -9.75 34.91 42.61
C ASP C 145 -10.49 35.39 43.85
N LEU C 146 -10.30 34.71 44.98
CA LEU C 146 -10.91 35.15 46.23
C LEU C 146 -10.43 36.54 46.62
N THR C 147 -9.11 36.75 46.55
CA THR C 147 -8.55 38.06 46.84
C THR C 147 -9.21 39.14 46.00
N GLU C 148 -9.40 38.86 44.70
CA GLU C 148 -10.03 39.82 43.81
C GLU C 148 -11.47 40.09 44.23
N ILE C 149 -12.22 39.04 44.57
CA ILE C 149 -13.63 39.22 44.92
C ILE C 149 -13.77 40.03 46.19
N LEU C 150 -12.87 39.83 47.16
CA LEU C 150 -12.91 40.62 48.38
C LEU C 150 -12.60 42.08 48.11
N HIS C 151 -11.56 42.35 47.33
CA HIS C 151 -11.17 43.74 47.09
C HIS C 151 -12.23 44.50 46.29
N LYS C 152 -12.87 43.83 45.34
CA LYS C 152 -13.85 44.51 44.49
C LYS C 152 -15.22 44.57 45.15
N LYS C 153 -15.71 43.45 45.69
CA LYS C 153 -17.11 43.34 46.07
C LYS C 153 -17.36 43.35 47.58
N TYR C 154 -16.34 43.08 48.41
CA TYR C 154 -16.49 43.15 49.86
C TYR C 154 -15.31 43.87 50.52
N PRO C 155 -14.88 45.01 50.00
CA PRO C 155 -13.69 45.68 50.58
C PRO C 155 -13.83 46.00 52.05
N GLN C 156 -15.06 46.02 52.58
CA GLN C 156 -15.24 46.25 54.01
C GLN C 156 -14.70 45.10 54.85
N MET C 157 -14.75 43.87 54.32
CA MET C 157 -14.25 42.73 55.08
C MET C 157 -12.74 42.78 55.25
N LEU C 158 -12.03 43.40 54.29
CA LEU C 158 -10.57 43.48 54.36
C LEU C 158 -10.10 44.33 55.52
N GLU C 159 -10.93 45.25 56.02
CA GLU C 159 -10.56 46.06 57.16
C GLU C 159 -10.18 45.20 58.37
N ARG C 160 -10.77 44.02 58.49
CA ARG C 160 -10.55 43.13 59.64
C ARG C 160 -9.76 41.88 59.28
N ILE C 161 -9.11 41.85 58.12
CA ILE C 161 -8.32 40.69 57.70
C ILE C 161 -6.85 41.04 57.88
N HIS C 162 -6.10 40.13 58.51
CA HIS C 162 -4.71 40.39 58.84
C HIS C 162 -3.72 40.02 57.75
N GLY C 163 -4.13 39.24 56.75
CA GLY C 163 -3.20 38.94 55.68
C GLY C 163 -3.73 37.90 54.72
N ILE C 164 -2.98 37.72 53.64
CA ILE C 164 -3.27 36.76 52.59
C ILE C 164 -2.03 35.88 52.40
N THR C 165 -2.25 34.58 52.24
CA THR C 165 -1.17 33.65 51.92
C THR C 165 -1.46 33.08 50.53
N GLU C 166 -0.73 33.56 49.51
CA GLU C 166 -1.02 33.20 48.12
C GLU C 166 -0.15 32.02 47.68
N GLU C 167 -0.79 31.04 47.04
CA GLU C 167 -0.14 29.77 46.73
C GLU C 167 0.70 29.84 45.46
N THR C 168 0.22 30.49 44.40
CA THR C 168 0.74 30.22 43.07
C THR C 168 1.21 31.48 42.35
N THR C 169 2.01 31.27 41.31
CA THR C 169 2.72 32.36 40.64
C THR C 169 1.77 33.41 40.08
N THR C 170 0.69 32.97 39.43
CA THR C 170 -0.29 33.90 38.87
C THR C 170 -0.90 34.78 39.96
N GLY C 171 -1.19 34.20 41.14
CA GLY C 171 -1.77 34.99 42.21
C GLY C 171 -0.79 35.99 42.79
N VAL C 172 0.49 35.60 42.90
CA VAL C 172 1.50 36.54 43.40
C VAL C 172 1.65 37.71 42.45
N HIS C 173 1.61 37.45 41.15
CA HIS C 173 1.68 38.53 40.17
C HIS C 173 0.54 39.51 40.38
N ARG C 174 -0.70 39.00 40.56
CA ARG C 174 -1.84 39.89 40.77
C ARG C 174 -1.66 40.74 42.04
N LEU C 175 -1.11 40.13 43.10
CA LEU C 175 -0.88 40.88 44.33
C LEU C 175 0.14 42.00 44.11
N LEU C 176 1.25 41.70 43.44
CA LEU C 176 2.28 42.71 43.23
C LEU C 176 1.78 43.87 42.37
N ASP C 177 0.86 43.60 41.45
CA ASP C 177 0.23 44.69 40.71
C ASP C 177 -0.57 45.59 41.64
N MET C 178 -1.37 44.97 42.53
CA MET C 178 -2.15 45.76 43.47
C MET C 178 -1.25 46.53 44.42
N LEU C 179 -0.16 45.91 44.86
CA LEU C 179 0.78 46.60 45.74
C LEU C 179 1.36 47.82 45.06
N LYS C 180 1.84 47.66 43.82
CA LYS C 180 2.39 48.80 43.09
C LYS C 180 1.36 49.92 42.95
N ASN C 181 0.12 49.58 42.62
CA ASN C 181 -0.93 50.58 42.46
C ASN C 181 -1.42 51.14 43.78
N GLY C 182 -1.08 50.51 44.91
CA GLY C 182 -1.64 50.94 46.16
C GLY C 182 -3.05 50.50 46.41
N THR C 183 -3.52 49.46 45.71
CA THR C 183 -4.87 48.95 45.90
C THR C 183 -4.91 47.69 46.76
N LEU C 184 -3.77 47.13 47.12
CA LEU C 184 -3.73 45.99 48.03
C LEU C 184 -4.02 46.45 49.45
N LYS C 185 -5.02 45.83 50.08
CA LYS C 185 -5.54 46.31 51.37
C LYS C 185 -4.87 45.67 52.58
N VAL C 186 -4.33 44.45 52.45
CA VAL C 186 -3.72 43.75 53.58
C VAL C 186 -2.43 43.09 53.12
N PRO C 187 -1.49 42.89 54.06
CA PRO C 187 -0.21 42.29 53.68
C PRO C 187 -0.35 40.85 53.23
N ALA C 188 0.58 40.41 52.40
CA ALA C 188 0.54 39.07 51.84
C ALA C 188 1.87 38.36 52.03
N ILE C 189 1.81 37.03 52.14
CA ILE C 189 3.00 36.21 52.05
C ILE C 189 2.95 35.46 50.73
N ASN C 190 4.01 35.62 49.94
CA ASN C 190 4.24 34.86 48.72
C ASN C 190 4.71 33.47 49.14
N VAL C 191 3.76 32.54 49.25
CA VAL C 191 4.10 31.16 49.56
C VAL C 191 4.79 30.52 48.36
N ASN C 192 4.44 30.96 47.16
CA ASN C 192 4.96 30.36 45.94
C ASN C 192 6.48 30.34 45.92
N ASP C 193 7.12 31.41 46.37
CA ASP C 193 8.56 31.54 46.18
C ASP C 193 9.40 31.02 47.34
N SER C 194 8.82 30.25 48.26
CA SER C 194 9.64 29.37 49.08
C SER C 194 10.25 28.29 48.19
N VAL C 195 11.52 27.97 48.43
CA VAL C 195 12.16 26.95 47.59
C VAL C 195 11.46 25.61 47.74
N THR C 196 10.99 25.29 48.96
CA THR C 196 10.21 24.06 49.15
C THR C 196 8.83 24.16 48.59
N LYS C 197 8.52 25.24 47.87
CA LYS C 197 7.28 25.32 47.10
C LYS C 197 7.61 25.42 45.62
N SER C 198 8.12 26.57 45.16
CA SER C 198 8.35 26.79 43.73
C SER C 198 9.19 25.66 43.12
N LYS C 199 10.27 25.28 43.78
CA LYS C 199 11.22 24.31 43.25
C LYS C 199 10.91 22.89 43.66
N ASN C 200 9.66 22.62 44.05
CA ASN C 200 9.21 21.33 44.52
C ASN C 200 7.84 21.08 43.90
N ASP C 201 6.87 21.89 44.35
CA ASP C 201 5.53 21.88 43.79
C ASP C 201 5.54 22.15 42.28
N ASN C 202 6.02 23.32 41.87
CA ASN C 202 5.80 23.78 40.51
C ASN C 202 6.53 22.91 39.49
N LYS C 203 7.74 22.48 39.83
CA LYS C 203 8.54 21.64 38.91
C LYS C 203 8.23 20.16 39.11
N TYR C 204 8.59 19.60 40.28
CA TYR C 204 8.46 18.17 40.47
C TYR C 204 7.01 17.73 40.47
N GLY C 205 6.11 18.56 40.97
CA GLY C 205 4.70 18.18 40.96
C GLY C 205 4.17 17.96 39.56
N CYS C 206 4.51 18.86 38.64
CA CYS C 206 4.06 18.71 37.26
C CYS C 206 4.77 17.55 36.57
N ARG C 207 6.02 17.29 36.94
CA ARG C 207 6.71 16.11 36.47
C ARG C 207 5.91 14.85 36.79
N HIS C 208 5.34 14.79 38.00
CA HIS C 208 4.57 13.61 38.40
C HIS C 208 3.22 13.57 37.71
N SER C 209 2.51 14.70 37.66
CA SER C 209 1.08 14.69 37.38
C SER C 209 0.73 15.06 35.94
N LEU C 210 1.65 15.59 35.15
CA LEU C 210 1.32 15.89 33.76
C LEU C 210 1.11 14.60 32.96
N ASN C 211 2.10 13.72 32.90
CA ASN C 211 1.92 12.48 32.16
CA ASN C 211 1.92 12.48 32.16
C ASN C 211 0.86 11.61 32.79
N ASP C 212 0.65 11.75 34.11
CA ASP C 212 -0.42 11.04 34.79
C ASP C 212 -1.77 11.45 34.23
N ALA C 213 -2.02 12.76 34.14
CA ALA C 213 -3.28 13.26 33.61
C ALA C 213 -3.51 12.82 32.16
N ILE C 214 -2.48 12.92 31.32
CA ILE C 214 -2.65 12.60 29.90
C ILE C 214 -2.99 11.12 29.73
N LYS C 215 -2.30 10.25 30.47
CA LYS C 215 -2.58 8.82 30.42
C LYS C 215 -4.03 8.52 30.86
N ARG C 216 -4.47 9.14 31.95
CA ARG C 216 -5.83 8.89 32.42
C ARG C 216 -6.86 9.38 31.42
N GLY C 217 -6.56 10.46 30.68
CA GLY C 217 -7.52 11.05 29.78
C GLY C 217 -7.62 10.28 28.48
N THR C 218 -6.45 9.88 27.96
CA THR C 218 -6.34 9.31 26.63
C THR C 218 -5.77 7.89 26.59
N ASP C 219 -5.00 7.49 27.60
CA ASP C 219 -4.27 6.22 27.58
C ASP C 219 -3.38 6.12 26.34
N HIS C 220 -2.89 7.27 25.87
CA HIS C 220 -2.01 7.31 24.71
C HIS C 220 -0.61 6.91 25.11
N LEU C 221 0.01 6.05 24.31
CA LEU C 221 1.45 5.90 24.39
C LEU C 221 2.10 7.25 24.17
N LEU C 222 3.12 7.56 24.96
CA LEU C 222 3.85 8.81 24.75
C LEU C 222 5.23 8.61 24.14
N SER C 223 5.91 7.50 24.46
CA SER C 223 7.18 7.16 23.82
C SER C 223 7.13 7.35 22.31
N GLY C 224 8.18 7.97 21.76
CA GLY C 224 8.35 8.08 20.34
C GLY C 224 7.51 9.15 19.66
N LYS C 225 6.62 9.81 20.38
CA LYS C 225 5.78 10.87 19.82
C LYS C 225 6.38 12.25 20.08
N GLN C 226 5.86 13.23 19.36
CA GLN C 226 6.40 14.59 19.36
C GLN C 226 5.56 15.51 20.22
N ALA C 227 6.20 16.22 21.15
CA ALA C 227 5.51 17.17 22.01
C ALA C 227 6.15 18.54 21.88
N LEU C 228 5.33 19.57 22.05
CA LEU C 228 5.76 20.96 22.13
C LEU C 228 5.30 21.52 23.46
N VAL C 229 6.25 21.96 24.29
CA VAL C 229 5.94 22.57 25.57
C VAL C 229 6.12 24.07 25.45
N ILE C 230 5.03 24.83 25.60
CA ILE C 230 5.09 26.29 25.55
C ILE C 230 5.46 26.79 26.93
N GLY C 231 6.68 27.32 27.06
CA GLY C 231 7.16 27.83 28.33
C GLY C 231 8.16 26.91 28.99
N TYR C 232 9.18 27.46 29.65
CA TYR C 232 10.17 26.66 30.37
C TYR C 232 10.52 27.31 31.70
N GLY C 233 9.52 27.80 32.41
CA GLY C 233 9.66 28.14 33.81
C GLY C 233 9.62 26.88 34.66
N ASP C 234 9.28 27.03 35.93
CA ASP C 234 9.26 25.86 36.81
C ASP C 234 8.26 24.82 36.31
N VAL C 235 7.05 25.27 35.98
CA VAL C 235 6.04 24.36 35.44
C VAL C 235 6.47 23.78 34.11
N GLY C 236 7.01 24.61 33.22
CA GLY C 236 7.54 24.12 31.96
C GLY C 236 8.67 23.11 32.14
N LYS C 237 9.60 23.41 33.05
CA LYS C 237 10.68 22.47 33.32
C LYS C 237 10.13 21.11 33.75
N GLY C 238 9.20 21.10 34.69
CA GLY C 238 8.64 19.84 35.16
C GLY C 238 7.82 19.16 34.09
N SER C 239 7.02 19.93 33.36
CA SER C 239 6.20 19.37 32.29
C SER C 239 7.07 18.75 31.20
N SER C 240 8.12 19.47 30.80
CA SER C 240 9.04 18.92 29.80
C SER C 240 9.68 17.62 30.29
N GLN C 241 10.05 17.56 31.56
CA GLN C 241 10.66 16.33 32.09
C GLN C 241 9.63 15.22 32.20
N SER C 242 8.40 15.56 32.58
CA SER C 242 7.34 14.56 32.65
C SER C 242 7.20 13.82 31.33
N LEU C 243 7.31 14.54 30.22
CA LEU C 243 7.11 13.91 28.91
C LEU C 243 8.40 13.27 28.38
N ARG C 244 9.53 13.96 28.53
CA ARG C 244 10.81 13.41 28.08
C ARG C 244 11.09 12.07 28.75
N GLN C 245 10.82 11.97 30.06
CA GLN C 245 11.17 10.75 30.78
C GLN C 245 10.33 9.56 30.32
N GLU C 246 9.21 9.83 29.65
CA GLU C 246 8.39 8.81 29.03
C GLU C 246 8.83 8.47 27.61
N GLY C 247 9.86 9.13 27.10
CA GLY C 247 10.31 8.87 25.75
C GLY C 247 9.72 9.75 24.67
N MET C 248 9.12 10.88 25.02
CA MET C 248 8.68 11.81 23.99
C MET C 248 9.87 12.57 23.43
N ILE C 249 9.76 13.00 22.17
CA ILE C 249 10.67 13.96 21.59
C ILE C 249 10.08 15.35 21.86
N VAL C 250 10.69 16.08 22.78
CA VAL C 250 10.11 17.28 23.35
C VAL C 250 10.79 18.51 22.76
N LYS C 251 10.01 19.43 22.22
CA LYS C 251 10.51 20.75 21.85
C LYS C 251 9.96 21.78 22.84
N VAL C 252 10.73 22.84 23.05
CA VAL C 252 10.41 23.85 24.05
C VAL C 252 10.33 25.22 23.38
N ALA C 253 9.24 25.94 23.63
CA ALA C 253 9.13 27.33 23.22
C ALA C 253 9.28 28.25 24.44
N GLU C 254 9.92 29.39 24.25
CA GLU C 254 10.09 30.34 25.35
C GLU C 254 10.22 31.75 24.80
N VAL C 255 9.84 32.73 25.63
CA VAL C 255 10.14 34.14 25.35
C VAL C 255 11.33 34.63 26.17
N ASP C 256 11.74 33.88 27.20
CA ASP C 256 12.82 34.28 28.07
C ASP C 256 14.09 33.59 27.63
N PRO C 257 15.11 34.31 27.16
CA PRO C 257 16.31 33.65 26.64
C PRO C 257 17.06 32.84 27.69
N ILE C 258 17.02 33.25 28.96
CA ILE C 258 17.69 32.49 30.00
C ILE C 258 17.02 31.14 30.19
N CYS C 259 15.70 31.14 30.32
CA CYS C 259 14.98 29.87 30.39
C CYS C 259 15.21 29.05 29.11
N ALA C 260 15.29 29.73 27.97
CA ALA C 260 15.58 29.03 26.72
C ALA C 260 16.97 28.40 26.74
N MET C 261 17.96 29.11 27.27
N MET C 261 17.96 29.12 27.26
CA MET C 261 19.29 28.55 27.40
CA MET C 261 19.30 28.54 27.39
C MET C 261 19.27 27.29 28.26
C MET C 261 19.27 27.29 28.25
N GLN C 262 18.41 27.27 29.28
CA GLN C 262 18.33 26.10 30.14
C GLN C 262 17.73 24.92 29.39
N ALA C 263 16.72 25.17 28.56
CA ALA C 263 16.12 24.09 27.76
C ALA C 263 17.14 23.48 26.81
N CYS C 264 17.99 24.30 26.21
CA CYS C 264 19.02 23.76 25.33
C CYS C 264 19.97 22.87 26.12
N MET C 265 20.49 23.38 27.24
CA MET C 265 21.46 22.61 28.03
C MET C 265 20.84 21.37 28.63
N ASP C 266 19.54 21.38 28.88
CA ASP C 266 18.84 20.20 29.36
C ASP C 266 18.51 19.22 28.25
N GLY C 267 18.96 19.47 27.03
CA GLY C 267 18.81 18.51 25.94
C GLY C 267 17.56 18.68 25.10
N PHE C 268 16.98 19.88 25.07
CA PHE C 268 15.78 20.13 24.29
C PHE C 268 16.07 21.06 23.12
N GLU C 269 15.36 20.83 22.03
CA GLU C 269 15.37 21.75 20.90
C GLU C 269 14.38 22.89 21.18
N VAL C 270 14.83 24.12 21.03
CA VAL C 270 14.01 25.29 21.34
C VAL C 270 13.47 25.87 20.04
N VAL C 271 12.14 25.91 19.92
CA VAL C 271 11.51 26.32 18.68
C VAL C 271 10.43 27.36 18.97
N SER C 272 10.04 28.09 17.93
CA SER C 272 8.91 28.97 18.08
C SER C 272 7.78 28.52 17.18
N PRO C 273 6.53 28.59 17.65
CA PRO C 273 5.39 28.32 16.74
C PRO C 273 5.32 29.31 15.58
N TYR C 274 6.08 30.39 15.63
CA TYR C 274 6.03 31.46 14.66
C TYR C 274 7.34 31.54 13.89
N LYS C 275 7.26 31.81 12.60
CA LYS C 275 8.47 31.99 11.80
C LYS C 275 9.30 33.13 12.39
N ASN C 276 10.56 32.83 12.73
CA ASN C 276 11.47 33.77 13.38
C ASN C 276 10.94 34.28 14.70
N GLY C 277 9.99 33.57 15.31
CA GLY C 277 9.42 33.99 16.57
C GLY C 277 8.51 35.20 16.52
N ILE C 278 8.07 35.62 15.34
CA ILE C 278 7.28 36.84 15.18
C ILE C 278 5.82 36.47 15.08
N ASN C 279 5.05 36.79 16.13
CA ASN C 279 3.63 36.51 16.23
C ASN C 279 2.90 37.78 15.80
N ASP C 280 2.69 37.94 14.50
CA ASP C 280 2.02 39.10 13.93
C ASP C 280 0.52 38.90 13.73
N GLY C 281 -0.03 37.76 14.15
CA GLY C 281 -1.46 37.53 14.08
C GLY C 281 -1.98 37.01 12.76
N THR C 282 -1.12 36.64 11.83
CA THR C 282 -1.54 36.12 10.54
C THR C 282 -1.22 34.63 10.44
N GLU C 283 -2.05 33.91 9.70
CA GLU C 283 -1.78 32.48 9.49
C GLU C 283 -0.43 32.27 8.82
N ALA C 284 0.04 33.25 8.05
CA ALA C 284 1.34 33.11 7.41
C ALA C 284 2.47 33.04 8.43
N SER C 285 2.28 33.61 9.62
CA SER C 285 3.34 33.58 10.62
C SER C 285 3.52 32.20 11.25
N ILE C 286 2.61 31.27 11.00
CA ILE C 286 2.65 29.97 11.65
C ILE C 286 3.65 29.06 10.94
N ASP C 287 4.54 28.45 11.72
CA ASP C 287 5.40 27.36 11.24
C ASP C 287 4.53 26.12 11.09
N ALA C 288 3.86 26.03 9.95
CA ALA C 288 2.92 24.94 9.71
C ALA C 288 3.65 23.60 9.65
N ALA C 289 4.87 23.58 9.10
CA ALA C 289 5.66 22.36 9.09
C ALA C 289 5.88 21.85 10.49
N LEU C 290 6.38 22.72 11.38
CA LEU C 290 6.63 22.32 12.76
C LEU C 290 5.35 21.85 13.44
N LEU C 291 4.28 22.64 13.31
CA LEU C 291 3.05 22.33 14.04
C LEU C 291 2.36 21.11 13.46
N GLY C 292 2.61 20.81 12.18
CA GLY C 292 2.11 19.59 11.58
C GLY C 292 2.75 18.31 12.08
N LYS C 293 3.84 18.40 12.84
CA LYS C 293 4.55 17.24 13.37
C LYS C 293 4.28 16.99 14.86
N ILE C 294 3.52 17.86 15.51
CA ILE C 294 3.36 17.82 16.96
C ILE C 294 2.17 16.93 17.31
N ASP C 295 2.41 15.93 18.18
CA ASP C 295 1.33 15.07 18.68
C ASP C 295 0.71 15.58 19.98
N LEU C 296 1.41 16.44 20.72
CA LEU C 296 0.93 16.91 22.01
C LEU C 296 1.48 18.29 22.28
N ILE C 297 0.61 19.22 22.64
CA ILE C 297 1.02 20.55 23.04
C ILE C 297 0.52 20.80 24.45
N VAL C 298 1.36 21.43 25.26
CA VAL C 298 1.09 21.67 26.68
C VAL C 298 1.52 23.10 26.96
N THR C 299 0.61 23.92 27.49
CA THR C 299 0.92 25.30 27.82
C THR C 299 1.17 25.44 29.32
N THR C 300 2.24 26.15 29.67
CA THR C 300 2.70 26.25 31.06
C THR C 300 3.03 27.68 31.45
N THR C 301 2.49 28.68 30.75
CA THR C 301 3.08 30.01 30.77
C THR C 301 2.53 30.91 31.86
N GLY C 302 1.26 30.77 32.23
CA GLY C 302 0.64 31.82 33.01
C GLY C 302 0.37 33.08 32.21
N ASN C 303 0.49 33.00 30.89
CA ASN C 303 0.24 34.09 29.97
C ASN C 303 -1.09 33.83 29.26
N VAL C 304 -1.40 34.66 28.27
CA VAL C 304 -2.67 34.58 27.56
C VAL C 304 -2.41 34.25 26.10
N ASN C 305 -3.22 33.34 25.56
CA ASN C 305 -3.26 33.01 24.13
C ASN C 305 -1.90 32.58 23.59
N VAL C 306 -1.20 31.72 24.33
CA VAL C 306 0.07 31.18 23.85
C VAL C 306 -0.10 29.92 23.02
N CYS C 307 -1.32 29.39 22.93
CA CYS C 307 -1.70 28.38 21.95
C CYS C 307 -2.93 28.97 21.25
N ASP C 308 -2.71 29.78 20.22
CA ASP C 308 -3.77 30.58 19.62
C ASP C 308 -4.52 29.80 18.55
N ALA C 309 -5.47 30.48 17.90
CA ALA C 309 -6.35 29.82 16.94
C ALA C 309 -5.58 29.31 15.73
N ASN C 310 -4.67 30.13 15.20
CA ASN C 310 -3.89 29.70 14.04
C ASN C 310 -3.00 28.51 14.35
N MET C 311 -2.47 28.46 15.58
CA MET C 311 -1.71 27.27 15.98
C MET C 311 -2.61 26.03 15.99
N LEU C 312 -3.83 26.17 16.51
CA LEU C 312 -4.75 25.04 16.59
C LEU C 312 -5.15 24.57 15.20
N LYS C 313 -5.36 25.50 14.27
CA LYS C 313 -5.68 25.12 12.90
C LYS C 313 -4.51 24.39 12.24
N ALA C 314 -3.29 24.64 12.71
CA ALA C 314 -2.10 24.11 12.07
C ALA C 314 -1.63 22.78 12.65
N LEU C 315 -2.12 22.40 13.83
CA LEU C 315 -1.65 21.20 14.50
C LEU C 315 -2.00 19.93 13.73
N LYS C 316 -1.11 18.95 13.86
CA LYS C 316 -1.34 17.61 13.34
C LYS C 316 -2.70 17.06 13.75
N LYS C 317 -3.35 16.36 12.83
CA LYS C 317 -4.59 15.68 13.14
C LYS C 317 -4.44 14.76 14.33
N ARG C 318 -5.42 14.84 15.24
CA ARG C 318 -5.54 13.97 16.40
C ARG C 318 -4.49 14.27 17.45
N ALA C 319 -3.83 15.42 17.35
CA ALA C 319 -2.96 15.90 18.41
C ALA C 319 -3.77 16.15 19.68
N VAL C 320 -3.09 16.04 20.83
CA VAL C 320 -3.66 16.34 22.13
C VAL C 320 -3.30 17.76 22.51
N VAL C 321 -4.26 18.51 23.02
CA VAL C 321 -4.08 19.90 23.44
C VAL C 321 -4.46 19.99 24.91
N CYS C 322 -3.54 20.49 25.74
CA CYS C 322 -3.88 20.68 27.15
C CYS C 322 -3.09 21.86 27.71
N ASN C 323 -3.48 22.27 28.91
CA ASN C 323 -2.88 23.41 29.59
C ASN C 323 -2.65 23.04 31.04
N ILE C 324 -1.51 23.44 31.58
CA ILE C 324 -1.23 23.15 32.99
C ILE C 324 -0.86 24.45 33.70
N GLY C 325 -1.04 25.58 33.02
CA GLY C 325 -1.03 26.88 33.70
C GLY C 325 -2.31 27.05 34.51
N HIS C 326 -2.38 28.17 35.25
CA HIS C 326 -3.48 28.30 36.19
C HIS C 326 -4.82 28.56 35.50
N PHE C 327 -4.83 29.40 34.47
CA PHE C 327 -6.08 29.79 33.83
C PHE C 327 -6.18 29.18 32.44
N ASP C 328 -7.40 28.97 31.97
CA ASP C 328 -7.61 28.31 30.69
C ASP C 328 -7.39 29.23 29.49
N ASN C 329 -7.19 30.52 29.70
CA ASN C 329 -7.01 31.42 28.57
C ASN C 329 -5.64 31.29 27.89
N GLU C 330 -4.78 30.39 28.37
CA GLU C 330 -3.54 30.11 27.65
C GLU C 330 -3.82 29.50 26.28
N ILE C 331 -4.90 28.74 26.16
CA ILE C 331 -5.37 28.19 24.90
C ILE C 331 -6.61 28.97 24.48
N ASP C 332 -6.76 29.18 23.18
CA ASP C 332 -7.93 29.89 22.65
C ASP C 332 -9.06 28.88 22.46
N THR C 333 -9.63 28.47 23.61
CA THR C 333 -10.79 27.59 23.56
C THR C 333 -12.03 28.33 23.06
N ALA C 334 -12.09 29.65 23.25
CA ALA C 334 -13.21 30.43 22.74
C ALA C 334 -13.36 30.25 21.23
N PHE C 335 -12.25 30.32 20.50
CA PHE C 335 -12.29 30.07 19.07
C PHE C 335 -12.82 28.68 18.76
N MET C 336 -12.44 27.68 19.57
CA MET C 336 -12.88 26.31 19.29
C MET C 336 -14.37 26.13 19.55
N ARG C 337 -14.89 26.76 20.62
CA ARG C 337 -16.34 26.70 20.84
C ARG C 337 -17.13 27.38 19.73
N LYS C 338 -16.58 28.45 19.15
CA LYS C 338 -17.30 29.21 18.13
C LYS C 338 -17.28 28.54 16.76
N ASN C 339 -16.24 27.75 16.46
CA ASN C 339 -16.04 27.27 15.10
C ASN C 339 -16.09 25.77 14.93
N TRP C 340 -15.90 24.97 15.98
CA TRP C 340 -15.72 23.54 15.82
C TRP C 340 -16.69 22.79 16.73
N ALA C 341 -16.97 21.54 16.34
CA ALA C 341 -17.92 20.68 17.04
C ALA C 341 -17.21 19.87 18.11
N TRP C 342 -17.79 19.83 19.31
CA TRP C 342 -17.19 19.16 20.45
C TRP C 342 -17.90 17.84 20.68
N GLU C 343 -17.13 16.74 20.68
CA GLU C 343 -17.64 15.42 20.98
C GLU C 343 -17.01 14.96 22.28
N GLU C 344 -17.83 14.74 23.29
CA GLU C 344 -17.30 14.28 24.58
C GLU C 344 -16.98 12.80 24.51
N VAL C 345 -15.71 12.46 24.70
CA VAL C 345 -15.33 11.05 24.86
C VAL C 345 -15.81 10.56 26.22
N LYS C 346 -15.51 11.32 27.26
CA LYS C 346 -15.80 11.03 28.65
C LYS C 346 -15.53 12.35 29.38
N PRO C 347 -15.94 12.49 30.65
CA PRO C 347 -15.75 13.78 31.32
C PRO C 347 -14.32 14.29 31.20
N GLN C 348 -14.20 15.59 30.87
CA GLN C 348 -12.94 16.31 30.72
C GLN C 348 -12.10 15.80 29.56
N VAL C 349 -12.69 15.05 28.64
CA VAL C 349 -12.02 14.64 27.41
C VAL C 349 -12.97 14.92 26.25
N HIS C 350 -12.60 15.85 25.38
CA HIS C 350 -13.41 16.23 24.23
C HIS C 350 -12.61 16.08 22.94
N LYS C 351 -13.23 15.45 21.94
CA LYS C 351 -12.74 15.55 20.57
C LYS C 351 -13.31 16.82 19.95
N ILE C 352 -12.45 17.65 19.40
CA ILE C 352 -12.85 18.91 18.78
C ILE C 352 -12.64 18.74 17.28
N HIS C 353 -13.73 18.53 16.55
CA HIS C 353 -13.67 18.22 15.13
C HIS C 353 -13.51 19.52 14.34
N ARG C 354 -12.44 19.61 13.56
CA ARG C 354 -12.15 20.81 12.80
C ARG C 354 -12.85 20.84 11.44
N THR C 355 -13.94 20.10 11.29
CA THR C 355 -14.67 20.08 10.02
C THR C 355 -15.90 20.96 10.00
N GLY C 356 -16.19 21.66 11.09
CA GLY C 356 -17.35 22.53 11.12
C GLY C 356 -17.85 22.72 12.54
N LYS C 357 -18.83 23.61 12.67
CA LYS C 357 -19.39 23.97 13.98
C LYS C 357 -20.56 23.09 14.39
N ASP C 358 -21.41 22.72 13.44
CA ASP C 358 -22.66 22.02 13.73
C ASP C 358 -22.55 20.57 13.23
N GLY C 359 -22.53 19.63 14.17
CA GLY C 359 -22.48 18.22 13.84
C GLY C 359 -21.06 17.76 13.51
N PHE C 360 -20.92 16.43 13.46
CA PHE C 360 -19.63 15.82 13.16
C PHE C 360 -19.86 14.38 12.75
N ASP C 361 -19.00 13.89 11.87
CA ASP C 361 -18.97 12.47 11.57
C ASP C 361 -18.31 11.73 12.72
N ALA C 362 -18.98 10.69 13.22
CA ALA C 362 -18.44 9.94 14.36
C ALA C 362 -17.08 9.34 14.02
N HIS C 363 -16.83 9.06 12.74
CA HIS C 363 -15.56 8.50 12.29
C HIS C 363 -14.68 9.53 11.60
N ASN C 364 -14.91 10.82 11.87
CA ASN C 364 -14.02 11.86 11.38
C ASN C 364 -12.63 11.69 11.97
N ASP C 365 -11.61 11.93 11.15
CA ASP C 365 -10.23 11.84 11.62
C ASP C 365 -9.56 13.20 11.81
N ASP C 366 -10.19 14.29 11.38
CA ASP C 366 -9.62 15.62 11.58
C ASP C 366 -10.22 16.20 12.86
N TYR C 367 -9.63 15.82 13.99
CA TYR C 367 -10.08 16.29 15.29
C TYR C 367 -8.88 16.45 16.21
N LEU C 368 -9.00 17.36 17.16
CA LEU C 368 -8.05 17.46 18.25
C LEU C 368 -8.70 16.95 19.53
N ILE C 369 -7.89 16.41 20.42
CA ILE C 369 -8.35 15.97 21.72
C ILE C 369 -7.94 17.04 22.74
N LEU C 370 -8.94 17.68 23.32
CA LEU C 370 -8.71 18.69 24.35
C LEU C 370 -9.01 18.08 25.71
N LEU C 371 -8.10 18.28 26.65
CA LEU C 371 -8.25 17.76 28.01
C LEU C 371 -8.71 18.87 28.94
N ALA C 372 -9.65 18.53 29.83
CA ALA C 372 -10.11 19.40 30.90
C ALA C 372 -10.68 20.73 30.38
N GLU C 373 -11.11 20.75 29.12
CA GLU C 373 -11.63 21.97 28.48
C GLU C 373 -10.65 23.14 28.65
N GLY C 374 -9.35 22.83 28.67
CA GLY C 374 -8.32 23.84 28.81
C GLY C 374 -7.96 24.21 30.24
N ARG C 375 -8.70 23.70 31.23
CA ARG C 375 -8.34 23.96 32.62
C ARG C 375 -7.12 23.13 33.00
N LEU C 376 -6.55 23.42 34.17
CA LEU C 376 -5.35 22.72 34.65
C LEU C 376 -5.48 21.21 34.50
N VAL C 377 -4.67 20.62 33.61
CA VAL C 377 -4.91 19.25 33.19
C VAL C 377 -4.57 18.27 34.31
N ASN C 378 -3.53 18.56 35.09
CA ASN C 378 -3.12 17.61 36.12
C ASN C 378 -4.19 17.46 37.18
N LEU C 379 -4.85 18.55 37.55
CA LEU C 379 -5.96 18.45 38.48
C LEU C 379 -7.25 18.05 37.79
N GLY C 380 -7.43 18.44 36.52
CA GLY C 380 -8.69 18.17 35.84
C GLY C 380 -8.85 16.72 35.42
N ASN C 381 -7.77 16.11 34.94
CA ASN C 381 -7.81 14.76 34.41
C ASN C 381 -7.15 13.73 35.31
N ALA C 382 -6.52 14.18 36.40
CA ALA C 382 -6.00 13.24 37.40
C ALA C 382 -6.24 13.83 38.78
N THR C 383 -5.23 13.80 39.65
CA THR C 383 -5.41 14.28 41.03
C THR C 383 -4.37 15.33 41.40
N GLY C 384 -3.75 15.99 40.42
CA GLY C 384 -2.76 16.98 40.78
C GLY C 384 -1.52 16.36 41.40
N HIS C 385 -0.83 17.16 42.23
CA HIS C 385 0.44 16.73 42.78
C HIS C 385 0.23 15.69 43.87
N PRO C 386 1.21 14.83 44.11
CA PRO C 386 1.09 13.85 45.18
C PRO C 386 1.31 14.48 46.54
N SER C 387 0.77 13.80 47.56
CA SER C 387 0.81 14.30 48.94
C SER C 387 2.22 14.67 49.37
N ARG C 388 3.20 13.80 49.14
CA ARG C 388 4.55 14.09 49.62
C ARG C 388 5.14 15.34 48.98
N ILE C 389 4.64 15.75 47.83
CA ILE C 389 5.07 17.01 47.24
C ILE C 389 4.29 18.20 47.81
N MET C 390 2.96 18.09 47.89
CA MET C 390 2.16 19.18 48.47
C MET C 390 2.49 19.42 49.94
N ASP C 391 3.01 18.40 50.62
CA ASP C 391 3.52 18.56 51.97
C ASP C 391 4.38 19.82 52.12
N GLY C 392 5.30 20.04 51.18
CA GLY C 392 6.16 21.20 51.27
C GLY C 392 5.40 22.50 51.08
N SER C 393 4.54 22.56 50.07
CA SER C 393 3.74 23.75 49.83
C SER C 393 2.85 24.08 51.03
N PHE C 394 2.25 23.04 51.62
CA PHE C 394 1.26 23.26 52.65
C PHE C 394 1.89 23.48 54.03
N ALA C 395 3.10 22.99 54.26
CA ALA C 395 3.81 23.41 55.47
C ALA C 395 4.18 24.88 55.40
N ASN C 396 4.50 25.39 54.20
CA ASN C 396 4.71 26.82 54.04
C ASN C 396 3.43 27.60 54.31
N GLN C 397 2.30 27.10 53.80
CA GLN C 397 1.02 27.76 54.05
C GLN C 397 0.71 27.88 55.54
N VAL C 398 0.96 26.81 56.31
CA VAL C 398 0.67 26.88 57.74
C VAL C 398 1.58 27.90 58.43
N LEU C 399 2.87 27.84 58.15
CA LEU C 399 3.80 28.81 58.73
C LEU C 399 3.42 30.22 58.31
N ALA C 400 2.99 30.39 57.05
CA ALA C 400 2.61 31.71 56.57
C ALA C 400 1.36 32.22 57.29
N GLN C 401 0.34 31.37 57.43
CA GLN C 401 -0.86 31.77 58.17
C GLN C 401 -0.53 32.13 59.61
N ILE C 402 0.32 31.32 60.26
CA ILE C 402 0.70 31.60 61.64
C ILE C 402 1.37 32.96 61.73
N HIS C 403 2.31 33.25 60.83
CA HIS C 403 3.06 34.50 60.94
C HIS C 403 2.14 35.71 60.72
N LEU C 404 1.27 35.67 59.72
CA LEU C 404 0.43 36.83 59.44
C LEU C 404 -0.68 37.00 60.47
N PHE C 405 -1.22 35.89 60.98
CA PHE C 405 -2.27 35.99 61.99
C PHE C 405 -1.74 36.56 63.29
N GLU C 406 -0.52 36.16 63.68
CA GLU C 406 0.07 36.69 64.91
C GLU C 406 0.55 38.13 64.76
N GLN C 407 0.89 38.56 63.54
CA GLN C 407 1.28 39.94 63.34
C GLN C 407 0.12 40.89 63.58
N LYS C 408 -1.11 40.42 63.37
CA LYS C 408 -2.33 41.20 63.65
C LYS C 408 -2.29 42.55 62.96
N TYR C 409 -2.08 42.52 61.64
CA TYR C 409 -1.95 43.75 60.86
C TYR C 409 -3.14 44.68 61.06
N ALA C 410 -4.36 44.14 60.99
CA ALA C 410 -5.57 44.96 60.98
C ALA C 410 -5.73 45.75 62.27
N ASP C 411 -4.99 45.41 63.33
CA ASP C 411 -5.06 46.07 64.62
C ASP C 411 -3.90 47.03 64.87
N LEU C 412 -2.98 47.17 63.92
CA LEU C 412 -1.76 47.93 64.11
C LEU C 412 -1.98 49.42 63.86
N PRO C 413 -1.22 50.28 64.53
CA PRO C 413 -1.26 51.71 64.22
C PRO C 413 -0.99 51.96 62.73
N ALA C 414 -1.51 53.09 62.24
CA ALA C 414 -1.41 53.40 60.81
C ALA C 414 0.03 53.44 60.34
N ALA C 415 0.93 54.03 61.13
CA ALA C 415 2.32 54.09 60.74
C ALA C 415 2.95 52.70 60.68
N GLU C 416 2.51 51.79 61.55
CA GLU C 416 2.99 50.41 61.50
C GLU C 416 2.36 49.66 60.32
N LYS C 417 1.07 49.90 60.06
CA LYS C 417 0.42 49.34 58.88
C LYS C 417 1.22 49.64 57.62
N ALA C 418 1.79 50.85 57.53
CA ALA C 418 2.47 51.26 56.32
C ALA C 418 3.82 50.57 56.17
N LYS C 419 4.51 50.28 57.27
CA LYS C 419 5.80 49.60 57.19
C LYS C 419 5.66 48.11 56.94
N ARG C 420 4.47 47.53 57.16
CA ARG C 420 4.26 46.10 56.99
C ARG C 420 3.34 45.76 55.82
N LEU C 421 2.76 46.75 55.15
CA LEU C 421 1.95 46.46 53.97
C LEU C 421 2.86 46.09 52.81
N SER C 422 3.13 44.79 52.66
CA SER C 422 4.09 44.32 51.67
C SER C 422 3.72 42.92 51.21
N VAL C 423 4.40 42.46 50.16
CA VAL C 423 4.33 41.09 49.68
C VAL C 423 5.67 40.45 49.97
N GLU C 424 5.70 39.50 50.91
CA GLU C 424 6.95 38.96 51.44
C GLU C 424 6.95 37.44 51.39
N VAL C 425 8.15 36.86 51.41
CA VAL C 425 8.31 35.43 51.49
C VAL C 425 8.70 35.06 52.92
N LEU C 426 8.56 33.78 53.24
CA LEU C 426 8.96 33.30 54.55
C LEU C 426 10.47 33.39 54.70
N PRO C 427 10.98 33.48 55.93
CA PRO C 427 12.43 33.49 56.15
C PRO C 427 13.06 32.18 55.71
N LYS C 428 14.29 32.27 55.20
CA LYS C 428 14.97 31.07 54.67
C LYS C 428 15.13 30.00 55.74
N LYS C 429 15.30 30.39 57.00
CA LYS C 429 15.43 29.41 58.07
C LYS C 429 14.23 28.46 58.10
N LEU C 430 13.02 28.98 57.89
CA LEU C 430 11.83 28.13 57.87
C LEU C 430 11.73 27.30 56.60
N ASP C 431 12.16 27.87 55.47
CA ASP C 431 12.28 27.10 54.24
C ASP C 431 13.15 25.87 54.44
N GLU C 432 14.30 26.06 55.09
CA GLU C 432 15.17 24.93 55.38
C GLU C 432 14.50 23.94 56.33
N GLU C 433 13.77 24.44 57.34
CA GLU C 433 13.13 23.55 58.30
C GLU C 433 12.04 22.70 57.65
N VAL C 434 11.29 23.27 56.72
CA VAL C 434 10.36 22.47 55.92
C VAL C 434 11.13 21.43 55.11
N ALA C 435 12.21 21.88 54.45
CA ALA C 435 12.97 20.97 53.60
C ALA C 435 13.52 19.79 54.40
N LEU C 436 13.96 20.04 55.63
CA LEU C 436 14.57 18.98 56.42
C LEU C 436 13.56 17.88 56.73
N GLU C 437 12.32 18.26 57.04
CA GLU C 437 11.30 17.25 57.30
C GLU C 437 10.92 16.47 56.05
N MET C 438 10.94 17.13 54.88
CA MET C 438 10.70 16.40 53.63
C MET C 438 11.79 15.36 53.41
N VAL C 439 13.05 15.74 53.62
CA VAL C 439 14.17 14.82 53.42
C VAL C 439 14.05 13.61 54.34
N LYS C 440 13.82 13.87 55.63
CA LYS C 440 13.62 12.76 56.56
C LYS C 440 12.47 11.87 56.13
N GLY C 441 11.44 12.45 55.49
CA GLY C 441 10.36 11.64 54.95
C GLY C 441 10.83 10.62 53.93
N PHE C 442 11.91 10.93 53.22
CA PHE C 442 12.49 9.98 52.27
C PHE C 442 13.49 9.04 52.94
N GLY C 443 13.73 9.20 54.23
CA GLY C 443 14.82 8.48 54.85
C GLY C 443 16.17 9.09 54.58
N GLY C 444 16.22 10.30 54.01
CA GLY C 444 17.49 10.96 53.81
C GLY C 444 18.15 11.39 55.10
N VAL C 445 19.46 11.56 55.05
CA VAL C 445 20.24 11.92 56.23
C VAL C 445 21.05 13.17 55.90
N VAL C 446 20.70 14.29 56.53
CA VAL C 446 21.41 15.54 56.31
C VAL C 446 22.62 15.57 57.25
N THR C 447 23.77 15.96 56.69
CA THR C 447 25.00 16.04 57.46
C THR C 447 25.05 17.36 58.22
N GLN C 448 25.58 17.30 59.44
CA GLN C 448 25.74 18.48 60.28
C GLN C 448 27.17 19.00 60.13
N LEU C 449 27.31 20.26 59.75
CA LEU C 449 28.60 20.92 59.72
C LEU C 449 29.29 20.85 61.08
N THR C 450 30.63 20.77 61.05
CA THR C 450 31.38 20.97 62.28
C THR C 450 31.48 22.46 62.55
N PRO C 451 31.82 22.85 63.79
CA PRO C 451 32.00 24.29 64.06
C PRO C 451 33.02 24.93 63.13
N LYS C 452 34.15 24.28 62.88
CA LYS C 452 35.15 24.84 61.98
C LYS C 452 34.63 24.95 60.55
N GLN C 453 33.87 23.95 60.09
CA GLN C 453 33.35 24.01 58.73
C GLN C 453 32.32 25.13 58.59
N ALA C 454 31.43 25.27 59.56
CA ALA C 454 30.46 26.36 59.53
C ALA C 454 31.16 27.72 59.51
N GLU C 455 32.22 27.86 60.30
CA GLU C 455 32.99 29.10 60.32
C GLU C 455 33.66 29.34 58.97
N TYR C 456 34.12 28.26 58.31
CA TYR C 456 34.88 28.40 57.07
C TYR C 456 34.02 28.98 55.96
N ILE C 457 32.75 28.55 55.85
CA ILE C 457 31.85 29.09 54.84
C ILE C 457 30.97 30.20 55.38
N GLY C 458 31.16 30.62 56.62
CA GLY C 458 30.44 31.73 57.22
C GLY C 458 28.96 31.53 57.47
N VAL C 459 28.59 30.44 58.15
CA VAL C 459 27.19 30.14 58.45
C VAL C 459 27.11 29.59 59.87
N SER C 460 25.91 29.65 60.44
CA SER C 460 25.65 28.92 61.66
C SER C 460 25.53 27.43 61.37
N VAL C 461 25.98 26.61 62.32
CA VAL C 461 25.74 25.17 62.22
C VAL C 461 24.26 24.88 62.05
N GLU C 462 23.39 25.71 62.64
CA GLU C 462 21.95 25.56 62.49
C GLU C 462 21.41 26.15 61.19
N GLY C 463 22.22 26.87 60.42
CA GLY C 463 21.73 27.57 59.26
C GLY C 463 21.21 28.97 59.62
N PRO C 464 20.69 29.73 58.64
CA PRO C 464 20.53 29.41 57.22
C PRO C 464 21.86 29.16 56.53
N PHE C 465 21.87 28.32 55.49
CA PHE C 465 23.11 27.87 54.87
C PHE C 465 23.46 28.64 53.60
N LYS C 466 22.55 29.44 53.06
CA LYS C 466 22.75 30.18 51.82
C LYS C 466 22.35 31.63 52.01
N PRO C 467 23.04 32.55 51.32
CA PRO C 467 22.58 33.93 51.29
C PRO C 467 21.23 34.01 50.59
N ASP C 468 20.50 35.10 50.86
CA ASP C 468 19.17 35.27 50.28
C ASP C 468 19.20 35.35 48.77
N THR C 469 20.36 35.66 48.18
CA THR C 469 20.50 35.75 46.74
C THR C 469 20.56 34.39 46.05
N TYR C 470 20.70 33.29 46.79
CA TYR C 470 20.99 31.99 46.19
C TYR C 470 19.77 31.44 45.44
N ARG C 471 20.02 30.91 44.24
CA ARG C 471 18.96 30.46 43.35
C ARG C 471 18.71 28.96 43.39
N TYR C 472 19.58 28.17 44.03
CA TYR C 472 19.47 26.72 44.08
C TYR C 472 19.36 26.12 42.69
N PRO D 10 -28.08 -5.76 18.33
CA PRO D 10 -29.19 -6.21 17.50
C PRO D 10 -30.41 -6.68 18.31
N ALA D 11 -31.51 -6.97 17.63
CA ALA D 11 -32.76 -7.32 18.29
C ALA D 11 -32.77 -8.80 18.64
N GLY D 12 -32.85 -9.10 19.94
CA GLY D 12 -32.93 -10.46 20.43
C GLY D 12 -31.62 -11.03 20.95
N PHE D 13 -30.51 -10.36 20.73
CA PHE D 13 -29.20 -10.91 21.12
C PHE D 13 -29.01 -10.80 22.63
N THR D 14 -28.87 -11.94 23.29
CA THR D 14 -28.63 -12.00 24.73
C THR D 14 -27.48 -12.93 25.08
N ASP D 15 -26.69 -13.37 24.09
CA ASP D 15 -25.62 -14.34 24.31
C ASP D 15 -24.35 -13.62 24.75
N TYR D 16 -24.44 -13.00 25.93
CA TYR D 16 -23.31 -12.28 26.51
C TYR D 16 -23.57 -12.11 28.00
N LYS D 17 -22.54 -11.63 28.70
CA LYS D 17 -22.68 -11.27 30.11
C LYS D 17 -21.63 -10.21 30.42
N VAL D 18 -22.05 -8.95 30.56
CA VAL D 18 -21.19 -7.84 30.86
C VAL D 18 -21.78 -7.07 32.04
N ALA D 19 -21.00 -6.11 32.56
CA ALA D 19 -21.43 -5.40 33.76
C ALA D 19 -22.55 -4.42 33.46
N ASP D 20 -22.44 -3.66 32.37
CA ASP D 20 -23.39 -2.58 32.09
C ASP D 20 -23.39 -2.33 30.59
N ILE D 21 -24.42 -2.84 29.91
CA ILE D 21 -24.52 -2.73 28.46
C ILE D 21 -24.65 -1.28 28.01
N THR D 22 -25.14 -0.38 28.87
CA THR D 22 -25.28 1.02 28.51
C THR D 22 -23.94 1.72 28.33
N LEU D 23 -22.84 1.07 28.70
CA LEU D 23 -21.51 1.64 28.47
C LEU D 23 -21.04 1.50 27.03
N ALA D 24 -21.86 0.91 26.15
CA ALA D 24 -21.37 0.56 24.81
C ALA D 24 -21.01 1.80 24.00
N ALA D 25 -21.84 2.85 24.08
CA ALA D 25 -21.56 4.06 23.30
C ALA D 25 -20.21 4.65 23.68
N TRP D 26 -19.91 4.71 24.98
CA TRP D 26 -18.60 5.19 25.42
C TRP D 26 -17.50 4.29 24.88
N GLY D 27 -17.63 2.98 25.04
CA GLY D 27 -16.61 2.07 24.54
C GLY D 27 -16.39 2.21 23.03
N ARG D 28 -17.46 2.46 22.27
CA ARG D 28 -17.31 2.67 20.84
C ARG D 28 -16.48 3.91 20.55
N ARG D 29 -16.72 5.01 21.28
CA ARG D 29 -15.89 6.20 21.13
C ARG D 29 -14.42 5.89 21.39
N GLU D 30 -14.13 5.02 22.36
CA GLU D 30 -12.75 4.69 22.64
C GLU D 30 -12.18 3.67 21.66
N LEU D 31 -13.02 2.77 21.12
CA LEU D 31 -12.54 1.92 20.03
C LEU D 31 -12.22 2.71 18.77
N ILE D 32 -12.95 3.80 18.52
CA ILE D 32 -12.69 4.61 17.33
C ILE D 32 -11.39 5.37 17.47
N ILE D 33 -11.08 5.85 18.67
CA ILE D 33 -9.77 6.44 18.92
C ILE D 33 -8.68 5.39 18.79
N ALA D 34 -8.91 4.22 19.39
CA ALA D 34 -7.87 3.19 19.41
C ALA D 34 -7.52 2.70 18.01
N GLU D 35 -8.51 2.63 17.11
CA GLU D 35 -8.20 2.30 15.72
C GLU D 35 -7.18 3.27 15.13
N SER D 36 -7.30 4.56 15.47
CA SER D 36 -6.32 5.53 15.00
C SER D 36 -4.94 5.30 15.58
N GLU D 37 -4.82 4.58 16.70
CA GLU D 37 -3.55 4.30 17.35
C GLU D 37 -2.98 2.94 17.02
N MET D 38 -3.63 2.16 16.16
CA MET D 38 -3.23 0.78 15.89
C MET D 38 -3.05 0.56 14.39
N PRO D 39 -2.04 1.20 13.80
CA PRO D 39 -1.91 1.13 12.33
C PRO D 39 -1.56 -0.25 11.80
N ALA D 40 -0.71 -0.99 12.52
CA ALA D 40 -0.38 -2.34 12.07
C ALA D 40 -1.62 -3.22 12.04
N LEU D 41 -2.39 -3.21 13.13
CA LEU D 41 -3.59 -4.04 13.20
C LEU D 41 -4.65 -3.57 12.21
N MET D 42 -4.88 -2.26 12.14
N MET D 42 -4.89 -2.26 12.12
CA MET D 42 -5.84 -1.72 11.17
CA MET D 42 -5.88 -1.76 11.17
C MET D 42 -5.41 -2.00 9.74
C MET D 42 -5.42 -1.96 9.72
N GLY D 43 -4.11 -1.90 9.47
CA GLY D 43 -3.62 -2.18 8.13
C GLY D 43 -3.86 -3.62 7.72
N LEU D 44 -3.77 -4.56 8.67
CA LEU D 44 -4.14 -5.94 8.38
C LEU D 44 -5.64 -6.07 8.16
N ARG D 45 -6.44 -5.34 8.95
CA ARG D 45 -7.88 -5.35 8.74
C ARG D 45 -8.23 -4.92 7.32
N ARG D 46 -7.63 -3.80 6.87
CA ARG D 46 -7.87 -3.32 5.51
C ARG D 46 -7.22 -4.21 4.47
N LYS D 47 -6.08 -4.83 4.78
CA LYS D 47 -5.41 -5.66 3.78
C LYS D 47 -6.21 -6.90 3.45
N TYR D 48 -6.70 -7.60 4.48
CA TYR D 48 -7.35 -8.89 4.32
C TYR D 48 -8.87 -8.81 4.25
N ALA D 49 -9.45 -7.61 4.34
CA ALA D 49 -10.90 -7.50 4.37
C ALA D 49 -11.54 -8.13 3.13
N GLY D 50 -11.06 -7.75 1.94
CA GLY D 50 -11.64 -8.29 0.72
C GLY D 50 -11.51 -9.79 0.59
N GLN D 51 -10.42 -10.36 1.11
CA GLN D 51 -10.19 -11.79 0.94
C GLN D 51 -10.97 -12.63 1.95
N GLN D 52 -11.17 -12.12 3.16
CA GLN D 52 -11.82 -12.84 4.26
C GLN D 52 -11.04 -14.11 4.58
N PRO D 53 -9.77 -14.01 4.97
CA PRO D 53 -8.96 -15.22 5.18
C PRO D 53 -9.44 -16.07 6.35
N LEU D 54 -10.37 -15.57 7.17
CA LEU D 54 -10.86 -16.30 8.33
C LEU D 54 -12.32 -16.70 8.21
N LYS D 55 -12.92 -16.62 7.02
CA LYS D 55 -14.28 -17.10 6.84
C LYS D 55 -14.35 -18.58 7.19
N GLY D 56 -15.27 -18.93 8.08
CA GLY D 56 -15.38 -20.29 8.58
C GLY D 56 -14.59 -20.55 9.86
N ALA D 57 -13.74 -19.61 10.28
CA ALA D 57 -13.07 -19.76 11.57
C ALA D 57 -14.05 -19.52 12.71
N LYS D 58 -13.93 -20.33 13.75
CA LYS D 58 -14.78 -20.22 14.93
C LYS D 58 -13.82 -20.24 16.13
N ILE D 59 -13.60 -19.06 16.70
CA ILE D 59 -12.44 -18.81 17.56
C ILE D 59 -12.88 -18.68 19.00
N LEU D 60 -12.34 -19.53 19.86
N LEU D 60 -12.32 -19.53 19.86
CA LEU D 60 -12.41 -19.34 21.30
CA LEU D 60 -12.42 -19.37 21.30
C LEU D 60 -11.31 -18.38 21.71
C LEU D 60 -11.31 -18.43 21.75
N GLY D 61 -11.71 -17.23 22.27
N GLY D 61 -11.69 -17.27 22.28
CA GLY D 61 -10.75 -16.22 22.67
CA GLY D 61 -10.74 -16.25 22.69
C GLY D 61 -10.79 -15.92 24.16
C GLY D 61 -10.80 -16.03 24.19
N CYS D 62 -9.63 -15.98 24.81
CA CYS D 62 -9.51 -15.75 26.26
C CYS D 62 -8.34 -14.80 26.45
N ILE D 63 -8.63 -13.51 26.60
CA ILE D 63 -7.61 -12.49 26.81
C ILE D 63 -8.28 -11.24 27.35
N HIS D 64 -7.56 -10.51 28.20
CA HIS D 64 -8.00 -9.26 28.85
C HIS D 64 -8.95 -8.44 27.99
N MET D 65 -10.21 -8.31 28.41
CA MET D 65 -11.22 -7.64 27.60
C MET D 65 -11.07 -6.12 27.74
N THR D 66 -10.02 -5.60 27.09
CA THR D 66 -9.73 -4.17 27.05
C THR D 66 -10.21 -3.56 25.73
N ILE D 67 -10.14 -2.23 25.67
CA ILE D 67 -10.37 -1.54 24.40
C ILE D 67 -9.48 -2.11 23.29
N GLN D 68 -8.24 -2.44 23.63
CA GLN D 68 -7.32 -2.96 22.62
C GLN D 68 -7.77 -4.33 22.12
N THR D 69 -8.18 -5.21 23.04
CA THR D 69 -8.74 -6.49 22.63
C THR D 69 -9.99 -6.31 21.79
N GLY D 70 -10.78 -5.28 22.07
CA GLY D 70 -11.92 -4.99 21.22
C GLY D 70 -11.53 -4.80 19.78
N VAL D 71 -10.47 -4.02 19.54
CA VAL D 71 -10.00 -3.79 18.19
C VAL D 71 -9.54 -5.09 17.54
N LEU D 72 -8.84 -5.94 18.31
CA LEU D 72 -8.44 -7.25 17.82
C LEU D 72 -9.65 -8.11 17.50
N ILE D 73 -10.64 -8.13 18.40
CA ILE D 73 -11.83 -8.96 18.19
C ILE D 73 -12.52 -8.55 16.90
N GLU D 74 -12.76 -7.25 16.72
CA GLU D 74 -13.49 -6.81 15.54
C GLU D 74 -12.66 -6.94 14.27
N THR D 75 -11.34 -6.91 14.37
CA THR D 75 -10.51 -7.23 13.22
C THR D 75 -10.75 -8.67 12.77
N LEU D 76 -10.70 -9.60 13.71
CA LEU D 76 -10.93 -11.01 13.41
C LEU D 76 -12.30 -11.20 12.76
N VAL D 77 -13.33 -10.57 13.32
CA VAL D 77 -14.68 -10.66 12.76
C VAL D 77 -14.69 -10.07 11.35
N ALA D 78 -14.01 -8.93 11.17
CA ALA D 78 -13.97 -8.27 9.87
C ALA D 78 -13.31 -9.14 8.82
N LEU D 79 -12.51 -10.12 9.23
CA LEU D 79 -11.85 -11.04 8.30
C LEU D 79 -12.60 -12.36 8.14
N GLY D 80 -13.79 -12.48 8.73
CA GLY D 80 -14.67 -13.61 8.48
C GLY D 80 -14.95 -14.49 9.68
N ALA D 81 -14.24 -14.32 10.78
CA ALA D 81 -14.36 -15.24 11.90
C ALA D 81 -15.65 -15.02 12.70
N GLU D 82 -16.06 -16.06 13.40
CA GLU D 82 -16.96 -15.99 14.53
C GLU D 82 -16.15 -16.22 15.79
N VAL D 83 -16.42 -15.44 16.84
CA VAL D 83 -15.70 -15.57 18.09
C VAL D 83 -16.68 -15.63 19.26
N ARG D 84 -16.24 -16.28 20.33
CA ARG D 84 -16.84 -16.24 21.65
C ARG D 84 -15.73 -15.94 22.63
N TRP D 85 -15.90 -14.91 23.46
CA TRP D 85 -14.78 -14.28 24.14
C TRP D 85 -14.94 -14.26 25.65
N SER D 86 -13.81 -14.29 26.33
CA SER D 86 -13.76 -14.06 27.77
C SER D 86 -12.43 -13.41 28.11
N SER D 87 -12.36 -12.82 29.30
CA SER D 87 -11.11 -12.25 29.77
C SER D 87 -10.25 -13.34 30.42
N CYS D 88 -8.94 -13.14 30.39
CA CYS D 88 -8.03 -14.06 31.06
C CYS D 88 -7.59 -13.58 32.44
N ASN D 89 -8.27 -12.58 33.00
CA ASN D 89 -7.99 -12.16 34.37
C ASN D 89 -9.24 -11.54 34.97
N ILE D 90 -9.39 -11.66 36.31
CA ILE D 90 -10.63 -11.24 36.97
C ILE D 90 -10.75 -9.71 37.05
N PHE D 91 -9.64 -8.98 37.04
CA PHE D 91 -9.69 -7.52 37.20
C PHE D 91 -9.29 -6.76 35.95
N SER D 92 -8.98 -7.44 34.84
CA SER D 92 -8.38 -6.75 33.69
C SER D 92 -9.39 -6.17 32.73
N THR D 93 -10.66 -6.58 32.80
CA THR D 93 -11.67 -6.13 31.84
C THR D 93 -11.95 -4.64 32.00
N GLN D 94 -12.03 -3.95 30.87
CA GLN D 94 -12.62 -2.61 30.81
C GLN D 94 -14.09 -2.76 30.46
N ASP D 95 -14.98 -2.34 31.36
CA ASP D 95 -16.40 -2.63 31.18
C ASP D 95 -16.99 -1.94 29.95
N GLN D 96 -16.47 -0.78 29.56
CA GLN D 96 -17.00 -0.15 28.35
C GLN D 96 -16.53 -0.88 27.09
N ALA D 97 -15.34 -1.50 27.14
CA ALA D 97 -14.91 -2.34 26.03
C ALA D 97 -15.81 -3.55 25.88
N ALA D 98 -16.04 -4.28 26.98
CA ALA D 98 -16.92 -5.45 26.95
C ALA D 98 -18.33 -5.09 26.50
N ALA D 99 -18.82 -3.93 26.94
CA ALA D 99 -20.15 -3.49 26.55
C ALA D 99 -20.23 -3.26 25.04
N ALA D 100 -19.24 -2.55 24.49
CA ALA D 100 -19.28 -2.23 23.07
C ALA D 100 -19.25 -3.49 22.22
N ILE D 101 -18.49 -4.51 22.67
CA ILE D 101 -18.39 -5.76 21.93
C ILE D 101 -19.72 -6.53 21.98
N ALA D 102 -20.35 -6.60 23.16
CA ALA D 102 -21.64 -7.27 23.26
C ALA D 102 -22.70 -6.53 22.45
N ALA D 103 -22.70 -5.19 22.50
CA ALA D 103 -23.65 -4.42 21.72
C ALA D 103 -23.49 -4.67 20.23
N ALA D 104 -22.28 -5.05 19.79
CA ALA D 104 -22.03 -5.37 18.40
C ALA D 104 -22.57 -6.73 17.99
N GLY D 105 -23.17 -7.47 18.92
CA GLY D 105 -23.66 -8.80 18.63
C GLY D 105 -22.63 -9.90 18.79
N ILE D 106 -21.57 -9.67 19.55
CA ILE D 106 -20.48 -10.63 19.72
C ILE D 106 -20.58 -11.24 21.11
N PRO D 107 -20.58 -12.57 21.24
CA PRO D 107 -20.66 -13.18 22.57
C PRO D 107 -19.39 -12.93 23.36
N VAL D 108 -19.54 -12.22 24.48
CA VAL D 108 -18.44 -11.90 25.38
C VAL D 108 -18.94 -11.99 26.81
N PHE D 109 -18.18 -12.69 27.66
CA PHE D 109 -18.54 -12.90 29.06
C PHE D 109 -17.38 -12.37 29.90
N ALA D 110 -17.50 -11.14 30.38
CA ALA D 110 -16.37 -10.47 31.00
C ALA D 110 -16.83 -9.21 31.72
N TRP D 111 -16.32 -9.00 32.93
CA TRP D 111 -16.53 -7.74 33.63
C TRP D 111 -15.39 -7.57 34.63
N LYS D 112 -15.21 -6.33 35.07
CA LYS D 112 -14.13 -6.01 36.00
C LYS D 112 -14.56 -6.39 37.42
N GLY D 113 -13.78 -7.26 38.05
CA GLY D 113 -14.10 -7.68 39.41
C GLY D 113 -14.86 -8.99 39.50
N GLU D 114 -14.50 -9.98 38.68
CA GLU D 114 -15.11 -11.29 38.78
C GLU D 114 -14.59 -12.04 40.00
N THR D 115 -15.42 -12.92 40.55
CA THR D 115 -14.90 -13.91 41.49
C THR D 115 -14.19 -15.02 40.72
N GLU D 116 -13.52 -15.91 41.46
CA GLU D 116 -12.92 -17.07 40.80
C GLU D 116 -13.97 -17.92 40.11
N GLU D 117 -15.14 -18.08 40.74
CA GLU D 117 -16.22 -18.86 40.14
C GLU D 117 -16.74 -18.18 38.87
N GLU D 118 -16.96 -16.87 38.93
CA GLU D 118 -17.44 -16.14 37.75
C GLU D 118 -16.44 -16.21 36.62
N TYR D 119 -15.14 -16.19 36.93
CA TYR D 119 -14.11 -16.30 35.91
C TYR D 119 -14.21 -17.63 35.18
N GLU D 120 -14.25 -18.73 35.93
CA GLU D 120 -14.39 -20.05 35.31
C GLU D 120 -15.71 -20.18 34.57
N TRP D 121 -16.77 -19.53 35.08
CA TRP D 121 -18.06 -19.56 34.40
C TRP D 121 -17.96 -18.91 33.02
N CYS D 122 -17.19 -17.82 32.90
CA CYS D 122 -17.13 -17.08 31.65
C CYS D 122 -16.43 -17.86 30.56
N ILE D 123 -15.31 -18.51 30.91
CA ILE D 123 -14.62 -19.36 29.93
C ILE D 123 -15.55 -20.47 29.44
N GLU D 124 -16.30 -21.09 30.36
CA GLU D 124 -17.22 -22.15 29.97
C GLU D 124 -18.36 -21.63 29.11
N GLN D 125 -18.75 -20.37 29.31
CA GLN D 125 -19.79 -19.78 28.46
C GLN D 125 -19.30 -19.62 27.03
N THR D 126 -18.00 -19.38 26.83
CA THR D 126 -17.50 -19.37 25.46
C THR D 126 -17.39 -20.79 24.90
N ILE D 127 -16.99 -21.75 25.74
CA ILE D 127 -16.82 -23.13 25.28
C ILE D 127 -18.15 -23.74 24.89
N LEU D 128 -19.20 -23.47 25.66
CA LEU D 128 -20.52 -24.05 25.46
C LEU D 128 -21.46 -23.03 24.84
N LYS D 129 -22.16 -23.43 23.78
CA LYS D 129 -23.20 -22.62 23.17
C LYS D 129 -24.50 -23.43 23.20
N ASP D 130 -25.51 -22.89 23.88
CA ASP D 130 -26.80 -23.57 24.04
C ASP D 130 -26.62 -24.95 24.68
N GLY D 131 -25.83 -24.98 25.76
CA GLY D 131 -25.66 -26.20 26.54
C GLY D 131 -24.87 -27.30 25.87
N GLN D 132 -24.31 -27.05 24.68
CA GLN D 132 -23.49 -28.04 24.00
C GLN D 132 -22.18 -27.41 23.58
N PRO D 133 -21.09 -28.20 23.53
CA PRO D 133 -19.82 -27.65 23.04
C PRO D 133 -19.97 -26.98 21.68
N TRP D 134 -19.56 -25.73 21.60
CA TRP D 134 -19.53 -25.01 20.34
C TRP D 134 -18.60 -25.73 19.37
N ASP D 135 -18.90 -25.63 18.08
CA ASP D 135 -18.06 -26.25 17.05
C ASP D 135 -16.89 -25.34 16.68
N ALA D 136 -16.08 -25.02 17.70
CA ALA D 136 -14.93 -24.16 17.52
C ALA D 136 -13.81 -24.87 16.79
N ASN D 137 -13.01 -24.09 16.06
CA ASN D 137 -11.87 -24.65 15.34
C ASN D 137 -10.59 -23.84 15.50
N MET D 138 -10.59 -22.79 16.32
CA MET D 138 -9.41 -21.98 16.57
C MET D 138 -9.44 -21.51 18.01
N VAL D 139 -8.25 -21.32 18.60
CA VAL D 139 -8.11 -20.87 19.99
C VAL D 139 -7.12 -19.71 20.04
N LEU D 140 -7.54 -18.60 20.65
CA LEU D 140 -6.62 -17.50 20.98
C LEU D 140 -6.58 -17.39 22.49
N ASP D 141 -5.40 -17.55 23.07
CA ASP D 141 -5.28 -17.64 24.53
C ASP D 141 -4.23 -16.67 25.03
N ASP D 142 -4.35 -16.30 26.32
CA ASP D 142 -3.40 -15.45 27.01
C ASP D 142 -3.24 -16.00 28.42
N GLY D 143 -2.18 -16.77 28.66
CA GLY D 143 -1.95 -17.39 29.94
C GLY D 143 -2.21 -18.89 29.94
N GLY D 144 -2.94 -19.40 28.96
CA GLY D 144 -3.14 -20.83 28.82
C GLY D 144 -4.25 -21.43 29.63
N ASP D 145 -5.11 -20.61 30.26
CA ASP D 145 -6.18 -21.18 31.08
C ASP D 145 -7.23 -21.86 30.21
N LEU D 146 -7.65 -21.19 29.13
CA LEU D 146 -8.58 -21.82 28.20
C LEU D 146 -7.98 -23.07 27.59
N THR D 147 -6.70 -23.02 27.20
CA THR D 147 -6.03 -24.18 26.65
C THR D 147 -6.03 -25.35 27.65
N GLU D 148 -5.85 -25.05 28.94
CA GLU D 148 -5.86 -26.10 29.94
C GLU D 148 -7.25 -26.69 30.11
N ILE D 149 -8.29 -25.83 30.16
CA ILE D 149 -9.66 -26.34 30.32
C ILE D 149 -10.06 -27.23 29.15
N LEU D 150 -9.68 -26.84 27.93
CA LEU D 150 -10.00 -27.66 26.76
C LEU D 150 -9.32 -29.03 26.85
N HIS D 151 -8.02 -29.06 27.13
CA HIS D 151 -7.30 -30.34 27.20
C HIS D 151 -7.80 -31.21 28.35
N LYS D 152 -8.12 -30.61 29.49
CA LYS D 152 -8.47 -31.39 30.67
C LYS D 152 -9.96 -31.68 30.75
N LYS D 153 -10.82 -30.75 30.32
CA LYS D 153 -12.26 -30.94 30.49
C LYS D 153 -13.01 -31.21 29.19
N TYR D 154 -12.52 -30.74 28.04
CA TYR D 154 -13.24 -30.91 26.77
C TYR D 154 -12.34 -31.47 25.67
N PRO D 155 -11.60 -32.55 25.96
CA PRO D 155 -10.58 -32.99 25.00
C PRO D 155 -11.14 -33.35 23.63
N GLN D 156 -12.41 -33.74 23.56
CA GLN D 156 -12.99 -34.10 22.28
C GLN D 156 -13.12 -32.88 21.36
N MET D 157 -13.27 -31.68 21.94
CA MET D 157 -13.36 -30.49 21.12
C MET D 157 -12.05 -30.23 20.36
N LEU D 158 -10.93 -30.59 20.96
CA LEU D 158 -9.63 -30.39 20.30
C LEU D 158 -9.48 -31.22 19.02
N GLU D 159 -10.34 -32.23 18.80
CA GLU D 159 -10.30 -32.96 17.54
C GLU D 159 -10.74 -32.12 16.36
N ARG D 160 -11.37 -30.97 16.60
CA ARG D 160 -11.87 -30.11 15.53
C ARG D 160 -11.13 -28.77 15.47
N ILE D 161 -10.18 -28.52 16.37
CA ILE D 161 -9.48 -27.24 16.45
C ILE D 161 -8.16 -27.35 15.71
N HIS D 162 -7.85 -26.32 14.91
CA HIS D 162 -6.68 -26.31 14.04
C HIS D 162 -5.44 -25.76 14.71
N GLY D 163 -5.57 -25.00 15.79
CA GLY D 163 -4.40 -24.43 16.41
C GLY D 163 -4.73 -23.44 17.50
N ILE D 164 -3.70 -23.14 18.30
CA ILE D 164 -3.76 -22.18 19.38
C ILE D 164 -2.75 -21.08 19.11
N THR D 165 -3.13 -19.83 19.37
CA THR D 165 -2.19 -18.71 19.27
C THR D 165 -2.06 -18.10 20.67
N GLU D 166 -0.93 -18.39 21.32
CA GLU D 166 -0.75 -18.01 22.72
C GLU D 166 -0.02 -16.68 22.82
N GLU D 167 -0.53 -15.80 23.69
CA GLU D 167 -0.07 -14.41 23.73
C GLU D 167 1.16 -14.20 24.60
N THR D 168 1.26 -14.90 25.74
CA THR D 168 2.19 -14.45 26.75
C THR D 168 3.15 -15.55 27.19
N THR D 169 4.25 -15.10 27.80
CA THR D 169 5.35 -15.98 28.21
C THR D 169 4.85 -17.18 29.00
N THR D 170 4.06 -16.92 30.05
CA THR D 170 3.59 -17.98 30.91
C THR D 170 2.81 -19.03 30.13
N GLY D 171 1.97 -18.60 29.18
CA GLY D 171 1.23 -19.55 28.38
C GLY D 171 2.13 -20.39 27.49
N VAL D 172 3.18 -19.78 26.95
CA VAL D 172 4.07 -20.50 26.05
C VAL D 172 4.82 -21.58 26.82
N HIS D 173 5.25 -21.27 28.04
CA HIS D 173 5.92 -22.27 28.87
C HIS D 173 4.99 -23.46 29.11
N ARG D 174 3.71 -23.20 29.37
CA ARG D 174 2.77 -24.30 29.57
C ARG D 174 2.61 -25.14 28.30
N LEU D 175 2.56 -24.49 27.13
CA LEU D 175 2.47 -25.22 25.87
C LEU D 175 3.70 -26.09 25.64
N LEU D 176 4.89 -25.52 25.85
CA LEU D 176 6.11 -26.29 25.68
C LEU D 176 6.18 -27.44 26.67
N ASP D 177 5.60 -27.26 27.86
CA ASP D 177 5.57 -28.36 28.82
C ASP D 177 4.67 -29.48 28.32
N MET D 178 3.53 -29.13 27.71
CA MET D 178 2.64 -30.15 27.16
C MET D 178 3.26 -30.83 25.95
N LEU D 179 3.94 -30.06 25.09
CA LEU D 179 4.63 -30.67 23.97
C LEU D 179 5.69 -31.66 24.44
N LYS D 180 6.43 -31.31 25.49
CA LYS D 180 7.48 -32.19 25.99
C LYS D 180 6.93 -33.49 26.56
N ASN D 181 5.75 -33.43 27.17
CA ASN D 181 5.12 -34.62 27.75
C ASN D 181 4.17 -35.32 26.79
N GLY D 182 4.07 -34.87 25.54
CA GLY D 182 3.21 -35.51 24.56
C GLY D 182 1.73 -35.27 24.77
N THR D 183 1.36 -34.30 25.60
CA THR D 183 -0.03 -34.07 25.96
C THR D 183 -0.65 -32.91 25.20
N LEU D 184 0.11 -32.20 24.38
CA LEU D 184 -0.46 -31.15 23.54
C LEU D 184 -1.18 -31.76 22.35
N LYS D 185 -2.44 -31.40 22.17
CA LYS D 185 -3.27 -32.05 21.17
C LYS D 185 -3.32 -31.32 19.84
N VAL D 186 -2.98 -30.04 19.79
CA VAL D 186 -3.06 -29.26 18.55
C VAL D 186 -1.83 -28.36 18.45
N PRO D 187 -1.47 -27.96 17.23
CA PRO D 187 -0.30 -27.08 17.08
C PRO D 187 -0.60 -25.69 17.61
N ALA D 188 0.48 -24.97 17.92
CA ALA D 188 0.35 -23.61 18.45
C ALA D 188 1.39 -22.71 17.82
N ILE D 189 1.07 -21.41 17.75
CA ILE D 189 2.04 -20.37 17.42
C ILE D 189 2.33 -19.57 18.68
N ASN D 190 3.62 -19.44 19.00
CA ASN D 190 4.10 -18.60 20.09
C ASN D 190 4.08 -17.16 19.59
N VAL D 191 3.02 -16.42 19.96
CA VAL D 191 2.96 -15.03 19.54
C VAL D 191 3.91 -14.19 20.37
N ASN D 192 4.21 -14.65 21.59
CA ASN D 192 4.99 -13.84 22.53
C ASN D 192 6.37 -13.51 21.98
N ASP D 193 7.01 -14.44 21.29
CA ASP D 193 8.43 -14.28 20.95
C ASP D 193 8.68 -13.63 19.60
N SER D 194 7.64 -13.14 18.91
CA SER D 194 7.86 -12.11 17.91
C SER D 194 8.56 -10.92 18.56
N VAL D 195 9.52 -10.32 17.85
CA VAL D 195 10.19 -9.17 18.44
C VAL D 195 9.22 -8.01 18.60
N THR D 196 8.31 -7.82 17.64
CA THR D 196 7.29 -6.79 17.79
C THR D 196 6.27 -7.11 18.86
N LYS D 197 6.40 -8.24 19.54
CA LYS D 197 5.60 -8.52 20.72
C LYS D 197 6.48 -8.51 21.96
N SER D 198 7.35 -9.51 22.13
CA SER D 198 8.15 -9.63 23.33
C SER D 198 8.86 -8.32 23.67
N LYS D 199 9.69 -7.81 22.75
CA LYS D 199 10.49 -6.64 23.04
C LYS D 199 9.73 -5.34 22.80
N ASN D 200 8.40 -5.39 22.86
CA ASN D 200 7.56 -4.22 22.66
C ASN D 200 6.45 -4.20 23.72
N ASP D 201 5.51 -5.14 23.61
CA ASP D 201 4.51 -5.39 24.64
C ASP D 201 5.16 -5.60 26.02
N ASN D 202 5.97 -6.64 26.15
CA ASN D 202 6.43 -7.07 27.47
C ASN D 202 7.28 -6.00 28.14
N LYS D 203 8.15 -5.33 27.39
CA LYS D 203 9.07 -4.35 27.96
C LYS D 203 8.49 -2.94 27.94
N TYR D 204 8.25 -2.39 26.74
CA TYR D 204 7.79 -1.00 26.67
C TYR D 204 6.38 -0.85 27.21
N GLY D 205 5.55 -1.90 27.09
CA GLY D 205 4.22 -1.84 27.66
C GLY D 205 4.25 -1.63 29.16
N CYS D 206 5.10 -2.41 29.84
CA CYS D 206 5.19 -2.28 31.30
C CYS D 206 5.84 -0.97 31.70
N ARG D 207 6.73 -0.44 30.87
CA ARG D 207 7.31 0.87 31.14
C ARG D 207 6.22 1.94 31.20
N HIS D 208 5.25 1.85 30.30
CA HIS D 208 4.17 2.82 30.26
C HIS D 208 3.18 2.60 31.40
N SER D 209 2.76 1.35 31.61
CA SER D 209 1.58 1.09 32.43
C SER D 209 1.86 0.80 33.89
N LEU D 210 3.09 0.45 34.28
CA LEU D 210 3.36 0.15 35.68
C LEU D 210 3.20 1.40 36.55
N ASN D 211 4.02 2.43 36.31
CA ASN D 211 3.86 3.63 37.12
CA ASN D 211 3.87 3.65 37.09
C ASN D 211 2.48 4.26 36.93
N ASP D 212 1.87 4.06 35.76
CA ASP D 212 0.48 4.44 35.55
C ASP D 212 -0.42 3.80 36.60
N ALA D 213 -0.33 2.47 36.75
CA ALA D 213 -1.19 1.76 37.68
C ALA D 213 -0.93 2.18 39.12
N ILE D 214 0.33 2.41 39.48
CA ILE D 214 0.64 2.75 40.87
C ILE D 214 0.10 4.13 41.21
N LYS D 215 0.21 5.08 40.29
CA LYS D 215 -0.32 6.42 40.53
C LYS D 215 -1.84 6.42 40.65
N ARG D 216 -2.53 5.65 39.81
CA ARG D 216 -3.98 5.59 39.88
C ARG D 216 -4.44 4.92 41.17
N GLY D 217 -3.70 3.92 41.64
CA GLY D 217 -4.09 3.18 42.82
C GLY D 217 -3.80 3.89 44.14
N THR D 218 -2.62 4.50 44.25
CA THR D 218 -2.17 5.09 45.50
C THR D 218 -1.93 6.60 45.42
N ASP D 219 -1.73 7.14 44.21
CA ASP D 219 -1.33 8.54 44.03
C ASP D 219 -0.08 8.89 44.82
N HIS D 220 0.74 7.89 45.14
CA HIS D 220 2.00 8.10 45.83
C HIS D 220 3.01 8.80 44.95
N LEU D 221 3.75 9.74 45.53
CA LEU D 221 4.96 10.23 44.88
C LEU D 221 5.95 9.08 44.76
N LEU D 222 6.53 8.91 43.57
CA LEU D 222 7.53 7.88 43.36
C LEU D 222 8.96 8.40 43.44
N SER D 223 9.20 9.63 42.99
CA SER D 223 10.55 10.19 42.98
C SER D 223 11.18 10.15 44.36
N GLY D 224 12.44 9.73 44.40
CA GLY D 224 13.17 9.74 45.66
C GLY D 224 12.92 8.54 46.56
N LYS D 225 11.99 7.66 46.25
CA LYS D 225 11.69 6.51 47.07
C LYS D 225 12.41 5.27 46.57
N GLN D 226 12.39 4.22 47.38
CA GLN D 226 13.17 3.00 47.17
C GLN D 226 12.28 1.89 46.64
N ALA D 227 12.70 1.28 45.52
CA ALA D 227 11.94 0.20 44.91
C ALA D 227 12.80 -1.06 44.77
N LEU D 228 12.15 -2.21 44.88
CA LEU D 228 12.77 -3.50 44.63
C LEU D 228 11.96 -4.17 43.53
N VAL D 229 12.60 -4.42 42.39
CA VAL D 229 11.97 -5.12 41.29
C VAL D 229 12.51 -6.55 41.29
N ILE D 230 11.62 -7.52 41.44
CA ILE D 230 12.00 -8.93 41.41
C ILE D 230 11.93 -9.39 39.96
N GLY D 231 13.08 -9.71 39.39
CA GLY D 231 13.10 -10.12 38.00
C GLY D 231 13.58 -9.02 37.09
N TYR D 232 14.32 -9.42 36.05
CA TYR D 232 14.84 -8.48 35.07
C TYR D 232 14.80 -9.11 33.69
N GLY D 233 13.71 -9.82 33.40
CA GLY D 233 13.42 -10.23 32.04
C GLY D 233 12.85 -9.05 31.29
N ASP D 234 12.06 -9.35 30.25
CA ASP D 234 11.46 -8.28 29.48
C ASP D 234 10.54 -7.42 30.35
N VAL D 235 9.67 -8.04 31.15
CA VAL D 235 8.78 -7.27 32.00
C VAL D 235 9.56 -6.56 33.10
N GLY D 236 10.54 -7.25 33.71
CA GLY D 236 11.34 -6.60 34.74
C GLY D 236 12.15 -5.43 34.23
N LYS D 237 12.69 -5.56 33.02
CA LYS D 237 13.39 -4.43 32.38
C LYS D 237 12.44 -3.24 32.20
N GLY D 238 11.28 -3.51 31.60
CA GLY D 238 10.31 -2.43 31.41
C GLY D 238 9.80 -1.86 32.72
N SER D 239 9.60 -2.73 33.71
CA SER D 239 9.13 -2.27 35.02
C SER D 239 10.18 -1.42 35.73
N SER D 240 11.46 -1.82 35.62
CA SER D 240 12.53 -1.06 36.26
C SER D 240 12.61 0.35 35.67
N GLN D 241 12.52 0.45 34.34
CA GLN D 241 12.56 1.76 33.69
C GLN D 241 11.33 2.58 34.04
N SER D 242 10.17 1.93 34.15
CA SER D 242 8.96 2.65 34.56
C SER D 242 9.19 3.37 35.89
N LEU D 243 9.88 2.72 36.81
CA LEU D 243 10.12 3.31 38.13
C LEU D 243 11.31 4.25 38.12
N ARG D 244 12.38 3.89 37.43
CA ARG D 244 13.59 4.72 37.44
C ARG D 244 13.36 6.06 36.73
N GLN D 245 12.64 6.04 35.60
CA GLN D 245 12.37 7.29 34.89
C GLN D 245 11.53 8.24 35.73
N GLU D 246 10.82 7.73 36.73
CA GLU D 246 10.09 8.58 37.66
C GLU D 246 10.96 9.10 38.80
N GLY D 247 12.22 8.69 38.87
CA GLY D 247 13.10 9.13 39.94
C GLY D 247 13.20 8.22 41.14
N MET D 248 12.64 7.01 41.07
CA MET D 248 12.85 6.05 42.14
C MET D 248 14.28 5.54 42.11
N ILE D 249 14.78 5.20 43.29
CA ILE D 249 16.04 4.46 43.43
C ILE D 249 15.68 2.97 43.34
N VAL D 250 16.05 2.33 42.24
CA VAL D 250 15.59 0.98 41.91
C VAL D 250 16.72 -0.03 42.14
N LYS D 251 16.42 -1.06 42.92
CA LYS D 251 17.27 -2.23 43.07
C LYS D 251 16.58 -3.40 42.38
N VAL D 252 17.38 -4.32 41.86
CA VAL D 252 16.86 -5.39 41.01
C VAL D 252 17.33 -6.73 41.57
N ALA D 253 16.42 -7.70 41.66
CA ALA D 253 16.74 -9.07 42.02
C ALA D 253 16.62 -9.98 40.79
N GLU D 254 17.56 -10.92 40.67
CA GLU D 254 17.51 -11.88 39.57
C GLU D 254 18.13 -13.20 40.01
N VAL D 255 17.64 -14.29 39.42
CA VAL D 255 18.33 -15.57 39.47
C VAL D 255 19.18 -15.81 38.22
N ASP D 256 18.93 -15.08 37.14
CA ASP D 256 19.69 -15.24 35.92
C ASP D 256 20.82 -14.24 35.91
N PRO D 257 22.08 -14.68 35.93
CA PRO D 257 23.19 -13.72 35.98
C PRO D 257 23.37 -12.93 34.70
N ILE D 258 22.95 -13.43 33.55
CA ILE D 258 23.03 -12.61 32.34
C ILE D 258 22.06 -11.43 32.45
N CYS D 259 20.83 -11.69 32.88
CA CYS D 259 19.91 -10.59 33.14
C CYS D 259 20.42 -9.68 34.25
N ALA D 260 20.99 -10.28 35.30
CA ALA D 260 21.58 -9.48 36.37
C ALA D 260 22.70 -8.60 35.83
N MET D 261 23.50 -9.13 34.91
N MET D 261 23.50 -9.13 34.91
CA MET D 261 24.56 -8.33 34.30
CA MET D 261 24.56 -8.34 34.29
C MET D 261 23.98 -7.12 33.56
C MET D 261 23.98 -7.12 33.57
N GLN D 262 22.88 -7.32 32.83
CA GLN D 262 22.22 -6.22 32.16
C GLN D 262 21.72 -5.17 33.16
N ALA D 263 21.17 -5.60 34.30
CA ALA D 263 20.70 -4.65 35.30
C ALA D 263 21.84 -3.77 35.79
N CYS D 264 22.98 -4.39 36.12
CA CYS D 264 24.16 -3.62 36.53
C CYS D 264 24.53 -2.60 35.46
N MET D 265 24.74 -3.06 34.23
CA MET D 265 25.17 -2.16 33.15
C MET D 265 24.12 -1.09 32.88
N ASP D 266 22.84 -1.39 33.09
CA ASP D 266 21.78 -0.41 32.97
C ASP D 266 21.73 0.58 34.14
N GLY D 267 22.59 0.42 35.12
CA GLY D 267 22.68 1.37 36.23
C GLY D 267 21.90 1.03 37.48
N PHE D 268 21.54 -0.24 37.70
CA PHE D 268 20.80 -0.65 38.88
C PHE D 268 21.70 -1.48 39.78
N GLU D 269 21.51 -1.32 41.07
CA GLU D 269 22.15 -2.18 42.07
C GLU D 269 21.38 -3.50 42.14
N VAL D 270 22.09 -4.60 41.98
CA VAL D 270 21.50 -5.94 41.99
C VAL D 270 21.62 -6.51 43.40
N VAL D 271 20.49 -6.87 44.01
CA VAL D 271 20.46 -7.32 45.39
C VAL D 271 19.57 -8.55 45.49
N SER D 272 19.69 -9.25 46.62
CA SER D 272 18.77 -10.33 46.86
C SER D 272 17.97 -10.09 48.14
N PRO D 273 16.70 -10.52 48.17
CA PRO D 273 15.95 -10.50 49.44
C PRO D 273 16.58 -11.35 50.53
N TYR D 274 17.37 -12.35 50.16
CA TYR D 274 17.94 -13.30 51.11
C TYR D 274 19.44 -13.07 51.25
N LYS D 275 19.95 -13.30 52.45
CA LYS D 275 21.39 -13.13 52.68
C LYS D 275 22.16 -14.07 51.76
N ASN D 276 23.11 -13.49 51.01
CA ASN D 276 23.90 -14.20 50.01
C ASN D 276 23.02 -14.90 48.96
N GLY D 277 21.80 -14.41 48.76
CA GLY D 277 20.91 -14.99 47.78
C GLY D 277 20.36 -16.36 48.11
N ILE D 278 20.59 -16.87 49.32
CA ILE D 278 20.19 -18.23 49.69
C ILE D 278 18.86 -18.18 50.43
N ASN D 279 17.84 -18.78 49.82
CA ASN D 279 16.47 -18.76 50.33
C ASN D 279 16.18 -20.12 50.97
N ASP D 280 16.59 -20.26 52.22
CA ASP D 280 16.40 -21.52 52.94
C ASP D 280 15.05 -21.60 53.63
N GLY D 281 14.18 -20.60 53.45
CA GLY D 281 12.85 -20.62 54.02
C GLY D 281 12.74 -20.09 55.43
N THR D 282 13.85 -19.76 56.09
CA THR D 282 13.84 -19.29 57.46
C THR D 282 13.81 -17.76 57.50
N GLU D 283 13.33 -17.23 58.63
CA GLU D 283 13.32 -15.78 58.83
C GLU D 283 14.73 -15.22 58.86
N ALA D 284 15.68 -15.98 59.40
CA ALA D 284 17.04 -15.48 59.54
C ALA D 284 17.70 -15.26 58.19
N SER D 285 17.21 -15.89 57.12
CA SER D 285 17.81 -15.68 55.82
C SER D 285 17.36 -14.39 55.16
N ILE D 286 16.30 -13.75 55.67
CA ILE D 286 15.82 -12.50 55.07
C ILE D 286 16.77 -11.36 55.42
N ASP D 287 17.20 -10.63 54.40
CA ASP D 287 18.00 -9.41 54.59
C ASP D 287 17.07 -8.33 55.12
N ALA D 288 16.87 -8.36 56.44
CA ALA D 288 15.90 -7.47 57.08
C ALA D 288 16.29 -6.01 56.95
N ALA D 289 17.59 -5.71 56.93
CA ALA D 289 18.02 -4.33 56.76
C ALA D 289 17.66 -3.81 55.38
N LEU D 290 17.81 -4.65 54.35
CA LEU D 290 17.47 -4.24 53.00
C LEU D 290 15.97 -4.06 52.83
N LEU D 291 15.20 -5.08 53.19
CA LEU D 291 13.76 -5.00 52.97
C LEU D 291 13.11 -3.94 53.84
N GLY D 292 13.74 -3.59 54.97
CA GLY D 292 13.23 -2.53 55.82
C GLY D 292 13.33 -1.14 55.22
N LYS D 293 14.00 -0.98 54.09
CA LYS D 293 14.12 0.31 53.43
C LYS D 293 13.36 0.38 52.12
N ILE D 294 12.56 -0.62 51.79
CA ILE D 294 11.92 -0.68 50.48
C ILE D 294 10.52 -0.08 50.58
N ASP D 295 10.23 0.91 49.74
CA ASP D 295 8.92 1.52 49.69
C ASP D 295 7.99 0.85 48.70
N LEU D 296 8.54 0.09 47.75
CA LEU D 296 7.74 -0.52 46.69
C LEU D 296 8.42 -1.78 46.20
N ILE D 297 7.69 -2.89 46.15
CA ILE D 297 8.21 -4.13 45.60
C ILE D 297 7.31 -4.57 44.47
N VAL D 298 7.91 -4.90 43.33
CA VAL D 298 7.19 -5.31 42.13
C VAL D 298 7.75 -6.65 41.68
N THR D 299 6.89 -7.64 41.52
CA THR D 299 7.27 -8.95 41.02
C THR D 299 7.00 -9.04 39.52
N THR D 300 7.97 -9.59 38.78
CA THR D 300 7.89 -9.63 37.32
C THR D 300 8.37 -10.98 36.74
N THR D 301 8.30 -12.06 37.52
CA THR D 301 9.06 -13.26 37.20
C THR D 301 8.31 -14.30 36.37
N GLY D 302 6.99 -14.40 36.54
CA GLY D 302 6.33 -15.60 36.05
C GLY D 302 6.60 -16.84 36.89
N ASN D 303 7.28 -16.68 38.03
CA ASN D 303 7.60 -17.76 38.94
C ASN D 303 6.63 -17.72 40.13
N VAL D 304 6.85 -18.63 41.09
CA VAL D 304 5.93 -18.82 42.21
C VAL D 304 6.62 -18.37 43.50
N ASN D 305 5.93 -17.55 44.29
CA ASN D 305 6.35 -17.19 45.64
C ASN D 305 7.71 -16.47 45.65
N VAL D 306 7.85 -15.44 44.80
CA VAL D 306 9.07 -14.64 44.79
C VAL D 306 8.99 -13.44 45.72
N CYS D 307 7.82 -13.15 46.28
CA CYS D 307 7.66 -12.20 47.36
C CYS D 307 6.93 -12.99 48.44
N ASP D 308 7.68 -13.67 49.29
CA ASP D 308 7.11 -14.66 50.17
C ASP D 308 6.69 -14.04 51.50
N ALA D 309 6.19 -14.89 52.40
CA ALA D 309 5.65 -14.43 53.67
C ALA D 309 6.72 -13.75 54.52
N ASN D 310 7.93 -14.35 54.59
CA ASN D 310 8.98 -13.75 55.41
C ASN D 310 9.39 -12.40 54.86
N MET D 311 9.41 -12.24 53.53
CA MET D 311 9.71 -10.95 52.94
C MET D 311 8.65 -9.92 53.29
N LEU D 312 7.37 -10.30 53.22
CA LEU D 312 6.29 -9.39 53.58
C LEU D 312 6.35 -8.99 55.05
N LYS D 313 6.78 -9.90 55.93
CA LYS D 313 6.91 -9.55 57.35
C LYS D 313 8.03 -8.54 57.58
N ALA D 314 9.08 -8.58 56.76
CA ALA D 314 10.23 -7.71 56.94
C ALA D 314 10.11 -6.37 56.21
N LEU D 315 9.13 -6.23 55.31
CA LEU D 315 9.02 -5.02 54.51
C LEU D 315 8.79 -3.79 55.39
N LYS D 316 9.39 -2.68 54.96
CA LYS D 316 9.15 -1.37 55.58
C LYS D 316 7.65 -1.11 55.74
N LYS D 317 7.28 -0.49 56.85
CA LYS D 317 5.88 -0.13 57.06
C LYS D 317 5.37 0.76 55.93
N ARG D 318 4.15 0.47 55.48
CA ARG D 318 3.41 1.22 54.45
C ARG D 318 4.00 1.07 53.05
N ALA D 319 4.89 0.09 52.84
CA ALA D 319 5.34 -0.21 51.48
C ALA D 319 4.18 -0.64 50.62
N VAL D 320 4.32 -0.40 49.32
CA VAL D 320 3.35 -0.88 48.33
C VAL D 320 3.85 -2.20 47.79
N VAL D 321 2.93 -3.16 47.64
CA VAL D 321 3.22 -4.49 47.10
C VAL D 321 2.31 -4.71 45.89
N CYS D 322 2.91 -5.06 44.75
CA CYS D 322 2.14 -5.34 43.55
C CYS D 322 2.85 -6.37 42.70
N ASN D 323 2.09 -6.99 41.79
CA ASN D 323 2.61 -8.00 40.87
C ASN D 323 2.18 -7.64 39.47
N ILE D 324 3.12 -7.69 38.52
CA ILE D 324 2.83 -7.46 37.12
C ILE D 324 3.15 -8.70 36.28
N GLY D 325 3.49 -9.81 36.93
CA GLY D 325 3.49 -11.10 36.27
C GLY D 325 2.07 -11.60 36.05
N HIS D 326 1.95 -12.72 35.34
CA HIS D 326 0.63 -13.12 34.85
C HIS D 326 -0.27 -13.63 35.98
N PHE D 327 0.28 -14.34 36.97
CA PHE D 327 -0.54 -14.97 37.99
C PHE D 327 -0.22 -14.36 39.35
N ASP D 328 -1.23 -14.35 40.23
CA ASP D 328 -1.10 -13.70 41.52
C ASP D 328 -0.19 -14.46 42.48
N ASN D 329 0.12 -15.73 42.20
CA ASN D 329 0.94 -16.52 43.12
C ASN D 329 2.37 -16.08 43.17
N GLU D 330 2.78 -15.01 42.47
CA GLU D 330 4.12 -14.45 42.65
C GLU D 330 4.29 -13.89 44.06
N ILE D 331 3.21 -13.38 44.64
CA ILE D 331 3.20 -12.87 46.02
C ILE D 331 2.42 -13.87 46.86
N ASP D 332 2.89 -14.10 48.09
CA ASP D 332 2.18 -15.04 48.98
C ASP D 332 1.00 -14.32 49.64
N THR D 333 0.02 -13.95 48.80
CA THR D 333 -1.18 -13.31 49.34
C THR D 333 -1.96 -14.26 50.23
N ALA D 334 -1.83 -15.56 50.00
CA ALA D 334 -2.54 -16.52 50.85
C ALA D 334 -2.15 -16.34 52.31
N PHE D 335 -0.86 -16.13 52.57
CA PHE D 335 -0.40 -15.90 53.94
C PHE D 335 -1.06 -14.66 54.53
N MET D 336 -1.12 -13.58 53.76
CA MET D 336 -1.69 -12.33 54.25
C MET D 336 -3.19 -12.47 54.54
N ARG D 337 -3.89 -13.26 53.72
CA ARG D 337 -5.31 -13.49 53.97
C ARG D 337 -5.53 -14.24 55.28
N LYS D 338 -4.64 -15.18 55.59
CA LYS D 338 -4.83 -16.04 56.75
C LYS D 338 -4.41 -15.33 58.05
N ASN D 339 -3.50 -14.36 57.98
CA ASN D 339 -2.91 -13.81 59.18
C ASN D 339 -3.17 -12.33 59.41
N TRP D 340 -3.46 -11.56 58.37
CA TRP D 340 -3.53 -10.11 58.49
C TRP D 340 -4.89 -9.60 58.06
N ALA D 341 -5.34 -8.53 58.70
CA ALA D 341 -6.64 -7.94 58.41
C ALA D 341 -6.57 -7.06 57.18
N TRP D 342 -7.53 -7.21 56.28
CA TRP D 342 -7.56 -6.47 55.02
C TRP D 342 -8.53 -5.31 55.12
N GLU D 343 -8.04 -4.10 54.88
CA GLU D 343 -8.87 -2.91 54.83
C GLU D 343 -8.88 -2.38 53.40
N GLU D 344 -10.07 -2.33 52.80
CA GLU D 344 -10.19 -1.85 51.44
C GLU D 344 -10.18 -0.33 51.43
N VAL D 345 -9.21 0.25 50.72
CA VAL D 345 -9.23 1.69 50.45
C VAL D 345 -10.31 1.99 49.41
N LYS D 346 -10.13 1.47 48.22
CA LYS D 346 -11.09 1.54 47.13
C LYS D 346 -10.88 0.28 46.29
N PRO D 347 -11.71 0.05 45.26
CA PRO D 347 -11.54 -1.16 44.44
C PRO D 347 -10.10 -1.36 44.00
N GLN D 348 -9.59 -2.57 44.25
CA GLN D 348 -8.24 -3.01 43.89
C GLN D 348 -7.14 -2.26 44.63
N VAL D 349 -7.47 -1.64 45.77
CA VAL D 349 -6.46 -1.09 46.67
C VAL D 349 -6.82 -1.52 48.09
N HIS D 350 -5.95 -2.32 48.70
CA HIS D 350 -6.18 -2.80 50.07
C HIS D 350 -4.99 -2.44 50.95
N LYS D 351 -5.30 -2.07 52.18
CA LYS D 351 -4.31 -1.96 53.24
C LYS D 351 -4.33 -3.27 54.04
N ILE D 352 -3.17 -3.90 54.13
CA ILE D 352 -3.02 -5.16 54.85
C ILE D 352 -2.36 -4.84 56.19
N HIS D 353 -3.11 -4.99 57.28
CA HIS D 353 -2.64 -4.60 58.61
C HIS D 353 -1.95 -5.77 59.29
N ARG D 354 -0.65 -5.60 59.56
CA ARG D 354 0.17 -6.67 60.11
C ARG D 354 0.02 -6.82 61.63
N THR D 355 -0.94 -6.13 62.23
CA THR D 355 -1.18 -6.18 63.66
C THR D 355 -2.02 -7.37 64.10
N GLY D 356 -2.57 -8.13 63.16
CA GLY D 356 -3.34 -9.31 63.51
C GLY D 356 -4.45 -9.57 62.50
N LYS D 357 -5.14 -10.69 62.71
CA LYS D 357 -6.19 -11.10 61.78
C LYS D 357 -7.52 -10.42 62.10
N ASP D 358 -7.97 -10.52 63.34
CA ASP D 358 -9.32 -10.07 63.71
C ASP D 358 -9.30 -8.57 63.98
N GLY D 359 -9.83 -7.80 63.03
CA GLY D 359 -9.95 -6.37 63.21
C GLY D 359 -8.64 -5.62 63.11
N PHE D 360 -8.74 -4.30 63.01
CA PHE D 360 -7.57 -3.44 62.91
C PHE D 360 -7.92 -2.07 63.48
N ASP D 361 -6.90 -1.37 63.94
CA ASP D 361 -7.07 0.04 64.30
C ASP D 361 -7.06 0.86 63.02
N ALA D 362 -8.07 1.72 62.85
CA ALA D 362 -8.18 2.47 61.61
C ALA D 362 -7.02 3.45 61.42
N HIS D 363 -6.31 3.80 62.49
CA HIS D 363 -5.15 4.66 62.44
C HIS D 363 -3.84 3.89 62.65
N ASN D 364 -3.89 2.56 62.58
CA ASN D 364 -2.67 1.76 62.69
C ASN D 364 -1.69 2.15 61.58
N ASP D 365 -0.41 2.23 61.93
CA ASP D 365 0.61 2.58 60.95
C ASP D 365 1.36 1.38 60.39
N ASP D 366 1.13 0.18 60.92
CA ASP D 366 1.87 -1.00 60.49
C ASP D 366 0.99 -1.77 59.50
N TYR D 367 0.97 -1.30 58.25
CA TYR D 367 0.25 -1.97 57.18
C TYR D 367 1.06 -1.92 55.90
N LEU D 368 0.68 -2.77 54.95
CA LEU D 368 1.18 -2.71 53.58
C LEU D 368 0.03 -2.41 52.65
N ILE D 369 0.35 -1.80 51.50
CA ILE D 369 -0.66 -1.50 50.49
C ILE D 369 -0.48 -2.49 49.34
N LEU D 370 -1.48 -3.34 49.15
CA LEU D 370 -1.51 -4.33 48.08
C LEU D 370 -2.44 -3.85 46.98
N LEU D 371 -1.96 -3.91 45.74
CA LEU D 371 -2.71 -3.47 44.57
C LEU D 371 -3.25 -4.67 43.81
N ALA D 372 -4.52 -4.56 43.41
CA ALA D 372 -5.19 -5.58 42.58
C ALA D 372 -5.15 -6.97 43.24
N GLU D 373 -5.06 -7.00 44.57
CA GLU D 373 -5.02 -8.26 45.31
C GLU D 373 -3.95 -9.21 44.76
N GLY D 374 -2.86 -8.65 44.24
CA GLY D 374 -1.78 -9.45 43.69
C GLY D 374 -1.89 -9.78 42.21
N ARG D 375 -3.02 -9.49 41.57
CA ARG D 375 -3.17 -9.73 40.15
C ARG D 375 -2.43 -8.66 39.33
N LEU D 376 -2.27 -8.93 38.03
CA LEU D 376 -1.52 -8.04 37.13
C LEU D 376 -1.89 -6.60 37.38
N VAL D 377 -0.94 -5.82 37.89
CA VAL D 377 -1.30 -4.51 38.42
C VAL D 377 -1.58 -3.50 37.30
N ASN D 378 -0.90 -3.62 36.16
CA ASN D 378 -1.09 -2.65 35.10
C ASN D 378 -2.51 -2.72 34.54
N LEU D 379 -3.05 -3.93 34.41
CA LEU D 379 -4.43 -4.09 33.96
C LEU D 379 -5.42 -3.95 35.10
N GLY D 380 -5.02 -4.30 36.32
CA GLY D 380 -5.93 -4.27 37.45
C GLY D 380 -6.22 -2.87 37.98
N ASN D 381 -5.18 -2.04 38.11
CA ASN D 381 -5.34 -0.70 38.65
C ASN D 381 -5.28 0.39 37.58
N ALA D 382 -5.04 0.02 36.32
CA ALA D 382 -5.11 0.96 35.20
C ALA D 382 -5.74 0.30 33.98
N THR D 383 -5.18 0.53 32.79
CA THR D 383 -5.73 -0.03 31.55
C THR D 383 -4.74 -0.91 30.79
N GLY D 384 -3.69 -1.39 31.45
CA GLY D 384 -2.71 -2.18 30.74
C GLY D 384 -1.93 -1.34 29.72
N HIS D 385 -1.43 -2.02 28.70
CA HIS D 385 -0.57 -1.36 27.72
C HIS D 385 -1.39 -0.42 26.83
N PRO D 386 -0.76 0.59 26.27
CA PRO D 386 -1.49 1.51 25.39
C PRO D 386 -1.73 0.91 24.02
N SER D 387 -2.77 1.42 23.36
CA SER D 387 -3.17 0.91 22.06
C SER D 387 -2.00 0.83 21.08
N ARG D 388 -1.15 1.86 21.06
CA ARG D 388 -0.08 1.86 20.05
C ARG D 388 0.97 0.78 20.32
N ILE D 389 1.04 0.26 21.54
CA ILE D 389 1.92 -0.87 21.82
C ILE D 389 1.25 -2.20 21.52
N MET D 390 -0.01 -2.35 21.97
CA MET D 390 -0.74 -3.58 21.69
C MET D 390 -0.97 -3.79 20.19
N ASP D 391 -0.81 -2.73 19.41
CA ASP D 391 -0.84 -2.83 17.96
C ASP D 391 0.06 -3.95 17.46
N GLY D 392 1.30 -4.00 17.95
CA GLY D 392 2.23 -5.00 17.48
C GLY D 392 1.82 -6.40 17.90
N SER D 393 1.44 -6.57 19.17
CA SER D 393 1.05 -7.88 19.68
C SER D 393 -0.15 -8.43 18.92
N PHE D 394 -1.15 -7.60 18.69
CA PHE D 394 -2.38 -8.09 18.10
C PHE D 394 -2.29 -8.23 16.58
N ALA D 395 -1.44 -7.44 15.93
CA ALA D 395 -1.12 -7.73 14.54
C ALA D 395 -0.54 -9.13 14.42
N ASN D 396 0.37 -9.50 15.32
CA ASN D 396 0.91 -10.85 15.32
C ASN D 396 -0.19 -11.88 15.55
N GLN D 397 -1.09 -11.60 16.50
CA GLN D 397 -2.20 -12.51 16.74
C GLN D 397 -3.00 -12.79 15.48
N VAL D 398 -3.33 -11.73 14.73
CA VAL D 398 -4.12 -11.91 13.51
C VAL D 398 -3.36 -12.78 12.50
N LEU D 399 -2.09 -12.44 12.25
CA LEU D 399 -1.29 -13.23 11.31
C LEU D 399 -1.22 -14.69 11.77
N ALA D 400 -1.07 -14.90 13.08
CA ALA D 400 -0.95 -16.26 13.60
C ALA D 400 -2.26 -17.02 13.45
N GLN D 401 -3.39 -16.34 13.66
CA GLN D 401 -4.68 -16.98 13.45
C GLN D 401 -4.85 -17.40 12.00
N ILE D 402 -4.55 -16.50 11.06
CA ILE D 402 -4.72 -16.82 9.66
C ILE D 402 -3.86 -18.03 9.27
N HIS D 403 -2.60 -18.03 9.70
CA HIS D 403 -1.70 -19.09 9.29
C HIS D 403 -2.17 -20.45 9.80
N LEU D 404 -2.54 -20.54 11.09
CA LEU D 404 -2.95 -21.82 11.64
C LEU D 404 -4.30 -22.25 11.11
N PHE D 405 -5.20 -21.30 10.90
CA PHE D 405 -6.50 -21.67 10.33
C PHE D 405 -6.34 -22.19 8.90
N GLU D 406 -5.53 -21.53 8.09
CA GLU D 406 -5.35 -21.95 6.71
C GLU D 406 -4.59 -23.27 6.62
N GLN D 407 -3.76 -23.59 7.61
CA GLN D 407 -3.08 -24.88 7.61
C GLN D 407 -4.05 -26.04 7.81
N LYS D 408 -5.14 -25.81 8.53
CA LYS D 408 -6.23 -26.79 8.67
C LYS D 408 -5.76 -28.11 9.27
N TYR D 409 -5.04 -28.01 10.39
CA TYR D 409 -4.49 -29.19 11.06
C TYR D 409 -5.54 -30.26 11.29
N ALA D 410 -6.69 -29.88 11.87
CA ALA D 410 -7.71 -30.86 12.23
C ALA D 410 -8.13 -31.72 11.06
N ASP D 411 -7.95 -31.25 9.83
CA ASP D 411 -8.39 -31.99 8.66
C ASP D 411 -7.28 -32.85 8.05
N LEU D 412 -6.05 -32.76 8.54
CA LEU D 412 -4.94 -33.50 7.96
C LEU D 412 -4.98 -34.97 8.38
N PRO D 413 -4.39 -35.87 7.60
CA PRO D 413 -4.20 -37.24 8.06
C PRO D 413 -3.13 -37.30 9.15
N ALA D 414 -3.16 -38.40 9.91
CA ALA D 414 -2.33 -38.49 11.12
C ALA D 414 -0.85 -38.32 10.81
N ALA D 415 -0.40 -38.81 9.66
CA ALA D 415 1.01 -38.66 9.30
C ALA D 415 1.36 -37.21 9.01
N GLU D 416 0.43 -36.47 8.41
CA GLU D 416 0.67 -35.05 8.18
C GLU D 416 0.54 -34.26 9.48
N LYS D 417 -0.31 -34.71 10.40
CA LYS D 417 -0.40 -34.05 11.71
C LYS D 417 0.92 -34.15 12.46
N ALA D 418 1.52 -35.34 12.48
CA ALA D 418 2.77 -35.52 13.23
C ALA D 418 3.87 -34.57 12.77
N LYS D 419 3.92 -34.25 11.48
CA LYS D 419 4.87 -33.26 10.99
C LYS D 419 4.57 -31.85 11.49
N ARG D 420 3.31 -31.55 11.82
CA ARG D 420 2.88 -30.19 12.15
C ARG D 420 2.63 -29.95 13.62
N LEU D 421 2.80 -30.95 14.48
CA LEU D 421 2.42 -30.81 15.90
C LEU D 421 3.57 -30.18 16.68
N SER D 422 3.59 -28.87 16.74
CA SER D 422 4.71 -28.15 17.33
C SER D 422 4.24 -26.79 17.86
N VAL D 423 5.18 -26.07 18.45
CA VAL D 423 5.00 -24.70 18.90
C VAL D 423 6.03 -23.86 18.16
N GLU D 424 5.56 -23.05 17.21
CA GLU D 424 6.43 -22.27 16.35
C GLU D 424 6.17 -20.79 16.56
N VAL D 425 7.08 -19.97 16.01
CA VAL D 425 6.92 -18.52 15.96
C VAL D 425 6.68 -18.12 14.51
N LEU D 426 6.21 -16.88 14.35
CA LEU D 426 6.01 -16.33 13.03
C LEU D 426 7.35 -16.07 12.33
N PRO D 427 7.38 -16.08 11.00
CA PRO D 427 8.63 -15.79 10.29
C PRO D 427 9.08 -14.35 10.52
N LYS D 428 10.41 -14.18 10.60
CA LYS D 428 10.98 -12.85 10.79
C LYS D 428 10.44 -11.83 9.78
N LYS D 429 10.19 -12.27 8.54
CA LYS D 429 9.73 -11.34 7.52
C LYS D 429 8.39 -10.72 7.90
N LEU D 430 7.50 -11.51 8.53
CA LEU D 430 6.24 -10.95 9.00
C LEU D 430 6.47 -10.06 10.22
N ASP D 431 7.38 -10.48 11.11
CA ASP D 431 7.79 -9.63 12.22
C ASP D 431 8.23 -8.26 11.72
N GLU D 432 9.08 -8.25 10.70
CA GLU D 432 9.58 -7.00 10.15
C GLU D 432 8.45 -6.16 9.54
N GLU D 433 7.48 -6.83 8.91
CA GLU D 433 6.41 -6.08 8.27
C GLU D 433 5.49 -5.43 9.31
N VAL D 434 5.27 -6.09 10.44
CA VAL D 434 4.55 -5.45 11.53
C VAL D 434 5.30 -4.23 12.05
N ALA D 435 6.60 -4.41 12.35
CA ALA D 435 7.42 -3.30 12.82
C ALA D 435 7.36 -2.11 11.86
N LEU D 436 7.31 -2.39 10.57
CA LEU D 436 7.34 -1.29 9.59
C LEU D 436 6.12 -0.40 9.74
N GLU D 437 4.94 -0.99 9.91
CA GLU D 437 3.73 -0.19 10.09
C GLU D 437 3.76 0.57 11.42
N MET D 438 4.32 -0.05 12.46
CA MET D 438 4.48 0.65 13.72
C MET D 438 5.37 1.87 13.55
N VAL D 439 6.50 1.71 12.85
CA VAL D 439 7.41 2.83 12.65
C VAL D 439 6.71 3.96 11.88
N LYS D 440 5.93 3.60 10.86
CA LYS D 440 5.23 4.63 10.09
C LYS D 440 4.21 5.37 10.96
N GLY D 441 3.59 4.68 11.91
CA GLY D 441 2.71 5.34 12.85
C GLY D 441 3.39 6.46 13.63
N PHE D 442 4.68 6.31 13.93
CA PHE D 442 5.41 7.39 14.56
C PHE D 442 5.89 8.44 13.56
N GLY D 443 5.59 8.29 12.27
CA GLY D 443 6.20 9.16 11.30
C GLY D 443 7.66 8.88 11.01
N GLY D 444 8.17 7.73 11.45
CA GLY D 444 9.53 7.37 11.11
C GLY D 444 9.67 6.99 9.65
N VAL D 445 10.87 7.18 9.12
CA VAL D 445 11.17 6.89 7.74
C VAL D 445 12.33 5.90 7.71
N VAL D 446 12.04 4.68 7.27
CA VAL D 446 13.06 3.63 7.12
C VAL D 446 13.82 3.85 5.82
N THR D 447 15.14 3.71 5.87
CA THR D 447 15.99 3.79 4.69
C THR D 447 15.95 2.48 3.91
N GLN D 448 15.92 2.58 2.59
CA GLN D 448 16.06 1.42 1.71
C GLN D 448 17.52 1.20 1.34
N LEU D 449 17.97 -0.05 1.42
CA LEU D 449 19.32 -0.38 1.00
C LEU D 449 19.50 -0.17 -0.50
N THR D 450 20.68 0.26 -0.91
CA THR D 450 21.00 0.18 -2.32
C THR D 450 21.34 -1.28 -2.66
N PRO D 451 21.15 -1.69 -3.92
CA PRO D 451 21.53 -3.06 -4.28
C PRO D 451 22.95 -3.41 -3.86
N LYS D 452 23.90 -2.51 -4.09
CA LYS D 452 25.27 -2.75 -3.67
C LYS D 452 25.37 -2.95 -2.17
N GLN D 453 24.61 -2.18 -1.39
CA GLN D 453 24.65 -2.31 0.07
C GLN D 453 24.06 -3.64 0.51
N ALA D 454 22.90 -4.01 -0.04
CA ALA D 454 22.28 -5.27 0.31
C ALA D 454 23.18 -6.45 -0.04
N GLU D 455 23.93 -6.34 -1.14
CA GLU D 455 24.89 -7.38 -1.47
C GLU D 455 26.05 -7.38 -0.49
N TYR D 456 26.46 -6.19 -0.05
CA TYR D 456 27.60 -6.08 0.86
C TYR D 456 27.36 -6.84 2.15
N ILE D 457 26.17 -6.71 2.75
CA ILE D 457 25.88 -7.39 4.00
C ILE D 457 25.11 -8.69 3.79
N GLY D 458 24.85 -9.07 2.55
CA GLY D 458 24.27 -10.37 2.27
C GLY D 458 22.80 -10.50 2.63
N VAL D 459 21.98 -9.51 2.29
CA VAL D 459 20.55 -9.57 2.53
C VAL D 459 19.83 -9.09 1.27
N SER D 460 18.55 -9.44 1.20
CA SER D 460 17.68 -8.87 0.19
C SER D 460 17.33 -7.44 0.55
N VAL D 461 17.04 -6.64 -0.47
CA VAL D 461 16.59 -5.27 -0.23
C VAL D 461 15.28 -5.26 0.55
N GLU D 462 14.47 -6.30 0.35
CA GLU D 462 13.19 -6.41 1.05
C GLU D 462 13.32 -6.98 2.45
N GLY D 463 14.45 -7.59 2.79
CA GLY D 463 14.57 -8.31 4.04
C GLY D 463 14.28 -9.79 3.85
N PRO D 464 14.40 -10.59 4.92
CA PRO D 464 14.73 -10.20 6.30
C PRO D 464 16.14 -9.65 6.43
N PHE D 465 16.35 -8.76 7.40
CA PHE D 465 17.60 -8.03 7.53
C PHE D 465 18.57 -8.66 8.52
N LYS D 466 18.13 -9.64 9.30
CA LYS D 466 18.92 -10.25 10.34
C LYS D 466 18.78 -11.76 10.25
N PRO D 467 19.81 -12.52 10.65
CA PRO D 467 19.62 -13.96 10.82
C PRO D 467 18.67 -14.24 11.97
N ASP D 468 18.11 -15.45 11.95
CA ASP D 468 17.17 -15.86 13.01
C ASP D 468 17.81 -15.86 14.40
N THR D 469 19.14 -15.95 14.49
CA THR D 469 19.80 -15.94 15.78
C THR D 469 19.86 -14.55 16.41
N TYR D 470 19.54 -13.50 15.66
CA TYR D 470 19.76 -12.14 16.15
C TYR D 470 18.83 -11.84 17.33
N ARG D 471 19.38 -11.17 18.33
CA ARG D 471 18.65 -10.94 19.57
C ARG D 471 18.10 -9.53 19.71
N TYR D 472 18.54 -8.58 18.88
CA TYR D 472 18.06 -7.20 18.93
C TYR D 472 18.31 -6.58 20.30
N GLY E 12 -54.84 -9.31 8.28
CA GLY E 12 -55.76 -8.64 7.37
C GLY E 12 -55.20 -7.37 6.74
N PHE E 13 -54.21 -7.54 5.88
CA PHE E 13 -53.55 -6.41 5.23
C PHE E 13 -54.28 -6.05 3.94
N THR E 14 -54.65 -4.78 3.80
CA THR E 14 -55.34 -4.30 2.59
C THR E 14 -54.75 -3.02 2.02
N ASP E 15 -53.61 -2.57 2.52
CA ASP E 15 -53.03 -1.28 2.16
C ASP E 15 -52.12 -1.42 0.94
N TYR E 16 -52.73 -1.76 -0.19
CA TYR E 16 -51.99 -1.98 -1.43
C TYR E 16 -52.98 -1.99 -2.59
N LYS E 17 -52.44 -2.07 -3.80
CA LYS E 17 -53.26 -2.26 -4.99
C LYS E 17 -52.36 -2.83 -6.08
N VAL E 18 -52.57 -4.10 -6.42
CA VAL E 18 -51.83 -4.82 -7.44
C VAL E 18 -52.82 -5.54 -8.34
N ALA E 19 -52.31 -6.16 -9.41
CA ALA E 19 -53.19 -6.76 -10.40
C ALA E 19 -53.81 -8.06 -9.92
N ASP E 20 -53.04 -8.89 -9.22
CA ASP E 20 -53.49 -10.24 -8.88
C ASP E 20 -52.60 -10.72 -7.72
N ILE E 21 -53.17 -10.73 -6.52
CA ILE E 21 -52.42 -11.10 -5.33
C ILE E 21 -52.03 -12.58 -5.34
N THR E 22 -52.75 -13.41 -6.10
CA THR E 22 -52.42 -14.83 -6.18
C THR E 22 -51.14 -15.10 -6.96
N LEU E 23 -50.54 -14.09 -7.58
CA LEU E 23 -49.23 -14.24 -8.20
C LEU E 23 -48.09 -14.12 -7.20
N ALA E 24 -48.40 -13.97 -5.91
CA ALA E 24 -47.37 -13.66 -4.92
C ALA E 24 -46.38 -14.80 -4.77
N ALA E 25 -46.87 -16.04 -4.69
CA ALA E 25 -45.97 -17.18 -4.50
C ALA E 25 -45.00 -17.31 -5.65
N TRP E 26 -45.48 -17.15 -6.88
CA TRP E 26 -44.59 -17.14 -8.03
C TRP E 26 -43.55 -16.03 -7.89
N GLY E 27 -44.00 -14.83 -7.50
CA GLY E 27 -43.06 -13.74 -7.31
C GLY E 27 -42.04 -14.02 -6.22
N ARG E 28 -42.47 -14.70 -5.15
CA ARG E 28 -41.55 -15.04 -4.08
C ARG E 28 -40.48 -16.03 -4.55
N ARG E 29 -40.88 -16.99 -5.40
CA ARG E 29 -39.89 -17.92 -5.94
C ARG E 29 -38.86 -17.19 -6.78
N GLU E 30 -39.29 -16.18 -7.54
CA GLU E 30 -38.33 -15.44 -8.36
C GLU E 30 -37.51 -14.47 -7.52
N LEU E 31 -38.04 -14.02 -6.37
CA LEU E 31 -37.25 -13.17 -5.49
C LEU E 31 -36.11 -13.95 -4.85
N ILE E 32 -36.38 -15.18 -4.43
CA ILE E 32 -35.34 -16.05 -3.88
C ILE E 32 -34.24 -16.28 -4.90
N ILE E 33 -34.60 -16.51 -6.16
CA ILE E 33 -33.60 -16.64 -7.22
C ILE E 33 -32.82 -15.34 -7.36
N ALA E 34 -33.52 -14.21 -7.46
CA ALA E 34 -32.82 -12.95 -7.66
C ALA E 34 -31.86 -12.64 -6.51
N GLU E 35 -32.21 -13.02 -5.28
CA GLU E 35 -31.30 -12.81 -4.15
C GLU E 35 -29.95 -13.45 -4.42
N SER E 36 -29.94 -14.67 -4.98
CA SER E 36 -28.68 -15.32 -5.32
C SER E 36 -27.95 -14.62 -6.46
N GLU E 37 -28.60 -13.75 -7.21
CA GLU E 37 -27.98 -13.04 -8.32
C GLU E 37 -27.54 -11.63 -7.93
N MET E 38 -27.74 -11.22 -6.68
CA MET E 38 -27.46 -9.85 -6.24
C MET E 38 -26.58 -9.88 -4.98
N PRO E 39 -25.31 -10.24 -5.12
CA PRO E 39 -24.47 -10.38 -3.93
C PRO E 39 -24.15 -9.06 -3.24
N ALA E 40 -23.99 -7.96 -3.96
CA ALA E 40 -23.71 -6.69 -3.29
C ALA E 40 -24.90 -6.25 -2.44
N LEU E 41 -26.10 -6.34 -2.98
CA LEU E 41 -27.28 -5.96 -2.21
C LEU E 41 -27.47 -6.90 -1.03
N MET E 42 -27.34 -8.21 -1.25
N MET E 42 -27.33 -8.20 -1.22
CA MET E 42 -27.46 -9.18 -0.17
CA MET E 42 -27.51 -9.12 -0.10
C MET E 42 -26.43 -8.92 0.92
C MET E 42 -26.41 -8.99 0.94
N GLY E 43 -25.18 -8.70 0.51
CA GLY E 43 -24.13 -8.44 1.48
C GLY E 43 -24.41 -7.22 2.34
N LEU E 44 -24.99 -6.18 1.73
CA LEU E 44 -25.40 -5.02 2.51
C LEU E 44 -26.50 -5.39 3.49
N ARG E 45 -27.50 -6.16 3.02
CA ARG E 45 -28.54 -6.67 3.89
C ARG E 45 -27.94 -7.43 5.07
N ARG E 46 -26.94 -8.27 4.80
CA ARG E 46 -26.31 -9.05 5.87
C ARG E 46 -25.46 -8.17 6.77
N LYS E 47 -24.74 -7.21 6.19
CA LYS E 47 -23.81 -6.42 6.98
C LYS E 47 -24.54 -5.51 7.96
N TYR E 48 -25.67 -4.94 7.55
CA TYR E 48 -26.32 -3.88 8.30
C TYR E 48 -27.56 -4.34 9.04
N ALA E 49 -27.96 -5.60 8.91
CA ALA E 49 -29.21 -6.06 9.49
C ALA E 49 -29.26 -5.78 10.99
N GLY E 50 -28.21 -6.17 11.72
CA GLY E 50 -28.24 -6.03 13.17
C GLY E 50 -28.15 -4.59 13.65
N GLN E 51 -27.50 -3.72 12.88
CA GLN E 51 -27.37 -2.32 13.25
C GLN E 51 -28.65 -1.53 13.01
N GLN E 52 -29.49 -1.99 12.09
CA GLN E 52 -30.74 -1.32 11.77
C GLN E 52 -30.55 0.16 11.43
N PRO E 53 -29.68 0.48 10.46
CA PRO E 53 -29.39 1.90 10.18
C PRO E 53 -30.58 2.68 9.67
N LEU E 54 -31.62 2.02 9.16
CA LEU E 54 -32.81 2.70 8.65
C LEU E 54 -34.00 2.57 9.59
N LYS E 55 -33.77 2.24 10.85
CA LYS E 55 -34.86 2.23 11.81
C LYS E 55 -35.35 3.65 12.02
N GLY E 56 -36.63 3.87 11.76
CA GLY E 56 -37.21 5.19 11.81
C GLY E 56 -37.32 5.86 10.46
N ALA E 57 -36.71 5.29 9.42
CA ALA E 57 -36.89 5.85 8.08
C ALA E 57 -38.26 5.51 7.55
N LYS E 58 -38.86 6.46 6.86
CA LYS E 58 -40.16 6.24 6.21
C LYS E 58 -39.99 6.70 4.77
N ILE E 59 -39.81 5.73 3.87
CA ILE E 59 -39.35 5.99 2.51
C ILE E 59 -40.53 5.95 1.55
N LEU E 60 -40.72 7.04 0.83
CA LEU E 60 -41.57 7.03 -0.35
C LEU E 60 -40.72 6.57 -1.52
N GLY E 61 -41.14 5.49 -2.17
CA GLY E 61 -40.35 4.93 -3.25
C GLY E 61 -41.12 4.90 -4.56
N CYS E 62 -40.51 5.40 -5.64
CA CYS E 62 -41.14 5.44 -6.96
C CYS E 62 -40.11 4.94 -7.96
N ILE E 63 -40.17 3.65 -8.28
CA ILE E 63 -39.26 3.06 -9.27
C ILE E 63 -39.89 1.75 -9.73
N HIS E 64 -39.65 1.40 -10.99
CA HIS E 64 -40.23 0.23 -11.64
C HIS E 64 -40.37 -0.95 -10.68
N MET E 65 -41.59 -1.44 -10.54
CA MET E 65 -41.89 -2.47 -9.54
C MET E 65 -41.60 -3.84 -10.14
N THR E 66 -40.31 -4.08 -10.39
CA THR E 66 -39.79 -5.33 -10.89
C THR E 66 -39.37 -6.26 -9.75
N ILE E 67 -39.00 -7.49 -10.11
CA ILE E 67 -38.42 -8.40 -9.15
C ILE E 67 -37.17 -7.79 -8.51
N GLN E 68 -36.34 -7.14 -9.32
CA GLN E 68 -35.12 -6.54 -8.80
C GLN E 68 -35.43 -5.44 -7.77
N THR E 69 -36.45 -4.63 -8.05
CA THR E 69 -36.91 -3.64 -7.07
C THR E 69 -37.42 -4.30 -5.81
N GLY E 70 -38.01 -5.48 -5.93
CA GLY E 70 -38.47 -6.19 -4.76
C GLY E 70 -37.35 -6.53 -3.80
N VAL E 71 -36.18 -6.93 -4.33
CA VAL E 71 -35.04 -7.22 -3.46
C VAL E 71 -34.53 -5.95 -2.80
N LEU E 72 -34.55 -4.83 -3.53
CA LEU E 72 -34.20 -3.54 -2.95
C LEU E 72 -35.17 -3.16 -1.84
N ILE E 73 -36.47 -3.30 -2.09
CA ILE E 73 -37.48 -2.93 -1.11
C ILE E 73 -37.27 -3.73 0.18
N GLU E 74 -37.14 -5.04 0.05
CA GLU E 74 -36.97 -5.87 1.24
C GLU E 74 -35.62 -5.67 1.90
N THR E 75 -34.62 -5.17 1.16
CA THR E 75 -33.36 -4.81 1.81
C THR E 75 -33.53 -3.60 2.70
N LEU E 76 -34.21 -2.55 2.20
CA LEU E 76 -34.50 -1.40 3.03
C LEU E 76 -35.34 -1.78 4.26
N VAL E 77 -36.32 -2.65 4.08
CA VAL E 77 -37.14 -3.07 5.22
C VAL E 77 -36.30 -3.88 6.20
N ALA E 78 -35.47 -4.79 5.69
CA ALA E 78 -34.58 -5.57 6.55
C ALA E 78 -33.66 -4.68 7.38
N LEU E 79 -33.34 -3.49 6.88
CA LEU E 79 -32.49 -2.57 7.63
C LEU E 79 -33.28 -1.67 8.57
N GLY E 80 -34.59 -1.86 8.69
CA GLY E 80 -35.41 -1.14 9.65
C GLY E 80 -36.39 -0.16 9.06
N ALA E 81 -36.40 0.03 7.75
CA ALA E 81 -37.23 1.08 7.18
C ALA E 81 -38.68 0.62 7.03
N GLU E 82 -39.57 1.60 7.01
CA GLU E 82 -40.92 1.46 6.49
C GLU E 82 -41.00 2.17 5.15
N VAL E 83 -41.74 1.60 4.20
CA VAL E 83 -41.80 2.15 2.85
C VAL E 83 -43.25 2.15 2.36
N ARG E 84 -43.52 3.01 1.38
CA ARG E 84 -44.72 2.96 0.56
C ARG E 84 -44.28 3.17 -0.88
N TRP E 85 -44.73 2.30 -1.78
CA TRP E 85 -44.06 2.14 -3.06
C TRP E 85 -45.01 2.29 -4.24
N SER E 86 -44.45 2.81 -5.33
CA SER E 86 -45.14 2.84 -6.62
C SER E 86 -44.11 2.65 -7.72
N SER E 87 -44.58 2.30 -8.90
CA SER E 87 -43.68 2.22 -10.04
C SER E 87 -43.58 3.59 -10.69
N CYS E 88 -42.47 3.82 -11.40
CA CYS E 88 -42.28 5.07 -12.11
C CYS E 88 -42.60 4.98 -13.59
N ASN E 89 -43.30 3.93 -14.02
CA ASN E 89 -43.70 3.79 -15.41
C ASN E 89 -44.96 2.93 -15.48
N ILE E 90 -45.86 3.28 -16.39
CA ILE E 90 -47.14 2.58 -16.46
C ILE E 90 -47.01 1.14 -16.94
N PHE E 91 -45.88 0.77 -17.56
CA PHE E 91 -45.75 -0.54 -18.19
C PHE E 91 -44.66 -1.40 -17.58
N SER E 92 -43.89 -0.90 -16.62
CA SER E 92 -42.67 -1.58 -16.22
C SER E 92 -42.85 -2.56 -15.07
N THR E 93 -43.99 -2.54 -14.39
CA THR E 93 -44.20 -3.43 -13.26
C THR E 93 -44.27 -4.87 -13.73
N GLN E 94 -43.64 -5.77 -12.95
CA GLN E 94 -43.91 -7.20 -13.05
C GLN E 94 -44.92 -7.56 -11.97
N ASP E 95 -46.10 -8.00 -12.39
CA ASP E 95 -47.19 -8.17 -11.45
C ASP E 95 -46.86 -9.19 -10.37
N GLN E 96 -46.10 -10.24 -10.69
CA GLN E 96 -45.76 -11.19 -9.65
C GLN E 96 -44.81 -10.56 -8.62
N ALA E 97 -44.00 -9.60 -9.03
CA ALA E 97 -43.16 -8.90 -8.07
C ALA E 97 -43.98 -8.00 -7.16
N ALA E 98 -44.92 -7.24 -7.74
CA ALA E 98 -45.80 -6.41 -6.92
C ALA E 98 -46.64 -7.26 -5.99
N ALA E 99 -47.11 -8.41 -6.48
CA ALA E 99 -47.90 -9.30 -5.65
C ALA E 99 -47.12 -9.78 -4.43
N ALA E 100 -45.87 -10.22 -4.64
CA ALA E 100 -45.07 -10.73 -3.53
C ALA E 100 -44.81 -9.65 -2.49
N ILE E 101 -44.64 -8.40 -2.90
CA ILE E 101 -44.38 -7.34 -1.95
C ILE E 101 -45.63 -7.04 -1.14
N ALA E 102 -46.77 -6.90 -1.81
CA ALA E 102 -48.03 -6.72 -1.09
C ALA E 102 -48.30 -7.89 -0.15
N ALA E 103 -48.01 -9.12 -0.58
CA ALA E 103 -48.24 -10.27 0.28
C ALA E 103 -47.36 -10.22 1.52
N ALA E 104 -46.18 -9.60 1.41
CA ALA E 104 -45.27 -9.45 2.53
C ALA E 104 -45.72 -8.36 3.50
N GLY E 105 -46.86 -7.75 3.27
CA GLY E 105 -47.36 -6.70 4.15
C GLY E 105 -46.82 -5.31 3.86
N ILE E 106 -46.25 -5.09 2.68
CA ILE E 106 -45.64 -3.81 2.34
C ILE E 106 -46.58 -3.05 1.41
N PRO E 107 -46.93 -1.81 1.73
CA PRO E 107 -47.81 -1.03 0.84
C PRO E 107 -47.16 -0.79 -0.51
N VAL E 108 -47.84 -1.24 -1.57
CA VAL E 108 -47.37 -1.07 -2.93
C VAL E 108 -48.58 -0.85 -3.82
N PHE E 109 -48.46 0.08 -4.76
CA PHE E 109 -49.56 0.45 -5.65
C PHE E 109 -49.00 0.46 -7.07
N ALA E 110 -49.17 -0.66 -7.79
CA ALA E 110 -48.42 -0.84 -9.03
C ALA E 110 -48.94 -2.04 -9.81
N TRP E 111 -49.11 -1.86 -11.12
CA TRP E 111 -49.45 -2.97 -11.98
C TRP E 111 -49.03 -2.63 -13.41
N LYS E 112 -48.87 -3.68 -14.22
CA LYS E 112 -48.51 -3.50 -15.62
C LYS E 112 -49.72 -3.02 -16.41
N GLY E 113 -49.54 -1.96 -17.16
CA GLY E 113 -50.63 -1.44 -17.96
C GLY E 113 -51.49 -0.43 -17.24
N GLU E 114 -50.88 0.42 -16.41
CA GLU E 114 -51.59 1.51 -15.79
C GLU E 114 -51.96 2.57 -16.82
N THR E 115 -53.09 3.24 -16.59
CA THR E 115 -53.36 4.46 -17.33
C THR E 115 -52.62 5.61 -16.66
N GLU E 116 -52.51 6.74 -17.37
CA GLU E 116 -51.86 7.90 -16.79
C GLU E 116 -52.55 8.31 -15.50
N GLU E 117 -53.89 8.32 -15.51
CA GLU E 117 -54.62 8.67 -14.31
C GLU E 117 -54.31 7.69 -13.18
N GLU E 118 -54.25 6.40 -13.50
CA GLU E 118 -53.93 5.41 -12.48
C GLU E 118 -52.51 5.57 -11.98
N TYR E 119 -51.59 5.93 -12.89
CA TYR E 119 -50.20 6.14 -12.50
C TYR E 119 -50.08 7.22 -11.44
N GLU E 120 -50.77 8.35 -11.63
CA GLU E 120 -50.73 9.43 -10.64
C GLU E 120 -51.39 8.99 -9.34
N TRP E 121 -52.52 8.28 -9.43
CA TRP E 121 -53.20 7.81 -8.23
C TRP E 121 -52.29 6.93 -7.38
N CYS E 122 -51.53 6.04 -8.04
CA CYS E 122 -50.62 5.16 -7.31
C CYS E 122 -49.59 5.96 -6.52
N ILE E 123 -48.94 6.93 -7.16
CA ILE E 123 -48.02 7.80 -6.43
C ILE E 123 -48.71 8.45 -5.24
N GLU E 124 -49.94 8.92 -5.44
CA GLU E 124 -50.65 9.60 -4.36
C GLU E 124 -51.01 8.64 -3.23
N GLN E 125 -51.25 7.36 -3.55
CA GLN E 125 -51.50 6.38 -2.50
C GLN E 125 -50.26 6.14 -1.65
N THR E 126 -49.06 6.31 -2.22
CA THR E 126 -47.87 6.21 -1.40
C THR E 126 -47.74 7.41 -0.50
N ILE E 127 -48.07 8.60 -1.02
CA ILE E 127 -47.93 9.85 -0.27
C ILE E 127 -48.95 9.91 0.85
N LEU E 128 -50.15 9.42 0.62
CA LEU E 128 -51.26 9.50 1.59
C LEU E 128 -51.48 8.16 2.25
N LYS E 129 -51.55 8.16 3.57
CA LYS E 129 -52.04 7.02 4.32
C LYS E 129 -53.34 7.44 4.98
N ASP E 130 -54.40 6.69 4.70
CA ASP E 130 -55.72 6.97 5.27
C ASP E 130 -56.13 8.42 5.01
N GLY E 131 -55.95 8.86 3.77
CA GLY E 131 -56.40 10.16 3.33
C GLY E 131 -55.59 11.33 3.86
N GLN E 132 -54.57 11.08 4.67
CA GLN E 132 -53.73 12.08 5.28
C GLN E 132 -52.29 11.88 4.84
N PRO E 133 -51.51 12.96 4.70
CA PRO E 133 -50.09 12.81 4.37
C PRO E 133 -49.37 11.87 5.33
N TRP E 134 -48.80 10.80 4.79
CA TRP E 134 -47.92 9.94 5.55
C TRP E 134 -46.78 10.75 6.12
N ASP E 135 -46.29 10.35 7.30
CA ASP E 135 -45.16 11.04 7.92
C ASP E 135 -43.83 10.54 7.34
N ALA E 136 -43.68 10.76 6.04
CA ALA E 136 -42.47 10.31 5.35
C ALA E 136 -41.28 11.14 5.75
N ASN E 137 -40.08 10.54 5.68
CA ASN E 137 -38.87 11.29 5.95
C ASN E 137 -37.73 10.99 4.99
N MET E 138 -37.99 10.24 3.91
CA MET E 138 -36.97 9.88 2.92
C MET E 138 -37.67 9.65 1.58
N VAL E 139 -36.97 9.91 0.48
CA VAL E 139 -37.50 9.71 -0.87
C VAL E 139 -36.51 8.93 -1.71
N LEU E 140 -36.99 7.89 -2.37
CA LEU E 140 -36.24 7.16 -3.40
C LEU E 140 -37.00 7.30 -4.71
N ASP E 141 -36.37 7.92 -5.71
CA ASP E 141 -37.04 8.27 -6.94
C ASP E 141 -36.30 7.72 -8.14
N ASP E 142 -37.04 7.51 -9.23
CA ASP E 142 -36.44 7.13 -10.51
C ASP E 142 -37.11 7.97 -11.60
N GLY E 143 -36.47 9.04 -12.01
CA GLY E 143 -37.01 9.88 -13.05
C GLY E 143 -37.60 11.19 -12.56
N GLY E 144 -37.85 11.33 -11.27
CA GLY E 144 -38.23 12.62 -10.71
C GLY E 144 -39.71 12.92 -10.64
N ASP E 145 -40.57 11.96 -10.95
CA ASP E 145 -42.00 12.23 -10.91
C ASP E 145 -42.50 12.42 -9.47
N LEU E 146 -42.08 11.52 -8.57
CA LEU E 146 -42.46 11.65 -7.17
C LEU E 146 -41.89 12.93 -6.58
N THR E 147 -40.60 13.17 -6.82
CA THR E 147 -39.94 14.39 -6.36
C THR E 147 -40.70 15.63 -6.80
N GLU E 148 -41.15 15.65 -8.05
CA GLU E 148 -41.87 16.81 -8.57
C GLU E 148 -43.22 16.98 -7.88
N ILE E 149 -43.96 15.88 -7.69
CA ILE E 149 -45.27 15.95 -7.06
C ILE E 149 -45.15 16.46 -5.62
N LEU E 150 -44.11 16.02 -4.91
CA LEU E 150 -43.90 16.49 -3.54
C LEU E 150 -43.65 17.99 -3.50
N HIS E 151 -42.76 18.49 -4.37
CA HIS E 151 -42.45 19.92 -4.37
C HIS E 151 -43.65 20.73 -4.82
N LYS E 152 -44.43 20.22 -5.77
CA LYS E 152 -45.49 21.01 -6.38
C LYS E 152 -46.76 20.98 -5.54
N LYS E 153 -47.13 19.79 -5.04
CA LYS E 153 -48.43 19.61 -4.39
C LYS E 153 -48.35 19.40 -2.88
N TYR E 154 -47.22 18.91 -2.36
CA TYR E 154 -47.09 18.59 -0.93
C TYR E 154 -45.84 19.21 -0.32
N PRO E 155 -45.61 20.51 -0.51
CA PRO E 155 -44.35 21.09 0.00
C PRO E 155 -44.20 20.97 1.50
N GLN E 156 -45.31 20.92 2.25
CA GLN E 156 -45.19 20.78 3.69
C GLN E 156 -44.55 19.47 4.09
N MET E 157 -44.77 18.40 3.29
CA MET E 157 -44.17 17.12 3.60
C MET E 157 -42.65 17.15 3.48
N LEU E 158 -42.13 18.03 2.63
CA LEU E 158 -40.69 18.12 2.46
C LEU E 158 -39.99 18.74 3.68
N GLU E 159 -40.74 19.40 4.55
CA GLU E 159 -40.16 19.94 5.77
C GLU E 159 -39.62 18.85 6.68
N ARG E 160 -40.09 17.61 6.54
CA ARG E 160 -39.68 16.51 7.39
C ARG E 160 -38.90 15.43 6.65
N ILE E 161 -38.54 15.68 5.39
CA ILE E 161 -37.84 14.71 4.56
C ILE E 161 -36.35 15.03 4.61
N HIS E 162 -35.53 14.02 4.87
CA HIS E 162 -34.10 14.22 5.06
C HIS E 162 -33.31 14.18 3.75
N GLY E 163 -33.90 13.68 2.67
CA GLY E 163 -33.15 13.57 1.44
C GLY E 163 -33.84 12.79 0.36
N ILE E 164 -33.34 12.94 -0.86
CA ILE E 164 -33.80 12.20 -2.03
C ILE E 164 -32.62 11.40 -2.59
N THR E 165 -32.86 10.15 -2.93
CA THR E 165 -31.87 9.37 -3.67
C THR E 165 -32.43 9.08 -5.07
N GLU E 166 -31.80 9.66 -6.09
CA GLU E 166 -32.35 9.66 -7.45
C GLU E 166 -31.60 8.67 -8.34
N GLU E 167 -32.34 7.87 -9.09
CA GLU E 167 -31.79 6.69 -9.76
C GLU E 167 -31.21 6.97 -11.14
N THR E 168 -31.73 7.94 -11.88
CA THR E 168 -31.52 7.93 -13.31
C THR E 168 -31.18 9.31 -13.85
N THR E 169 -30.60 9.32 -15.05
CA THR E 169 -30.02 10.52 -15.63
C THR E 169 -31.05 11.64 -15.75
N THR E 170 -32.24 11.30 -16.26
CA THR E 170 -33.30 12.29 -16.43
C THR E 170 -33.70 12.90 -15.09
N GLY E 171 -33.77 12.07 -14.04
CA GLY E 171 -34.11 12.58 -12.72
C GLY E 171 -33.05 13.50 -12.16
N VAL E 172 -31.78 13.12 -12.30
CA VAL E 172 -30.68 13.98 -11.84
C VAL E 172 -30.70 15.31 -12.57
N HIS E 173 -31.07 15.31 -13.86
CA HIS E 173 -31.14 16.56 -14.58
C HIS E 173 -32.24 17.44 -14.03
N ARG E 174 -33.38 16.85 -13.66
CA ARG E 174 -34.45 17.64 -13.08
C ARG E 174 -34.05 18.17 -11.72
N LEU E 175 -33.27 17.40 -10.96
CA LEU E 175 -32.80 17.87 -9.66
C LEU E 175 -31.85 19.04 -9.80
N LEU E 176 -30.94 19.00 -10.78
CA LEU E 176 -29.98 20.08 -10.92
C LEU E 176 -30.66 21.36 -11.38
N ASP E 177 -31.70 21.25 -12.21
CA ASP E 177 -32.51 22.41 -12.57
C ASP E 177 -33.13 23.06 -11.33
N MET E 178 -33.71 22.25 -10.44
CA MET E 178 -34.30 22.80 -9.23
C MET E 178 -33.24 23.44 -8.34
N LEU E 179 -32.07 22.81 -8.24
CA LEU E 179 -31.02 23.37 -7.40
C LEU E 179 -30.60 24.74 -7.90
N LYS E 180 -30.48 24.92 -9.21
CA LYS E 180 -30.03 26.22 -9.70
C LYS E 180 -31.13 27.27 -9.61
N ASN E 181 -32.39 26.87 -9.74
CA ASN E 181 -33.50 27.81 -9.61
C ASN E 181 -33.89 28.08 -8.16
N GLY E 182 -33.19 27.49 -7.19
CA GLY E 182 -33.53 27.69 -5.80
C GLY E 182 -34.86 27.08 -5.39
N THR E 183 -35.33 26.06 -6.11
CA THR E 183 -36.61 25.44 -5.79
C THR E 183 -36.47 24.09 -5.11
N LEU E 184 -35.27 23.50 -5.04
CA LEU E 184 -35.06 22.22 -4.37
C LEU E 184 -35.09 22.41 -2.86
N LYS E 185 -35.90 21.60 -2.17
CA LYS E 185 -36.13 21.79 -0.74
C LYS E 185 -35.30 20.88 0.16
N VAL E 186 -34.81 19.75 -0.33
CA VAL E 186 -34.02 18.84 0.49
C VAL E 186 -32.81 18.38 -0.32
N PRO E 187 -31.74 17.95 0.34
CA PRO E 187 -30.55 17.50 -0.39
C PRO E 187 -30.83 16.19 -1.10
N ALA E 188 -30.01 15.92 -2.12
CA ALA E 188 -30.17 14.72 -2.92
C ALA E 188 -28.82 14.05 -3.14
N ILE E 189 -28.85 12.72 -3.28
CA ILE E 189 -27.71 11.97 -3.76
C ILE E 189 -28.01 11.48 -5.17
N ASN E 190 -27.10 11.80 -6.08
CA ASN E 190 -27.13 11.33 -7.47
C ASN E 190 -26.60 9.90 -7.49
N VAL E 191 -27.52 8.92 -7.46
CA VAL E 191 -27.10 7.53 -7.55
C VAL E 191 -26.63 7.18 -8.95
N ASN E 192 -27.10 7.92 -9.96
CA ASN E 192 -26.82 7.54 -11.34
C ASN E 192 -25.33 7.60 -11.64
N ASP E 193 -24.61 8.55 -11.06
CA ASP E 193 -23.25 8.81 -11.48
C ASP E 193 -22.19 8.01 -10.70
N SER E 194 -22.59 7.02 -9.93
CA SER E 194 -21.63 5.99 -9.53
C SER E 194 -21.19 5.21 -10.77
N VAL E 195 -19.92 4.82 -10.83
CA VAL E 195 -19.49 4.01 -11.96
C VAL E 195 -20.26 2.69 -11.96
N THR E 196 -20.47 2.11 -10.78
CA THR E 196 -21.21 0.84 -10.66
C THR E 196 -22.70 1.01 -10.90
N LYS E 197 -23.17 2.23 -11.14
CA LYS E 197 -24.52 2.43 -11.64
C LYS E 197 -24.46 2.83 -13.11
N SER E 198 -23.89 4.00 -13.42
CA SER E 198 -23.92 4.54 -14.77
C SER E 198 -23.29 3.60 -15.78
N LYS E 199 -22.06 3.16 -15.53
CA LYS E 199 -21.34 2.33 -16.49
C LYS E 199 -21.64 0.87 -16.33
N ASN E 200 -22.76 0.53 -15.70
CA ASN E 200 -23.14 -0.84 -15.45
C ASN E 200 -24.60 -1.00 -15.83
N ASP E 201 -25.45 -0.34 -15.05
CA ASP E 201 -26.87 -0.22 -15.37
C ASP E 201 -27.10 0.39 -16.74
N ASN E 202 -26.71 1.66 -16.92
CA ASN E 202 -27.11 2.40 -18.11
C ASN E 202 -26.60 1.73 -19.38
N LYS E 203 -25.39 1.19 -19.34
CA LYS E 203 -24.77 0.63 -20.55
C LYS E 203 -25.02 -0.87 -20.65
N TYR E 204 -24.39 -1.65 -19.77
CA TYR E 204 -24.49 -3.10 -19.88
C TYR E 204 -25.93 -3.57 -19.72
N GLY E 205 -26.73 -2.87 -18.93
CA GLY E 205 -28.12 -3.28 -18.77
C GLY E 205 -28.90 -3.23 -20.06
N CYS E 206 -28.72 -2.14 -20.83
CA CYS E 206 -29.46 -2.02 -22.08
C CYS E 206 -28.93 -2.99 -23.12
N ARG E 207 -27.64 -3.32 -23.04
CA ARG E 207 -27.08 -4.37 -23.87
C ARG E 207 -27.85 -5.67 -23.68
N HIS E 208 -28.09 -6.07 -22.42
CA HIS E 208 -28.84 -7.29 -22.15
C HIS E 208 -30.28 -7.17 -22.64
N SER E 209 -30.95 -6.07 -22.32
CA SER E 209 -32.40 -6.06 -22.34
C SER E 209 -33.01 -5.44 -23.59
N LEU E 210 -32.25 -4.72 -24.42
CA LEU E 210 -32.86 -4.13 -25.60
C LEU E 210 -33.25 -5.19 -26.61
N ASN E 211 -32.29 -6.01 -27.09
CA ASN E 211 -32.66 -7.06 -28.02
CA ASN E 211 -32.65 -7.08 -28.02
C ASN E 211 -33.64 -8.04 -27.39
N ASP E 212 -33.58 -8.21 -26.07
CA ASP E 212 -34.55 -9.02 -25.33
C ASP E 212 -35.97 -8.53 -25.60
N ALA E 213 -36.22 -7.25 -25.32
CA ALA E 213 -37.56 -6.70 -25.52
C ALA E 213 -38.00 -6.79 -26.98
N ILE E 214 -37.09 -6.48 -27.92
CA ILE E 214 -37.48 -6.52 -29.32
C ILE E 214 -37.86 -7.93 -29.74
N LYS E 215 -37.08 -8.93 -29.31
CA LYS E 215 -37.43 -10.31 -29.63
C LYS E 215 -38.78 -10.70 -29.02
N ARG E 216 -39.00 -10.38 -27.74
CA ARG E 216 -40.27 -10.74 -27.11
C ARG E 216 -41.44 -10.04 -27.79
N GLY E 217 -41.24 -8.80 -28.23
CA GLY E 217 -42.30 -8.05 -28.85
C GLY E 217 -42.62 -8.48 -30.26
N THR E 218 -41.60 -8.75 -31.08
CA THR E 218 -41.77 -8.99 -32.50
C THR E 218 -41.31 -10.38 -32.96
N ASP E 219 -40.41 -11.03 -32.22
CA ASP E 219 -39.74 -12.25 -32.67
C ASP E 219 -39.06 -12.05 -34.02
N HIS E 220 -38.71 -10.81 -34.33
CA HIS E 220 -38.02 -10.50 -35.57
C HIS E 220 -36.58 -10.96 -35.50
N LEU E 221 -36.15 -11.67 -36.54
CA LEU E 221 -34.73 -11.77 -36.82
C LEU E 221 -34.12 -10.38 -36.90
N LEU E 222 -32.95 -10.22 -36.29
CA LEU E 222 -32.26 -8.95 -36.37
C LEU E 222 -31.01 -8.99 -37.22
N SER E 223 -30.32 -10.13 -37.28
CA SER E 223 -29.11 -10.24 -38.09
C SER E 223 -29.41 -9.86 -39.53
N GLY E 224 -28.47 -9.13 -40.14
CA GLY E 224 -28.59 -8.73 -41.52
C GLY E 224 -29.45 -7.51 -41.77
N LYS E 225 -30.14 -7.00 -40.74
CA LYS E 225 -31.07 -5.89 -40.86
C LYS E 225 -30.43 -4.57 -40.41
N GLN E 226 -31.06 -3.46 -40.82
CA GLN E 226 -30.52 -2.12 -40.62
C GLN E 226 -31.13 -1.47 -39.39
N ALA E 227 -30.27 -1.01 -38.49
CA ALA E 227 -30.73 -0.30 -37.31
C ALA E 227 -30.20 1.13 -37.30
N LEU E 228 -30.99 2.03 -36.74
CA LEU E 228 -30.57 3.39 -36.45
C LEU E 228 -30.77 3.64 -34.96
N VAL E 229 -29.68 3.92 -34.26
CA VAL E 229 -29.73 4.23 -32.83
C VAL E 229 -29.52 5.73 -32.69
N ILE E 230 -30.48 6.41 -32.05
CA ILE E 230 -30.39 7.85 -31.85
C ILE E 230 -29.79 8.07 -30.45
N GLY E 231 -28.57 8.55 -30.42
CA GLY E 231 -27.86 8.74 -29.16
C GLY E 231 -26.74 7.73 -29.01
N TYR E 232 -25.63 8.17 -28.43
CA TYR E 232 -24.52 7.27 -28.11
C TYR E 232 -23.91 7.64 -26.77
N GLY E 233 -24.76 7.99 -25.80
CA GLY E 233 -24.36 8.08 -24.40
C GLY E 233 -24.28 6.69 -23.84
N ASP E 234 -24.45 6.53 -22.53
CA ASP E 234 -24.31 5.19 -21.95
C ASP E 234 -25.41 4.27 -22.46
N VAL E 235 -26.65 4.75 -22.50
CA VAL E 235 -27.74 3.92 -22.98
C VAL E 235 -27.59 3.64 -24.47
N GLY E 236 -27.17 4.65 -25.23
CA GLY E 236 -26.97 4.44 -26.66
C GLY E 236 -25.82 3.48 -26.95
N LYS E 237 -24.72 3.58 -26.20
CA LYS E 237 -23.63 2.62 -26.32
C LYS E 237 -24.11 1.19 -26.04
N GLY E 238 -24.83 1.00 -24.94
CA GLY E 238 -25.35 -0.32 -24.63
C GLY E 238 -26.31 -0.83 -25.67
N SER E 239 -27.19 0.06 -26.17
CA SER E 239 -28.21 -0.36 -27.13
C SER E 239 -27.60 -0.71 -28.48
N SER E 240 -26.60 0.07 -28.94
CA SER E 240 -25.93 -0.24 -30.20
C SER E 240 -25.26 -1.61 -30.13
N GLN E 241 -24.70 -1.95 -28.98
CA GLN E 241 -24.02 -3.24 -28.84
C GLN E 241 -25.04 -4.37 -28.75
N SER E 242 -26.14 -4.15 -28.04
CA SER E 242 -27.24 -5.11 -28.01
C SER E 242 -27.65 -5.52 -29.42
N LEU E 243 -27.66 -4.56 -30.34
CA LEU E 243 -28.07 -4.79 -31.72
C LEU E 243 -26.94 -5.30 -32.59
N ARG E 244 -25.75 -4.70 -32.46
CA ARG E 244 -24.61 -5.12 -33.25
C ARG E 244 -24.23 -6.57 -32.97
N GLN E 245 -24.23 -6.97 -31.69
CA GLN E 245 -23.82 -8.32 -31.35
C GLN E 245 -24.77 -9.35 -31.93
N GLU E 246 -26.01 -8.96 -32.23
CA GLU E 246 -26.97 -9.80 -32.92
C GLU E 246 -26.75 -9.85 -34.43
N GLY E 247 -25.82 -9.06 -34.95
CA GLY E 247 -25.56 -9.02 -36.37
C GLY E 247 -26.31 -7.95 -37.14
N MET E 248 -26.93 -6.99 -36.46
CA MET E 248 -27.52 -5.88 -37.19
C MET E 248 -26.42 -5.00 -37.76
N ILE E 249 -26.73 -4.33 -38.86
CA ILE E 249 -25.89 -3.27 -39.37
C ILE E 249 -26.39 -1.97 -38.72
N VAL E 250 -25.58 -1.42 -37.81
CA VAL E 250 -26.02 -0.35 -36.92
C VAL E 250 -25.37 0.95 -37.34
N LYS E 251 -26.20 1.97 -37.54
CA LYS E 251 -25.79 3.35 -37.71
C LYS E 251 -26.14 4.12 -36.45
N VAL E 252 -25.35 5.12 -36.11
CA VAL E 252 -25.54 5.87 -34.87
C VAL E 252 -25.69 7.34 -35.20
N ALA E 253 -26.64 8.01 -34.55
CA ALA E 253 -26.77 9.46 -34.63
C ALA E 253 -26.42 10.10 -33.29
N GLU E 254 -25.83 11.29 -33.34
CA GLU E 254 -25.47 12.01 -32.12
C GLU E 254 -25.45 13.51 -32.40
N VAL E 255 -25.57 14.28 -31.32
CA VAL E 255 -25.26 15.71 -31.36
C VAL E 255 -23.96 16.03 -30.66
N ASP E 256 -23.38 15.10 -29.91
CA ASP E 256 -22.15 15.34 -29.18
C ASP E 256 -20.99 14.77 -29.98
N PRO E 257 -20.07 15.60 -30.46
CA PRO E 257 -19.01 15.06 -31.32
C PRO E 257 -18.12 14.04 -30.63
N ILE E 258 -17.95 14.14 -29.31
CA ILE E 258 -17.12 13.18 -28.61
C ILE E 258 -17.78 11.81 -28.61
N CYS E 259 -19.08 11.76 -28.32
CA CYS E 259 -19.77 10.48 -28.38
C CYS E 259 -19.81 9.95 -29.80
N ALA E 260 -19.95 10.84 -30.79
CA ALA E 260 -19.89 10.42 -32.19
C ALA E 260 -18.54 9.80 -32.52
N MET E 261 -17.45 10.40 -32.05
N MET E 261 -17.45 10.40 -32.05
CA MET E 261 -16.12 9.86 -32.28
CA MET E 261 -16.12 9.85 -32.28
C MET E 261 -15.99 8.45 -31.73
C MET E 261 -16.03 8.43 -31.75
N GLN E 262 -16.53 8.21 -30.53
CA GLN E 262 -16.53 6.87 -29.97
C GLN E 262 -17.29 5.90 -30.85
N ALA E 263 -18.45 6.31 -31.36
CA ALA E 263 -19.22 5.44 -32.25
C ALA E 263 -18.41 5.04 -33.47
N CYS E 264 -17.67 5.98 -34.06
CA CYS E 264 -16.82 5.66 -35.20
C CYS E 264 -15.74 4.66 -34.82
N MET E 265 -14.98 4.97 -33.77
CA MET E 265 -13.93 4.08 -33.31
C MET E 265 -14.47 2.73 -32.89
N ASP E 266 -15.72 2.68 -32.43
CA ASP E 266 -16.36 1.40 -32.10
C ASP E 266 -16.87 0.66 -33.34
N GLY E 267 -16.71 1.23 -34.54
CA GLY E 267 -17.07 0.54 -35.76
C GLY E 267 -18.48 0.77 -36.26
N PHE E 268 -19.11 1.87 -35.88
CA PHE E 268 -20.41 2.22 -36.42
C PHE E 268 -20.28 3.41 -37.37
N GLU E 269 -21.20 3.47 -38.33
CA GLU E 269 -21.32 4.60 -39.24
C GLU E 269 -22.19 5.67 -38.60
N VAL E 270 -21.67 6.90 -38.53
CA VAL E 270 -22.39 7.98 -37.88
C VAL E 270 -23.17 8.76 -38.92
N VAL E 271 -24.50 8.79 -38.76
CA VAL E 271 -25.40 9.45 -39.69
C VAL E 271 -26.36 10.35 -38.94
N SER E 272 -26.95 11.28 -39.68
CA SER E 272 -28.02 12.11 -39.15
C SER E 272 -29.30 11.83 -39.90
N PRO E 273 -30.45 11.82 -39.20
CA PRO E 273 -31.74 11.76 -39.92
C PRO E 273 -31.98 12.95 -40.83
N TYR E 274 -31.24 14.04 -40.64
CA TYR E 274 -31.44 15.27 -41.40
C TYR E 274 -30.26 15.49 -42.33
N LYS E 275 -30.55 16.04 -43.50
CA LYS E 275 -29.50 16.40 -44.44
C LYS E 275 -28.53 17.38 -43.79
N ASN E 276 -27.24 17.02 -43.78
CA ASN E 276 -26.19 17.85 -43.19
C ASN E 276 -26.44 18.11 -41.71
N GLY E 277 -27.24 17.27 -41.05
CA GLY E 277 -27.49 17.36 -39.63
C GLY E 277 -28.41 18.49 -39.19
N ILE E 278 -28.99 19.23 -40.13
CA ILE E 278 -29.74 20.45 -39.81
C ILE E 278 -31.24 20.12 -39.81
N ASN E 279 -31.86 20.34 -38.65
CA ASN E 279 -33.25 19.98 -38.38
C ASN E 279 -34.07 21.28 -38.38
N ASP E 280 -34.60 21.64 -39.55
CA ASP E 280 -35.36 22.88 -39.70
C ASP E 280 -36.87 22.67 -39.65
N GLY E 281 -37.32 21.47 -39.30
CA GLY E 281 -38.74 21.17 -39.16
C GLY E 281 -39.47 20.86 -40.45
N THR E 282 -38.79 20.86 -41.59
CA THR E 282 -39.42 20.62 -42.87
C THR E 282 -39.16 19.18 -43.34
N GLU E 283 -40.11 18.67 -44.13
CA GLU E 283 -39.92 17.35 -44.73
C GLU E 283 -38.71 17.33 -45.64
N ALA E 284 -38.35 18.47 -46.23
CA ALA E 284 -37.23 18.49 -47.17
C ALA E 284 -35.90 18.22 -46.48
N SER E 285 -35.80 18.46 -45.18
CA SER E 285 -34.56 18.23 -44.46
C SER E 285 -34.33 16.77 -44.12
N ILE E 286 -35.32 15.90 -44.32
CA ILE E 286 -35.20 14.50 -43.93
C ILE E 286 -34.39 13.75 -44.98
N ASP E 287 -33.37 13.01 -44.53
CA ASP E 287 -32.67 12.10 -45.43
C ASP E 287 -33.58 10.91 -45.71
N ALA E 288 -34.45 11.08 -46.72
CA ALA E 288 -35.44 10.05 -47.03
C ALA E 288 -34.78 8.77 -47.50
N ALA E 289 -33.68 8.87 -48.26
CA ALA E 289 -32.98 7.68 -48.71
C ALA E 289 -32.44 6.88 -47.52
N LEU E 290 -31.86 7.56 -46.54
CA LEU E 290 -31.37 6.87 -45.35
C LEU E 290 -32.51 6.22 -44.57
N LEU E 291 -33.50 7.01 -44.17
CA LEU E 291 -34.60 6.47 -43.37
C LEU E 291 -35.39 5.42 -44.14
N GLY E 292 -35.36 5.49 -45.47
CA GLY E 292 -36.02 4.48 -46.27
C GLY E 292 -35.37 3.11 -46.20
N LYS E 293 -34.18 3.00 -45.61
CA LYS E 293 -33.47 1.73 -45.47
C LYS E 293 -33.50 1.14 -44.06
N ILE E 294 -34.02 1.87 -43.08
CA ILE E 294 -33.88 1.51 -41.68
C ILE E 294 -35.00 0.55 -41.28
N ASP E 295 -34.62 -0.59 -40.69
CA ASP E 295 -35.58 -1.59 -40.21
C ASP E 295 -35.98 -1.37 -38.75
N LEU E 296 -35.17 -0.66 -37.99
CA LEU E 296 -35.35 -0.53 -36.56
C LEU E 296 -34.76 0.80 -36.13
N ILE E 297 -35.54 1.60 -35.42
CA ILE E 297 -35.03 2.84 -34.84
C ILE E 297 -35.24 2.78 -33.34
N VAL E 298 -34.19 3.12 -32.59
CA VAL E 298 -34.20 3.14 -31.14
C VAL E 298 -33.72 4.52 -30.69
N THR E 299 -34.51 5.19 -29.85
CA THR E 299 -34.12 6.47 -29.26
C THR E 299 -33.56 6.24 -27.86
N THR E 300 -32.46 6.95 -27.54
CA THR E 300 -31.73 6.71 -26.29
C THR E 300 -31.30 8.01 -25.59
N THR E 301 -31.92 9.14 -25.90
CA THR E 301 -31.31 10.44 -25.66
C THR E 301 -31.71 11.08 -24.33
N GLY E 302 -32.92 10.82 -23.83
CA GLY E 302 -33.43 11.65 -22.78
C GLY E 302 -33.77 13.05 -23.23
N ASN E 303 -33.90 13.25 -24.53
CA ASN E 303 -34.22 14.52 -25.15
C ASN E 303 -35.65 14.45 -25.68
N VAL E 304 -36.09 15.51 -26.35
CA VAL E 304 -37.47 15.58 -26.82
C VAL E 304 -37.48 15.52 -28.35
N ASN E 305 -38.36 14.66 -28.87
CA ASN E 305 -38.69 14.63 -30.30
C ASN E 305 -37.49 14.31 -31.17
N VAL E 306 -36.72 13.29 -30.78
CA VAL E 306 -35.55 12.89 -31.56
C VAL E 306 -35.90 11.88 -32.66
N CYS E 307 -37.09 11.30 -32.63
CA CYS E 307 -37.65 10.56 -33.76
C CYS E 307 -38.96 11.28 -34.07
N ASP E 308 -38.88 12.33 -34.90
CA ASP E 308 -40.00 13.25 -35.05
C ASP E 308 -40.98 12.75 -36.11
N ALA E 309 -42.00 13.57 -36.38
CA ALA E 309 -43.08 13.15 -37.27
C ALA E 309 -42.59 12.98 -38.70
N ASN E 310 -41.69 13.86 -39.15
CA ASN E 310 -41.17 13.74 -40.50
C ASN E 310 -40.27 12.52 -40.66
N MET E 311 -39.57 12.12 -39.59
CA MET E 311 -38.82 10.87 -39.63
C MET E 311 -39.76 9.68 -39.71
N LEU E 312 -40.82 9.69 -38.91
CA LEU E 312 -41.77 8.57 -38.93
C LEU E 312 -42.42 8.43 -40.30
N LYS E 313 -42.71 9.55 -40.96
CA LYS E 313 -43.29 9.47 -42.29
C LYS E 313 -42.33 8.80 -43.28
N ALA E 314 -41.03 9.05 -43.13
CA ALA E 314 -40.06 8.61 -44.11
C ALA E 314 -39.56 7.18 -43.88
N LEU E 315 -39.81 6.60 -42.71
CA LEU E 315 -39.24 5.31 -42.35
C LEU E 315 -39.72 4.23 -43.29
N LYS E 316 -38.83 3.25 -43.53
CA LYS E 316 -39.15 2.08 -44.34
C LYS E 316 -40.43 1.41 -43.84
N LYS E 317 -41.25 0.94 -44.77
CA LYS E 317 -42.45 0.21 -44.38
C LYS E 317 -42.08 -0.96 -43.46
N ARG E 318 -42.89 -1.15 -42.42
CA ARG E 318 -42.78 -2.24 -41.47
C ARG E 318 -41.56 -2.12 -40.57
N ALA E 319 -40.97 -0.94 -40.46
CA ALA E 319 -39.89 -0.72 -39.50
C ALA E 319 -40.42 -0.79 -38.07
N VAL E 320 -39.56 -1.22 -37.15
CA VAL E 320 -39.88 -1.22 -35.73
C VAL E 320 -39.40 0.09 -35.13
N VAL E 321 -40.24 0.72 -34.30
CA VAL E 321 -39.94 1.99 -33.64
C VAL E 321 -40.07 1.79 -32.13
N CYS E 322 -39.04 2.17 -31.39
CA CYS E 322 -39.08 1.98 -29.94
C CYS E 322 -38.14 2.96 -29.26
N ASN E 323 -38.35 3.12 -27.95
CA ASN E 323 -37.65 4.12 -27.15
C ASN E 323 -37.20 3.43 -25.88
N ILE E 324 -35.93 3.66 -25.52
CA ILE E 324 -35.36 3.13 -24.28
C ILE E 324 -34.84 4.26 -23.39
N GLY E 325 -35.10 5.53 -23.76
CA GLY E 325 -34.94 6.62 -22.83
C GLY E 325 -36.10 6.70 -21.84
N HIS E 326 -35.97 7.56 -20.83
CA HIS E 326 -36.87 7.46 -19.68
C HIS E 326 -38.32 7.84 -20.04
N PHE E 327 -38.52 8.84 -20.89
CA PHE E 327 -39.86 9.34 -21.17
C PHE E 327 -40.21 9.10 -22.64
N ASP E 328 -41.51 8.91 -22.90
CA ASP E 328 -41.96 8.57 -24.24
C ASP E 328 -41.92 9.73 -25.23
N ASN E 329 -41.70 10.97 -24.79
CA ASN E 329 -41.69 12.06 -25.76
C ASN E 329 -40.45 12.06 -26.64
N GLU E 330 -39.56 11.09 -26.50
CA GLU E 330 -38.48 10.98 -27.48
C GLU E 330 -39.04 10.75 -28.88
N ILE E 331 -40.18 10.09 -28.96
CA ILE E 331 -40.85 9.79 -30.22
C ILE E 331 -42.12 10.60 -30.28
N ASP E 332 -42.40 11.19 -31.44
CA ASP E 332 -43.65 11.95 -31.59
C ASP E 332 -44.81 10.98 -31.78
N THR E 333 -45.16 10.28 -30.70
CA THR E 333 -46.31 9.38 -30.73
C THR E 333 -47.63 10.15 -30.73
N ALA E 334 -47.63 11.39 -30.23
CA ALA E 334 -48.82 12.22 -30.35
C ALA E 334 -49.21 12.40 -31.80
N PHE E 335 -48.23 12.71 -32.66
CA PHE E 335 -48.50 12.84 -34.08
C PHE E 335 -49.15 11.57 -34.62
N MET E 336 -48.61 10.41 -34.26
CA MET E 336 -49.16 9.15 -34.77
C MET E 336 -50.56 8.88 -34.22
N ARG E 337 -50.85 9.30 -32.99
CA ARG E 337 -52.20 9.15 -32.46
C ARG E 337 -53.20 10.02 -33.21
N LYS E 338 -52.78 11.20 -33.67
CA LYS E 338 -53.72 12.12 -34.31
C LYS E 338 -53.97 11.74 -35.76
N ASN E 339 -53.04 11.08 -36.42
CA ASN E 339 -53.05 10.92 -37.87
C ASN E 339 -53.19 9.50 -38.38
N TRP E 340 -52.71 8.51 -37.62
CA TRP E 340 -52.63 7.15 -38.12
C TRP E 340 -53.45 6.22 -37.25
N ALA E 341 -53.84 5.09 -37.82
CA ALA E 341 -54.70 4.13 -37.16
C ALA E 341 -53.87 3.07 -36.47
N TRP E 342 -54.16 2.82 -35.20
CA TRP E 342 -53.40 1.90 -34.37
C TRP E 342 -54.08 0.53 -34.35
N GLU E 343 -53.30 -0.51 -34.59
CA GLU E 343 -53.78 -1.88 -34.51
C GLU E 343 -52.95 -2.60 -33.46
N GLU E 344 -53.60 -3.10 -32.42
CA GLU E 344 -52.89 -3.84 -31.39
C GLU E 344 -52.60 -5.25 -31.90
N VAL E 345 -51.32 -5.60 -32.01
CA VAL E 345 -50.97 -7.00 -32.22
C VAL E 345 -51.17 -7.78 -30.93
N LYS E 346 -50.55 -7.30 -29.87
CA LYS E 346 -50.70 -7.85 -28.53
C LYS E 346 -50.33 -6.75 -27.55
N PRO E 347 -50.50 -6.97 -26.24
CA PRO E 347 -50.14 -5.92 -25.28
C PRO E 347 -48.72 -5.40 -25.50
N GLN E 348 -48.62 -4.07 -25.61
CA GLN E 348 -47.37 -3.34 -25.85
C GLN E 348 -46.76 -3.57 -27.23
N VAL E 349 -47.54 -4.05 -28.20
CA VAL E 349 -47.09 -4.09 -29.59
C VAL E 349 -48.21 -3.56 -30.47
N HIS E 350 -47.94 -2.48 -31.20
CA HIS E 350 -48.95 -1.85 -32.05
C HIS E 350 -48.43 -1.66 -33.47
N LYS E 351 -49.24 -2.05 -34.44
CA LYS E 351 -49.03 -1.64 -35.83
C LYS E 351 -49.72 -0.30 -36.04
N ILE E 352 -48.98 0.65 -36.58
CA ILE E 352 -49.50 1.98 -36.83
C ILE E 352 -49.56 2.18 -38.35
N HIS E 353 -50.77 2.20 -38.90
CA HIS E 353 -51.01 2.19 -40.34
C HIS E 353 -50.98 3.61 -40.89
N ARG E 354 -50.02 3.88 -41.76
CA ARG E 354 -49.82 5.23 -42.29
C ARG E 354 -50.76 5.55 -43.45
N THR E 355 -51.79 4.73 -43.68
CA THR E 355 -52.74 4.95 -44.75
C THR E 355 -53.89 5.87 -44.36
N GLY E 356 -54.09 6.13 -43.08
CA GLY E 356 -55.16 7.01 -42.66
C GLY E 356 -55.46 6.84 -41.19
N LYS E 357 -56.31 7.74 -40.69
CA LYS E 357 -56.67 7.79 -39.28
C LYS E 357 -57.85 6.90 -38.94
N ASP E 358 -58.85 6.85 -39.82
CA ASP E 358 -60.11 6.15 -39.54
C ASP E 358 -60.08 4.82 -40.27
N GLY E 359 -59.75 3.76 -39.54
CA GLY E 359 -59.79 2.42 -40.08
C GLY E 359 -58.50 2.03 -40.79
N PHE E 360 -58.29 0.72 -40.89
CA PHE E 360 -57.12 0.19 -41.55
C PHE E 360 -57.50 -1.09 -42.28
N ASP E 361 -56.82 -1.36 -43.39
CA ASP E 361 -56.90 -2.63 -44.07
C ASP E 361 -56.02 -3.63 -43.32
N ALA E 362 -56.60 -4.76 -42.90
CA ALA E 362 -55.83 -5.71 -42.08
C ALA E 362 -54.63 -6.28 -42.83
N HIS E 363 -54.62 -6.19 -44.16
CA HIS E 363 -53.49 -6.63 -44.95
C HIS E 363 -52.68 -5.48 -45.53
N ASN E 364 -52.92 -4.25 -45.06
CA ASN E 364 -52.07 -3.13 -45.43
C ASN E 364 -50.61 -3.44 -45.13
N ASP E 365 -49.73 -3.08 -46.07
CA ASP E 365 -48.29 -3.30 -45.90
C ASP E 365 -47.55 -2.05 -45.44
N ASP E 366 -48.22 -0.92 -45.33
CA ASP E 366 -47.59 0.36 -45.00
C ASP E 366 -47.92 0.71 -43.55
N TYR E 367 -47.21 0.05 -42.63
CA TYR E 367 -47.37 0.29 -41.20
C TYR E 367 -46.00 0.31 -40.55
N LEU E 368 -45.95 0.91 -39.38
CA LEU E 368 -44.81 0.77 -38.47
C LEU E 368 -45.25 -0.06 -37.27
N ILE E 369 -44.27 -0.63 -36.57
CA ILE E 369 -44.54 -1.40 -35.36
C ILE E 369 -43.92 -0.65 -34.18
N LEU E 370 -44.78 -0.21 -33.26
CA LEU E 370 -44.36 0.56 -32.09
C LEU E 370 -44.41 -0.35 -30.87
N LEU E 371 -43.33 -0.36 -30.10
CA LEU E 371 -43.25 -1.16 -28.89
C LEU E 371 -43.48 -0.29 -27.66
N ALA E 372 -44.32 -0.76 -26.74
CA ALA E 372 -44.54 -0.11 -25.46
C ALA E 372 -45.11 1.30 -25.60
N GLU E 373 -45.83 1.55 -26.68
CA GLU E 373 -46.38 2.86 -27.00
C GLU E 373 -45.36 3.98 -26.79
N GLY E 374 -44.11 3.68 -27.14
CA GLY E 374 -43.01 4.63 -27.00
C GLY E 374 -42.42 4.72 -25.60
N ARG E 375 -42.98 3.99 -24.64
CA ARG E 375 -42.39 3.97 -23.30
C ARG E 375 -41.19 3.02 -23.28
N LEU E 376 -40.37 3.15 -22.23
CA LEU E 376 -39.16 2.36 -22.03
C LEU E 376 -39.33 0.93 -22.52
N VAL E 377 -38.67 0.57 -23.62
CA VAL E 377 -39.04 -0.67 -24.29
C VAL E 377 -38.52 -1.88 -23.52
N ASN E 378 -37.33 -1.78 -22.90
CA ASN E 378 -36.77 -2.95 -22.23
C ASN E 378 -37.63 -3.36 -21.04
N LEU E 379 -38.18 -2.38 -20.33
CA LEU E 379 -39.09 -2.70 -19.23
C LEU E 379 -40.51 -2.94 -19.72
N GLY E 380 -40.91 -2.26 -20.80
CA GLY E 380 -42.27 -2.41 -21.29
C GLY E 380 -42.52 -3.75 -21.95
N ASN E 381 -41.57 -4.22 -22.76
CA ASN E 381 -41.77 -5.43 -23.54
C ASN E 381 -40.98 -6.63 -23.05
N ALA E 382 -40.09 -6.45 -22.08
CA ALA E 382 -39.45 -7.56 -21.40
C ALA E 382 -39.42 -7.28 -19.90
N THR E 383 -38.28 -7.51 -19.24
CA THR E 383 -38.22 -7.36 -17.79
C THR E 383 -37.13 -6.39 -17.36
N GLY E 384 -36.69 -5.50 -18.23
CA GLY E 384 -35.61 -4.61 -17.89
C GLY E 384 -34.29 -5.34 -17.68
N HIS E 385 -33.40 -4.62 -16.98
CA HIS E 385 -32.07 -5.15 -16.69
C HIS E 385 -32.15 -6.42 -15.84
N PRO E 386 -31.18 -7.31 -15.96
CA PRO E 386 -31.16 -8.51 -15.11
C PRO E 386 -30.70 -8.20 -13.69
N SER E 387 -31.04 -9.12 -12.79
CA SER E 387 -30.76 -8.95 -11.36
C SER E 387 -29.30 -8.65 -11.08
N ARG E 388 -28.38 -9.36 -11.74
CA ARG E 388 -26.97 -9.23 -11.38
C ARG E 388 -26.41 -7.86 -11.77
N ILE E 389 -27.02 -7.20 -12.75
CA ILE E 389 -26.63 -5.83 -13.09
C ILE E 389 -27.27 -4.85 -12.13
N MET E 390 -28.58 -5.01 -11.85
CA MET E 390 -29.27 -4.12 -10.92
C MET E 390 -28.67 -4.20 -9.53
N ASP E 391 -27.99 -5.31 -9.22
CA ASP E 391 -27.26 -5.43 -7.96
C ASP E 391 -26.40 -4.21 -7.70
N GLY E 392 -25.68 -3.74 -8.72
CA GLY E 392 -24.84 -2.56 -8.54
C GLY E 392 -25.64 -1.31 -8.22
N SER E 393 -26.63 -1.00 -9.07
CA SER E 393 -27.45 0.20 -8.88
C SER E 393 -28.09 0.22 -7.50
N PHE E 394 -28.63 -0.91 -7.06
CA PHE E 394 -29.46 -0.92 -5.87
C PHE E 394 -28.64 -1.03 -4.58
N ALA E 395 -27.44 -1.59 -4.65
CA ALA E 395 -26.51 -1.43 -3.53
C ALA E 395 -26.19 0.05 -3.33
N ASN E 396 -26.01 0.78 -4.43
CA ASN E 396 -25.79 2.22 -4.34
C ASN E 396 -26.99 2.91 -3.70
N GLN E 397 -28.20 2.51 -4.05
CA GLN E 397 -29.38 3.15 -3.47
C GLN E 397 -29.43 2.94 -1.96
N VAL E 398 -29.14 1.72 -1.51
CA VAL E 398 -29.16 1.44 -0.07
C VAL E 398 -28.10 2.26 0.64
N LEU E 399 -26.88 2.32 0.08
CA LEU E 399 -25.84 3.13 0.70
C LEU E 399 -26.24 4.60 0.74
N ALA E 400 -26.90 5.08 -0.32
CA ALA E 400 -27.31 6.48 -0.36
C ALA E 400 -28.42 6.77 0.64
N GLN E 401 -29.41 5.88 0.74
CA GLN E 401 -30.47 6.06 1.72
C GLN E 401 -29.91 6.17 3.14
N ILE E 402 -29.00 5.25 3.48
CA ILE E 402 -28.40 5.25 4.82
C ILE E 402 -27.71 6.58 5.09
N HIS E 403 -26.89 7.04 4.13
CA HIS E 403 -26.13 8.25 4.37
C HIS E 403 -27.05 9.44 4.62
N LEU E 404 -28.01 9.67 3.73
CA LEU E 404 -28.88 10.83 3.85
C LEU E 404 -29.75 10.75 5.10
N PHE E 405 -30.27 9.56 5.40
CA PHE E 405 -31.10 9.40 6.59
C PHE E 405 -30.32 9.68 7.86
N GLU E 406 -29.06 9.22 7.92
CA GLU E 406 -28.29 9.40 9.13
C GLU E 406 -27.90 10.86 9.32
N GLN E 407 -27.81 11.62 8.23
CA GLN E 407 -27.45 13.03 8.33
C GLN E 407 -28.59 13.90 8.86
N LYS E 408 -29.83 13.43 8.78
CA LYS E 408 -30.97 14.07 9.41
C LYS E 408 -31.06 15.56 9.05
N TYR E 409 -31.10 15.83 7.74
CA TYR E 409 -31.12 17.21 7.27
C TYR E 409 -32.34 17.97 7.82
N ALA E 410 -33.51 17.33 7.82
CA ALA E 410 -34.73 18.02 8.21
C ALA E 410 -34.69 18.53 9.64
N ASP E 411 -33.90 17.90 10.51
CA ASP E 411 -33.84 18.29 11.92
C ASP E 411 -32.91 19.46 12.17
N LEU E 412 -32.23 19.97 11.15
CA LEU E 412 -31.33 21.11 11.32
C LEU E 412 -32.12 22.42 11.45
N PRO E 413 -31.51 23.45 12.04
CA PRO E 413 -32.13 24.77 12.00
C PRO E 413 -32.02 25.35 10.60
N ALA E 414 -32.89 26.34 10.33
CA ALA E 414 -33.01 26.87 8.97
C ALA E 414 -31.67 27.32 8.42
N ALA E 415 -30.81 27.90 9.26
CA ALA E 415 -29.51 28.37 8.79
C ALA E 415 -28.60 27.22 8.39
N GLU E 416 -28.71 26.07 9.07
CA GLU E 416 -27.85 24.94 8.76
C GLU E 416 -28.36 24.13 7.57
N LYS E 417 -29.67 24.13 7.35
CA LYS E 417 -30.23 23.51 6.16
C LYS E 417 -29.63 24.13 4.90
N ALA E 418 -29.55 25.45 4.86
CA ALA E 418 -29.05 26.14 3.67
C ALA E 418 -27.59 25.83 3.40
N LYS E 419 -26.84 25.41 4.41
CA LYS E 419 -25.44 25.10 4.24
C LYS E 419 -25.20 23.64 3.90
N ARG E 420 -26.26 22.82 3.82
CA ARG E 420 -26.14 21.44 3.41
C ARG E 420 -27.04 21.07 2.24
N LEU E 421 -27.76 22.02 1.66
CA LEU E 421 -28.62 21.75 0.52
C LEU E 421 -27.77 21.54 -0.73
N SER E 422 -27.72 20.31 -1.23
CA SER E 422 -26.83 20.01 -2.34
C SER E 422 -27.22 18.72 -3.02
N VAL E 423 -26.65 18.50 -4.21
CA VAL E 423 -26.73 17.24 -4.94
C VAL E 423 -25.33 16.65 -4.95
N GLU E 424 -25.16 15.49 -4.30
CA GLU E 424 -23.87 14.86 -4.12
C GLU E 424 -23.88 13.47 -4.75
N VAL E 425 -22.68 12.92 -4.93
CA VAL E 425 -22.51 11.52 -5.33
C VAL E 425 -21.81 10.77 -4.19
N LEU E 426 -21.97 9.44 -4.22
CA LEU E 426 -21.27 8.61 -3.24
C LEU E 426 -19.76 8.64 -3.50
N PRO E 427 -18.96 8.58 -2.43
CA PRO E 427 -17.49 8.60 -2.61
C PRO E 427 -17.00 7.37 -3.36
N LYS E 428 -15.81 7.50 -3.94
CA LYS E 428 -15.24 6.43 -4.77
C LYS E 428 -15.02 5.15 -3.98
N LYS E 429 -14.68 5.28 -2.69
CA LYS E 429 -14.43 4.09 -1.87
C LYS E 429 -15.64 3.18 -1.83
N LEU E 430 -16.84 3.75 -1.70
CA LEU E 430 -18.04 2.92 -1.70
C LEU E 430 -18.30 2.34 -3.09
N ASP E 431 -18.07 3.13 -4.13
CA ASP E 431 -18.17 2.66 -5.51
C ASP E 431 -17.30 1.42 -5.73
N GLU E 432 -16.06 1.46 -5.24
CA GLU E 432 -15.17 0.33 -5.39
C GLU E 432 -15.64 -0.87 -4.58
N GLU E 433 -16.11 -0.63 -3.35
CA GLU E 433 -16.58 -1.73 -2.51
C GLU E 433 -17.78 -2.44 -3.13
N VAL E 434 -18.66 -1.70 -3.79
CA VAL E 434 -19.76 -2.33 -4.52
C VAL E 434 -19.21 -3.13 -5.70
N ALA E 435 -18.21 -2.57 -6.39
CA ALA E 435 -17.66 -3.26 -7.54
C ALA E 435 -16.98 -4.56 -7.14
N LEU E 436 -16.32 -4.59 -5.98
CA LEU E 436 -15.66 -5.81 -5.53
C LEU E 436 -16.66 -6.93 -5.31
N GLU E 437 -17.78 -6.62 -4.65
CA GLU E 437 -18.78 -7.64 -4.42
C GLU E 437 -19.38 -8.16 -5.73
N MET E 438 -19.53 -7.27 -6.72
CA MET E 438 -20.00 -7.68 -8.04
C MET E 438 -19.01 -8.63 -8.71
N VAL E 439 -17.73 -8.27 -8.68
CA VAL E 439 -16.68 -9.11 -9.28
C VAL E 439 -16.64 -10.48 -8.62
N LYS E 440 -16.77 -10.53 -7.29
CA LYS E 440 -16.81 -11.81 -6.62
C LYS E 440 -17.99 -12.65 -7.08
N GLY E 441 -19.12 -12.01 -7.40
CA GLY E 441 -20.27 -12.75 -7.88
C GLY E 441 -19.99 -13.51 -9.17
N PHE E 442 -19.07 -13.01 -10.00
CA PHE E 442 -18.66 -13.70 -11.21
C PHE E 442 -17.58 -14.74 -10.97
N GLY E 443 -17.03 -14.81 -9.75
CA GLY E 443 -15.89 -15.64 -9.50
C GLY E 443 -14.57 -14.95 -9.73
N GLY E 444 -14.57 -13.67 -10.08
CA GLY E 444 -13.33 -12.98 -10.35
C GLY E 444 -12.48 -12.79 -9.12
N VAL E 445 -11.16 -12.74 -9.34
CA VAL E 445 -10.19 -12.60 -8.27
C VAL E 445 -9.38 -11.34 -8.52
N VAL E 446 -9.63 -10.31 -7.69
CA VAL E 446 -8.91 -9.05 -7.79
C VAL E 446 -7.54 -9.22 -7.16
N THR E 447 -6.50 -8.76 -7.86
CA THR E 447 -5.15 -8.77 -7.33
C THR E 447 -4.99 -7.66 -6.31
N GLN E 448 -4.15 -7.91 -5.30
CA GLN E 448 -3.83 -6.92 -4.27
C GLN E 448 -2.44 -6.34 -4.52
N LEU E 449 -2.34 -5.03 -4.41
CA LEU E 449 -1.06 -4.34 -4.60
C LEU E 449 -0.11 -4.65 -3.46
N THR E 450 1.17 -4.80 -3.80
CA THR E 450 2.18 -4.80 -2.75
C THR E 450 2.40 -3.37 -2.29
N PRO E 451 2.93 -3.17 -1.07
CA PRO E 451 3.12 -1.79 -0.59
C PRO E 451 4.00 -0.97 -1.53
N LYS E 452 5.05 -1.57 -2.08
CA LYS E 452 5.90 -0.82 -3.00
C LYS E 452 5.16 -0.48 -4.29
N GLN E 453 4.24 -1.35 -4.73
CA GLN E 453 3.45 -1.03 -5.90
C GLN E 453 2.46 0.09 -5.61
N ALA E 454 1.82 0.04 -4.44
CA ALA E 454 0.91 1.11 -4.06
C ALA E 454 1.64 2.44 -3.98
N GLU E 455 2.83 2.44 -3.38
CA GLU E 455 3.64 3.64 -3.34
C GLU E 455 4.00 4.13 -4.74
N TYR E 456 4.30 3.19 -5.64
CA TYR E 456 4.81 3.55 -6.97
C TYR E 456 3.79 4.37 -7.76
N ILE E 457 2.51 4.02 -7.67
CA ILE E 457 1.47 4.75 -8.36
C ILE E 457 0.74 5.74 -7.48
N GLY E 458 1.11 5.82 -6.20
CA GLY E 458 0.55 6.82 -5.30
C GLY E 458 -0.87 6.56 -4.79
N VAL E 459 -1.20 5.30 -4.51
CA VAL E 459 -2.51 4.95 -3.94
C VAL E 459 -2.28 4.15 -2.66
N SER E 460 -3.34 3.99 -1.88
CA SER E 460 -3.34 3.03 -0.78
C SER E 460 -3.66 1.64 -1.28
N VAL E 461 -3.19 0.64 -0.53
CA VAL E 461 -3.37 -0.75 -0.95
C VAL E 461 -4.84 -1.12 -1.05
N GLU E 462 -5.68 -0.55 -0.18
CA GLU E 462 -7.12 -0.85 -0.25
C GLU E 462 -7.90 0.17 -1.06
N GLY E 463 -7.23 1.13 -1.70
CA GLY E 463 -7.90 2.10 -2.52
C GLY E 463 -8.27 3.36 -1.75
N PRO E 464 -8.91 4.33 -2.41
CA PRO E 464 -9.35 4.32 -3.82
C PRO E 464 -8.17 4.29 -4.80
N PHE E 465 -8.36 3.63 -5.93
CA PHE E 465 -7.27 3.39 -6.86
C PHE E 465 -7.19 4.42 -7.96
N LYS E 466 -8.16 5.34 -8.07
CA LYS E 466 -8.21 6.32 -9.14
C LYS E 466 -8.61 7.68 -8.58
N PRO E 467 -8.04 8.77 -9.08
CA PRO E 467 -8.53 10.10 -8.70
C PRO E 467 -9.95 10.31 -9.19
N ASP E 468 -10.61 11.32 -8.62
CA ASP E 468 -12.04 11.50 -8.88
C ASP E 468 -12.32 11.87 -10.32
N THR E 469 -11.35 12.44 -11.03
CA THR E 469 -11.54 12.79 -12.43
C THR E 469 -11.47 11.58 -13.36
N TYR E 470 -11.08 10.40 -12.89
CA TYR E 470 -10.91 9.27 -13.78
C TYR E 470 -12.23 8.88 -14.43
N ARG E 471 -12.20 8.54 -15.72
CA ARG E 471 -13.42 8.33 -16.48
C ARG E 471 -13.74 6.86 -16.74
N TYR E 472 -12.76 5.97 -16.61
CA TYR E 472 -12.94 4.53 -16.84
C TYR E 472 -13.35 4.27 -18.29
N GLY F 12 -69.38 -24.68 -38.95
CA GLY F 12 -69.45 -25.61 -37.85
C GLY F 12 -68.33 -26.64 -37.83
N PHE F 13 -67.10 -26.16 -37.99
CA PHE F 13 -65.92 -27.03 -38.04
C PHE F 13 -65.53 -27.46 -36.62
N THR F 14 -65.34 -28.79 -36.43
CA THR F 14 -65.02 -29.32 -35.11
C THR F 14 -63.90 -30.36 -35.13
N ASP F 15 -63.12 -30.44 -36.21
CA ASP F 15 -62.10 -31.47 -36.36
C ASP F 15 -60.73 -30.89 -36.00
N TYR F 16 -60.52 -30.72 -34.69
CA TYR F 16 -59.29 -30.13 -34.18
C TYR F 16 -59.35 -30.16 -32.66
N LYS F 17 -58.21 -29.92 -32.02
CA LYS F 17 -58.16 -29.71 -30.58
C LYS F 17 -56.96 -28.82 -30.26
N VAL F 18 -57.24 -27.65 -29.66
CA VAL F 18 -56.22 -26.67 -29.32
C VAL F 18 -56.55 -26.09 -27.94
N ALA F 19 -55.58 -25.38 -27.36
CA ALA F 19 -55.77 -24.88 -26.00
C ALA F 19 -56.93 -23.90 -25.92
N ASP F 20 -57.04 -22.97 -26.87
CA ASP F 20 -58.01 -21.89 -26.75
C ASP F 20 -58.25 -21.33 -28.15
N ILE F 21 -59.41 -21.65 -28.73
CA ILE F 21 -59.71 -21.19 -30.08
C ILE F 21 -59.90 -19.67 -30.12
N THR F 22 -60.17 -19.02 -28.98
CA THR F 22 -60.33 -17.57 -28.99
C THR F 22 -59.01 -16.84 -29.22
N LEU F 23 -57.90 -17.55 -29.36
CA LEU F 23 -56.61 -16.94 -29.65
C LEU F 23 -56.35 -16.81 -31.14
N ALA F 24 -57.32 -17.18 -31.98
CA ALA F 24 -57.10 -17.22 -33.42
C ALA F 24 -56.85 -15.82 -33.97
N ALA F 25 -57.66 -14.83 -33.56
CA ALA F 25 -57.49 -13.48 -34.04
C ALA F 25 -56.08 -12.98 -33.79
N TRP F 26 -55.57 -13.20 -32.59
CA TRP F 26 -54.18 -12.88 -32.30
C TRP F 26 -53.24 -13.67 -33.20
N GLY F 27 -53.49 -14.98 -33.32
CA GLY F 27 -52.67 -15.78 -34.22
C GLY F 27 -52.69 -15.27 -35.65
N ARG F 28 -53.87 -14.87 -36.13
CA ARG F 28 -53.96 -14.34 -37.49
C ARG F 28 -53.15 -13.06 -37.64
N ARG F 29 -53.12 -12.21 -36.60
CA ARG F 29 -52.32 -11.00 -36.68
C ARG F 29 -50.85 -11.32 -36.83
N GLU F 30 -50.37 -12.35 -36.14
CA GLU F 30 -48.96 -12.68 -36.22
C GLU F 30 -48.60 -13.43 -37.49
N LEU F 31 -49.54 -14.20 -38.05
CA LEU F 31 -49.30 -14.79 -39.36
C LEU F 31 -49.10 -13.72 -40.42
N ILE F 32 -49.93 -12.68 -40.39
CA ILE F 32 -49.83 -11.61 -41.39
C ILE F 32 -48.47 -10.93 -41.31
N ILE F 33 -47.97 -10.70 -40.09
CA ILE F 33 -46.64 -10.16 -39.94
C ILE F 33 -45.60 -11.13 -40.49
N ALA F 34 -45.71 -12.41 -40.10
CA ALA F 34 -44.74 -13.42 -40.53
C ALA F 34 -44.64 -13.51 -42.04
N GLU F 35 -45.77 -13.38 -42.73
CA GLU F 35 -45.75 -13.42 -44.19
C GLU F 35 -44.82 -12.35 -44.77
N SER F 36 -44.83 -11.15 -44.18
CA SER F 36 -43.91 -10.12 -44.65
C SER F 36 -42.45 -10.47 -44.33
N GLU F 37 -42.21 -11.41 -43.43
CA GLU F 37 -40.87 -11.84 -43.05
C GLU F 37 -40.42 -13.11 -43.75
N MET F 38 -41.22 -13.66 -44.66
CA MET F 38 -40.92 -14.95 -45.27
C MET F 38 -41.09 -14.84 -46.79
N PRO F 39 -40.19 -14.11 -47.45
CA PRO F 39 -40.39 -13.84 -48.88
C PRO F 39 -40.15 -15.05 -49.79
N ALA F 40 -39.29 -16.00 -49.40
CA ALA F 40 -39.12 -17.20 -50.22
C ALA F 40 -40.39 -18.03 -50.23
N LEU F 41 -40.96 -18.26 -49.04
CA LEU F 41 -42.22 -18.99 -48.94
C LEU F 41 -43.33 -18.27 -49.69
N MET F 42 -43.48 -16.96 -49.46
CA MET F 42 -44.50 -16.19 -50.15
C MET F 42 -44.26 -16.15 -51.65
N GLY F 43 -42.99 -16.11 -52.07
CA GLY F 43 -42.68 -16.22 -53.49
C GLY F 43 -43.09 -17.56 -54.08
N LEU F 44 -43.01 -18.63 -53.28
CA LEU F 44 -43.48 -19.93 -53.74
C LEU F 44 -44.99 -19.92 -53.97
N ARG F 45 -45.74 -19.23 -53.10
CA ARG F 45 -47.18 -19.09 -53.32
C ARG F 45 -47.47 -18.43 -54.66
N ARG F 46 -46.72 -17.39 -55.01
CA ARG F 46 -46.98 -16.69 -56.26
C ARG F 46 -46.61 -17.56 -57.46
N LYS F 47 -45.46 -18.22 -57.41
CA LYS F 47 -45.01 -19.00 -58.56
C LYS F 47 -45.96 -20.16 -58.86
N TYR F 48 -46.57 -20.75 -57.83
CA TYR F 48 -47.27 -22.01 -58.00
C TYR F 48 -48.77 -21.97 -57.76
N ALA F 49 -49.32 -20.85 -57.25
CA ALA F 49 -50.74 -20.84 -56.89
C ALA F 49 -51.61 -21.22 -58.08
N GLY F 50 -51.36 -20.59 -59.24
CA GLY F 50 -52.16 -20.87 -60.41
C GLY F 50 -52.09 -22.33 -60.83
N GLN F 51 -50.93 -22.95 -60.67
CA GLN F 51 -50.72 -24.31 -61.16
C GLN F 51 -51.24 -25.38 -60.20
N GLN F 52 -51.45 -25.03 -58.93
CA GLN F 52 -51.93 -25.97 -57.92
C GLN F 52 -51.19 -27.30 -57.91
N PRO F 53 -49.85 -27.29 -57.79
CA PRO F 53 -49.09 -28.53 -57.89
C PRO F 53 -49.41 -29.53 -56.79
N LEU F 54 -50.06 -29.12 -55.71
CA LEU F 54 -50.39 -30.03 -54.63
C LEU F 54 -51.86 -30.38 -54.60
N LYS F 55 -52.61 -30.06 -55.65
CA LYS F 55 -54.02 -30.44 -55.69
C LYS F 55 -54.12 -31.95 -55.62
N GLY F 56 -54.92 -32.44 -54.68
CA GLY F 56 -55.05 -33.86 -54.45
C GLY F 56 -54.09 -34.42 -53.43
N ALA F 57 -53.18 -33.61 -52.89
CA ALA F 57 -52.29 -34.07 -51.84
C ALA F 57 -53.02 -34.05 -50.50
N LYS F 58 -52.78 -35.09 -49.71
CA LYS F 58 -53.32 -35.18 -48.35
C LYS F 58 -52.13 -35.43 -47.44
N ILE F 59 -51.68 -34.38 -46.77
CA ILE F 59 -50.40 -34.38 -46.09
C ILE F 59 -50.62 -34.60 -44.60
N LEU F 60 -50.00 -35.63 -44.06
CA LEU F 60 -49.84 -35.76 -42.62
C LEU F 60 -48.60 -34.96 -42.23
N GLY F 61 -48.78 -33.97 -41.36
CA GLY F 61 -47.69 -33.12 -40.94
C GLY F 61 -47.46 -33.16 -39.45
N CYS F 62 -46.20 -33.27 -39.02
CA CYS F 62 -45.85 -33.29 -37.60
C CYS F 62 -44.62 -32.41 -37.44
N ILE F 63 -44.82 -31.19 -36.96
CA ILE F 63 -43.72 -30.28 -36.66
C ILE F 63 -44.26 -29.15 -35.81
N HIS F 64 -43.46 -28.74 -34.81
CA HIS F 64 -43.67 -27.59 -33.94
C HIS F 64 -44.74 -26.63 -34.47
N MET F 65 -45.92 -26.63 -33.86
CA MET F 65 -47.03 -25.81 -34.34
C MET F 65 -46.83 -24.36 -33.93
N THR F 66 -45.85 -23.73 -34.58
CA THR F 66 -45.53 -22.31 -34.38
C THR F 66 -46.19 -21.45 -35.46
N ILE F 67 -46.07 -20.13 -35.28
CA ILE F 67 -46.52 -19.19 -36.31
C ILE F 67 -45.83 -19.49 -37.64
N GLN F 68 -44.53 -19.81 -37.61
CA GLN F 68 -43.80 -20.10 -38.83
C GLN F 68 -44.35 -21.35 -39.52
N THR F 69 -44.61 -22.40 -38.75
CA THR F 69 -45.26 -23.58 -39.31
C THR F 69 -46.64 -23.23 -39.87
N GLY F 70 -47.31 -22.24 -39.27
CA GLY F 70 -48.59 -21.80 -39.79
C GLY F 70 -48.49 -21.30 -41.22
N VAL F 71 -47.47 -20.51 -41.52
CA VAL F 71 -47.31 -19.98 -42.88
C VAL F 71 -46.96 -21.10 -43.84
N LEU F 72 -46.17 -22.07 -43.39
CA LEU F 72 -45.92 -23.28 -44.18
C LEU F 72 -47.21 -24.01 -44.47
N ILE F 73 -48.00 -24.31 -43.42
CA ILE F 73 -49.28 -25.00 -43.59
C ILE F 73 -50.12 -24.30 -44.64
N GLU F 74 -50.35 -22.99 -44.46
CA GLU F 74 -51.19 -22.28 -45.40
C GLU F 74 -50.56 -22.18 -46.78
N THR F 75 -49.23 -22.33 -46.90
CA THR F 75 -48.63 -22.38 -48.24
C THR F 75 -48.97 -23.69 -48.93
N LEU F 76 -48.88 -24.81 -48.20
CA LEU F 76 -49.26 -26.10 -48.76
C LEU F 76 -50.72 -26.11 -49.17
N VAL F 77 -51.60 -25.49 -48.37
CA VAL F 77 -53.02 -25.46 -48.71
C VAL F 77 -53.29 -24.53 -49.87
N ALA F 78 -52.57 -23.40 -49.94
CA ALA F 78 -52.72 -22.50 -51.07
C ALA F 78 -52.27 -23.13 -52.38
N LEU F 79 -51.43 -24.16 -52.32
CA LEU F 79 -51.02 -24.89 -53.50
C LEU F 79 -51.87 -26.11 -53.78
N GLY F 80 -52.93 -26.33 -53.00
CA GLY F 80 -53.94 -27.33 -53.31
C GLY F 80 -54.03 -28.49 -52.34
N ALA F 81 -53.22 -28.56 -51.29
CA ALA F 81 -53.19 -29.74 -50.43
C ALA F 81 -54.27 -29.66 -49.35
N GLU F 82 -54.68 -30.83 -48.89
CA GLU F 82 -55.32 -30.99 -47.60
C GLU F 82 -54.26 -31.47 -46.60
N VAL F 83 -54.33 -30.95 -45.38
CA VAL F 83 -53.37 -31.35 -44.36
C VAL F 83 -54.13 -31.73 -43.10
N ARG F 84 -53.45 -32.52 -42.26
CA ARG F 84 -53.86 -32.77 -40.88
C ARG F 84 -52.60 -32.69 -40.05
N TRP F 85 -52.57 -31.81 -39.05
CA TRP F 85 -51.33 -31.38 -38.44
C TRP F 85 -51.28 -31.66 -36.95
N SER F 86 -50.07 -31.97 -36.48
CA SER F 86 -49.75 -32.08 -35.08
C SER F 86 -48.36 -31.50 -34.86
N SER F 87 -48.02 -31.26 -33.61
CA SER F 87 -46.68 -30.81 -33.27
C SER F 87 -45.78 -32.00 -33.03
N CYS F 88 -44.47 -31.78 -33.20
CA CYS F 88 -43.48 -32.80 -32.89
C CYS F 88 -42.79 -32.57 -31.55
N ASN F 89 -43.36 -31.71 -30.70
CA ASN F 89 -42.83 -31.57 -29.35
C ASN F 89 -43.92 -31.07 -28.41
N ILE F 90 -43.93 -31.61 -27.19
CA ILE F 90 -45.00 -31.28 -26.24
C ILE F 90 -45.00 -29.82 -25.84
N PHE F 91 -43.87 -29.12 -25.95
CA PHE F 91 -43.73 -27.77 -25.46
C PHE F 91 -43.56 -26.72 -26.56
N SER F 92 -43.55 -27.10 -27.84
CA SER F 92 -43.13 -26.16 -28.88
C SER F 92 -44.28 -25.40 -29.52
N THR F 93 -45.53 -25.80 -29.30
CA THR F 93 -46.65 -25.14 -29.95
C THR F 93 -46.80 -23.71 -29.45
N GLN F 94 -47.18 -22.81 -30.35
CA GLN F 94 -47.67 -21.49 -29.98
C GLN F 94 -49.19 -21.54 -30.05
N ASP F 95 -49.84 -21.43 -28.90
CA ASP F 95 -51.28 -21.69 -28.85
C ASP F 95 -52.05 -20.78 -29.80
N GLN F 96 -51.57 -19.56 -30.04
CA GLN F 96 -52.28 -18.67 -30.96
C GLN F 96 -52.09 -19.10 -32.41
N ALA F 97 -50.93 -19.69 -32.73
CA ALA F 97 -50.76 -20.27 -34.07
C ALA F 97 -51.73 -21.41 -34.30
N ALA F 98 -51.79 -22.36 -33.36
CA ALA F 98 -52.69 -23.49 -33.50
C ALA F 98 -54.14 -23.04 -33.62
N ALA F 99 -54.53 -22.04 -32.82
CA ALA F 99 -55.88 -21.51 -32.90
C ALA F 99 -56.13 -20.86 -34.26
N ALA F 100 -55.16 -20.09 -34.76
CA ALA F 100 -55.33 -19.45 -36.06
C ALA F 100 -55.55 -20.47 -37.16
N ILE F 101 -54.74 -21.53 -37.16
CA ILE F 101 -54.90 -22.60 -38.14
C ILE F 101 -56.27 -23.28 -37.98
N ALA F 102 -56.63 -23.62 -36.74
CA ALA F 102 -57.89 -24.33 -36.52
C ALA F 102 -59.07 -23.50 -36.96
N ALA F 103 -59.04 -22.19 -36.68
CA ALA F 103 -60.13 -21.32 -37.08
C ALA F 103 -60.24 -21.20 -38.59
N ALA F 104 -59.17 -21.53 -39.33
CA ALA F 104 -59.18 -21.53 -40.77
C ALA F 104 -59.80 -22.79 -41.36
N GLY F 105 -60.36 -23.66 -40.51
CA GLY F 105 -60.92 -24.90 -41.00
C GLY F 105 -59.91 -25.97 -41.32
N ILE F 106 -58.72 -25.89 -40.75
CA ILE F 106 -57.64 -26.84 -41.01
C ILE F 106 -57.50 -27.74 -39.78
N PRO F 107 -57.47 -29.05 -39.95
CA PRO F 107 -57.38 -29.96 -38.78
C PRO F 107 -56.00 -29.90 -38.14
N VAL F 108 -55.96 -29.54 -36.86
CA VAL F 108 -54.72 -29.45 -36.13
C VAL F 108 -54.98 -29.88 -34.69
N PHE F 109 -54.03 -30.62 -34.12
CA PHE F 109 -54.13 -31.15 -32.77
C PHE F 109 -52.81 -30.83 -32.08
N ALA F 110 -52.79 -29.74 -31.31
CA ALA F 110 -51.53 -29.26 -30.76
C ALA F 110 -51.79 -28.16 -29.74
N TRP F 111 -51.10 -28.24 -28.61
CA TRP F 111 -51.10 -27.17 -27.63
C TRP F 111 -49.77 -27.20 -26.89
N LYS F 112 -49.42 -26.06 -26.30
CA LYS F 112 -48.22 -26.00 -25.48
C LYS F 112 -48.47 -26.73 -24.17
N GLY F 113 -47.53 -27.58 -23.77
CA GLY F 113 -47.65 -28.28 -22.51
C GLY F 113 -48.36 -29.60 -22.56
N GLU F 114 -48.28 -30.32 -23.67
CA GLU F 114 -48.90 -31.64 -23.76
C GLU F 114 -48.19 -32.63 -22.84
N THR F 115 -48.95 -33.61 -22.35
CA THR F 115 -48.31 -34.77 -21.76
C THR F 115 -47.80 -35.69 -22.88
N GLU F 116 -47.07 -36.74 -22.48
CA GLU F 116 -46.60 -37.70 -23.47
C GLU F 116 -47.75 -38.49 -24.08
N GLU F 117 -48.78 -38.79 -23.29
CA GLU F 117 -49.95 -39.47 -23.83
C GLU F 117 -50.71 -38.58 -24.81
N GLU F 118 -50.97 -37.33 -24.42
CA GLU F 118 -51.63 -36.40 -25.32
C GLU F 118 -50.81 -36.16 -26.58
N TYR F 119 -49.48 -36.21 -26.47
CA TYR F 119 -48.61 -36.07 -27.64
C TYR F 119 -48.90 -37.14 -28.68
N GLU F 120 -48.80 -38.42 -28.28
CA GLU F 120 -49.08 -39.52 -29.20
C GLU F 120 -50.54 -39.51 -29.64
N TRP F 121 -51.45 -39.07 -28.76
CA TRP F 121 -52.85 -38.97 -29.13
C TRP F 121 -53.05 -37.98 -30.27
N CYS F 122 -52.34 -36.85 -30.24
CA CYS F 122 -52.50 -35.85 -31.28
C CYS F 122 -52.00 -36.35 -32.63
N ILE F 123 -50.86 -37.07 -32.65
CA ILE F 123 -50.39 -37.64 -33.91
C ILE F 123 -51.42 -38.60 -34.47
N GLU F 124 -52.09 -39.36 -33.59
CA GLU F 124 -53.09 -40.30 -34.05
C GLU F 124 -54.34 -39.60 -34.57
N GLN F 125 -54.66 -38.41 -34.05
CA GLN F 125 -55.82 -37.68 -34.54
C GLN F 125 -55.59 -37.18 -35.96
N THR F 126 -54.33 -36.94 -36.34
CA THR F 126 -54.05 -36.64 -37.74
C THR F 126 -54.21 -37.87 -38.61
N ILE F 127 -53.77 -39.03 -38.11
CA ILE F 127 -53.74 -40.25 -38.92
C ILE F 127 -55.15 -40.78 -39.15
N LEU F 128 -56.03 -40.65 -38.16
CA LEU F 128 -57.40 -41.17 -38.25
C LEU F 128 -58.36 -40.01 -38.46
N LYS F 129 -59.29 -40.19 -39.40
CA LYS F 129 -60.41 -39.27 -39.56
C LYS F 129 -61.70 -40.05 -39.38
N ASP F 130 -62.55 -39.59 -38.46
CA ASP F 130 -63.80 -40.27 -38.10
C ASP F 130 -63.54 -41.71 -37.67
N GLY F 131 -62.41 -41.93 -37.01
CA GLY F 131 -62.09 -43.23 -36.46
C GLY F 131 -61.45 -44.22 -37.42
N GLN F 132 -61.34 -43.89 -38.70
CA GLN F 132 -60.69 -44.74 -39.68
C GLN F 132 -59.48 -44.05 -40.27
N PRO F 133 -58.49 -44.79 -40.78
CA PRO F 133 -57.29 -44.15 -41.33
C PRO F 133 -57.63 -43.15 -42.43
N TRP F 134 -56.99 -41.99 -42.38
CA TRP F 134 -57.15 -41.01 -43.44
C TRP F 134 -56.53 -41.52 -44.73
N ASP F 135 -57.11 -41.11 -45.86
CA ASP F 135 -56.55 -41.45 -47.16
C ASP F 135 -55.37 -40.54 -47.48
N ALA F 136 -54.39 -40.56 -46.59
CA ALA F 136 -53.20 -39.74 -46.72
C ALA F 136 -52.31 -40.24 -47.84
N ASN F 137 -51.54 -39.33 -48.44
CA ASN F 137 -50.58 -39.70 -49.47
C ASN F 137 -49.24 -38.98 -49.36
N MET F 138 -49.08 -38.03 -48.44
CA MET F 138 -47.81 -37.35 -48.21
C MET F 138 -47.55 -37.26 -46.71
N VAL F 139 -46.28 -37.19 -46.36
CA VAL F 139 -45.85 -37.03 -44.97
C VAL F 139 -44.84 -35.90 -44.89
N LEU F 140 -45.01 -35.02 -43.91
CA LEU F 140 -44.01 -34.01 -43.56
C LEU F 140 -43.69 -34.21 -42.09
N ASP F 141 -42.41 -34.40 -41.78
CA ASP F 141 -42.02 -34.83 -40.45
C ASP F 141 -40.77 -34.07 -39.99
N ASP F 142 -40.65 -33.93 -38.66
CA ASP F 142 -39.53 -33.24 -38.01
C ASP F 142 -39.15 -34.07 -36.79
N GLY F 143 -38.20 -35.00 -36.98
CA GLY F 143 -37.75 -35.88 -35.94
C GLY F 143 -38.07 -37.35 -36.15
N GLY F 144 -38.99 -37.65 -37.08
CA GLY F 144 -39.31 -39.02 -37.41
C GLY F 144 -40.34 -39.71 -36.54
N ASP F 145 -41.04 -38.97 -35.68
CA ASP F 145 -42.02 -39.61 -34.80
C ASP F 145 -43.25 -40.07 -35.58
N LEU F 146 -43.76 -39.23 -36.47
CA LEU F 146 -44.88 -39.63 -37.31
C LEU F 146 -44.47 -40.77 -38.25
N THR F 147 -43.27 -40.68 -38.82
CA THR F 147 -42.75 -41.72 -39.71
C THR F 147 -42.71 -43.07 -39.01
N GLU F 148 -42.14 -43.10 -37.81
CA GLU F 148 -42.05 -44.34 -37.03
C GLU F 148 -43.43 -44.94 -36.80
N ILE F 149 -44.37 -44.13 -36.29
CA ILE F 149 -45.69 -44.65 -35.95
C ILE F 149 -46.38 -45.20 -37.19
N LEU F 150 -46.16 -44.57 -38.35
CA LEU F 150 -46.73 -45.10 -39.59
C LEU F 150 -46.09 -46.43 -39.96
N HIS F 151 -44.76 -46.50 -39.96
CA HIS F 151 -44.11 -47.76 -40.33
C HIS F 151 -44.39 -48.87 -39.33
N LYS F 152 -44.55 -48.52 -38.05
CA LYS F 152 -44.67 -49.53 -37.00
C LYS F 152 -46.12 -49.90 -36.72
N LYS F 153 -47.07 -48.98 -36.87
CA LYS F 153 -48.44 -49.18 -36.46
C LYS F 153 -49.46 -49.05 -37.58
N TYR F 154 -49.14 -48.37 -38.68
CA TYR F 154 -50.07 -48.28 -39.78
C TYR F 154 -49.38 -48.52 -41.12
N PRO F 155 -48.69 -49.65 -41.32
CA PRO F 155 -47.99 -49.84 -42.59
C PRO F 155 -48.90 -49.95 -43.79
N GLN F 156 -50.20 -50.18 -43.57
CA GLN F 156 -51.15 -50.21 -44.68
C GLN F 156 -51.26 -48.84 -45.34
N MET F 157 -51.22 -47.78 -44.53
CA MET F 157 -51.33 -46.43 -45.08
C MET F 157 -50.14 -46.08 -45.96
N LEU F 158 -48.96 -46.64 -45.65
CA LEU F 158 -47.78 -46.35 -46.45
C LEU F 158 -47.92 -46.88 -47.88
N GLU F 159 -48.85 -47.80 -48.11
CA GLU F 159 -49.10 -48.26 -49.48
C GLU F 159 -49.63 -47.15 -50.37
N ARG F 160 -50.28 -46.14 -49.79
CA ARG F 160 -50.88 -45.05 -50.56
C ARG F 160 -50.12 -43.74 -50.39
N ILE F 161 -48.93 -43.76 -49.82
CA ILE F 161 -48.16 -42.55 -49.53
C ILE F 161 -47.02 -42.44 -50.53
N HIS F 162 -46.85 -41.25 -51.11
CA HIS F 162 -45.88 -41.05 -52.17
C HIS F 162 -44.50 -40.66 -51.64
N GLY F 163 -44.38 -40.23 -50.39
CA GLY F 163 -43.07 -39.90 -49.89
C GLY F 163 -43.14 -39.09 -48.60
N ILE F 164 -41.95 -38.88 -48.03
CA ILE F 164 -41.75 -38.19 -46.76
C ILE F 164 -40.76 -37.06 -47.01
N THR F 165 -40.99 -35.91 -46.38
CA THR F 165 -40.01 -34.84 -46.33
C THR F 165 -39.67 -34.59 -44.87
N GLU F 166 -38.40 -34.79 -44.50
CA GLU F 166 -37.95 -34.78 -43.11
C GLU F 166 -37.09 -33.55 -42.86
N GLU F 167 -37.37 -32.86 -41.76
CA GLU F 167 -36.85 -31.52 -41.52
C GLU F 167 -35.45 -31.53 -40.90
N THR F 168 -35.16 -32.50 -40.03
CA THR F 168 -34.07 -32.29 -39.07
C THR F 168 -33.09 -33.46 -39.06
N THR F 169 -31.90 -33.17 -38.52
CA THR F 169 -30.79 -34.12 -38.57
C THR F 169 -31.13 -35.43 -37.90
N THR F 170 -31.75 -35.38 -36.72
CA THR F 170 -32.19 -36.59 -36.04
C THR F 170 -33.14 -37.41 -36.91
N GLY F 171 -34.10 -36.75 -37.57
CA GLY F 171 -35.04 -37.47 -38.41
C GLY F 171 -34.39 -38.09 -39.63
N VAL F 172 -33.38 -37.41 -40.19
CA VAL F 172 -32.67 -37.96 -41.34
C VAL F 172 -31.91 -39.22 -40.96
N HIS F 173 -31.21 -39.17 -39.82
CA HIS F 173 -30.49 -40.34 -39.33
C HIS F 173 -31.42 -41.55 -39.23
N ARG F 174 -32.60 -41.35 -38.64
CA ARG F 174 -33.56 -42.44 -38.50
C ARG F 174 -33.98 -42.98 -39.88
N LEU F 175 -34.19 -42.08 -40.84
CA LEU F 175 -34.54 -42.53 -42.19
C LEU F 175 -33.42 -43.37 -42.80
N LEU F 176 -32.17 -42.95 -42.61
CA LEU F 176 -31.05 -43.68 -43.20
C LEU F 176 -30.84 -45.03 -42.53
N ASP F 177 -31.16 -45.14 -41.23
CA ASP F 177 -31.13 -46.45 -40.58
C ASP F 177 -32.21 -47.37 -41.13
N MET F 178 -33.41 -46.82 -41.36
CA MET F 178 -34.46 -47.62 -41.99
C MET F 178 -34.05 -48.06 -43.39
N LEU F 179 -33.54 -47.12 -44.19
CA LEU F 179 -33.08 -47.47 -45.54
C LEU F 179 -32.03 -48.56 -45.50
N LYS F 180 -31.05 -48.45 -44.60
CA LYS F 180 -30.00 -49.45 -44.50
C LYS F 180 -30.56 -50.81 -44.14
N ASN F 181 -31.68 -50.84 -43.41
CA ASN F 181 -32.29 -52.08 -42.96
C ASN F 181 -33.42 -52.57 -43.86
N GLY F 182 -33.69 -51.88 -44.97
CA GLY F 182 -34.77 -52.29 -45.84
C GLY F 182 -36.14 -52.16 -45.24
N THR F 183 -36.31 -51.35 -44.21
CA THR F 183 -37.60 -51.16 -43.57
C THR F 183 -38.26 -49.85 -43.93
N LEU F 184 -37.63 -49.02 -44.76
CA LEU F 184 -38.23 -47.79 -45.25
C LEU F 184 -39.11 -48.10 -46.46
N LYS F 185 -40.38 -47.76 -46.38
CA LYS F 185 -41.34 -48.18 -47.39
C LYS F 185 -41.68 -47.11 -48.42
N VAL F 186 -41.27 -45.85 -48.20
CA VAL F 186 -41.54 -44.80 -49.18
C VAL F 186 -40.32 -43.91 -49.30
N PRO F 187 -40.15 -43.25 -50.45
CA PRO F 187 -38.98 -42.39 -50.64
C PRO F 187 -39.09 -41.14 -49.79
N ALA F 188 -37.92 -40.57 -49.50
CA ALA F 188 -37.88 -39.44 -48.60
C ALA F 188 -36.92 -38.39 -49.15
N ILE F 189 -37.15 -37.15 -48.77
CA ILE F 189 -36.25 -36.07 -49.12
C ILE F 189 -35.64 -35.52 -47.84
N ASN F 190 -34.33 -35.45 -47.83
CA ASN F 190 -33.56 -34.87 -46.74
C ASN F 190 -33.61 -33.35 -46.92
N VAL F 191 -34.62 -32.73 -46.30
CA VAL F 191 -34.73 -31.28 -46.33
C VAL F 191 -33.61 -30.64 -45.54
N ASN F 192 -33.16 -31.31 -44.48
CA ASN F 192 -32.19 -30.71 -43.56
C ASN F 192 -30.91 -30.27 -44.28
N ASP F 193 -30.44 -31.04 -45.26
CA ASP F 193 -29.09 -30.83 -45.77
C ASP F 193 -29.00 -29.83 -46.92
N SER F 194 -30.11 -29.20 -47.31
CA SER F 194 -30.01 -27.97 -48.08
C SER F 194 -29.20 -26.95 -47.30
N VAL F 195 -28.34 -26.20 -48.01
CA VAL F 195 -27.57 -25.17 -47.31
C VAL F 195 -28.52 -24.12 -46.71
N THR F 196 -29.54 -23.71 -47.45
CA THR F 196 -30.49 -22.73 -46.92
C THR F 196 -31.33 -23.31 -45.77
N LYS F 197 -31.11 -24.56 -45.36
CA LYS F 197 -31.69 -25.10 -44.14
C LYS F 197 -30.62 -25.33 -43.07
N SER F 198 -29.67 -26.22 -43.33
CA SER F 198 -28.71 -26.62 -42.31
C SER F 198 -27.84 -25.44 -41.86
N LYS F 199 -27.32 -24.66 -42.81
CA LYS F 199 -26.46 -23.53 -42.49
C LYS F 199 -27.22 -22.26 -42.27
N ASN F 200 -28.52 -22.36 -41.98
CA ASN F 200 -29.38 -21.20 -41.76
C ASN F 200 -30.21 -21.50 -40.53
N ASP F 201 -31.17 -22.42 -40.66
CA ASP F 201 -31.98 -22.91 -39.55
C ASP F 201 -31.10 -23.39 -38.40
N ASN F 202 -30.30 -24.44 -38.64
CA ASN F 202 -29.62 -25.12 -37.54
C ASN F 202 -28.64 -24.21 -36.82
N LYS F 203 -27.93 -23.35 -37.57
CA LYS F 203 -26.90 -22.52 -36.97
C LYS F 203 -27.42 -21.15 -36.59
N TYR F 204 -27.87 -20.36 -37.57
CA TYR F 204 -28.28 -18.99 -37.26
C TYR F 204 -29.58 -18.97 -36.47
N GLY F 205 -30.44 -19.97 -36.66
CA GLY F 205 -31.66 -20.02 -35.88
C GLY F 205 -31.36 -20.15 -34.39
N CYS F 206 -30.45 -21.06 -34.04
CA CYS F 206 -30.09 -21.27 -32.65
C CYS F 206 -29.35 -20.05 -32.10
N ARG F 207 -28.51 -19.42 -32.91
CA ARG F 207 -27.85 -18.19 -32.49
C ARG F 207 -28.88 -17.16 -32.02
N HIS F 208 -29.98 -17.01 -32.75
CA HIS F 208 -31.00 -16.05 -32.38
C HIS F 208 -31.77 -16.51 -31.15
N SER F 209 -32.13 -17.80 -31.10
CA SER F 209 -33.18 -18.24 -30.21
C SER F 209 -32.68 -18.86 -28.89
N LEU F 210 -31.40 -19.23 -28.79
CA LEU F 210 -30.95 -19.85 -27.54
C LEU F 210 -30.88 -18.84 -26.41
N ASN F 211 -30.16 -17.73 -26.63
CA ASN F 211 -30.07 -16.73 -25.57
C ASN F 211 -31.42 -16.10 -25.29
N ASP F 212 -32.28 -16.05 -26.32
CA ASP F 212 -33.65 -15.58 -26.17
C ASP F 212 -34.42 -16.46 -25.19
N ALA F 213 -34.34 -17.77 -25.37
CA ALA F 213 -35.04 -18.70 -24.48
C ALA F 213 -34.46 -18.68 -23.07
N ILE F 214 -33.14 -18.51 -22.94
CA ILE F 214 -32.57 -18.49 -21.59
C ILE F 214 -32.99 -17.24 -20.85
N LYS F 215 -32.93 -16.08 -21.51
CA LYS F 215 -33.42 -14.84 -20.93
C LYS F 215 -34.88 -14.96 -20.51
N ARG F 216 -35.75 -15.40 -21.42
CA ARG F 216 -37.17 -15.50 -21.08
C ARG F 216 -37.39 -16.41 -19.90
N GLY F 217 -36.60 -17.49 -19.81
CA GLY F 217 -36.73 -18.47 -18.76
C GLY F 217 -36.23 -18.00 -17.41
N THR F 218 -35.06 -17.38 -17.37
CA THR F 218 -34.39 -17.05 -16.13
C THR F 218 -34.17 -15.57 -15.90
N ASP F 219 -34.19 -14.75 -16.96
CA ASP F 219 -33.78 -13.34 -16.92
C ASP F 219 -32.38 -13.17 -16.32
N HIS F 220 -31.56 -14.22 -16.44
CA HIS F 220 -30.19 -14.18 -15.95
C HIS F 220 -29.31 -13.30 -16.81
N LEU F 221 -28.47 -12.49 -16.16
CA LEU F 221 -27.37 -11.89 -16.88
C LEU F 221 -26.46 -13.00 -17.42
N LEU F 222 -26.10 -12.90 -18.69
CA LEU F 222 -25.17 -13.89 -19.28
C LEU F 222 -23.74 -13.39 -19.34
N SER F 223 -23.54 -12.08 -19.51
CA SER F 223 -22.19 -11.53 -19.61
C SER F 223 -21.35 -11.93 -18.41
N GLY F 224 -20.10 -12.33 -18.69
CA GLY F 224 -19.15 -12.61 -17.65
C GLY F 224 -19.26 -13.97 -17.02
N LYS F 225 -20.30 -14.74 -17.34
CA LYS F 225 -20.51 -16.05 -16.76
C LYS F 225 -19.92 -17.13 -17.67
N GLN F 226 -19.77 -18.31 -17.10
CA GLN F 226 -19.11 -19.43 -17.76
C GLN F 226 -20.15 -20.38 -18.34
N ALA F 227 -19.95 -20.76 -19.60
CA ALA F 227 -20.85 -21.69 -20.27
C ALA F 227 -20.06 -22.87 -20.82
N LEU F 228 -20.71 -24.03 -20.84
CA LEU F 228 -20.16 -25.21 -21.49
C LEU F 228 -21.17 -25.66 -22.54
N VAL F 229 -20.77 -25.61 -23.81
CA VAL F 229 -21.59 -26.11 -24.91
C VAL F 229 -21.10 -27.49 -25.30
N ILE F 230 -21.97 -28.49 -25.20
CA ILE F 230 -21.64 -29.85 -25.62
C ILE F 230 -22.04 -30.00 -27.08
N GLY F 231 -21.06 -30.12 -27.96
CA GLY F 231 -21.29 -30.25 -29.38
C GLY F 231 -20.94 -28.97 -30.12
N TYR F 232 -20.40 -29.13 -31.34
CA TYR F 232 -20.06 -28.00 -32.21
C TYR F 232 -20.34 -28.35 -33.67
N GLY F 233 -21.45 -29.05 -33.92
CA GLY F 233 -22.01 -29.16 -35.25
C GLY F 233 -22.70 -27.85 -35.58
N ASP F 234 -23.76 -27.93 -36.40
CA ASP F 234 -24.44 -26.70 -36.79
C ASP F 234 -25.12 -26.04 -35.60
N VAL F 235 -25.90 -26.82 -34.85
CA VAL F 235 -26.58 -26.30 -33.68
C VAL F 235 -25.58 -25.81 -32.64
N GLY F 236 -24.48 -26.53 -32.47
CA GLY F 236 -23.47 -26.13 -31.50
C GLY F 236 -22.72 -24.88 -31.90
N LYS F 237 -22.49 -24.68 -33.19
CA LYS F 237 -21.84 -23.44 -33.63
C LYS F 237 -22.75 -22.23 -33.39
N GLY F 238 -24.04 -22.37 -33.69
CA GLY F 238 -24.96 -21.29 -33.44
C GLY F 238 -25.18 -21.04 -31.97
N SER F 239 -25.29 -22.11 -31.18
CA SER F 239 -25.51 -21.98 -29.75
C SER F 239 -24.31 -21.30 -29.08
N SER F 240 -23.10 -21.72 -29.42
CA SER F 240 -21.91 -21.07 -28.88
C SER F 240 -21.91 -19.59 -29.22
N GLN F 241 -22.25 -19.24 -30.46
CA GLN F 241 -22.26 -17.84 -30.84
C GLN F 241 -23.36 -17.06 -30.12
N SER F 242 -24.50 -17.70 -29.90
CA SER F 242 -25.59 -17.07 -29.13
C SER F 242 -25.11 -16.61 -27.77
N LEU F 243 -24.28 -17.42 -27.10
CA LEU F 243 -23.80 -17.11 -25.76
C LEU F 243 -22.59 -16.19 -25.78
N ARG F 244 -21.65 -16.42 -26.69
CA ARG F 244 -20.44 -15.60 -26.74
C ARG F 244 -20.74 -14.15 -27.09
N GLN F 245 -21.71 -13.91 -27.98
CA GLN F 245 -22.03 -12.54 -28.36
C GLN F 245 -22.71 -11.78 -27.23
N GLU F 246 -23.28 -12.50 -26.26
CA GLU F 246 -23.79 -11.92 -25.03
C GLU F 246 -22.69 -11.67 -24.01
N GLY F 247 -21.47 -12.08 -24.29
CA GLY F 247 -20.36 -11.89 -23.37
C GLY F 247 -20.05 -13.05 -22.46
N MET F 248 -20.66 -14.21 -22.67
CA MET F 248 -20.28 -15.37 -21.88
C MET F 248 -18.89 -15.84 -22.26
N ILE F 249 -18.20 -16.43 -21.29
CA ILE F 249 -16.96 -17.16 -21.52
C ILE F 249 -17.35 -18.59 -21.86
N VAL F 250 -17.21 -18.97 -23.12
CA VAL F 250 -17.78 -20.20 -23.64
C VAL F 250 -16.68 -21.24 -23.82
N LYS F 251 -16.90 -22.43 -23.28
CA LYS F 251 -16.07 -23.58 -23.53
C LYS F 251 -16.89 -24.60 -24.33
N VAL F 252 -16.20 -25.38 -25.15
CA VAL F 252 -16.85 -26.26 -26.12
C VAL F 252 -16.29 -27.67 -25.96
N ALA F 253 -17.17 -28.66 -25.93
CA ALA F 253 -16.80 -30.06 -25.98
C ALA F 253 -17.24 -30.67 -27.30
N GLU F 254 -16.44 -31.61 -27.81
CA GLU F 254 -16.72 -32.29 -29.06
C GLU F 254 -16.04 -33.66 -29.04
N VAL F 255 -16.64 -34.61 -29.77
CA VAL F 255 -15.99 -35.87 -30.09
C VAL F 255 -15.40 -35.86 -31.49
N ASP F 256 -15.79 -34.90 -32.32
CA ASP F 256 -15.28 -34.77 -33.68
C ASP F 256 -14.10 -33.81 -33.68
N PRO F 257 -12.89 -34.26 -34.00
CA PRO F 257 -11.74 -33.36 -33.97
C PRO F 257 -11.80 -32.26 -35.01
N ILE F 258 -12.52 -32.45 -36.11
CA ILE F 258 -12.64 -31.38 -37.11
C ILE F 258 -13.50 -30.25 -36.55
N CYS F 259 -14.68 -30.59 -36.02
CA CYS F 259 -15.49 -29.57 -35.36
C CYS F 259 -14.74 -28.93 -34.20
N ALA F 260 -13.96 -29.72 -33.45
CA ALA F 260 -13.17 -29.16 -32.35
C ALA F 260 -12.12 -28.18 -32.86
N MET F 261 -11.52 -28.49 -34.02
N MET F 261 -11.51 -28.50 -34.02
CA MET F 261 -10.58 -27.56 -34.63
CA MET F 261 -10.58 -27.55 -34.64
C MET F 261 -11.25 -26.23 -34.97
C MET F 261 -11.27 -26.22 -34.93
N GLN F 262 -12.47 -26.29 -35.52
CA GLN F 262 -13.21 -25.08 -35.83
C GLN F 262 -13.48 -24.25 -34.57
N ALA F 263 -13.84 -24.92 -33.47
CA ALA F 263 -14.12 -24.19 -32.23
C ALA F 263 -12.87 -23.48 -31.72
N CYS F 264 -11.70 -24.13 -31.82
CA CYS F 264 -10.46 -23.47 -31.45
C CYS F 264 -10.25 -22.22 -32.30
N MET F 265 -10.34 -22.35 -33.62
CA MET F 265 -10.09 -21.22 -34.50
C MET F 265 -11.14 -20.14 -34.35
N ASP F 266 -12.36 -20.51 -33.96
CA ASP F 266 -13.40 -19.53 -33.66
C ASP F 266 -13.21 -18.85 -32.33
N GLY F 267 -12.14 -19.18 -31.60
CA GLY F 267 -11.82 -18.48 -30.37
C GLY F 267 -12.38 -19.08 -29.10
N PHE F 268 -12.71 -20.37 -29.11
CA PHE F 268 -13.19 -21.04 -27.92
C PHE F 268 -12.15 -22.01 -27.41
N GLU F 269 -12.16 -22.20 -26.10
CA GLU F 269 -11.36 -23.22 -25.45
C GLU F 269 -12.11 -24.54 -25.50
N VAL F 270 -11.46 -25.60 -25.98
CA VAL F 270 -12.10 -26.89 -26.15
C VAL F 270 -11.71 -27.78 -24.99
N VAL F 271 -12.72 -28.23 -24.23
CA VAL F 271 -12.51 -29.04 -23.03
C VAL F 271 -13.40 -30.27 -23.10
N SER F 272 -13.12 -31.20 -22.20
CA SER F 272 -13.94 -32.38 -22.04
C SER F 272 -14.48 -32.40 -20.62
N PRO F 273 -15.72 -32.86 -20.42
CA PRO F 273 -16.19 -33.08 -19.05
C PRO F 273 -15.44 -34.20 -18.34
N TYR F 274 -14.61 -34.95 -19.05
CA TYR F 274 -13.94 -36.11 -18.49
C TYR F 274 -12.43 -35.93 -18.58
N LYS F 275 -11.73 -36.41 -17.56
CA LYS F 275 -10.28 -36.40 -17.59
C LYS F 275 -9.77 -37.21 -18.78
N ASN F 276 -8.79 -36.66 -19.49
CA ASN F 276 -8.28 -37.21 -20.75
C ASN F 276 -9.38 -37.40 -21.80
N GLY F 277 -10.56 -36.82 -21.62
CA GLY F 277 -11.65 -37.08 -22.51
C GLY F 277 -12.24 -38.48 -22.43
N ILE F 278 -11.85 -39.29 -21.45
CA ILE F 278 -12.30 -40.68 -21.36
C ILE F 278 -13.49 -40.74 -20.42
N ASN F 279 -14.65 -41.11 -20.97
CA ASN F 279 -15.91 -41.19 -20.24
C ASN F 279 -16.11 -42.63 -19.80
N ASP F 280 -15.36 -43.04 -18.76
CA ASP F 280 -15.49 -44.40 -18.27
C ASP F 280 -16.73 -44.60 -17.38
N GLY F 281 -17.57 -43.58 -17.24
CA GLY F 281 -18.80 -43.71 -16.47
C GLY F 281 -18.66 -43.58 -14.97
N THR F 282 -17.48 -43.25 -14.46
CA THR F 282 -17.25 -43.09 -13.04
C THR F 282 -17.26 -41.63 -12.63
N GLU F 283 -17.53 -41.40 -11.33
CA GLU F 283 -17.39 -40.05 -10.79
C GLU F 283 -15.94 -39.58 -10.85
N ALA F 284 -14.99 -40.50 -10.68
CA ALA F 284 -13.59 -40.14 -10.76
C ALA F 284 -13.21 -39.54 -12.09
N SER F 285 -13.94 -39.88 -13.16
CA SER F 285 -13.62 -39.37 -14.50
C SER F 285 -14.00 -37.90 -14.68
N ILE F 286 -14.90 -37.37 -13.86
CA ILE F 286 -15.37 -36.00 -14.07
C ILE F 286 -14.28 -35.00 -13.68
N ASP F 287 -14.06 -34.02 -14.55
CA ASP F 287 -13.24 -32.87 -14.19
C ASP F 287 -14.06 -32.01 -13.24
N ALA F 288 -13.96 -32.29 -11.94
CA ALA F 288 -14.79 -31.58 -10.96
C ALA F 288 -14.47 -30.09 -10.93
N ALA F 289 -13.22 -29.72 -11.17
CA ALA F 289 -12.87 -28.31 -11.17
C ALA F 289 -13.56 -27.58 -12.31
N LEU F 290 -13.55 -28.17 -13.51
CA LEU F 290 -14.21 -27.54 -14.66
C LEU F 290 -15.71 -27.43 -14.42
N LEU F 291 -16.37 -28.56 -14.14
CA LEU F 291 -17.83 -28.53 -13.97
C LEU F 291 -18.25 -27.60 -12.82
N GLY F 292 -17.45 -27.50 -11.77
CA GLY F 292 -17.75 -26.61 -10.65
C GLY F 292 -17.71 -25.14 -10.99
N LYS F 293 -17.15 -24.76 -12.14
CA LYS F 293 -17.07 -23.37 -12.57
C LYS F 293 -18.11 -23.00 -13.60
N ILE F 294 -18.95 -23.93 -14.02
CA ILE F 294 -19.84 -23.69 -15.16
C ILE F 294 -21.17 -23.16 -14.66
N ASP F 295 -21.60 -22.04 -15.23
CA ASP F 295 -22.88 -21.43 -14.87
C ASP F 295 -24.02 -21.89 -15.76
N LEU F 296 -23.70 -22.39 -16.96
CA LEU F 296 -24.71 -22.78 -17.95
C LEU F 296 -24.15 -23.89 -18.84
N ILE F 297 -24.88 -25.00 -18.96
CA ILE F 297 -24.50 -26.08 -19.86
C ILE F 297 -25.62 -26.28 -20.86
N VAL F 298 -25.25 -26.44 -22.13
CA VAL F 298 -26.19 -26.54 -23.25
C VAL F 298 -25.75 -27.72 -24.12
N THR F 299 -26.64 -28.70 -24.28
CA THR F 299 -26.35 -29.85 -25.12
C THR F 299 -26.91 -29.64 -26.53
N THR F 300 -26.11 -30.01 -27.54
CA THR F 300 -26.44 -29.71 -28.93
C THR F 300 -26.16 -30.87 -29.88
N THR F 301 -26.10 -32.11 -29.37
CA THR F 301 -25.42 -33.19 -30.08
C THR F 301 -26.33 -34.05 -30.94
N GLY F 302 -27.60 -34.21 -30.58
CA GLY F 302 -28.37 -35.26 -31.18
C GLY F 302 -28.02 -36.65 -30.70
N ASN F 303 -27.14 -36.75 -29.69
CA ASN F 303 -26.69 -38.00 -29.13
C ASN F 303 -27.40 -38.25 -27.80
N VAL F 304 -26.98 -39.29 -27.08
CA VAL F 304 -27.66 -39.73 -25.86
C VAL F 304 -26.73 -39.54 -24.68
N ASN F 305 -27.25 -38.93 -23.61
CA ASN F 305 -26.58 -38.89 -22.30
C ASN F 305 -25.25 -38.15 -22.38
N VAL F 306 -25.25 -36.99 -23.03
CA VAL F 306 -24.05 -36.17 -23.13
C VAL F 306 -23.92 -35.15 -22.01
N CYS F 307 -24.98 -34.91 -21.25
CA CYS F 307 -24.89 -34.25 -19.95
C CYS F 307 -25.39 -35.29 -18.93
N ASP F 308 -24.49 -36.12 -18.44
CA ASP F 308 -24.87 -37.32 -17.69
C ASP F 308 -25.02 -37.03 -16.20
N ALA F 309 -25.31 -38.08 -15.43
CA ALA F 309 -25.63 -37.90 -14.01
C ALA F 309 -24.42 -37.41 -13.23
N ASN F 310 -23.23 -37.95 -13.54
CA ASN F 310 -22.03 -37.51 -12.84
C ASN F 310 -21.74 -36.04 -13.11
N MET F 311 -21.97 -35.58 -14.35
CA MET F 311 -21.81 -34.16 -14.67
C MET F 311 -22.79 -33.32 -13.88
N LEU F 312 -24.05 -33.75 -13.81
CA LEU F 312 -25.07 -33.02 -13.06
C LEU F 312 -24.71 -32.93 -11.58
N LYS F 313 -24.15 -34.00 -11.02
CA LYS F 313 -23.76 -33.98 -9.60
C LYS F 313 -22.63 -32.99 -9.34
N ALA F 314 -21.80 -32.73 -10.34
CA ALA F 314 -20.62 -31.90 -10.15
C ALA F 314 -20.81 -30.46 -10.61
N LEU F 315 -21.91 -30.15 -11.29
CA LEU F 315 -22.15 -28.79 -11.77
C LEU F 315 -22.17 -27.80 -10.61
N LYS F 316 -21.73 -26.58 -10.89
CA LYS F 316 -21.78 -25.50 -9.93
C LYS F 316 -23.21 -25.32 -9.41
N LYS F 317 -23.32 -25.03 -8.12
CA LYS F 317 -24.63 -24.73 -7.56
C LYS F 317 -25.31 -23.64 -8.36
N ARG F 318 -26.60 -23.84 -8.62
CA ARG F 318 -27.47 -22.89 -9.30
C ARG F 318 -27.14 -22.70 -10.77
N ALA F 319 -26.40 -23.64 -11.37
CA ALA F 319 -26.15 -23.61 -12.81
C ALA F 319 -27.44 -23.87 -13.57
N VAL F 320 -27.51 -23.32 -14.79
CA VAL F 320 -28.65 -23.54 -15.67
C VAL F 320 -28.32 -24.68 -16.62
N VAL F 321 -29.26 -25.61 -16.78
CA VAL F 321 -29.10 -26.80 -17.61
C VAL F 321 -30.20 -26.77 -18.66
N CYS F 322 -29.82 -26.90 -19.94
CA CYS F 322 -30.82 -26.95 -21.00
C CYS F 322 -30.29 -27.71 -22.22
N ASN F 323 -31.22 -28.16 -23.05
CA ASN F 323 -30.91 -28.94 -24.25
C ASN F 323 -31.59 -28.29 -25.44
N ILE F 324 -30.83 -28.07 -26.50
CA ILE F 324 -31.37 -27.55 -27.75
C ILE F 324 -31.28 -28.58 -28.88
N GLY F 325 -30.82 -29.80 -28.60
CA GLY F 325 -30.99 -30.89 -29.54
C GLY F 325 -32.44 -31.32 -29.59
N HIS F 326 -32.72 -32.31 -30.45
CA HIS F 326 -34.11 -32.63 -30.77
C HIS F 326 -34.81 -33.38 -29.65
N PHE F 327 -34.10 -34.30 -28.98
CA PHE F 327 -34.71 -35.15 -27.97
C PHE F 327 -34.15 -34.84 -26.59
N ASP F 328 -34.97 -35.09 -25.57
CA ASP F 328 -34.66 -34.75 -24.19
C ASP F 328 -33.78 -35.78 -23.50
N ASN F 329 -33.28 -36.78 -24.19
CA ASN F 329 -32.37 -37.74 -23.58
C ASN F 329 -30.92 -37.32 -23.69
N GLU F 330 -30.64 -36.12 -24.22
CA GLU F 330 -29.28 -35.59 -24.18
C GLU F 330 -28.83 -35.29 -22.76
N ILE F 331 -29.77 -34.94 -21.89
CA ILE F 331 -29.56 -34.76 -20.46
C ILE F 331 -30.20 -35.95 -19.75
N ASP F 332 -29.52 -36.47 -18.72
CA ASP F 332 -30.09 -37.59 -17.97
C ASP F 332 -31.13 -37.03 -16.99
N THR F 333 -32.26 -36.60 -17.54
CA THR F 333 -33.32 -36.09 -16.69
C THR F 333 -33.96 -37.21 -15.89
N ALA F 334 -33.91 -38.45 -16.39
CA ALA F 334 -34.46 -39.58 -15.65
C ALA F 334 -33.76 -39.73 -14.31
N PHE F 335 -32.45 -39.54 -14.28
CA PHE F 335 -31.73 -39.58 -13.01
C PHE F 335 -32.23 -38.50 -12.06
N MET F 336 -32.51 -37.32 -12.59
CA MET F 336 -32.93 -36.21 -11.73
C MET F 336 -34.35 -36.41 -11.24
N ARG F 337 -35.22 -36.97 -12.08
CA ARG F 337 -36.57 -37.30 -11.61
C ARG F 337 -36.50 -38.32 -10.46
N LYS F 338 -35.58 -39.29 -10.56
CA LYS F 338 -35.56 -40.39 -9.61
C LYS F 338 -35.02 -39.95 -8.25
N ASN F 339 -34.02 -39.07 -8.23
CA ASN F 339 -33.25 -38.81 -7.03
C ASN F 339 -33.45 -37.44 -6.42
N TRP F 340 -33.92 -36.45 -7.19
CA TRP F 340 -33.93 -35.06 -6.74
C TRP F 340 -35.34 -34.47 -6.82
N ALA F 341 -35.61 -33.49 -5.96
CA ALA F 341 -36.92 -32.88 -5.85
C ALA F 341 -37.04 -31.68 -6.79
N TRP F 342 -38.14 -31.63 -7.53
CA TRP F 342 -38.36 -30.62 -8.55
C TRP F 342 -39.30 -29.55 -8.03
N GLU F 343 -38.83 -28.30 -8.00
CA GLU F 343 -39.65 -27.15 -7.67
C GLU F 343 -39.93 -26.37 -8.95
N GLU F 344 -41.20 -26.27 -9.33
CA GLU F 344 -41.56 -25.49 -10.50
C GLU F 344 -41.49 -24.01 -10.16
N VAL F 345 -40.65 -23.27 -10.88
CA VAL F 345 -40.65 -21.82 -10.75
C VAL F 345 -41.82 -21.23 -11.52
N LYS F 346 -41.91 -21.60 -12.78
CA LYS F 346 -43.00 -21.24 -13.68
C LYS F 346 -42.99 -22.27 -14.80
N PRO F 347 -43.96 -22.24 -15.71
CA PRO F 347 -43.98 -23.27 -16.77
C PRO F 347 -42.64 -23.37 -17.48
N GLN F 348 -42.17 -24.61 -17.62
CA GLN F 348 -40.92 -24.92 -18.31
C GLN F 348 -39.71 -24.29 -17.63
N VAL F 349 -39.80 -24.04 -16.32
CA VAL F 349 -38.65 -23.69 -15.50
C VAL F 349 -38.77 -24.42 -14.18
N HIS F 350 -37.78 -25.26 -13.86
CA HIS F 350 -37.80 -26.05 -12.64
C HIS F 350 -36.47 -25.91 -11.92
N LYS F 351 -36.52 -25.68 -10.62
CA LYS F 351 -35.35 -25.86 -9.79
C LYS F 351 -35.28 -27.34 -9.40
N ILE F 352 -34.12 -27.93 -9.57
CA ILE F 352 -33.87 -29.33 -9.24
C ILE F 352 -32.98 -29.34 -8.00
N HIS F 353 -33.53 -29.77 -6.87
CA HIS F 353 -32.84 -29.67 -5.59
C HIS F 353 -32.04 -30.95 -5.36
N ARG F 354 -30.72 -30.83 -5.33
CA ARG F 354 -29.82 -31.97 -5.18
C ARG F 354 -29.67 -32.44 -3.73
N THR F 355 -30.49 -31.92 -2.82
CA THR F 355 -30.45 -32.34 -1.42
C THR F 355 -31.20 -33.63 -1.18
N GLY F 356 -31.88 -34.18 -2.18
CA GLY F 356 -32.64 -35.40 -2.01
C GLY F 356 -33.98 -35.40 -2.75
N LYS F 357 -34.70 -36.52 -2.68
CA LYS F 357 -35.97 -36.67 -3.37
C LYS F 357 -37.16 -36.22 -2.54
N ASP F 358 -37.07 -36.39 -1.22
CA ASP F 358 -38.23 -36.26 -0.33
C ASP F 358 -38.38 -34.79 0.10
N GLY F 359 -38.99 -34.01 -0.78
CA GLY F 359 -39.21 -32.60 -0.50
C GLY F 359 -37.97 -31.77 -0.66
N PHE F 360 -38.12 -30.47 -0.39
CA PHE F 360 -37.01 -29.53 -0.51
C PHE F 360 -37.25 -28.32 0.39
N ASP F 361 -36.15 -27.74 0.85
CA ASP F 361 -36.19 -26.47 1.54
C ASP F 361 -36.30 -25.33 0.53
N ALA F 362 -37.31 -24.48 0.70
CA ALA F 362 -37.55 -23.41 -0.26
C ALA F 362 -36.36 -22.46 -0.38
N HIS F 363 -35.50 -22.41 0.62
CA HIS F 363 -34.31 -21.57 0.57
C HIS F 363 -33.03 -22.37 0.39
N ASN F 364 -33.14 -23.65 0.04
CA ASN F 364 -31.97 -24.43 -0.32
C ASN F 364 -31.18 -23.74 -1.43
N ASP F 365 -29.86 -23.68 -1.28
CA ASP F 365 -28.99 -23.08 -2.28
C ASP F 365 -28.39 -24.11 -3.23
N ASP F 366 -28.56 -25.40 -2.97
CA ASP F 366 -27.95 -26.45 -3.79
C ASP F 366 -29.02 -26.98 -4.75
N TYR F 367 -29.24 -26.22 -5.82
CA TYR F 367 -30.16 -26.63 -6.86
C TYR F 367 -29.57 -26.30 -8.23
N LEU F 368 -30.17 -26.90 -9.26
CA LEU F 368 -29.94 -26.55 -10.65
C LEU F 368 -31.24 -26.04 -11.24
N ILE F 369 -31.13 -25.22 -12.27
CA ILE F 369 -32.31 -24.75 -13.00
C ILE F 369 -32.34 -25.44 -14.36
N LEU F 370 -33.39 -26.21 -14.60
CA LEU F 370 -33.58 -26.94 -15.85
C LEU F 370 -34.69 -26.27 -16.65
N LEU F 371 -34.43 -26.01 -17.91
CA LEU F 371 -35.38 -25.35 -18.79
C LEU F 371 -36.12 -26.37 -19.65
N ALA F 372 -37.42 -26.16 -19.82
CA ALA F 372 -38.28 -26.95 -20.70
C ALA F 372 -38.23 -28.44 -20.37
N GLU F 373 -37.89 -28.78 -19.12
CA GLU F 373 -37.72 -30.16 -18.69
C GLU F 373 -36.77 -30.93 -19.60
N GLY F 374 -35.75 -30.24 -20.13
CA GLY F 374 -34.80 -30.85 -21.01
C GLY F 374 -35.24 -31.00 -22.46
N ARG F 375 -36.45 -30.57 -22.80
CA ARG F 375 -36.88 -30.58 -24.21
C ARG F 375 -36.28 -29.37 -24.95
N LEU F 376 -36.29 -29.35 -26.29
CA LEU F 376 -35.64 -28.26 -27.08
C LEU F 376 -35.95 -26.91 -26.43
N VAL F 377 -34.92 -26.21 -25.99
CA VAL F 377 -35.12 -24.98 -25.17
C VAL F 377 -35.64 -23.79 -25.98
N ASN F 378 -35.16 -23.62 -27.20
CA ASN F 378 -35.55 -22.42 -27.94
C ASN F 378 -37.04 -22.41 -28.21
N LEU F 379 -37.64 -23.58 -28.43
CA LEU F 379 -39.07 -23.65 -28.66
C LEU F 379 -39.86 -23.83 -27.38
N GLY F 380 -39.24 -24.37 -26.33
CA GLY F 380 -39.93 -24.59 -25.07
C GLY F 380 -40.03 -23.36 -24.20
N ASN F 381 -38.97 -22.57 -24.14
CA ASN F 381 -38.96 -21.37 -23.32
C ASN F 381 -39.04 -20.07 -24.11
N ALA F 382 -38.93 -20.13 -25.44
CA ALA F 382 -39.21 -18.97 -26.25
C ALA F 382 -40.09 -19.40 -27.42
N THR F 383 -39.75 -18.99 -28.65
CA THR F 383 -40.61 -19.29 -29.79
C THR F 383 -39.82 -19.90 -30.94
N GLY F 384 -38.68 -20.53 -30.65
CA GLY F 384 -37.88 -21.10 -31.71
C GLY F 384 -37.33 -20.04 -32.63
N HIS F 385 -37.08 -20.44 -33.86
CA HIS F 385 -36.37 -19.58 -34.79
C HIS F 385 -37.30 -18.48 -35.29
N PRO F 386 -36.74 -17.34 -35.69
CA PRO F 386 -37.57 -16.27 -36.25
C PRO F 386 -38.06 -16.60 -37.67
N SER F 387 -39.19 -16.00 -38.01
CA SER F 387 -39.82 -16.24 -39.32
C SER F 387 -38.82 -16.11 -40.47
N ARG F 388 -37.97 -15.08 -40.46
CA ARG F 388 -37.12 -14.86 -41.62
C ARG F 388 -36.11 -15.99 -41.81
N ILE F 389 -35.73 -16.67 -40.74
CA ILE F 389 -34.87 -17.84 -40.86
C ILE F 389 -35.68 -19.05 -41.30
N MET F 390 -36.85 -19.27 -40.69
CA MET F 390 -37.63 -20.46 -41.01
C MET F 390 -38.13 -20.43 -42.45
N ASP F 391 -38.18 -19.25 -43.06
CA ASP F 391 -38.49 -19.10 -44.47
C ASP F 391 -37.64 -20.04 -45.32
N GLY F 392 -36.34 -20.09 -45.06
CA GLY F 392 -35.46 -20.91 -45.88
C GLY F 392 -35.77 -22.39 -45.73
N SER F 393 -35.92 -22.84 -44.49
CA SER F 393 -36.28 -24.23 -44.24
C SER F 393 -37.60 -24.60 -44.88
N PHE F 394 -38.61 -23.76 -44.71
CA PHE F 394 -39.94 -24.15 -45.14
C PHE F 394 -40.17 -23.92 -46.63
N ALA F 395 -39.35 -23.10 -47.29
CA ALA F 395 -39.34 -23.10 -48.74
C ALA F 395 -38.83 -24.43 -49.26
N ASN F 396 -37.78 -24.97 -48.63
CA ASN F 396 -37.31 -26.30 -49.00
C ASN F 396 -38.37 -27.36 -48.79
N GLN F 397 -39.11 -27.28 -47.68
CA GLN F 397 -40.17 -28.26 -47.43
C GLN F 397 -41.21 -28.25 -48.54
N VAL F 398 -41.64 -27.06 -48.97
CA VAL F 398 -42.68 -26.99 -50.01
C VAL F 398 -42.16 -27.54 -51.32
N LEU F 399 -40.94 -27.13 -51.71
CA LEU F 399 -40.35 -27.66 -52.94
C LEU F 399 -40.21 -29.18 -52.86
N ALA F 400 -39.79 -29.68 -51.69
CA ALA F 400 -39.68 -31.13 -51.52
C ALA F 400 -41.04 -31.81 -51.64
N GLN F 401 -42.05 -31.26 -50.95
CA GLN F 401 -43.40 -31.82 -51.04
C GLN F 401 -43.90 -31.84 -52.47
N ILE F 402 -43.68 -30.75 -53.21
CA ILE F 402 -44.10 -30.69 -54.61
C ILE F 402 -43.45 -31.81 -55.41
N HIS F 403 -42.15 -32.01 -55.22
CA HIS F 403 -41.41 -32.96 -56.04
C HIS F 403 -41.87 -34.39 -55.76
N LEU F 404 -41.96 -34.78 -54.47
CA LEU F 404 -42.35 -36.15 -54.15
C LEU F 404 -43.82 -36.43 -54.49
N PHE F 405 -44.71 -35.43 -54.33
CA PHE F 405 -46.11 -35.68 -54.65
C PHE F 405 -46.32 -35.87 -56.14
N GLU F 406 -45.60 -35.11 -56.97
CA GLU F 406 -45.76 -35.25 -58.40
C GLU F 406 -45.08 -36.49 -58.96
N GLN F 407 -44.11 -37.05 -58.23
CA GLN F 407 -43.47 -38.29 -58.64
C GLN F 407 -44.43 -39.48 -58.54
N LYS F 408 -45.43 -39.40 -57.66
CA LYS F 408 -46.48 -40.42 -57.54
C LYS F 408 -45.89 -41.83 -57.34
N TYR F 409 -45.09 -41.95 -56.28
CA TYR F 409 -44.41 -43.23 -56.05
C TYR F 409 -45.38 -44.36 -55.76
N ALA F 410 -46.45 -44.08 -55.00
CA ALA F 410 -47.39 -45.13 -54.63
C ALA F 410 -48.16 -45.70 -55.81
N ASP F 411 -48.18 -45.00 -56.94
CA ASP F 411 -48.83 -45.47 -58.15
C ASP F 411 -47.87 -46.18 -59.10
N LEU F 412 -46.59 -46.25 -58.77
CA LEU F 412 -45.61 -46.83 -59.67
C LEU F 412 -45.67 -48.34 -59.66
N PRO F 413 -45.29 -48.98 -60.78
CA PRO F 413 -45.05 -50.43 -60.75
C PRO F 413 -43.96 -50.76 -59.74
N ALA F 414 -44.02 -51.99 -59.22
CA ALA F 414 -43.11 -52.38 -58.15
C ALA F 414 -41.65 -52.34 -58.59
N ALA F 415 -41.39 -52.55 -59.89
CA ALA F 415 -40.02 -52.49 -60.39
C ALA F 415 -39.52 -51.06 -60.42
N GLU F 416 -40.39 -50.10 -60.72
CA GLU F 416 -40.01 -48.69 -60.66
C GLU F 416 -39.91 -48.21 -59.22
N LYS F 417 -40.80 -48.69 -58.35
CA LYS F 417 -40.72 -48.37 -56.92
C LYS F 417 -39.34 -48.70 -56.36
N ALA F 418 -38.80 -49.87 -56.72
CA ALA F 418 -37.52 -50.30 -56.17
C ALA F 418 -36.39 -49.38 -56.62
N LYS F 419 -36.44 -48.88 -57.86
CA LYS F 419 -35.42 -47.96 -58.33
C LYS F 419 -35.56 -46.59 -57.71
N ARG F 420 -36.72 -46.28 -57.15
CA ARG F 420 -37.01 -44.94 -56.65
C ARG F 420 -36.98 -44.82 -55.14
N LEU F 421 -36.86 -45.93 -54.41
CA LEU F 421 -36.86 -45.90 -52.95
C LEU F 421 -35.49 -45.45 -52.48
N SER F 422 -35.39 -44.18 -52.05
CA SER F 422 -34.11 -43.63 -51.60
C SER F 422 -34.36 -42.41 -50.73
N VAL F 423 -33.27 -41.91 -50.14
CA VAL F 423 -33.25 -40.69 -49.36
C VAL F 423 -32.38 -39.69 -50.12
N GLU F 424 -32.98 -38.58 -50.56
CA GLU F 424 -32.29 -37.63 -51.41
C GLU F 424 -32.41 -36.21 -50.86
N VAL F 425 -31.55 -35.34 -51.36
CA VAL F 425 -31.59 -33.92 -51.04
C VAL F 425 -32.05 -33.15 -52.27
N LEU F 426 -32.56 -31.94 -52.06
CA LEU F 426 -32.91 -31.08 -53.18
C LEU F 426 -31.65 -30.72 -53.97
N PRO F 427 -31.78 -30.51 -55.28
CA PRO F 427 -30.62 -30.09 -56.08
C PRO F 427 -30.15 -28.69 -55.71
N LYS F 428 -28.87 -28.43 -55.98
CA LYS F 428 -28.26 -27.16 -55.57
C LYS F 428 -28.97 -25.97 -56.20
N LYS F 429 -29.51 -26.14 -57.41
CA LYS F 429 -30.20 -25.05 -58.08
C LYS F 429 -31.36 -24.55 -57.23
N LEU F 430 -32.20 -25.46 -56.73
CA LEU F 430 -33.30 -25.05 -55.86
C LEU F 430 -32.77 -24.40 -54.59
N ASP F 431 -31.69 -24.93 -54.04
CA ASP F 431 -31.07 -24.34 -52.86
C ASP F 431 -30.66 -22.90 -53.12
N GLU F 432 -30.09 -22.63 -54.30
CA GLU F 432 -29.71 -21.27 -54.65
C GLU F 432 -30.92 -20.39 -54.87
N GLU F 433 -32.00 -20.95 -55.42
CA GLU F 433 -33.19 -20.14 -55.70
C GLU F 433 -33.88 -19.70 -54.41
N VAL F 434 -33.87 -20.54 -53.37
CA VAL F 434 -34.32 -20.12 -52.06
C VAL F 434 -33.42 -19.02 -51.52
N ALA F 435 -32.10 -19.19 -51.67
CA ALA F 435 -31.16 -18.23 -51.11
C ALA F 435 -31.32 -16.85 -51.75
N LEU F 436 -31.58 -16.81 -53.05
CA LEU F 436 -31.76 -15.52 -53.71
C LEU F 436 -32.93 -14.75 -53.11
N GLU F 437 -34.05 -15.43 -52.87
CA GLU F 437 -35.21 -14.76 -52.30
C GLU F 437 -34.95 -14.36 -50.85
N MET F 438 -34.12 -15.11 -50.13
CA MET F 438 -33.75 -14.70 -48.78
C MET F 438 -32.89 -13.46 -48.81
N VAL F 439 -31.92 -13.39 -49.74
CA VAL F 439 -31.04 -12.23 -49.85
C VAL F 439 -31.84 -10.99 -50.21
N LYS F 440 -32.79 -11.12 -51.14
CA LYS F 440 -33.61 -9.96 -51.51
C LYS F 440 -34.45 -9.47 -50.33
N GLY F 441 -34.90 -10.37 -49.46
CA GLY F 441 -35.64 -9.95 -48.28
C GLY F 441 -34.81 -9.05 -47.37
N PHE F 442 -33.50 -9.16 -47.43
CA PHE F 442 -32.60 -8.25 -46.72
C PHE F 442 -32.26 -7.00 -47.52
N GLY F 443 -32.80 -6.84 -48.73
CA GLY F 443 -32.31 -5.80 -49.59
C GLY F 443 -30.93 -6.03 -50.19
N GLY F 444 -30.38 -7.24 -50.09
CA GLY F 444 -29.11 -7.50 -50.71
C GLY F 444 -29.23 -7.55 -52.23
N VAL F 445 -28.13 -7.20 -52.91
CA VAL F 445 -28.08 -7.19 -54.37
C VAL F 445 -27.02 -8.20 -54.81
N VAL F 446 -27.46 -9.25 -55.49
CA VAL F 446 -26.53 -10.23 -56.04
C VAL F 446 -26.00 -9.74 -57.39
N THR F 447 -24.71 -9.90 -57.61
CA THR F 447 -24.09 -9.50 -58.87
C THR F 447 -24.26 -10.57 -59.94
N GLN F 448 -24.46 -10.14 -61.18
CA GLN F 448 -24.54 -11.05 -62.31
C GLN F 448 -23.16 -11.20 -62.95
N LEU F 449 -22.71 -12.45 -63.08
CA LEU F 449 -21.48 -12.75 -63.82
C LEU F 449 -21.60 -12.32 -65.27
N THR F 450 -20.50 -11.80 -65.84
CA THR F 450 -20.45 -11.60 -67.28
C THR F 450 -20.19 -12.93 -67.98
N PRO F 451 -20.52 -13.04 -69.27
CA PRO F 451 -20.24 -14.30 -69.97
C PRO F 451 -18.78 -14.71 -69.89
N LYS F 452 -17.84 -13.77 -70.02
CA LYS F 452 -16.43 -14.12 -69.91
C LYS F 452 -16.07 -14.56 -68.50
N GLN F 453 -16.69 -13.96 -67.48
CA GLN F 453 -16.41 -14.37 -66.10
C GLN F 453 -16.94 -15.78 -65.84
N ALA F 454 -18.19 -16.04 -66.22
CA ALA F 454 -18.76 -17.37 -66.03
C ALA F 454 -17.96 -18.43 -66.79
N GLU F 455 -17.52 -18.11 -68.00
CA GLU F 455 -16.62 -19.01 -68.72
C GLU F 455 -15.31 -19.20 -67.97
N TYR F 456 -14.80 -18.13 -67.37
CA TYR F 456 -13.50 -18.20 -66.69
C TYR F 456 -13.54 -19.18 -65.53
N ILE F 457 -14.62 -19.16 -64.74
CA ILE F 457 -14.70 -20.07 -63.60
C ILE F 457 -15.47 -21.34 -63.94
N GLY F 458 -15.94 -21.49 -65.17
CA GLY F 458 -16.57 -22.72 -65.59
C GLY F 458 -17.94 -22.98 -65.00
N VAL F 459 -18.80 -21.96 -64.94
CA VAL F 459 -20.15 -22.11 -64.44
C VAL F 459 -21.10 -21.34 -65.34
N SER F 460 -22.36 -21.72 -65.32
CA SER F 460 -23.38 -20.99 -66.05
C SER F 460 -23.68 -19.68 -65.33
N VAL F 461 -23.99 -18.64 -66.11
CA VAL F 461 -24.39 -17.36 -65.51
C VAL F 461 -25.56 -17.55 -64.56
N GLU F 462 -26.44 -18.50 -64.87
CA GLU F 462 -27.61 -18.77 -64.04
C GLU F 462 -27.33 -19.79 -62.95
N GLY F 463 -26.08 -20.21 -62.79
CA GLY F 463 -25.75 -21.20 -61.81
C GLY F 463 -26.08 -22.60 -62.28
N PRO F 464 -25.85 -23.62 -61.42
CA PRO F 464 -25.29 -23.46 -60.07
C PRO F 464 -23.85 -23.00 -60.10
N PHE F 465 -23.45 -22.32 -59.03
CA PHE F 465 -22.16 -21.65 -58.96
C PHE F 465 -21.10 -22.45 -58.23
N LYS F 466 -21.47 -23.59 -57.63
CA LYS F 466 -20.51 -24.42 -56.90
C LYS F 466 -20.68 -25.88 -57.27
N PRO F 467 -19.61 -26.67 -57.19
CA PRO F 467 -19.75 -28.12 -57.33
C PRO F 467 -20.48 -28.71 -56.13
N ASP F 468 -21.08 -29.89 -56.35
CA ASP F 468 -21.84 -30.53 -55.28
C ASP F 468 -20.98 -30.84 -54.05
N THR F 469 -19.67 -30.91 -54.22
CA THR F 469 -18.74 -31.14 -53.11
C THR F 469 -18.53 -29.91 -52.23
N TYR F 470 -18.98 -28.74 -52.66
CA TYR F 470 -18.65 -27.50 -51.95
C TYR F 470 -19.34 -27.44 -50.59
N ARG F 471 -18.60 -26.95 -49.59
CA ARG F 471 -19.07 -27.00 -48.22
C ARG F 471 -19.55 -25.64 -47.68
N TYR F 472 -19.27 -24.54 -48.38
CA TYR F 472 -19.64 -23.19 -47.91
C TYR F 472 -19.08 -22.92 -46.51
N GLY G 12 30.36 -28.39 -51.20
CA GLY G 12 30.29 -27.42 -52.28
C GLY G 12 28.96 -27.38 -53.00
N PHE G 13 27.89 -27.15 -52.25
CA PHE G 13 26.54 -27.16 -52.82
C PHE G 13 26.23 -25.80 -53.46
N THR G 14 25.83 -25.83 -54.74
CA THR G 14 25.57 -24.62 -55.51
C THR G 14 24.26 -24.66 -56.30
N ASP G 15 23.45 -25.70 -56.12
CA ASP G 15 22.28 -25.93 -56.97
C ASP G 15 21.07 -25.16 -56.43
N TYR G 16 21.20 -23.83 -56.41
CA TYR G 16 20.16 -23.00 -55.86
C TYR G 16 20.34 -21.56 -56.34
N LYS G 17 19.28 -20.77 -56.19
CA LYS G 17 19.41 -19.32 -56.37
C LYS G 17 18.44 -18.62 -55.42
N VAL G 18 19.01 -17.86 -54.49
CA VAL G 18 18.24 -17.15 -53.49
C VAL G 18 18.72 -15.69 -53.45
N ALA G 19 18.01 -14.88 -52.67
CA ALA G 19 18.36 -13.46 -52.54
C ALA G 19 19.71 -13.30 -51.85
N ASP G 20 19.91 -13.98 -50.73
CA ASP G 20 21.05 -13.68 -49.84
C ASP G 20 21.25 -14.89 -48.94
N ILE G 21 22.34 -15.63 -49.18
CA ILE G 21 22.56 -16.86 -48.43
C ILE G 21 22.89 -16.60 -46.98
N THR G 22 23.41 -15.40 -46.65
CA THR G 22 23.78 -15.12 -45.26
C THR G 22 22.56 -14.97 -44.37
N LEU G 23 21.35 -14.94 -44.92
CA LEU G 23 20.12 -14.93 -44.13
C LEU G 23 19.73 -16.32 -43.63
N ALA G 24 20.55 -17.35 -43.90
CA ALA G 24 20.18 -18.72 -43.54
C ALA G 24 20.03 -18.89 -42.03
N ALA G 25 20.97 -18.34 -41.25
CA ALA G 25 20.91 -18.55 -39.80
C ALA G 25 19.64 -17.98 -39.20
N TRP G 26 19.26 -16.78 -39.62
CA TRP G 26 17.98 -16.19 -39.23
C TRP G 26 16.83 -17.11 -39.64
N GLY G 27 16.84 -17.57 -40.89
CA GLY G 27 15.80 -18.47 -41.33
C GLY G 27 15.72 -19.73 -40.51
N ARG G 28 16.87 -20.30 -40.14
CA ARG G 28 16.88 -21.51 -39.32
C ARG G 28 16.31 -21.23 -37.92
N ARG G 29 16.57 -20.04 -37.37
CA ARG G 29 15.98 -19.72 -36.06
C ARG G 29 14.45 -19.73 -36.15
N GLU G 30 13.90 -19.08 -37.17
CA GLU G 30 12.45 -19.03 -37.32
C GLU G 30 11.88 -20.39 -37.70
N LEU G 31 12.68 -21.26 -38.35
CA LEU G 31 12.20 -22.62 -38.63
C LEU G 31 12.03 -23.41 -37.33
N ILE G 32 12.94 -23.22 -36.38
CA ILE G 32 12.88 -23.96 -35.14
C ILE G 32 11.66 -23.54 -34.33
N ILE G 33 11.30 -22.25 -34.38
CA ILE G 33 10.08 -21.79 -33.73
C ILE G 33 8.85 -22.32 -34.45
N ALA G 34 8.84 -22.19 -35.78
CA ALA G 34 7.71 -22.69 -36.57
C ALA G 34 7.45 -24.16 -36.32
N GLU G 35 8.52 -24.95 -36.12
CA GLU G 35 8.33 -26.37 -35.80
C GLU G 35 7.51 -26.56 -34.53
N SER G 36 7.73 -25.71 -33.52
CA SER G 36 6.92 -25.81 -32.32
C SER G 36 5.47 -25.36 -32.54
N GLU G 37 5.20 -24.64 -33.63
CA GLU G 37 3.86 -24.20 -33.97
C GLU G 37 3.17 -25.14 -34.94
N MET G 38 3.81 -26.24 -35.33
CA MET G 38 3.26 -27.15 -36.34
C MET G 38 3.24 -28.58 -35.83
N PRO G 39 2.41 -28.86 -34.80
CA PRO G 39 2.40 -30.22 -34.23
C PRO G 39 1.95 -31.32 -35.18
N ALA G 40 0.96 -31.04 -36.03
CA ALA G 40 0.51 -32.07 -36.98
C ALA G 40 1.61 -32.41 -37.95
N LEU G 41 2.32 -31.41 -38.44
CA LEU G 41 3.41 -31.65 -39.38
C LEU G 41 4.57 -32.37 -38.72
N MET G 42 4.95 -31.93 -37.52
N MET G 42 4.94 -31.96 -37.51
CA MET G 42 6.01 -32.59 -36.76
CA MET G 42 6.05 -32.62 -36.84
C MET G 42 5.64 -34.01 -36.42
C MET G 42 5.65 -34.01 -36.35
N GLY G 43 4.37 -34.23 -36.05
CA GLY G 43 3.95 -35.58 -35.68
C GLY G 43 4.07 -36.57 -36.81
N LEU G 44 3.84 -36.12 -38.06
CA LEU G 44 4.10 -36.98 -39.21
C LEU G 44 5.59 -37.24 -39.36
N ARG G 45 6.41 -36.22 -39.08
CA ARG G 45 7.86 -36.37 -39.18
C ARG G 45 8.36 -37.48 -38.27
N ARG G 46 7.98 -37.45 -36.99
CA ARG G 46 8.39 -38.50 -36.06
C ARG G 46 7.72 -39.83 -36.36
N LYS G 47 6.49 -39.81 -36.85
CA LYS G 47 5.76 -41.06 -37.07
C LYS G 47 6.36 -41.86 -38.21
N TYR G 48 6.84 -41.18 -39.26
CA TYR G 48 7.18 -41.83 -40.53
C TYR G 48 8.67 -41.85 -40.84
N ALA G 49 9.51 -41.13 -40.09
CA ALA G 49 10.93 -41.08 -40.42
C ALA G 49 11.57 -42.47 -40.39
N GLY G 50 11.15 -43.30 -39.42
CA GLY G 50 11.66 -44.66 -39.39
C GLY G 50 11.30 -45.45 -40.64
N GLN G 51 10.08 -45.22 -41.15
CA GLN G 51 9.62 -45.97 -42.32
C GLN G 51 10.28 -45.48 -43.61
N GLN G 52 10.64 -44.20 -43.68
CA GLN G 52 11.14 -43.57 -44.89
C GLN G 52 10.19 -43.77 -46.08
N PRO G 53 8.92 -43.39 -45.93
CA PRO G 53 7.93 -43.73 -46.96
C PRO G 53 8.11 -42.96 -48.27
N LEU G 54 8.93 -41.91 -48.28
CA LEU G 54 9.23 -41.17 -49.52
C LEU G 54 10.61 -41.49 -50.06
N LYS G 55 11.27 -42.52 -49.55
CA LYS G 55 12.51 -43.00 -50.13
C LYS G 55 12.34 -43.26 -51.61
N GLY G 56 13.15 -42.60 -52.43
CA GLY G 56 13.04 -42.72 -53.87
C GLY G 56 12.12 -41.70 -54.52
N ALA G 57 11.31 -40.97 -53.74
CA ALA G 57 10.48 -39.94 -54.31
C ALA G 57 11.32 -38.74 -54.73
N LYS G 58 10.96 -38.14 -55.85
CA LYS G 58 11.70 -36.99 -56.38
C LYS G 58 10.66 -35.93 -56.77
N ILE G 59 10.48 -34.95 -55.89
CA ILE G 59 9.32 -34.07 -55.87
C ILE G 59 9.70 -32.72 -56.45
N LEU G 60 9.06 -32.34 -57.55
CA LEU G 60 9.07 -30.95 -58.01
C LEU G 60 8.04 -30.16 -57.20
N GLY G 61 8.51 -29.17 -56.44
CA GLY G 61 7.61 -28.40 -55.60
C GLY G 61 7.53 -26.94 -55.99
N CYS G 62 6.31 -26.39 -56.08
CA CYS G 62 6.09 -24.99 -56.44
C CYS G 62 5.04 -24.44 -55.50
N ILE G 63 5.48 -23.72 -54.47
CA ILE G 63 4.58 -23.10 -53.50
C ILE G 63 5.38 -22.06 -52.74
N HIS G 64 4.74 -20.91 -52.47
CA HIS G 64 5.30 -19.77 -51.75
C HIS G 64 6.44 -20.15 -50.81
N MET G 65 7.64 -19.64 -51.05
CA MET G 65 8.82 -20.07 -50.28
C MET G 65 8.88 -19.32 -48.94
N THR G 66 7.94 -19.67 -48.06
CA THR G 66 7.84 -19.13 -46.72
C THR G 66 8.53 -20.04 -45.70
N ILE G 67 8.63 -19.53 -44.47
CA ILE G 67 9.06 -20.33 -43.33
C ILE G 67 8.21 -21.59 -43.20
N GLN G 68 6.91 -21.45 -43.41
CA GLN G 68 6.01 -22.59 -43.27
C GLN G 68 6.29 -23.64 -44.33
N THR G 69 6.46 -23.21 -45.60
CA THR G 69 6.87 -24.14 -46.65
C THR G 69 8.21 -24.78 -46.32
N GLY G 70 9.08 -24.07 -45.60
CA GLY G 70 10.36 -24.65 -45.22
C GLY G 70 10.19 -25.86 -44.33
N VAL G 71 9.28 -25.79 -43.37
CA VAL G 71 9.00 -26.94 -42.50
C VAL G 71 8.37 -28.07 -43.32
N LEU G 72 7.54 -27.72 -44.28
CA LEU G 72 6.99 -28.72 -45.20
C LEU G 72 8.10 -29.42 -45.97
N ILE G 73 9.03 -28.65 -46.55
CA ILE G 73 10.08 -29.23 -47.36
C ILE G 73 10.93 -30.19 -46.54
N GLU G 74 11.36 -29.76 -45.36
CA GLU G 74 12.23 -30.60 -44.54
C GLU G 74 11.51 -31.81 -43.98
N THR G 75 10.19 -31.76 -43.86
CA THR G 75 9.44 -32.96 -43.49
C THR G 75 9.46 -33.99 -44.62
N LEU G 76 9.24 -33.54 -45.87
CA LEU G 76 9.35 -34.46 -47.00
C LEU G 76 10.76 -35.06 -47.09
N VAL G 77 11.80 -34.25 -46.92
CA VAL G 77 13.16 -34.76 -46.93
C VAL G 77 13.36 -35.75 -45.78
N ALA G 78 12.84 -35.42 -44.60
CA ALA G 78 12.97 -36.30 -43.46
C ALA G 78 12.35 -37.67 -43.73
N LEU G 79 11.31 -37.71 -44.57
CA LEU G 79 10.66 -38.97 -44.92
C LEU G 79 11.30 -39.65 -46.12
N GLY G 80 12.42 -39.13 -46.62
CA GLY G 80 13.22 -39.81 -47.62
C GLY G 80 13.18 -39.21 -49.01
N ALA G 81 12.49 -38.10 -49.21
CA ALA G 81 12.36 -37.52 -50.54
C ALA G 81 13.55 -36.66 -50.90
N GLU G 82 13.79 -36.53 -52.20
CA GLU G 82 14.57 -35.45 -52.77
C GLU G 82 13.60 -34.47 -53.43
N VAL G 83 13.87 -33.17 -53.27
CA VAL G 83 12.99 -32.14 -53.83
C VAL G 83 13.83 -31.12 -54.58
N ARG G 84 13.16 -30.39 -55.47
CA ARG G 84 13.66 -29.16 -56.07
C ARG G 84 12.52 -28.16 -56.06
N TRP G 85 12.75 -26.98 -55.53
CA TRP G 85 11.67 -26.10 -55.10
C TRP G 85 11.72 -24.72 -55.75
N SER G 86 10.54 -24.17 -56.00
CA SER G 86 10.41 -22.76 -56.37
C SER G 86 9.15 -22.20 -55.73
N SER G 87 9.09 -20.87 -55.67
CA SER G 87 7.88 -20.19 -55.23
C SER G 87 6.82 -20.19 -56.33
N CYS G 88 5.56 -20.09 -55.93
CA CYS G 88 4.46 -19.94 -56.88
C CYS G 88 3.95 -18.50 -57.01
N ASN G 89 4.72 -17.52 -56.51
CA ASN G 89 4.33 -16.12 -56.64
C ASN G 89 5.58 -15.27 -56.54
N ILE G 90 5.60 -14.18 -57.31
CA ILE G 90 6.82 -13.37 -57.39
C ILE G 90 7.09 -12.59 -56.10
N PHE G 91 6.12 -12.46 -55.21
CA PHE G 91 6.30 -11.64 -54.02
C PHE G 91 6.23 -12.40 -52.70
N SER G 92 5.88 -13.69 -52.72
CA SER G 92 5.50 -14.40 -51.51
C SER G 92 6.67 -15.04 -50.78
N THR G 93 7.85 -15.08 -51.38
CA THR G 93 9.00 -15.70 -50.74
C THR G 93 9.45 -14.87 -49.53
N GLN G 94 9.75 -15.55 -48.44
CA GLN G 94 10.52 -14.97 -47.34
C GLN G 94 11.98 -15.33 -47.59
N ASP G 95 12.81 -14.32 -47.84
CA ASP G 95 14.17 -14.58 -48.28
C ASP G 95 14.97 -15.39 -47.25
N GLN G 96 14.73 -15.18 -45.96
CA GLN G 96 15.45 -15.97 -44.97
C GLN G 96 15.05 -17.44 -45.00
N ALA G 97 13.78 -17.73 -45.30
CA ALA G 97 13.37 -19.13 -45.42
C ALA G 97 14.05 -19.81 -46.61
N ALA G 98 14.12 -19.13 -47.75
CA ALA G 98 14.83 -19.70 -48.91
C ALA G 98 16.30 -19.94 -48.59
N ALA G 99 16.92 -18.99 -47.86
CA ALA G 99 18.35 -19.14 -47.55
C ALA G 99 18.60 -20.36 -46.68
N ALA G 100 17.77 -20.56 -45.65
CA ALA G 100 17.94 -21.73 -44.77
C ALA G 100 17.75 -23.04 -45.52
N ILE G 101 16.81 -23.08 -46.47
CA ILE G 101 16.61 -24.30 -47.26
C ILE G 101 17.81 -24.55 -48.17
N ALA G 102 18.28 -23.50 -48.87
CA ALA G 102 19.47 -23.65 -49.70
C ALA G 102 20.67 -24.07 -48.87
N ALA G 103 20.84 -23.47 -47.69
CA ALA G 103 21.97 -23.83 -46.83
C ALA G 103 21.89 -25.29 -46.39
N ALA G 104 20.69 -25.85 -46.32
CA ALA G 104 20.53 -27.25 -45.95
C ALA G 104 20.88 -28.20 -47.09
N GLY G 105 21.38 -27.69 -48.22
CA GLY G 105 21.68 -28.56 -49.34
C GLY G 105 20.47 -28.98 -50.13
N ILE G 106 19.42 -28.16 -50.15
CA ILE G 106 18.17 -28.47 -50.82
C ILE G 106 18.00 -27.50 -51.98
N PRO G 107 17.83 -27.98 -53.21
CA PRO G 107 17.69 -27.07 -54.37
C PRO G 107 16.43 -26.22 -54.25
N VAL G 108 16.64 -24.92 -54.22
CA VAL G 108 15.54 -23.96 -54.15
C VAL G 108 15.91 -22.75 -55.01
N PHE G 109 14.93 -22.25 -55.76
CA PHE G 109 15.12 -21.11 -56.66
C PHE G 109 13.98 -20.14 -56.37
N ALA G 110 14.23 -19.15 -55.51
CA ALA G 110 13.15 -18.28 -55.04
C ALA G 110 13.72 -17.09 -54.29
N TRP G 111 13.12 -15.92 -54.52
CA TRP G 111 13.42 -14.72 -53.75
C TRP G 111 12.25 -13.77 -53.88
N LYS G 112 12.09 -12.89 -52.89
CA LYS G 112 11.02 -11.91 -52.93
C LYS G 112 11.35 -10.83 -53.96
N GLY G 113 10.40 -10.54 -54.84
CA GLY G 113 10.59 -9.52 -55.84
C GLY G 113 11.06 -9.99 -57.20
N GLU G 114 10.79 -11.24 -57.56
CA GLU G 114 11.12 -11.73 -58.89
C GLU G 114 10.32 -10.98 -59.96
N THR G 115 10.93 -10.82 -61.13
CA THR G 115 10.20 -10.45 -62.33
C THR G 115 9.46 -11.67 -62.87
N GLU G 116 8.59 -11.42 -63.86
CA GLU G 116 7.86 -12.51 -64.49
C GLU G 116 8.81 -13.48 -65.19
N GLU G 117 9.85 -12.95 -65.81
CA GLU G 117 10.84 -13.80 -66.46
C GLU G 117 11.58 -14.63 -65.43
N GLU G 118 12.04 -13.98 -64.34
CA GLU G 118 12.71 -14.69 -63.27
C GLU G 118 11.82 -15.77 -62.67
N TYR G 119 10.52 -15.48 -62.54
CA TYR G 119 9.59 -16.45 -61.99
C TYR G 119 9.55 -17.71 -62.84
N GLU G 120 9.42 -17.53 -64.16
CA GLU G 120 9.44 -18.66 -65.08
C GLU G 120 10.78 -19.40 -65.01
N TRP G 121 11.87 -18.65 -64.95
CA TRP G 121 13.19 -19.26 -64.88
C TRP G 121 13.33 -20.14 -63.65
N CYS G 122 12.77 -19.71 -62.51
CA CYS G 122 12.89 -20.49 -61.28
C CYS G 122 12.16 -21.82 -61.39
N ILE G 123 10.94 -21.82 -61.92
CA ILE G 123 10.24 -23.09 -62.13
C ILE G 123 11.06 -24.00 -63.04
N GLU G 124 11.66 -23.43 -64.09
CA GLU G 124 12.48 -24.22 -65.00
CA GLU G 124 12.47 -24.24 -64.99
C GLU G 124 13.68 -24.82 -64.28
N GLN G 125 14.29 -24.07 -63.35
CA GLN G 125 15.46 -24.59 -62.66
C GLN G 125 15.13 -25.78 -61.76
N THR G 126 13.90 -25.88 -61.27
CA THR G 126 13.52 -27.11 -60.57
C THR G 126 13.36 -28.26 -61.56
N ILE G 127 12.80 -27.97 -62.75
CA ILE G 127 12.54 -29.01 -63.74
C ILE G 127 13.83 -29.55 -64.32
N LEU G 128 14.79 -28.67 -64.62
CA LEU G 128 16.04 -29.02 -65.26
C LEU G 128 17.13 -29.21 -64.22
N LYS G 129 17.90 -30.28 -64.35
CA LYS G 129 19.13 -30.47 -63.60
C LYS G 129 20.26 -30.66 -64.59
N ASP G 130 21.25 -29.77 -64.54
CA ASP G 130 22.35 -29.75 -65.51
C ASP G 130 21.81 -29.56 -66.94
N GLY G 131 20.88 -28.62 -67.09
CA GLY G 131 20.36 -28.25 -68.39
C GLY G 131 19.38 -29.22 -69.01
N GLN G 132 19.03 -30.31 -68.33
CA GLN G 132 18.17 -31.35 -68.87
C GLN G 132 17.17 -31.78 -67.81
N PRO G 133 16.04 -32.34 -68.21
CA PRO G 133 15.01 -32.73 -67.24
C PRO G 133 15.53 -33.61 -66.13
N TRP G 134 15.21 -33.22 -64.89
CA TRP G 134 15.44 -34.04 -63.71
C TRP G 134 14.58 -35.30 -63.78
N ASP G 135 14.98 -36.32 -63.04
CA ASP G 135 14.22 -37.57 -63.01
C ASP G 135 13.15 -37.51 -61.91
N ALA G 136 12.29 -36.50 -62.05
CA ALA G 136 11.20 -36.28 -61.11
C ALA G 136 10.18 -37.41 -61.21
N ASN G 137 9.55 -37.72 -60.08
CA ASN G 137 8.44 -38.66 -60.11
C ASN G 137 7.23 -38.22 -59.30
N MET G 138 7.26 -37.02 -58.70
CA MET G 138 6.12 -36.48 -57.96
C MET G 138 6.09 -34.97 -58.16
N VAL G 139 4.91 -34.38 -57.98
CA VAL G 139 4.68 -32.94 -58.15
C VAL G 139 3.85 -32.42 -56.98
N LEU G 140 4.33 -31.36 -56.34
CA LEU G 140 3.55 -30.58 -55.37
C LEU G 140 3.41 -29.17 -55.91
N ASP G 141 2.17 -28.70 -56.05
CA ASP G 141 1.90 -27.44 -56.73
C ASP G 141 0.91 -26.60 -55.95
N ASP G 142 0.96 -25.28 -56.18
CA ASP G 142 0.06 -24.33 -55.55
C ASP G 142 -0.35 -23.32 -56.62
N GLY G 143 -1.50 -23.56 -57.24
CA GLY G 143 -2.01 -22.69 -58.29
C GLY G 143 -1.97 -23.28 -59.68
N GLY G 144 -1.15 -24.31 -59.91
CA GLY G 144 -1.15 -25.02 -61.18
C GLY G 144 -0.16 -24.54 -62.22
N ASP G 145 0.74 -23.60 -61.89
CA ASP G 145 1.69 -23.12 -62.88
C ASP G 145 2.71 -24.20 -63.24
N LEU G 146 3.24 -24.90 -62.25
CA LEU G 146 4.17 -25.98 -62.52
C LEU G 146 3.48 -27.10 -63.30
N THR G 147 2.28 -27.50 -62.86
CA THR G 147 1.52 -28.52 -63.57
C THR G 147 1.34 -28.15 -65.05
N GLU G 148 1.01 -26.88 -65.30
CA GLU G 148 0.80 -26.40 -66.66
C GLU G 148 2.07 -26.53 -67.49
N ILE G 149 3.21 -26.12 -66.94
CA ILE G 149 4.47 -26.12 -67.69
C ILE G 149 4.86 -27.54 -68.04
N LEU G 150 4.64 -28.48 -67.10
CA LEU G 150 4.96 -29.88 -67.37
C LEU G 150 4.11 -30.43 -68.50
N HIS G 151 2.80 -30.19 -68.45
CA HIS G 151 1.91 -30.70 -69.49
C HIS G 151 2.18 -30.05 -70.84
N LYS G 152 2.57 -28.78 -70.86
CA LYS G 152 2.80 -28.08 -72.12
C LYS G 152 4.21 -28.23 -72.66
N LYS G 153 5.23 -28.10 -71.80
CA LYS G 153 6.61 -28.02 -72.28
C LYS G 153 7.43 -29.28 -72.06
N TYR G 154 7.04 -30.13 -71.11
CA TYR G 154 7.79 -31.33 -70.77
C TYR G 154 6.86 -32.52 -70.59
N PRO G 155 5.96 -32.79 -71.54
CA PRO G 155 5.00 -33.89 -71.32
C PRO G 155 5.66 -35.24 -71.13
N GLN G 156 6.86 -35.45 -71.70
CA GLN G 156 7.57 -36.71 -71.53
C GLN G 156 7.81 -37.01 -70.05
N MET G 157 8.08 -35.98 -69.25
CA MET G 157 8.38 -36.19 -67.84
C MET G 157 7.20 -36.80 -67.09
N LEU G 158 5.98 -36.48 -67.51
CA LEU G 158 4.77 -36.92 -66.82
C LEU G 158 4.53 -38.41 -66.96
N GLU G 159 5.20 -39.09 -67.88
CA GLU G 159 5.11 -40.53 -68.00
C GLU G 159 5.82 -41.26 -66.87
N ARG G 160 6.55 -40.53 -66.01
CA ARG G 160 7.21 -41.14 -64.87
C ARG G 160 6.78 -40.52 -63.55
N ILE G 161 5.74 -39.69 -63.55
CA ILE G 161 5.29 -39.02 -62.35
C ILE G 161 4.04 -39.72 -61.84
N HIS G 162 4.04 -40.07 -60.55
CA HIS G 162 2.97 -40.84 -59.96
C HIS G 162 1.79 -39.98 -59.50
N GLY G 163 1.95 -38.67 -59.39
CA GLY G 163 0.81 -37.86 -59.04
C GLY G 163 1.18 -36.42 -58.76
N ILE G 164 0.13 -35.62 -58.55
CA ILE G 164 0.20 -34.21 -58.21
C ILE G 164 -0.59 -34.00 -56.92
N THR G 165 -0.03 -33.24 -55.97
CA THR G 165 -0.77 -32.84 -54.78
C THR G 165 -0.94 -31.33 -54.83
N GLU G 166 -2.17 -30.86 -55.07
CA GLU G 166 -2.42 -29.46 -55.40
C GLU G 166 -3.04 -28.74 -54.20
N GLU G 167 -2.51 -27.54 -53.91
CA GLU G 167 -2.77 -26.86 -52.65
C GLU G 167 -4.10 -26.11 -52.65
N THR G 168 -4.42 -25.40 -53.72
CA THR G 168 -5.33 -24.28 -53.62
C THR G 168 -6.47 -24.37 -54.63
N THR G 169 -7.55 -23.64 -54.31
CA THR G 169 -8.80 -23.68 -55.06
C THR G 169 -8.57 -23.50 -56.55
N THR G 170 -7.79 -22.47 -56.91
CA THR G 170 -7.58 -22.17 -58.32
C THR G 170 -6.86 -23.32 -59.03
N GLY G 171 -5.85 -23.89 -58.37
CA GLY G 171 -5.16 -25.04 -58.96
C GLY G 171 -6.09 -26.22 -59.19
N VAL G 172 -6.93 -26.55 -58.21
CA VAL G 172 -7.88 -27.65 -58.39
C VAL G 172 -8.79 -27.38 -59.58
N HIS G 173 -9.22 -26.14 -59.74
CA HIS G 173 -10.06 -25.80 -60.89
C HIS G 173 -9.37 -26.14 -62.21
N ARG G 174 -8.07 -25.84 -62.32
CA ARG G 174 -7.35 -26.13 -63.55
C ARG G 174 -7.17 -27.63 -63.74
N LEU G 175 -6.87 -28.36 -62.67
CA LEU G 175 -6.82 -29.83 -62.76
C LEU G 175 -8.14 -30.40 -63.26
N LEU G 176 -9.25 -29.86 -62.76
CA LEU G 176 -10.56 -30.40 -63.13
C LEU G 176 -10.87 -30.14 -64.59
N ASP G 177 -10.48 -28.97 -65.10
CA ASP G 177 -10.65 -28.72 -66.53
C ASP G 177 -9.84 -29.68 -67.37
N MET G 178 -8.59 -29.95 -66.96
CA MET G 178 -7.75 -30.86 -67.74
C MET G 178 -8.31 -32.27 -67.73
N LEU G 179 -8.72 -32.74 -66.55
CA LEU G 179 -9.34 -34.07 -66.47
C LEU G 179 -10.56 -34.15 -67.38
N LYS G 180 -11.40 -33.12 -67.36
CA LYS G 180 -12.58 -33.10 -68.23
C LYS G 180 -12.19 -33.12 -69.70
N ASN G 181 -11.11 -32.41 -70.05
CA ASN G 181 -10.64 -32.36 -71.43
C ASN G 181 -9.82 -33.59 -71.82
N GLY G 182 -9.54 -34.47 -70.87
CA GLY G 182 -8.68 -35.60 -71.16
C GLY G 182 -7.22 -35.26 -71.32
N THR G 183 -6.79 -34.09 -70.84
CA THR G 183 -5.40 -33.67 -70.97
C THR G 183 -4.60 -33.82 -69.68
N LEU G 184 -5.24 -34.22 -68.58
CA LEU G 184 -4.49 -34.48 -67.35
C LEU G 184 -3.74 -35.80 -67.50
N LYS G 185 -2.42 -35.77 -67.31
CA LYS G 185 -1.61 -36.94 -67.58
C LYS G 185 -1.40 -37.86 -66.38
N VAL G 186 -1.61 -37.35 -65.16
CA VAL G 186 -1.34 -38.11 -63.94
C VAL G 186 -2.41 -37.78 -62.90
N PRO G 187 -2.68 -38.72 -62.01
CA PRO G 187 -3.70 -38.48 -60.98
C PRO G 187 -3.27 -37.38 -60.02
N ALA G 188 -4.25 -36.82 -59.31
CA ALA G 188 -4.01 -35.71 -58.41
C ALA G 188 -4.76 -35.89 -57.10
N ILE G 189 -4.20 -35.33 -56.03
CA ILE G 189 -4.94 -35.19 -54.78
C ILE G 189 -5.29 -33.71 -54.60
N ASN G 190 -6.57 -33.45 -54.42
CA ASN G 190 -7.11 -32.13 -54.12
C ASN G 190 -6.87 -31.89 -52.63
N VAL G 191 -5.71 -31.31 -52.31
CA VAL G 191 -5.42 -31.02 -50.90
C VAL G 191 -6.32 -29.91 -50.40
N ASN G 192 -6.76 -29.01 -51.27
CA ASN G 192 -7.51 -27.83 -50.83
C ASN G 192 -8.76 -28.20 -50.06
N ASP G 193 -9.45 -29.25 -50.48
CA ASP G 193 -10.79 -29.52 -49.97
C ASP G 193 -10.81 -30.52 -48.82
N SER G 194 -9.66 -30.82 -48.21
CA SER G 194 -9.66 -31.29 -46.84
C SER G 194 -10.18 -30.18 -45.92
N VAL G 195 -10.99 -30.55 -44.93
CA VAL G 195 -11.57 -29.53 -44.05
C VAL G 195 -10.48 -28.83 -43.26
N THR G 196 -9.48 -29.59 -42.80
CA THR G 196 -8.30 -29.02 -42.15
C THR G 196 -7.44 -28.22 -43.09
N LYS G 197 -7.85 -28.07 -44.36
CA LYS G 197 -7.21 -27.12 -45.27
C LYS G 197 -8.17 -26.01 -45.62
N SER G 198 -9.24 -26.27 -46.38
CA SER G 198 -10.10 -25.21 -46.88
C SER G 198 -10.73 -24.40 -45.74
N LYS G 199 -11.32 -25.08 -44.76
CA LYS G 199 -12.00 -24.42 -43.65
C LYS G 199 -11.05 -24.02 -42.53
N ASN G 200 -9.75 -23.93 -42.82
CA ASN G 200 -8.71 -23.56 -41.87
C ASN G 200 -7.81 -22.52 -42.52
N ASP G 201 -6.99 -23.00 -43.46
CA ASP G 201 -6.14 -22.17 -44.32
C ASP G 201 -6.93 -21.05 -44.99
N ASN G 202 -7.86 -21.41 -45.88
CA ASN G 202 -8.47 -20.40 -46.74
C ASN G 202 -9.27 -19.38 -45.93
N LYS G 203 -9.94 -19.82 -44.86
CA LYS G 203 -10.79 -18.91 -44.07
C LYS G 203 -9.98 -18.25 -42.96
N TYR G 204 -9.59 -19.02 -41.95
CA TYR G 204 -8.91 -18.42 -40.79
C TYR G 204 -7.56 -17.83 -41.14
N GLY G 205 -6.85 -18.43 -42.10
CA GLY G 205 -5.56 -17.88 -42.50
C GLY G 205 -5.68 -16.45 -42.99
N CYS G 206 -6.69 -16.18 -43.83
CA CYS G 206 -6.89 -14.82 -44.32
C CYS G 206 -7.41 -13.90 -43.22
N ARG G 207 -8.17 -14.45 -42.28
CA ARG G 207 -8.58 -13.66 -41.12
C ARG G 207 -7.37 -13.18 -40.34
N HIS G 208 -6.37 -14.04 -40.17
CA HIS G 208 -5.13 -13.61 -39.52
C HIS G 208 -4.36 -12.64 -40.40
N SER G 209 -4.16 -12.98 -41.67
CA SER G 209 -3.13 -12.31 -42.46
C SER G 209 -3.63 -11.16 -43.33
N LEU G 210 -4.94 -10.99 -43.56
CA LEU G 210 -5.35 -9.90 -44.44
C LEU G 210 -5.16 -8.54 -43.77
N ASN G 211 -5.71 -8.34 -42.56
CA ASN G 211 -5.51 -7.04 -41.93
CA ASN G 211 -5.52 -7.06 -41.89
C ASN G 211 -4.06 -6.85 -41.52
N ASP G 212 -3.34 -7.95 -41.26
CA ASP G 212 -1.89 -7.91 -41.04
C ASP G 212 -1.19 -7.22 -42.22
N ALA G 213 -1.45 -7.69 -43.44
CA ALA G 213 -0.78 -7.12 -44.62
C ALA G 213 -1.16 -5.65 -44.82
N ILE G 214 -2.43 -5.30 -44.62
CA ILE G 214 -2.86 -3.92 -44.81
C ILE G 214 -2.18 -3.00 -43.81
N LYS G 215 -2.05 -3.45 -42.55
CA LYS G 215 -1.35 -2.65 -41.56
C LYS G 215 0.12 -2.48 -41.91
N ARG G 216 0.77 -3.54 -42.38
CA ARG G 216 2.19 -3.42 -42.71
C ARG G 216 2.38 -2.56 -43.96
N GLY G 217 1.46 -2.62 -44.91
CA GLY G 217 1.60 -1.84 -46.13
C GLY G 217 1.33 -0.35 -45.94
N THR G 218 0.25 -0.03 -45.23
CA THR G 218 -0.24 1.34 -45.11
C THR G 218 -0.23 1.89 -43.69
N ASP G 219 -0.26 1.02 -42.67
CA ASP G 219 -0.46 1.45 -41.28
C ASP G 219 -1.74 2.30 -41.14
N HIS G 220 -2.73 2.03 -41.99
CA HIS G 220 -4.01 2.75 -41.91
C HIS G 220 -4.85 2.22 -40.76
N LEU G 221 -5.42 3.13 -39.98
CA LEU G 221 -6.52 2.76 -39.12
C LEU G 221 -7.63 2.16 -39.96
N LEU G 222 -8.24 1.09 -39.47
CA LEU G 222 -9.34 0.47 -40.17
C LEU G 222 -10.68 0.65 -39.47
N SER G 223 -10.69 0.74 -38.14
CA SER G 223 -11.92 1.01 -37.39
C SER G 223 -12.65 2.24 -37.91
N GLY G 224 -13.95 2.10 -38.13
CA GLY G 224 -14.79 3.21 -38.54
C GLY G 224 -14.80 3.50 -40.03
N LYS G 225 -14.00 2.79 -40.82
CA LYS G 225 -13.93 3.03 -42.25
C LYS G 225 -14.73 1.98 -43.03
N GLN G 226 -14.95 2.28 -44.30
CA GLN G 226 -15.82 1.48 -45.16
C GLN G 226 -14.98 0.53 -46.00
N ALA G 227 -15.40 -0.73 -46.06
CA ALA G 227 -14.72 -1.73 -46.88
C ALA G 227 -15.72 -2.46 -47.75
N LEU G 228 -15.26 -2.87 -48.94
CA LEU G 228 -16.03 -3.72 -49.81
C LEU G 228 -15.22 -4.97 -50.13
N VAL G 229 -15.74 -6.13 -49.78
CA VAL G 229 -15.07 -7.40 -50.07
C VAL G 229 -15.79 -8.05 -51.24
N ILE G 230 -15.08 -8.28 -52.33
CA ILE G 230 -15.67 -8.94 -53.49
C ILE G 230 -15.49 -10.44 -53.27
N GLY G 231 -16.59 -11.12 -53.00
CA GLY G 231 -16.52 -12.55 -52.82
C GLY G 231 -16.75 -12.91 -51.37
N TYR G 232 -17.47 -14.02 -51.15
CA TYR G 232 -17.72 -14.52 -49.82
C TYR G 232 -17.61 -16.04 -49.81
N GLY G 233 -16.62 -16.57 -50.53
CA GLY G 233 -16.26 -17.96 -50.37
C GLY G 233 -15.41 -18.11 -49.11
N ASP G 234 -14.56 -19.13 -49.05
CA ASP G 234 -13.78 -19.33 -47.83
C ASP G 234 -12.85 -18.14 -47.57
N VAL G 235 -12.15 -17.69 -48.62
CA VAL G 235 -11.26 -16.54 -48.50
C VAL G 235 -12.05 -15.27 -48.17
N GLY G 236 -13.20 -15.10 -48.83
CA GLY G 236 -14.00 -13.91 -48.60
C GLY G 236 -14.61 -13.88 -47.21
N LYS G 237 -15.07 -15.04 -46.72
CA LYS G 237 -15.53 -15.12 -45.34
C LYS G 237 -14.43 -14.69 -44.38
N GLY G 238 -13.24 -15.29 -44.50
CA GLY G 238 -12.14 -14.95 -43.60
C GLY G 238 -11.68 -13.52 -43.75
N SER G 239 -11.66 -13.00 -44.98
CA SER G 239 -11.24 -11.63 -45.22
C SER G 239 -12.23 -10.63 -44.64
N SER G 240 -13.52 -10.88 -44.84
CA SER G 240 -14.56 -10.04 -44.22
C SER G 240 -14.39 -10.00 -42.72
N GLN G 241 -14.16 -11.16 -42.10
CA GLN G 241 -13.97 -11.20 -40.66
C GLN G 241 -12.70 -10.45 -40.26
N SER G 242 -11.63 -10.61 -41.03
CA SER G 242 -10.38 -9.90 -40.75
C SER G 242 -10.61 -8.39 -40.59
N LEU G 243 -11.50 -7.82 -41.40
CA LEU G 243 -11.74 -6.38 -41.37
C LEU G 243 -12.82 -6.00 -40.37
N ARG G 244 -13.90 -6.78 -40.32
CA ARG G 244 -14.99 -6.51 -39.39
C ARG G 244 -14.50 -6.53 -37.94
N GLN G 245 -13.63 -7.49 -37.60
CA GLN G 245 -13.12 -7.56 -36.23
C GLN G 245 -12.26 -6.36 -35.87
N GLU G 246 -11.72 -5.66 -36.86
CA GLU G 246 -11.00 -4.41 -36.63
C GLU G 246 -11.94 -3.21 -36.48
N GLY G 247 -13.22 -3.38 -36.71
CA GLY G 247 -14.15 -2.27 -36.66
C GLY G 247 -14.45 -1.62 -38.00
N MET G 248 -14.11 -2.27 -39.11
CA MET G 248 -14.53 -1.73 -40.39
C MET G 248 -16.02 -1.94 -40.58
N ILE G 249 -16.63 -1.06 -41.37
CA ILE G 249 -18.01 -1.23 -41.83
C ILE G 249 -17.88 -1.95 -43.17
N VAL G 250 -18.18 -3.24 -43.19
CA VAL G 250 -17.84 -4.11 -44.31
C VAL G 250 -19.09 -4.43 -45.11
N LYS G 251 -19.03 -4.19 -46.41
CA LYS G 251 -20.03 -4.61 -47.38
C LYS G 251 -19.46 -5.74 -48.23
N VAL G 252 -20.33 -6.64 -48.69
CA VAL G 252 -19.91 -7.86 -49.39
C VAL G 252 -20.63 -7.95 -50.73
N ALA G 253 -19.89 -8.31 -51.79
CA ALA G 253 -20.47 -8.62 -53.08
C ALA G 253 -20.35 -10.11 -53.38
N GLU G 254 -21.30 -10.63 -54.16
CA GLU G 254 -21.28 -12.05 -54.51
C GLU G 254 -22.10 -12.27 -55.76
N VAL G 255 -21.77 -13.34 -56.48
CA VAL G 255 -22.65 -13.85 -57.52
C VAL G 255 -23.40 -15.11 -57.08
N ASP G 256 -22.95 -15.77 -55.99
CA ASP G 256 -23.59 -16.97 -55.49
C ASP G 256 -24.60 -16.57 -54.41
N PRO G 257 -25.91 -16.74 -54.64
CA PRO G 257 -26.89 -16.31 -53.64
C PRO G 257 -26.78 -17.05 -52.33
N ILE G 258 -26.23 -18.27 -52.31
CA ILE G 258 -26.09 -18.99 -51.05
C ILE G 258 -25.00 -18.36 -50.20
N CYS G 259 -23.86 -18.04 -50.82
CA CYS G 259 -22.81 -17.34 -50.10
C CYS G 259 -23.28 -15.94 -49.67
N ALA G 260 -24.09 -15.30 -50.51
CA ALA G 260 -24.64 -13.99 -50.15
C ALA G 260 -25.57 -14.12 -48.95
N MET G 261 -26.36 -15.20 -48.89
N MET G 261 -26.37 -15.19 -48.89
CA MET G 261 -27.22 -15.41 -47.73
CA MET G 261 -27.22 -15.40 -47.73
C MET G 261 -26.40 -15.53 -46.46
C MET G 261 -26.38 -15.49 -46.46
N GLN G 262 -25.26 -16.22 -46.53
CA GLN G 262 -24.40 -16.34 -45.35
C GLN G 262 -23.87 -14.98 -44.91
N ALA G 263 -23.51 -14.13 -45.87
CA ALA G 263 -23.03 -12.80 -45.52
C ALA G 263 -24.11 -11.98 -44.85
N CYS G 264 -25.34 -12.06 -45.35
CA CYS G 264 -26.45 -11.39 -44.68
C CYS G 264 -26.59 -11.87 -43.24
N MET G 265 -26.69 -13.19 -43.07
CA MET G 265 -26.87 -13.74 -41.72
C MET G 265 -25.66 -13.48 -40.83
N ASP G 266 -24.47 -13.31 -41.42
CA ASP G 266 -23.30 -12.98 -40.62
C ASP G 266 -23.24 -11.50 -40.26
N GLY G 267 -24.23 -10.72 -40.64
CA GLY G 267 -24.29 -9.33 -40.25
C GLY G 267 -23.67 -8.36 -41.23
N PHE G 268 -23.60 -8.72 -42.51
CA PHE G 268 -23.06 -7.85 -43.55
C PHE G 268 -24.14 -7.39 -44.52
N GLU G 269 -23.97 -6.18 -45.01
CA GLU G 269 -24.79 -5.66 -46.09
C GLU G 269 -24.25 -6.18 -47.42
N VAL G 270 -25.10 -6.81 -48.20
CA VAL G 270 -24.68 -7.39 -49.47
C VAL G 270 -25.02 -6.41 -50.58
N VAL G 271 -24.00 -5.93 -51.30
CA VAL G 271 -24.14 -4.90 -52.32
C VAL G 271 -23.46 -5.37 -53.61
N SER G 272 -23.75 -4.67 -54.70
CA SER G 272 -23.10 -4.91 -55.96
C SER G 272 -22.44 -3.64 -56.48
N PRO G 273 -21.24 -3.72 -57.05
CA PRO G 273 -20.64 -2.52 -57.68
C PRO G 273 -21.45 -2.00 -58.85
N TYR G 274 -22.37 -2.80 -59.38
CA TYR G 274 -23.17 -2.42 -60.53
C TYR G 274 -24.62 -2.27 -60.11
N LYS G 275 -25.29 -1.26 -60.65
CA LYS G 275 -26.70 -1.03 -60.37
C LYS G 275 -27.50 -2.28 -60.70
N ASN G 276 -28.35 -2.70 -59.78
CA ASN G 276 -29.11 -3.94 -59.91
C ASN G 276 -28.22 -5.14 -60.20
N GLY G 277 -26.91 -5.01 -60.00
CA GLY G 277 -25.98 -6.09 -60.23
C GLY G 277 -25.68 -6.39 -61.69
N ILE G 278 -26.04 -5.53 -62.61
CA ILE G 278 -25.85 -5.77 -64.04
C ILE G 278 -24.63 -4.98 -64.49
N ASN G 279 -23.58 -5.70 -64.89
CA ASN G 279 -22.38 -5.12 -65.48
C ASN G 279 -22.61 -5.02 -66.98
N ASP G 280 -22.94 -3.81 -67.46
CA ASP G 280 -23.24 -3.60 -68.86
C ASP G 280 -22.05 -3.06 -69.65
N GLY G 281 -20.86 -3.03 -69.03
CA GLY G 281 -19.67 -2.54 -69.69
C GLY G 281 -19.48 -1.04 -69.67
N THR G 282 -20.47 -0.27 -69.24
CA THR G 282 -20.38 1.18 -69.25
C THR G 282 -20.26 1.72 -67.82
N GLU G 283 -19.77 2.96 -67.74
CA GLU G 283 -19.71 3.62 -66.44
C GLU G 283 -21.09 3.87 -65.88
N ALA G 284 -22.09 3.99 -66.75
CA ALA G 284 -23.46 4.19 -66.30
C ALA G 284 -23.93 3.09 -65.37
N SER G 285 -23.45 1.87 -65.57
CA SER G 285 -23.85 0.76 -64.73
C SER G 285 -23.14 0.75 -63.38
N ILE G 286 -22.11 1.56 -63.20
CA ILE G 286 -21.37 1.58 -61.95
C ILE G 286 -22.16 2.37 -60.90
N ASP G 287 -22.38 1.76 -59.74
CA ASP G 287 -22.99 2.44 -58.61
C ASP G 287 -21.93 3.37 -58.02
N ALA G 288 -21.83 4.55 -58.63
CA ALA G 288 -20.80 5.52 -58.24
C ALA G 288 -21.00 6.03 -56.83
N ALA G 289 -22.25 6.08 -56.37
CA ALA G 289 -22.52 6.51 -55.00
C ALA G 289 -21.93 5.54 -53.99
N LEU G 290 -22.16 4.25 -54.21
CA LEU G 290 -21.59 3.22 -53.32
C LEU G 290 -20.07 3.27 -53.34
N LEU G 291 -19.48 3.22 -54.53
CA LEU G 291 -18.02 3.13 -54.60
C LEU G 291 -17.34 4.41 -54.15
N GLY G 292 -18.02 5.56 -54.28
CA GLY G 292 -17.46 6.78 -53.74
C GLY G 292 -17.35 6.82 -52.23
N LYS G 293 -17.89 5.83 -51.54
CA LYS G 293 -17.84 5.73 -50.08
C LYS G 293 -16.83 4.71 -49.58
N ILE G 294 -16.17 3.96 -50.47
CA ILE G 294 -15.39 2.78 -50.08
C ILE G 294 -13.94 3.17 -49.82
N ASP G 295 -13.47 2.92 -48.60
CA ASP G 295 -12.07 3.19 -48.26
C ASP G 295 -11.13 2.04 -48.63
N LEU G 296 -11.66 0.84 -48.84
CA LEU G 296 -10.82 -0.33 -49.04
C LEU G 296 -11.62 -1.37 -49.79
N ILE G 297 -11.04 -1.94 -50.85
CA ILE G 297 -11.68 -2.99 -51.61
C ILE G 297 -10.74 -4.18 -51.71
N VAL G 298 -11.27 -5.39 -51.50
CA VAL G 298 -10.49 -6.61 -51.46
C VAL G 298 -11.16 -7.66 -52.34
N THR G 299 -10.41 -8.23 -53.28
CA THR G 299 -10.92 -9.29 -54.15
C THR G 299 -10.49 -10.66 -53.62
N THR G 300 -11.44 -11.60 -53.59
CA THR G 300 -11.25 -12.92 -52.98
C THR G 300 -11.80 -14.04 -53.86
N THR G 301 -12.06 -13.77 -55.14
CA THR G 301 -12.95 -14.61 -55.92
C THR G 301 -12.26 -15.72 -56.69
N GLY G 302 -11.01 -15.52 -57.10
CA GLY G 302 -10.44 -16.44 -58.07
C GLY G 302 -10.99 -16.27 -59.47
N ASN G 303 -11.80 -15.24 -59.68
CA ASN G 303 -12.39 -14.93 -60.97
C ASN G 303 -11.53 -13.86 -61.65
N VAL G 304 -11.97 -13.39 -62.80
CA VAL G 304 -11.20 -12.43 -63.58
C VAL G 304 -11.93 -11.09 -63.58
N ASN G 305 -11.17 -10.02 -63.35
CA ASN G 305 -11.66 -8.65 -63.52
C ASN G 305 -12.93 -8.39 -62.70
N VAL G 306 -12.87 -8.73 -61.40
CA VAL G 306 -13.99 -8.44 -60.49
C VAL G 306 -13.85 -7.08 -59.84
N CYS G 307 -12.71 -6.41 -59.99
CA CYS G 307 -12.53 -4.99 -59.69
C CYS G 307 -12.02 -4.37 -61.01
N ASP G 308 -12.95 -3.88 -61.83
CA ASP G 308 -12.61 -3.52 -63.20
C ASP G 308 -12.22 -2.04 -63.30
N ALA G 309 -11.92 -1.61 -64.53
CA ALA G 309 -11.44 -0.25 -64.76
C ALA G 309 -12.46 0.79 -64.31
N ASN G 310 -13.74 0.58 -64.65
CA ASN G 310 -14.77 1.54 -64.27
C ASN G 310 -14.95 1.61 -62.76
N MET G 311 -14.82 0.47 -62.08
CA MET G 311 -14.86 0.50 -60.62
C MET G 311 -13.70 1.30 -60.07
N LEU G 312 -12.50 1.11 -60.64
CA LEU G 312 -11.32 1.84 -60.17
C LEU G 312 -11.48 3.34 -60.35
N LYS G 313 -12.10 3.75 -61.47
CA LYS G 313 -12.32 5.17 -61.70
C LYS G 313 -13.33 5.76 -60.73
N ALA G 314 -14.23 4.95 -60.18
CA ALA G 314 -15.29 5.46 -59.33
C ALA G 314 -14.94 5.39 -57.85
N LEU G 315 -13.86 4.72 -57.46
CA LEU G 315 -13.55 4.58 -56.04
C LEU G 315 -13.32 5.94 -55.39
N LYS G 316 -13.61 6.00 -54.10
CA LYS G 316 -13.28 7.16 -53.30
C LYS G 316 -11.79 7.44 -53.36
N LYS G 317 -11.43 8.72 -53.48
CA LYS G 317 -10.02 9.10 -53.46
C LYS G 317 -9.31 8.49 -52.27
N ARG G 318 -8.08 8.05 -52.49
CA ARG G 318 -7.16 7.49 -51.49
C ARG G 318 -7.57 6.11 -50.98
N ALA G 319 -8.53 5.46 -51.63
CA ALA G 319 -8.91 4.11 -51.25
C ALA G 319 -7.75 3.13 -51.45
N VAL G 320 -7.73 2.10 -50.63
CA VAL G 320 -6.75 1.02 -50.80
C VAL G 320 -7.39 -0.07 -51.65
N VAL G 321 -6.61 -0.58 -52.61
CA VAL G 321 -7.01 -1.65 -53.52
C VAL G 321 -6.06 -2.82 -53.33
N CYS G 322 -6.60 -4.01 -53.10
CA CYS G 322 -5.73 -5.18 -52.99
C CYS G 322 -6.48 -6.47 -53.33
N ASN G 323 -5.70 -7.52 -53.58
CA ASN G 323 -6.21 -8.82 -53.97
C ASN G 323 -5.60 -9.91 -53.09
N ILE G 324 -6.44 -10.82 -52.63
CA ILE G 324 -6.00 -11.97 -51.84
C ILE G 324 -6.38 -13.27 -52.52
N GLY G 325 -6.91 -13.21 -53.76
CA GLY G 325 -7.05 -14.38 -54.59
C GLY G 325 -5.72 -14.76 -55.19
N HIS G 326 -5.70 -15.89 -55.91
CA HIS G 326 -4.41 -16.45 -56.29
C HIS G 326 -3.72 -15.63 -57.38
N PHE G 327 -4.46 -15.08 -58.33
CA PHE G 327 -3.86 -14.38 -59.45
C PHE G 327 -4.25 -12.92 -59.43
N ASP G 328 -3.39 -12.07 -60.03
CA ASP G 328 -3.57 -10.62 -60.01
C ASP G 328 -4.53 -10.12 -61.09
N ASN G 329 -5.09 -10.99 -61.93
CA ASN G 329 -6.08 -10.53 -62.88
C ASN G 329 -7.46 -10.31 -62.25
N GLU G 330 -7.60 -10.51 -60.93
CA GLU G 330 -8.86 -10.15 -60.27
C GLU G 330 -9.12 -8.64 -60.36
N ILE G 331 -8.05 -7.85 -60.37
CA ILE G 331 -8.11 -6.40 -60.49
C ILE G 331 -7.59 -6.03 -61.87
N ASP G 332 -8.22 -5.03 -62.51
CA ASP G 332 -7.75 -4.56 -63.81
C ASP G 332 -6.54 -3.66 -63.61
N THR G 333 -5.43 -4.27 -63.16
CA THR G 333 -4.21 -3.50 -62.97
C THR G 333 -3.59 -3.13 -64.30
N ALA G 334 -3.82 -3.93 -65.36
CA ALA G 334 -3.31 -3.58 -66.68
C ALA G 334 -3.86 -2.22 -67.12
N PHE G 335 -5.13 -1.96 -66.85
CA PHE G 335 -5.70 -0.65 -67.18
C PHE G 335 -4.99 0.46 -66.40
N MET G 336 -4.67 0.21 -65.14
CA MET G 336 -3.98 1.22 -64.35
C MET G 336 -2.58 1.46 -64.85
N ARG G 337 -1.91 0.43 -65.41
CA ARG G 337 -0.58 0.62 -65.96
C ARG G 337 -0.62 1.45 -67.24
N LYS G 338 -1.69 1.32 -68.03
CA LYS G 338 -1.76 2.02 -69.31
C LYS G 338 -2.08 3.50 -69.16
N ASN G 339 -2.84 3.88 -68.13
CA ASN G 339 -3.45 5.21 -68.06
C ASN G 339 -3.00 6.08 -66.89
N TRP G 340 -2.45 5.51 -65.83
CA TRP G 340 -2.24 6.24 -64.59
C TRP G 340 -0.79 6.15 -64.14
N ALA G 341 -0.33 7.20 -63.46
CA ALA G 341 1.05 7.31 -63.03
C ALA G 341 1.25 6.59 -61.70
N TRP G 342 2.16 5.62 -61.68
CA TRP G 342 2.44 4.84 -60.48
C TRP G 342 3.61 5.46 -59.72
N GLU G 343 3.41 5.67 -58.42
CA GLU G 343 4.43 6.19 -57.52
C GLU G 343 4.67 5.14 -56.44
N GLU G 344 5.89 4.62 -56.37
CA GLU G 344 6.23 3.65 -55.34
C GLU G 344 6.40 4.37 -54.02
N VAL G 345 5.60 4.00 -53.02
CA VAL G 345 5.83 4.44 -51.65
C VAL G 345 7.00 3.66 -51.03
N LYS G 346 6.86 2.35 -51.02
CA LYS G 346 7.90 1.42 -50.61
C LYS G 346 7.63 0.11 -51.32
N PRO G 347 8.53 -0.86 -51.23
CA PRO G 347 8.30 -2.12 -51.94
C PRO G 347 6.90 -2.68 -51.68
N GLN G 348 6.21 -3.03 -52.76
CA GLN G 348 4.87 -3.61 -52.75
C GLN G 348 3.81 -2.63 -52.24
N VAL G 349 4.09 -1.34 -52.24
CA VAL G 349 3.09 -0.31 -51.95
C VAL G 349 3.24 0.79 -52.99
N HIS G 350 2.23 0.97 -53.83
CA HIS G 350 2.24 1.98 -54.88
C HIS G 350 1.04 2.91 -54.75
N LYS G 351 1.27 4.19 -55.03
CA LYS G 351 0.19 5.15 -55.21
C LYS G 351 -0.06 5.30 -56.71
N ILE G 352 -1.32 5.17 -57.11
CA ILE G 352 -1.69 5.20 -58.52
C ILE G 352 -2.54 6.44 -58.74
N HIS G 353 -1.96 7.42 -59.44
CA HIS G 353 -2.54 8.76 -59.59
C HIS G 353 -3.48 8.80 -60.78
N ARG G 354 -4.77 8.98 -60.52
CA ARG G 354 -5.76 9.02 -61.58
C ARG G 354 -5.79 10.34 -62.32
N THR G 355 -4.77 11.19 -62.17
CA THR G 355 -4.69 12.47 -62.86
C THR G 355 -4.06 12.37 -64.25
N GLY G 356 -3.54 11.21 -64.63
CA GLY G 356 -2.96 11.04 -65.94
C GLY G 356 -1.79 10.08 -65.89
N LYS G 357 -1.24 9.80 -67.07
CA LYS G 357 -0.16 8.84 -67.22
C LYS G 357 1.22 9.47 -67.12
N ASP G 358 1.36 10.73 -67.54
CA ASP G 358 2.66 11.39 -67.66
C ASP G 358 3.00 12.09 -66.35
N GLY G 359 3.74 11.41 -65.50
CA GLY G 359 4.16 11.98 -64.24
C GLY G 359 2.98 12.26 -63.32
N PHE G 360 3.31 12.89 -62.18
CA PHE G 360 2.30 13.19 -61.18
C PHE G 360 2.80 14.31 -60.29
N ASP G 361 1.84 14.99 -59.66
CA ASP G 361 2.16 15.93 -58.59
C ASP G 361 2.34 15.14 -57.29
N ALA G 362 3.43 15.40 -56.58
CA ALA G 362 3.71 14.69 -55.35
C ALA G 362 2.64 14.93 -54.28
N HIS G 363 1.92 16.05 -54.34
CA HIS G 363 0.87 16.37 -53.38
C HIS G 363 -0.53 16.23 -53.99
N ASN G 364 -0.64 15.44 -55.05
CA ASN G 364 -1.95 15.13 -55.62
C ASN G 364 -2.79 14.34 -54.63
N ASP G 365 -4.07 14.70 -54.54
CA ASP G 365 -4.96 14.04 -53.62
C ASP G 365 -5.75 12.91 -54.26
N ASP G 366 -5.80 12.85 -55.59
CA ASP G 366 -6.65 11.87 -56.28
C ASP G 366 -5.78 10.69 -56.70
N TYR G 367 -5.61 9.73 -55.79
CA TYR G 367 -4.86 8.52 -56.07
C TYR G 367 -5.49 7.36 -55.32
N LEU G 368 -5.11 6.15 -55.72
CA LEU G 368 -5.43 4.93 -55.00
C LEU G 368 -4.13 4.30 -54.53
N ILE G 369 -4.21 3.48 -53.50
CA ILE G 369 -3.04 2.78 -52.99
C ILE G 369 -3.23 1.30 -53.31
N LEU G 370 -2.36 0.79 -54.18
CA LEU G 370 -2.37 -0.60 -54.61
C LEU G 370 -1.30 -1.35 -53.85
N LEU G 371 -1.66 -2.48 -53.26
CA LEU G 371 -0.73 -3.29 -52.49
C LEU G 371 -0.28 -4.49 -53.30
N ALA G 372 1.03 -4.80 -53.20
CA ALA G 372 1.63 -5.97 -53.83
C ALA G 372 1.35 -6.02 -55.32
N GLU G 373 1.22 -4.85 -55.95
CA GLU G 373 0.90 -4.73 -57.37
C GLU G 373 -0.27 -5.63 -57.77
N GLY G 374 -1.18 -5.89 -56.82
CA GLY G 374 -2.33 -6.72 -57.08
C GLY G 374 -2.15 -8.21 -56.91
N ARG G 375 -0.93 -8.67 -56.59
CA ARG G 375 -0.66 -10.06 -56.22
C ARG G 375 -1.19 -10.34 -54.81
N LEU G 376 -1.24 -11.65 -54.46
CA LEU G 376 -1.71 -12.07 -53.14
C LEU G 376 -1.18 -11.15 -52.05
N VAL G 377 -2.07 -10.38 -51.42
CA VAL G 377 -1.61 -9.31 -50.54
C VAL G 377 -1.11 -9.83 -49.21
N ASN G 378 -1.70 -10.91 -48.69
CA ASN G 378 -1.25 -11.41 -47.40
C ASN G 378 0.17 -11.91 -47.48
N LEU G 379 0.53 -12.59 -48.57
CA LEU G 379 1.90 -13.06 -48.75
C LEU G 379 2.82 -11.97 -49.30
N GLY G 380 2.27 -11.01 -50.05
CA GLY G 380 3.07 -9.95 -50.65
C GLY G 380 3.48 -8.84 -49.71
N ASN G 381 2.59 -8.43 -48.82
CA ASN G 381 2.87 -7.35 -47.89
C ASN G 381 3.07 -7.81 -46.45
N ALA G 382 2.85 -9.10 -46.18
CA ALA G 382 3.13 -9.66 -44.86
C ALA G 382 3.83 -11.01 -45.02
N THR G 383 3.47 -12.01 -44.20
CA THR G 383 4.08 -13.33 -44.26
C THR G 383 3.06 -14.42 -44.58
N GLY G 384 1.87 -14.05 -45.06
CA GLY G 384 0.83 -15.03 -45.27
C GLY G 384 0.32 -15.61 -43.95
N HIS G 385 -0.19 -16.84 -44.05
CA HIS G 385 -0.83 -17.48 -42.90
C HIS G 385 0.20 -17.85 -41.84
N PRO G 386 -0.22 -17.94 -40.58
CA PRO G 386 0.70 -18.34 -39.52
C PRO G 386 1.02 -19.83 -39.57
N SER G 387 2.16 -20.18 -38.96
CA SER G 387 2.62 -21.56 -38.91
C SER G 387 1.54 -22.51 -38.40
N ARG G 388 0.85 -22.13 -37.31
CA ARG G 388 -0.12 -23.05 -36.71
C ARG G 388 -1.31 -23.33 -37.63
N ILE G 389 -1.61 -22.44 -38.56
CA ILE G 389 -2.66 -22.71 -39.53
C ILE G 389 -2.12 -23.55 -40.68
N MET G 390 -0.95 -23.20 -41.22
CA MET G 390 -0.37 -23.97 -42.32
C MET G 390 -0.03 -25.39 -41.90
N ASP G 391 0.16 -25.64 -40.60
CA ASP G 391 0.36 -26.98 -40.08
C ASP G 391 -0.68 -27.95 -40.65
N GLY G 392 -1.96 -27.55 -40.62
CA GLY G 392 -3.01 -28.42 -41.12
C GLY G 392 -2.90 -28.66 -42.63
N SER G 393 -2.74 -27.58 -43.40
CA SER G 393 -2.60 -27.71 -44.85
C SER G 393 -1.43 -28.62 -45.21
N PHE G 394 -0.30 -28.42 -44.54
CA PHE G 394 0.93 -29.10 -44.92
C PHE G 394 1.01 -30.51 -44.37
N ALA G 395 0.30 -30.81 -43.28
CA ALA G 395 0.12 -32.20 -42.91
C ALA G 395 -0.66 -32.96 -43.98
N ASN G 396 -1.69 -32.31 -44.52
CA ASN G 396 -2.41 -32.89 -45.66
C ASN G 396 -1.49 -33.10 -46.86
N GLN G 397 -0.65 -32.10 -47.17
CA GLN G 397 0.28 -32.26 -48.29
C GLN G 397 1.15 -33.50 -48.12
N VAL G 398 1.71 -33.69 -46.93
CA VAL G 398 2.62 -34.82 -46.73
C VAL G 398 1.88 -36.13 -46.90
N LEU G 399 0.67 -36.24 -46.33
CA LEU G 399 -0.10 -37.47 -46.46
C LEU G 399 -0.47 -37.73 -47.92
N ALA G 400 -0.74 -36.66 -48.68
CA ALA G 400 -1.09 -36.81 -50.08
C ALA G 400 0.11 -37.28 -50.89
N GLN G 401 1.29 -36.73 -50.62
CA GLN G 401 2.51 -37.18 -51.27
C GLN G 401 2.77 -38.66 -50.98
N ILE G 402 2.63 -39.08 -49.72
CA ILE G 402 2.85 -40.49 -49.39
C ILE G 402 1.86 -41.39 -50.13
N HIS G 403 0.58 -40.99 -50.19
CA HIS G 403 -0.41 -41.85 -50.82
C HIS G 403 -0.13 -42.02 -52.32
N LEU G 404 0.12 -40.91 -53.02
CA LEU G 404 0.33 -41.01 -54.45
C LEU G 404 1.64 -41.71 -54.79
N PHE G 405 2.71 -41.41 -54.03
CA PHE G 405 4.00 -42.01 -54.33
C PHE G 405 3.97 -43.52 -54.13
N GLU G 406 3.31 -43.99 -53.06
CA GLU G 406 3.23 -45.43 -52.83
C GLU G 406 2.34 -46.13 -53.84
N GLN G 407 1.34 -45.42 -54.39
CA GLN G 407 0.47 -46.02 -55.41
C GLN G 407 1.23 -46.33 -56.69
N LYS G 408 2.24 -45.52 -57.03
CA LYS G 408 3.10 -45.77 -58.19
C LYS G 408 2.31 -45.80 -59.49
N TYR G 409 1.45 -44.80 -59.67
CA TYR G 409 0.56 -44.75 -60.84
C TYR G 409 1.30 -44.98 -62.16
N ALA G 410 2.44 -44.32 -62.33
CA ALA G 410 3.13 -44.36 -63.63
C ALA G 410 3.54 -45.78 -64.01
N ASP G 411 3.79 -46.64 -63.04
CA ASP G 411 4.27 -47.98 -63.34
C ASP G 411 3.17 -49.02 -63.46
N LEU G 412 1.90 -48.61 -63.36
CA LEU G 412 0.80 -49.53 -63.51
C LEU G 412 0.55 -49.81 -64.99
N PRO G 413 -0.07 -50.95 -65.31
CA PRO G 413 -0.63 -51.13 -66.66
C PRO G 413 -1.62 -50.01 -66.95
N ALA G 414 -1.74 -49.66 -68.23
CA ALA G 414 -2.63 -48.57 -68.62
C ALA G 414 -4.09 -48.88 -68.31
N ALA G 415 -4.45 -50.16 -68.29
CA ALA G 415 -5.82 -50.53 -67.92
C ALA G 415 -6.08 -50.27 -66.44
N GLU G 416 -5.05 -50.38 -65.61
CA GLU G 416 -5.18 -49.95 -64.22
C GLU G 416 -5.05 -48.45 -64.08
N LYS G 417 -4.22 -47.81 -64.90
CA LYS G 417 -4.12 -46.36 -64.92
C LYS G 417 -5.48 -45.72 -65.13
N ALA G 418 -6.23 -46.21 -66.13
CA ALA G 418 -7.51 -45.62 -66.43
C ALA G 418 -8.47 -45.64 -65.25
N LYS G 419 -8.29 -46.59 -64.33
CA LYS G 419 -9.14 -46.65 -63.15
C LYS G 419 -8.70 -45.70 -62.05
N ARG G 420 -7.45 -45.23 -62.08
CA ARG G 420 -6.96 -44.35 -61.03
C ARG G 420 -6.62 -42.95 -61.51
N LEU G 421 -6.88 -42.62 -62.78
CA LEU G 421 -6.66 -41.27 -63.29
C LEU G 421 -7.84 -40.40 -62.83
N SER G 422 -7.67 -39.74 -61.69
CA SER G 422 -8.74 -38.95 -61.09
C SER G 422 -8.13 -37.79 -60.30
N VAL G 423 -9.02 -36.93 -59.81
CA VAL G 423 -8.68 -35.90 -58.83
C VAL G 423 -9.52 -36.20 -57.59
N GLU G 424 -8.85 -36.54 -56.49
CA GLU G 424 -9.55 -36.99 -55.28
C GLU G 424 -9.06 -36.21 -54.08
N VAL G 425 -9.82 -36.30 -53.00
CA VAL G 425 -9.44 -35.74 -51.71
C VAL G 425 -9.01 -36.89 -50.80
N LEU G 426 -8.29 -36.53 -49.75
CA LEU G 426 -7.90 -37.50 -48.73
C LEU G 426 -9.13 -38.04 -48.01
N PRO G 427 -9.04 -39.25 -47.45
CA PRO G 427 -10.18 -39.79 -46.69
C PRO G 427 -10.45 -38.96 -45.44
N LYS G 428 -11.72 -38.92 -45.03
CA LYS G 428 -12.11 -38.14 -43.86
C LYS G 428 -11.38 -38.59 -42.60
N LYS G 429 -11.07 -39.88 -42.49
CA LYS G 429 -10.33 -40.38 -41.32
C LYS G 429 -9.00 -39.67 -41.17
N LEU G 430 -8.29 -39.42 -42.28
CA LEU G 430 -7.02 -38.71 -42.21
C LEU G 430 -7.22 -37.22 -41.95
N ASP G 431 -8.26 -36.64 -42.56
CA ASP G 431 -8.69 -35.28 -42.24
C ASP G 431 -8.89 -35.11 -40.73
N GLU G 432 -9.60 -36.07 -40.13
CA GLU G 432 -9.85 -36.04 -38.69
C GLU G 432 -8.55 -36.14 -37.89
N GLU G 433 -7.63 -37.01 -38.34
CA GLU G 433 -6.39 -37.21 -37.59
C GLU G 433 -5.52 -35.96 -37.63
N VAL G 434 -5.50 -35.25 -38.76
CA VAL G 434 -4.83 -33.96 -38.80
C VAL G 434 -5.49 -32.98 -37.81
N ALA G 435 -6.83 -32.96 -37.78
CA ALA G 435 -7.51 -32.02 -36.90
C ALA G 435 -7.21 -32.32 -35.43
N LEU G 436 -7.18 -33.61 -35.06
CA LEU G 436 -6.90 -33.98 -33.69
C LEU G 436 -5.58 -33.41 -33.22
N GLU G 437 -4.56 -33.45 -34.08
CA GLU G 437 -3.25 -32.95 -33.70
C GLU G 437 -3.24 -31.43 -33.57
N MET G 438 -3.99 -30.73 -34.43
CA MET G 438 -4.08 -29.28 -34.31
C MET G 438 -4.75 -28.88 -33.01
N VAL G 439 -5.90 -29.52 -32.69
CA VAL G 439 -6.60 -29.26 -31.44
C VAL G 439 -5.69 -29.48 -30.25
N LYS G 440 -4.98 -30.61 -30.25
CA LYS G 440 -4.01 -30.88 -29.19
C LYS G 440 -2.96 -29.79 -29.09
N GLY G 441 -2.58 -29.17 -30.20
CA GLY G 441 -1.64 -28.08 -30.15
C GLY G 441 -2.15 -26.87 -29.39
N PHE G 442 -3.48 -26.70 -29.35
CA PHE G 442 -4.06 -25.60 -28.58
C PHE G 442 -4.28 -25.95 -27.12
N GLY G 443 -4.03 -27.18 -26.72
CA GLY G 443 -4.39 -27.65 -25.40
C GLY G 443 -5.81 -28.14 -25.30
N GLY G 444 -6.52 -28.24 -26.43
CA GLY G 444 -7.87 -28.76 -26.40
C GLY G 444 -7.90 -30.25 -26.10
N VAL G 445 -9.03 -30.69 -25.56
CA VAL G 445 -9.26 -32.10 -25.25
C VAL G 445 -10.50 -32.54 -26.00
N VAL G 446 -10.33 -33.44 -26.95
CA VAL G 446 -11.44 -34.08 -27.64
C VAL G 446 -11.98 -35.19 -26.76
N THR G 447 -13.31 -35.29 -26.68
CA THR G 447 -13.97 -36.31 -25.89
C THR G 447 -14.12 -37.59 -26.70
N GLN G 448 -14.05 -38.73 -26.01
CA GLN G 448 -14.19 -40.02 -26.67
C GLN G 448 -15.60 -40.56 -26.47
N LEU G 449 -16.27 -40.88 -27.57
CA LEU G 449 -17.59 -41.48 -27.49
C LEU G 449 -17.56 -42.80 -26.72
N THR G 450 -18.62 -43.07 -25.97
CA THR G 450 -18.78 -44.38 -25.42
C THR G 450 -19.20 -45.32 -26.54
N PRO G 451 -18.99 -46.63 -26.38
CA PRO G 451 -19.51 -47.58 -27.38
C PRO G 451 -20.99 -47.38 -27.66
N LYS G 452 -21.79 -47.14 -26.63
CA LYS G 452 -23.22 -46.97 -26.85
C LYS G 452 -23.52 -45.65 -27.54
N GLN G 453 -22.79 -44.58 -27.18
CA GLN G 453 -22.96 -43.31 -27.89
C GLN G 453 -22.58 -43.46 -29.36
N ALA G 454 -21.47 -44.16 -29.63
CA ALA G 454 -21.09 -44.40 -31.02
C ALA G 454 -22.16 -45.21 -31.74
N GLU G 455 -22.67 -46.26 -31.10
CA GLU G 455 -23.76 -47.03 -31.67
C GLU G 455 -24.96 -46.14 -31.97
N TYR G 456 -25.28 -45.24 -31.04
CA TYR G 456 -26.51 -44.45 -31.13
C TYR G 456 -26.49 -43.53 -32.35
N ILE G 457 -25.35 -42.93 -32.68
CA ILE G 457 -25.28 -42.05 -33.84
C ILE G 457 -24.72 -42.75 -35.06
N GLY G 458 -24.36 -44.03 -34.94
CA GLY G 458 -23.98 -44.80 -36.12
C GLY G 458 -22.58 -44.55 -36.65
N VAL G 459 -21.61 -44.35 -35.75
CA VAL G 459 -20.22 -44.19 -36.12
C VAL G 459 -19.39 -45.15 -35.29
N SER G 460 -18.16 -45.38 -35.74
CA SER G 460 -17.16 -46.03 -34.91
C SER G 460 -16.61 -45.05 -33.87
N VAL G 461 -16.21 -45.59 -32.71
CA VAL G 461 -15.58 -44.77 -31.68
C VAL G 461 -14.35 -44.07 -32.25
N GLU G 462 -13.64 -44.72 -33.17
CA GLU G 462 -12.48 -44.13 -33.83
C GLU G 462 -12.82 -43.15 -34.93
N GLY G 463 -14.10 -43.03 -35.29
CA GLY G 463 -14.47 -42.27 -36.47
C GLY G 463 -14.31 -43.08 -37.74
N PRO G 464 -14.61 -42.49 -38.90
CA PRO G 464 -15.04 -41.10 -39.17
C PRO G 464 -16.37 -40.74 -38.49
N PHE G 465 -16.49 -39.49 -38.06
CA PHE G 465 -17.63 -39.09 -37.23
C PHE G 465 -18.78 -38.49 -38.02
N LYS G 466 -18.58 -38.19 -39.30
CA LYS G 466 -19.58 -37.57 -40.16
C LYS G 466 -19.62 -38.29 -41.50
N PRO G 467 -20.76 -38.28 -42.17
CA PRO G 467 -20.80 -38.76 -43.55
C PRO G 467 -20.02 -37.83 -44.47
N ASP G 468 -19.61 -38.36 -45.62
CA ASP G 468 -18.84 -37.58 -46.57
C ASP G 468 -19.60 -36.37 -47.10
N THR G 469 -20.93 -36.38 -47.01
CA THR G 469 -21.72 -35.22 -47.42
C THR G 469 -21.72 -34.08 -46.40
N TYR G 470 -21.13 -34.27 -45.22
CA TYR G 470 -21.19 -33.24 -44.18
C TYR G 470 -20.36 -32.02 -44.57
N ARG G 471 -20.92 -30.83 -44.36
CA ARG G 471 -20.31 -29.58 -44.79
C ARG G 471 -19.58 -28.83 -43.69
N TYR G 472 -19.76 -29.24 -42.43
CA TYR G 472 -19.18 -28.54 -41.27
C TYR G 472 -19.54 -27.04 -41.29
N GLY H 12 23.77 22.76 -45.96
CA GLY H 12 24.68 23.09 -44.88
C GLY H 12 24.18 22.67 -43.49
N PHE H 13 23.05 21.99 -43.45
CA PHE H 13 22.46 21.57 -42.18
C PHE H 13 23.10 20.28 -41.70
N THR H 14 23.75 20.34 -40.53
CA THR H 14 24.33 19.17 -39.90
C THR H 14 23.85 18.99 -38.45
N ASP H 15 22.89 19.79 -38.01
CA ASP H 15 22.43 19.79 -36.61
C ASP H 15 21.41 18.67 -36.38
N TYR H 16 21.87 17.44 -36.57
CA TYR H 16 20.99 16.29 -36.43
C TYR H 16 21.84 15.03 -36.31
N LYS H 17 21.18 13.94 -35.90
CA LYS H 17 21.82 12.63 -35.86
C LYS H 17 20.73 11.60 -36.07
N VAL H 18 20.80 10.86 -37.18
CA VAL H 18 19.80 9.86 -37.53
C VAL H 18 20.51 8.65 -38.12
N ALA H 19 19.73 7.58 -38.31
CA ALA H 19 20.33 6.32 -38.77
C ALA H 19 20.82 6.43 -40.21
N ASP H 20 20.03 7.03 -41.10
CA ASP H 20 20.37 7.08 -42.52
C ASP H 20 19.55 8.20 -43.16
N ILE H 21 20.22 9.30 -43.52
CA ILE H 21 19.53 10.42 -44.11
C ILE H 21 18.95 10.09 -45.49
N THR H 22 19.47 9.06 -46.17
CA THR H 22 18.95 8.74 -47.50
C THR H 22 17.56 8.11 -47.45
N LEU H 23 16.98 7.91 -46.27
CA LEU H 23 15.61 7.45 -46.12
C LEU H 23 14.61 8.58 -46.10
N ALA H 24 15.05 9.83 -46.32
CA ALA H 24 14.16 10.97 -46.20
C ALA H 24 13.05 10.95 -47.24
N ALA H 25 13.41 10.63 -48.50
CA ALA H 25 12.42 10.63 -49.57
C ALA H 25 11.31 9.64 -49.29
N TRP H 26 11.66 8.46 -48.78
CA TRP H 26 10.64 7.50 -48.35
C TRP H 26 9.82 8.06 -47.19
N GLY H 27 10.50 8.62 -46.19
CA GLY H 27 9.78 9.24 -45.08
C GLY H 27 8.86 10.37 -45.53
N ARG H 28 9.31 11.16 -46.51
CA ARG H 28 8.47 12.24 -47.02
C ARG H 28 7.19 11.70 -47.65
N ARG H 29 7.30 10.63 -48.46
CA ARG H 29 6.12 10.00 -49.03
C ARG H 29 5.13 9.56 -47.97
N GLU H 30 5.63 9.02 -46.84
CA GLU H 30 4.72 8.55 -45.80
C GLU H 30 4.12 9.70 -44.98
N LEU H 31 4.84 10.83 -44.87
CA LEU H 31 4.25 12.01 -44.23
C LEU H 31 3.09 12.56 -45.05
N ILE H 32 3.27 12.64 -46.38
CA ILE H 32 2.21 13.13 -47.25
C ILE H 32 0.96 12.27 -47.13
N ILE H 33 1.15 10.95 -46.99
CA ILE H 33 0.01 10.07 -46.75
C ILE H 33 -0.57 10.30 -45.36
N ALA H 34 0.29 10.42 -44.34
CA ALA H 34 -0.20 10.64 -42.98
C ALA H 34 -1.02 11.93 -42.88
N GLU H 35 -0.61 12.98 -43.59
CA GLU H 35 -1.38 14.24 -43.57
C GLU H 35 -2.83 14.02 -43.97
N SER H 36 -3.08 13.18 -44.97
CA SER H 36 -4.44 12.89 -45.40
C SER H 36 -5.21 12.05 -44.38
N GLU H 37 -4.53 11.43 -43.41
CA GLU H 37 -5.17 10.65 -42.36
C GLU H 37 -5.32 11.42 -41.04
N MET H 38 -4.94 12.70 -40.99
CA MET H 38 -4.96 13.46 -39.74
C MET H 38 -5.70 14.78 -39.95
N PRO H 39 -7.03 14.73 -40.11
CA PRO H 39 -7.79 15.95 -40.41
C PRO H 39 -7.85 16.95 -39.26
N ALA H 40 -7.90 16.50 -38.00
CA ALA H 40 -7.93 17.46 -36.89
C ALA H 40 -6.63 18.23 -36.82
N LEU H 41 -5.51 17.52 -36.97
CA LEU H 41 -4.20 18.16 -36.90
C LEU H 41 -3.98 19.10 -38.08
N MET H 42 -4.19 18.60 -39.30
CA MET H 42 -3.99 19.43 -40.47
C MET H 42 -4.98 20.59 -40.50
N GLY H 43 -6.17 20.38 -39.92
CA GLY H 43 -7.12 21.49 -39.80
C GLY H 43 -6.56 22.64 -38.98
N LEU H 44 -5.92 22.31 -37.86
CA LEU H 44 -5.25 23.32 -37.05
C LEU H 44 -4.09 23.95 -37.80
N ARG H 45 -3.32 23.13 -38.54
CA ARG H 45 -2.25 23.69 -39.35
C ARG H 45 -2.79 24.73 -40.33
N ARG H 46 -3.96 24.47 -40.93
CA ARG H 46 -4.51 25.39 -41.91
C ARG H 46 -5.20 26.57 -41.25
N LYS H 47 -5.93 26.33 -40.16
CA LYS H 47 -6.66 27.40 -39.49
C LYS H 47 -5.71 28.45 -38.91
N TYR H 48 -4.68 28.01 -38.23
CA TYR H 48 -3.78 28.91 -37.51
C TYR H 48 -2.61 29.40 -38.36
N ALA H 49 -2.48 28.93 -39.60
CA ALA H 49 -1.34 29.32 -40.42
C ALA H 49 -1.26 30.84 -40.58
N GLY H 50 -2.41 31.49 -40.76
CA GLY H 50 -2.40 32.93 -40.97
C GLY H 50 -1.95 33.70 -39.74
N GLN H 51 -2.31 33.22 -38.55
CA GLN H 51 -1.98 33.95 -37.33
C GLN H 51 -0.56 33.70 -36.86
N GLN H 52 0.01 32.55 -37.20
CA GLN H 52 1.31 32.14 -36.66
C GLN H 52 1.33 32.26 -35.13
N PRO H 53 0.46 31.52 -34.43
CA PRO H 53 0.39 31.71 -32.97
C PRO H 53 1.62 31.21 -32.23
N LEU H 54 2.48 30.41 -32.86
CA LEU H 54 3.68 29.91 -32.24
C LEU H 54 4.94 30.62 -32.71
N LYS H 55 4.80 31.78 -33.36
CA LYS H 55 5.96 32.58 -33.70
C LYS H 55 6.70 33.00 -32.43
N GLY H 56 8.00 32.73 -32.39
CA GLY H 56 8.80 32.99 -31.20
C GLY H 56 8.90 31.81 -30.25
N ALA H 57 8.10 30.76 -30.46
CA ALA H 57 8.17 29.59 -29.59
C ALA H 57 9.38 28.74 -29.98
N LYS H 58 10.11 28.30 -28.97
CA LYS H 58 11.24 27.39 -29.15
C LYS H 58 11.00 26.16 -28.28
N ILE H 59 10.64 25.06 -28.93
CA ILE H 59 10.02 23.91 -28.28
C ILE H 59 11.02 22.77 -28.16
N LEU H 60 11.23 22.32 -26.92
CA LEU H 60 11.95 21.09 -26.62
C LEU H 60 10.96 19.92 -26.72
N GLY H 61 11.16 19.05 -27.72
CA GLY H 61 10.25 17.95 -27.98
C GLY H 61 10.92 16.62 -27.69
N CYS H 62 10.19 15.76 -26.96
CA CYS H 62 10.64 14.40 -26.66
C CYS H 62 9.43 13.47 -26.76
N ILE H 63 9.28 12.82 -27.90
CA ILE H 63 8.19 11.86 -28.13
C ILE H 63 8.57 11.01 -29.33
N HIS H 64 8.21 9.72 -29.26
CA HIS H 64 8.45 8.71 -30.30
C HIS H 64 8.55 9.27 -31.71
N MET H 65 9.74 9.21 -32.32
CA MET H 65 9.99 9.84 -33.62
C MET H 65 9.43 8.96 -34.74
N THR H 66 8.11 8.93 -34.81
CA THR H 66 7.34 8.24 -35.83
C THR H 66 6.91 9.20 -36.94
N ILE H 67 6.32 8.61 -37.99
CA ILE H 67 5.70 9.42 -39.03
C ILE H 67 4.65 10.33 -38.43
N GLN H 68 3.87 9.83 -37.45
CA GLN H 68 2.81 10.61 -36.85
C GLN H 68 3.36 11.81 -36.08
N THR H 69 4.45 11.61 -35.36
CA THR H 69 5.14 12.71 -34.70
C THR H 69 5.65 13.72 -35.72
N GLY H 70 6.13 13.25 -36.87
CA GLY H 70 6.62 14.14 -37.89
C GLY H 70 5.57 15.12 -38.37
N VAL H 71 4.32 14.68 -38.52
CA VAL H 71 3.25 15.60 -38.89
C VAL H 71 2.98 16.58 -37.74
N LEU H 72 3.09 16.11 -36.51
CA LEU H 72 2.99 17.01 -35.35
C LEU H 72 4.08 18.05 -35.39
N ILE H 73 5.32 17.62 -35.63
CA ILE H 73 6.46 18.54 -35.63
C ILE H 73 6.26 19.62 -36.70
N GLU H 74 5.92 19.20 -37.92
CA GLU H 74 5.82 20.16 -39.02
C GLU H 74 4.59 21.06 -38.90
N THR H 75 3.57 20.64 -38.15
CA THR H 75 2.48 21.55 -37.81
C THR H 75 2.96 22.65 -36.89
N LEU H 76 3.63 22.29 -35.79
CA LEU H 76 4.20 23.29 -34.89
C LEU H 76 5.09 24.27 -35.67
N VAL H 77 5.93 23.75 -36.57
CA VAL H 77 6.83 24.61 -37.32
C VAL H 77 6.06 25.53 -38.27
N ALA H 78 4.98 25.01 -38.87
CA ALA H 78 4.20 25.83 -39.79
C ALA H 78 3.50 26.96 -39.05
N LEU H 79 3.17 26.76 -37.78
CA LEU H 79 2.58 27.82 -36.97
C LEU H 79 3.61 28.78 -36.41
N GLY H 80 4.88 28.64 -36.81
CA GLY H 80 5.92 29.59 -36.46
C GLY H 80 6.95 29.09 -35.48
N ALA H 81 6.80 27.89 -34.93
CA ALA H 81 7.71 27.44 -33.89
C ALA H 81 9.06 27.00 -34.45
N GLU H 82 10.09 27.08 -33.60
CA GLU H 82 11.32 26.33 -33.75
C GLU H 82 11.29 25.17 -32.76
N VAL H 83 11.78 24.00 -33.20
CA VAL H 83 11.80 22.82 -32.34
C VAL H 83 13.16 22.14 -32.43
N ARG H 84 13.50 21.42 -31.35
CA ARG H 84 14.61 20.47 -31.31
C ARG H 84 14.08 19.18 -30.71
N TRP H 85 14.29 18.06 -31.40
CA TRP H 85 13.49 16.86 -31.15
C TRP H 85 14.33 15.64 -30.84
N SER H 86 13.76 14.78 -30.00
CA SER H 86 14.30 13.49 -29.62
C SER H 86 13.12 12.53 -29.41
N SER H 87 13.40 11.24 -29.54
CA SER H 87 12.42 10.23 -29.22
C SER H 87 12.40 9.97 -27.72
N CYS H 88 11.26 9.49 -27.21
CA CYS H 88 11.16 9.14 -25.81
C CYS H 88 11.28 7.63 -25.57
N ASN H 89 11.86 6.89 -26.52
CA ASN H 89 12.08 5.46 -26.34
C ASN H 89 13.14 5.02 -27.33
N ILE H 90 13.93 4.02 -26.91
CA ILE H 90 15.07 3.59 -27.70
C ILE H 90 14.68 2.83 -28.97
N PHE H 91 13.46 2.27 -29.03
CA PHE H 91 13.03 1.42 -30.13
C PHE H 91 11.90 2.04 -30.96
N SER H 92 11.37 3.19 -30.55
CA SER H 92 10.11 3.67 -31.08
C SER H 92 10.28 4.47 -32.38
N THR H 93 11.47 4.98 -32.66
CA THR H 93 11.69 5.80 -33.84
C THR H 93 11.42 5.02 -35.12
N GLN H 94 10.86 5.71 -36.11
CA GLN H 94 10.84 5.22 -37.49
C GLN H 94 11.94 5.97 -38.23
N ASP H 95 12.96 5.25 -38.67
CA ASP H 95 14.14 5.91 -39.21
C ASP H 95 13.81 6.76 -40.43
N GLN H 96 12.81 6.37 -41.24
CA GLN H 96 12.45 7.23 -42.37
C GLN H 96 11.72 8.49 -41.91
N ALA H 97 11.07 8.47 -40.75
CA ALA H 97 10.51 9.70 -40.20
C ALA H 97 11.61 10.66 -39.77
N ALA H 98 12.55 10.16 -38.96
CA ALA H 98 13.67 11.00 -38.51
C ALA H 98 14.42 11.58 -39.69
N ALA H 99 14.64 10.77 -40.74
CA ALA H 99 15.38 11.26 -41.90
C ALA H 99 14.60 12.33 -42.66
N ALA H 100 13.27 12.18 -42.78
CA ALA H 100 12.50 13.20 -43.47
C ALA H 100 12.48 14.51 -42.68
N ILE H 101 12.42 14.41 -41.35
CA ILE H 101 12.40 15.60 -40.51
C ILE H 101 13.75 16.30 -40.55
N ALA H 102 14.84 15.55 -40.46
CA ALA H 102 16.17 16.16 -40.54
C ALA H 102 16.38 16.80 -41.91
N ALA H 103 15.99 16.09 -42.98
CA ALA H 103 16.15 16.61 -44.33
C ALA H 103 15.46 17.95 -44.52
N ALA H 104 14.46 18.24 -43.69
CA ALA H 104 13.74 19.50 -43.69
C ALA H 104 14.45 20.59 -42.90
N GLY H 105 15.69 20.35 -42.48
CA GLY H 105 16.39 21.34 -41.67
C GLY H 105 15.85 21.49 -40.27
N ILE H 106 15.30 20.43 -39.70
CA ILE H 106 14.75 20.45 -38.35
C ILE H 106 15.66 19.61 -37.45
N PRO H 107 16.15 20.17 -36.34
CA PRO H 107 17.02 19.40 -35.43
C PRO H 107 16.33 18.21 -34.79
N VAL H 108 16.72 17.01 -35.19
CA VAL H 108 16.19 15.78 -34.61
C VAL H 108 17.34 14.84 -34.30
N PHE H 109 17.25 14.15 -33.17
CA PHE H 109 18.29 13.21 -32.73
C PHE H 109 17.57 11.94 -32.29
N ALA H 110 17.57 10.94 -33.17
CA ALA H 110 16.67 9.80 -32.97
C ALA H 110 16.96 8.72 -34.00
N TRP H 111 17.05 7.48 -33.54
CA TRP H 111 17.07 6.34 -34.42
C TRP H 111 16.54 5.13 -33.68
N LYS H 112 16.12 4.12 -34.44
CA LYS H 112 15.67 2.89 -33.83
C LYS H 112 16.85 2.11 -33.29
N GLY H 113 16.68 1.53 -32.10
CA GLY H 113 17.75 0.73 -31.52
C GLY H 113 18.83 1.53 -30.82
N GLU H 114 18.48 2.62 -30.15
CA GLU H 114 19.46 3.36 -29.36
C GLU H 114 19.87 2.57 -28.13
N THR H 115 21.11 2.78 -27.69
CA THR H 115 21.48 2.32 -26.36
C THR H 115 20.99 3.33 -25.32
N GLU H 116 21.02 2.92 -24.05
CA GLU H 116 20.61 3.84 -22.99
C GLU H 116 21.43 5.12 -23.01
N GLU H 117 22.75 5.00 -23.22
CA GLU H 117 23.59 6.19 -23.31
C GLU H 117 23.22 7.04 -24.50
N GLU H 118 23.00 6.42 -25.66
CA GLU H 118 22.63 7.18 -26.83
C GLU H 118 21.29 7.89 -26.63
N TYR H 119 20.35 7.23 -25.96
CA TYR H 119 19.05 7.83 -25.67
C TYR H 119 19.21 9.13 -24.89
N GLU H 120 19.92 9.09 -23.76
CA GLU H 120 20.09 10.30 -22.97
C GLU H 120 20.92 11.33 -23.71
N TRP H 121 21.89 10.87 -24.51
CA TRP H 121 22.67 11.77 -25.35
C TRP H 121 21.76 12.53 -26.32
N CYS H 122 20.81 11.83 -26.94
CA CYS H 122 19.92 12.50 -27.88
C CYS H 122 19.10 13.59 -27.21
N ILE H 123 18.65 13.35 -25.98
CA ILE H 123 17.88 14.39 -25.28
C ILE H 123 18.77 15.60 -24.98
N GLU H 124 20.03 15.36 -24.60
CA GLU H 124 20.92 16.47 -24.33
C GLU H 124 21.17 17.29 -25.58
N GLN H 125 21.21 16.65 -26.75
CA GLN H 125 21.44 17.38 -27.99
C GLN H 125 20.26 18.30 -28.34
N THR H 126 19.04 17.99 -27.85
CA THR H 126 17.96 18.97 -28.02
C THR H 126 18.11 20.10 -27.02
N ILE H 127 18.50 19.79 -25.78
CA ILE H 127 18.65 20.81 -24.75
C ILE H 127 19.77 21.77 -25.10
N LEU H 128 20.83 21.27 -25.72
CA LEU H 128 22.04 22.03 -25.99
C LEU H 128 22.19 22.27 -27.49
N LYS H 129 22.31 23.53 -27.88
CA LYS H 129 22.66 23.91 -29.25
C LYS H 129 24.10 24.38 -29.27
N ASP H 130 24.92 23.74 -30.10
CA ASP H 130 26.36 24.03 -30.17
C ASP H 130 27.02 23.87 -28.81
N GLY H 131 26.58 22.86 -28.05
CA GLY H 131 27.12 22.62 -26.72
C GLY H 131 26.72 23.64 -25.67
N GLN H 132 25.86 24.59 -25.99
CA GLN H 132 25.36 25.58 -25.06
C GLN H 132 23.84 25.47 -24.93
N PRO H 133 23.28 25.75 -23.76
CA PRO H 133 21.83 25.61 -23.59
C PRO H 133 21.07 26.44 -24.62
N TRP H 134 20.14 25.78 -25.32
CA TRP H 134 19.25 26.47 -26.23
C TRP H 134 18.38 27.46 -25.45
N ASP H 135 17.91 28.50 -26.15
CA ASP H 135 16.97 29.43 -25.52
C ASP H 135 15.53 28.94 -25.69
N ALA H 136 15.31 27.69 -25.29
CA ALA H 136 13.97 27.10 -25.33
C ALA H 136 13.02 27.88 -24.44
N ASN H 137 11.74 27.88 -24.82
CA ASN H 137 10.70 28.50 -24.01
C ASN H 137 9.45 27.64 -23.90
N MET H 138 9.44 26.44 -24.49
CA MET H 138 8.30 25.53 -24.44
C MET H 138 8.83 24.10 -24.43
N VAL H 139 8.04 23.20 -23.85
CA VAL H 139 8.41 21.80 -23.68
C VAL H 139 7.23 20.91 -24.07
N LEU H 140 7.48 19.90 -24.91
CA LEU H 140 6.51 18.88 -25.23
C LEU H 140 7.10 17.53 -24.84
N ASP H 141 6.39 16.78 -24.01
CA ASP H 141 6.95 15.60 -23.38
C ASP H 141 5.97 14.43 -23.45
N ASP H 142 6.53 13.23 -23.42
CA ASP H 142 5.79 11.96 -23.46
C ASP H 142 6.54 11.02 -22.53
N GLY H 143 6.13 10.98 -21.27
CA GLY H 143 6.72 10.12 -20.27
C GLY H 143 7.47 10.84 -19.17
N GLY H 144 7.87 12.09 -19.40
CA GLY H 144 8.50 12.89 -18.36
C GLY H 144 10.01 12.84 -18.32
N ASP H 145 10.65 12.08 -19.20
CA ASP H 145 12.11 11.99 -19.19
C ASP H 145 12.75 13.35 -19.47
N LEU H 146 12.23 14.06 -20.48
CA LEU H 146 12.77 15.37 -20.79
C LEU H 146 12.48 16.36 -19.66
N THR H 147 11.27 16.31 -19.11
CA THR H 147 10.90 17.17 -17.99
C THR H 147 11.79 16.93 -16.79
N GLU H 148 12.08 15.66 -16.50
CA GLU H 148 12.94 15.31 -15.37
C GLU H 148 14.35 15.86 -15.56
N ILE H 149 14.92 15.66 -16.75
CA ILE H 149 16.28 16.11 -17.02
C ILE H 149 16.38 17.62 -16.88
N LEU H 150 15.36 18.35 -17.34
CA LEU H 150 15.37 19.81 -17.22
C LEU H 150 15.36 20.24 -15.76
N HIS H 151 14.45 19.69 -14.95
CA HIS H 151 14.35 20.12 -13.57
C HIS H 151 15.58 19.78 -12.75
N LYS H 152 16.25 18.67 -13.05
CA LYS H 152 17.35 18.25 -12.20
C LYS H 152 18.73 18.62 -12.74
N LYS H 153 18.89 18.73 -14.05
CA LYS H 153 20.22 18.98 -14.62
C LYS H 153 20.35 20.37 -15.25
N TYR H 154 19.26 21.01 -15.62
CA TYR H 154 19.31 22.35 -16.22
C TYR H 154 18.22 23.24 -15.62
N PRO H 155 18.20 23.40 -14.30
CA PRO H 155 17.08 24.15 -13.68
C PRO H 155 16.98 25.57 -14.17
N GLN H 156 18.11 26.17 -14.56
CA GLN H 156 18.10 27.56 -14.99
C GLN H 156 17.31 27.75 -16.28
N MET H 157 17.34 26.75 -17.19
CA MET H 157 16.57 26.86 -18.42
C MET H 157 15.09 26.97 -18.12
N LEU H 158 14.64 26.38 -17.00
CA LEU H 158 13.22 26.43 -16.64
C LEU H 158 12.75 27.85 -16.38
N GLU H 159 13.65 28.77 -16.05
CA GLU H 159 13.24 30.15 -15.82
C GLU H 159 12.74 30.85 -17.08
N ARG H 160 13.06 30.30 -18.26
CA ARG H 160 12.65 30.89 -19.53
C ARG H 160 11.55 30.10 -20.22
N ILE H 161 11.05 29.04 -19.61
CA ILE H 161 10.08 28.16 -20.25
C ILE H 161 8.68 28.51 -19.76
N HIS H 162 7.74 28.60 -20.69
CA HIS H 162 6.38 29.01 -20.41
C HIS H 162 5.47 27.85 -19.99
N GLY H 163 5.83 26.62 -20.30
CA GLY H 163 5.00 25.51 -19.89
C GLY H 163 5.45 24.21 -20.52
N ILE H 164 4.79 23.14 -20.08
CA ILE H 164 5.01 21.77 -20.52
C ILE H 164 3.68 21.18 -20.95
N THR H 165 3.63 20.54 -22.11
CA THR H 165 2.46 19.77 -22.50
C THR H 165 2.85 18.30 -22.52
N GLU H 166 2.19 17.49 -21.67
CA GLU H 166 2.62 16.13 -21.38
C GLU H 166 1.62 15.15 -21.98
N GLU H 167 2.15 14.17 -22.73
CA GLU H 167 1.34 13.32 -23.60
C GLU H 167 0.61 12.20 -22.85
N THR H 168 1.24 11.56 -21.87
CA THR H 168 0.79 10.23 -21.48
C THR H 168 0.61 10.12 -19.96
N THR H 169 -0.13 9.08 -19.55
CA THR H 169 -0.55 8.93 -18.16
C THR H 169 0.65 8.94 -17.22
N THR H 170 1.68 8.15 -17.51
CA THR H 170 2.83 8.04 -16.63
C THR H 170 3.52 9.39 -16.47
N GLY H 171 3.58 10.18 -17.55
CA GLY H 171 4.16 11.51 -17.45
C GLY H 171 3.31 12.44 -16.59
N VAL H 172 1.99 12.34 -16.71
CA VAL H 172 1.11 13.16 -15.89
C VAL H 172 1.26 12.80 -14.42
N HIS H 173 1.39 11.51 -14.11
CA HIS H 173 1.61 11.12 -12.73
C HIS H 173 2.90 11.71 -12.18
N ARG H 174 3.97 11.72 -13.00
CA ARG H 174 5.20 12.36 -12.56
C ARG H 174 5.00 13.86 -12.36
N LEU H 175 4.25 14.50 -13.27
CA LEU H 175 3.97 15.93 -13.11
C LEU H 175 3.22 16.23 -11.83
N LEU H 176 2.21 15.41 -11.50
CA LEU H 176 1.41 15.67 -10.31
C LEU H 176 2.20 15.48 -9.04
N ASP H 177 3.14 14.54 -9.02
CA ASP H 177 3.95 14.37 -7.83
C ASP H 177 4.96 15.47 -7.68
N MET H 178 5.50 16.00 -8.79
CA MET H 178 6.32 17.20 -8.69
C MET H 178 5.52 18.35 -8.10
N LEU H 179 4.24 18.46 -8.47
CA LEU H 179 3.38 19.52 -7.96
C LEU H 179 3.15 19.35 -6.47
N LYS H 180 2.72 18.16 -6.06
CA LYS H 180 2.47 17.90 -4.64
C LYS H 180 3.72 18.12 -3.80
N ASN H 181 4.90 17.90 -4.38
CA ASN H 181 6.16 18.08 -3.67
C ASN H 181 6.76 19.47 -3.89
N GLY H 182 6.07 20.37 -4.59
CA GLY H 182 6.58 21.72 -4.76
C GLY H 182 7.85 21.83 -5.58
N THR H 183 8.12 20.86 -6.46
CA THR H 183 9.31 20.90 -7.30
C THR H 183 9.00 21.23 -8.75
N LEU H 184 7.74 21.19 -9.16
CA LEU H 184 7.35 21.63 -10.49
C LEU H 184 7.58 23.13 -10.61
N LYS H 185 8.32 23.54 -11.64
CA LYS H 185 8.72 24.94 -11.77
C LYS H 185 8.04 25.70 -12.91
N VAL H 186 7.34 25.02 -13.81
CA VAL H 186 6.57 25.70 -14.84
C VAL H 186 5.19 25.04 -14.89
N PRO H 187 4.14 25.73 -15.34
CA PRO H 187 2.83 25.08 -15.39
C PRO H 187 2.78 24.07 -16.52
N ALA H 188 1.81 23.16 -16.44
CA ALA H 188 1.71 22.08 -17.40
C ALA H 188 0.27 21.85 -17.78
N ILE H 189 0.07 21.32 -18.98
CA ILE H 189 -1.23 20.87 -19.45
C ILE H 189 -1.19 19.36 -19.60
N ASN H 190 -2.13 18.69 -18.97
CA ASN H 190 -2.33 17.26 -19.08
C ASN H 190 -3.07 17.00 -20.39
N VAL H 191 -2.30 16.75 -21.45
CA VAL H 191 -2.92 16.40 -22.72
C VAL H 191 -3.60 15.02 -22.64
N ASN H 192 -3.14 14.16 -21.74
CA ASN H 192 -3.63 12.79 -21.69
C ASN H 192 -5.14 12.72 -21.40
N ASP H 193 -5.66 13.62 -20.57
CA ASP H 193 -7.01 13.47 -20.06
C ASP H 193 -8.09 14.14 -20.91
N SER H 194 -7.74 14.70 -22.08
CA SER H 194 -8.76 14.94 -23.07
C SER H 194 -9.42 13.62 -23.46
N VAL H 195 -10.72 13.66 -23.73
CA VAL H 195 -11.38 12.43 -24.14
C VAL H 195 -10.87 11.98 -25.51
N THR H 196 -10.60 12.94 -26.40
CA THR H 196 -10.06 12.66 -27.73
C THR H 196 -8.61 12.24 -27.69
N LYS H 197 -8.01 12.15 -26.50
CA LYS H 197 -6.71 11.53 -26.34
C LYS H 197 -6.85 10.21 -25.58
N SER H 198 -7.21 10.26 -24.29
CA SER H 198 -7.21 9.06 -23.46
C SER H 198 -8.15 7.99 -24.01
N LYS H 199 -9.38 8.36 -24.33
CA LYS H 199 -10.36 7.39 -24.77
C LYS H 199 -10.29 7.13 -26.26
N ASN H 200 -9.11 7.36 -26.84
CA ASN H 200 -8.88 7.31 -28.27
C ASN H 200 -7.51 6.68 -28.51
N ASP H 201 -6.46 7.46 -28.30
CA ASP H 201 -5.08 7.00 -28.23
C ASP H 201 -4.92 5.79 -27.32
N ASN H 202 -5.08 5.99 -26.01
CA ASN H 202 -4.74 4.96 -25.03
C ASN H 202 -5.52 3.68 -25.28
N LYS H 203 -6.80 3.80 -25.61
CA LYS H 203 -7.66 2.62 -25.77
C LYS H 203 -7.61 2.10 -27.21
N TYR H 204 -8.20 2.84 -28.15
CA TYR H 204 -8.33 2.33 -29.51
C TYR H 204 -6.98 2.20 -30.21
N GLY H 205 -6.01 3.06 -29.87
CA GLY H 205 -4.69 2.93 -30.46
C GLY H 205 -4.08 1.57 -30.19
N CYS H 206 -4.16 1.12 -28.94
CA CYS H 206 -3.60 -0.19 -28.59
C CYS H 206 -4.41 -1.32 -29.19
N ARG H 207 -5.72 -1.13 -29.34
CA ARG H 207 -6.53 -2.11 -30.05
C ARG H 207 -5.98 -2.33 -31.45
N HIS H 208 -5.57 -1.25 -32.12
CA HIS H 208 -4.99 -1.38 -33.46
C HIS H 208 -3.60 -2.00 -33.40
N SER H 209 -2.73 -1.52 -32.52
CA SER H 209 -1.30 -1.77 -32.69
C SER H 209 -0.72 -2.89 -31.82
N LEU H 210 -1.48 -3.46 -30.87
CA LEU H 210 -0.91 -4.56 -30.08
C LEU H 210 -0.81 -5.84 -30.91
N ASN H 211 -1.94 -6.35 -31.40
CA ASN H 211 -1.87 -7.56 -32.23
CA ASN H 211 -1.88 -7.55 -32.25
C ASN H 211 -0.99 -7.32 -33.46
N ASP H 212 -0.91 -6.08 -33.92
CA ASP H 212 0.00 -5.72 -35.00
C ASP H 212 1.44 -6.05 -34.64
N ALA H 213 1.91 -5.55 -33.49
CA ALA H 213 3.29 -5.79 -33.08
C ALA H 213 3.57 -7.27 -32.82
N ILE H 214 2.61 -7.98 -32.23
CA ILE H 214 2.86 -9.39 -31.94
C ILE H 214 2.96 -10.19 -33.24
N LYS H 215 2.15 -9.86 -34.25
CA LYS H 215 2.25 -10.55 -35.53
C LYS H 215 3.58 -10.24 -36.21
N ARG H 216 4.04 -9.00 -36.14
CA ARG H 216 5.29 -8.65 -36.80
C ARG H 216 6.47 -9.32 -36.12
N GLY H 217 6.45 -9.41 -34.78
CA GLY H 217 7.57 -9.98 -34.06
C GLY H 217 7.63 -11.49 -34.15
N THR H 218 6.47 -12.16 -34.20
CA THR H 218 6.42 -13.60 -33.97
C THR H 218 5.70 -14.32 -35.10
N ASP H 219 4.77 -13.62 -35.75
CA ASP H 219 3.88 -14.19 -36.76
C ASP H 219 3.04 -15.33 -36.20
N HIS H 220 2.84 -15.34 -34.88
CA HIS H 220 2.05 -16.38 -34.22
C HIS H 220 0.57 -16.24 -34.53
N LEU H 221 -0.08 -17.35 -34.82
CA LEU H 221 -1.52 -17.40 -34.71
C LEU H 221 -1.91 -17.04 -33.28
N LEU H 222 -2.95 -16.21 -33.16
CA LEU H 222 -3.46 -15.85 -31.83
C LEU H 222 -4.79 -16.50 -31.52
N SER H 223 -5.61 -16.76 -32.54
CA SER H 223 -6.90 -17.43 -32.37
C SER H 223 -6.74 -18.76 -31.64
N GLY H 224 -7.55 -18.96 -30.60
CA GLY H 224 -7.55 -20.20 -29.87
C GLY H 224 -6.53 -20.28 -28.76
N LYS H 225 -5.58 -19.33 -28.68
CA LYS H 225 -4.56 -19.33 -27.64
C LYS H 225 -5.00 -18.50 -26.43
N GLN H 226 -4.33 -18.72 -25.31
CA GLN H 226 -4.67 -18.12 -24.03
C GLN H 226 -3.81 -16.89 -23.76
N ALA H 227 -4.46 -15.77 -23.44
CA ALA H 227 -3.75 -14.55 -23.08
C ALA H 227 -4.10 -14.14 -21.65
N LEU H 228 -3.15 -13.52 -20.99
CA LEU H 228 -3.37 -12.88 -19.70
C LEU H 228 -2.97 -11.41 -19.85
N VAL H 229 -3.93 -10.52 -19.76
CA VAL H 229 -3.66 -9.09 -19.83
C VAL H 229 -3.60 -8.57 -18.40
N ILE H 230 -2.47 -7.97 -18.02
CA ILE H 230 -2.33 -7.40 -16.69
C ILE H 230 -2.73 -5.92 -16.79
N GLY H 231 -3.87 -5.59 -16.22
CA GLY H 231 -4.40 -4.23 -16.23
C GLY H 231 -5.64 -4.11 -17.10
N TYR H 232 -6.60 -3.29 -16.66
CA TYR H 232 -7.80 -3.01 -17.44
C TYR H 232 -8.17 -1.53 -17.36
N GLY H 233 -7.17 -0.64 -17.41
CA GLY H 233 -7.40 0.76 -17.64
C GLY H 233 -7.64 1.00 -19.11
N ASP H 234 -7.37 2.22 -19.57
CA ASP H 234 -7.57 2.53 -20.98
C ASP H 234 -6.71 1.64 -21.87
N VAL H 235 -5.42 1.49 -21.53
CA VAL H 235 -4.53 0.65 -22.33
C VAL H 235 -4.90 -0.83 -22.21
N GLY H 236 -5.22 -1.28 -20.99
CA GLY H 236 -5.66 -2.66 -20.82
C GLY H 236 -6.94 -2.99 -21.56
N LYS H 237 -7.89 -2.05 -21.57
CA LYS H 237 -9.13 -2.28 -22.32
C LYS H 237 -8.85 -2.39 -23.82
N GLY H 238 -8.02 -1.50 -24.36
CA GLY H 238 -7.67 -1.60 -25.77
C GLY H 238 -6.92 -2.88 -26.09
N SER H 239 -5.99 -3.25 -25.22
CA SER H 239 -5.16 -4.43 -25.45
C SER H 239 -6.00 -5.71 -25.40
N SER H 240 -6.85 -5.84 -24.37
CA SER H 240 -7.74 -6.98 -24.28
C SER H 240 -8.58 -7.15 -25.53
N GLN H 241 -9.11 -6.05 -26.07
CA GLN H 241 -9.90 -6.11 -27.28
C GLN H 241 -9.04 -6.45 -28.49
N SER H 242 -7.79 -5.96 -28.50
CA SER H 242 -6.89 -6.29 -29.60
C SER H 242 -6.69 -7.79 -29.72
N LEU H 243 -6.56 -8.47 -28.59
CA LEU H 243 -6.37 -9.91 -28.55
C LEU H 243 -7.67 -10.66 -28.77
N ARG H 244 -8.74 -10.24 -28.10
CA ARG H 244 -10.02 -10.97 -28.18
C ARG H 244 -10.61 -10.93 -29.58
N GLN H 245 -10.47 -9.80 -30.28
CA GLN H 245 -11.00 -9.71 -31.64
C GLN H 245 -10.26 -10.63 -32.60
N GLU H 246 -9.06 -11.06 -32.24
CA GLU H 246 -8.30 -12.05 -33.00
C GLU H 246 -8.67 -13.47 -32.62
N GLY H 247 -9.56 -13.66 -31.65
CA GLY H 247 -9.96 -14.98 -31.23
C GLY H 247 -9.17 -15.54 -30.06
N MET H 248 -8.35 -14.75 -29.40
CA MET H 248 -7.71 -15.23 -28.19
C MET H 248 -8.73 -15.42 -27.07
N ILE H 249 -8.44 -16.37 -26.19
CA ILE H 249 -9.16 -16.50 -24.92
C ILE H 249 -8.41 -15.63 -23.92
N VAL H 250 -9.02 -14.52 -23.54
CA VAL H 250 -8.36 -13.47 -22.76
C VAL H 250 -8.85 -13.51 -21.31
N LYS H 251 -7.90 -13.62 -20.38
CA LYS H 251 -8.15 -13.38 -18.96
C LYS H 251 -7.51 -12.05 -18.58
N VAL H 252 -8.14 -11.36 -17.62
CA VAL H 252 -7.74 -10.02 -17.24
C VAL H 252 -7.44 -10.02 -15.75
N ALA H 253 -6.33 -9.41 -15.37
CA ALA H 253 -5.99 -9.17 -13.97
C ALA H 253 -6.08 -7.69 -13.67
N GLU H 254 -6.58 -7.35 -12.47
CA GLU H 254 -6.72 -5.96 -12.04
C GLU H 254 -6.58 -5.86 -10.53
N VAL H 255 -6.17 -4.68 -10.08
CA VAL H 255 -6.23 -4.34 -8.66
C VAL H 255 -7.39 -3.40 -8.36
N ASP H 256 -7.95 -2.75 -9.38
CA ASP H 256 -9.07 -1.84 -9.20
C ASP H 256 -10.36 -2.61 -9.40
N PRO H 257 -11.21 -2.73 -8.38
CA PRO H 257 -12.44 -3.51 -8.52
C PRO H 257 -13.40 -2.96 -9.56
N ILE H 258 -13.42 -1.64 -9.76
CA ILE H 258 -14.29 -1.06 -10.76
C ILE H 258 -13.85 -1.48 -12.16
N CYS H 259 -12.55 -1.38 -12.43
CA CYS H 259 -12.04 -1.86 -13.72
C CYS H 259 -12.27 -3.36 -13.89
N ALA H 260 -12.08 -4.13 -12.81
CA ALA H 260 -12.35 -5.56 -12.89
C ALA H 260 -13.81 -5.84 -13.21
N MET H 261 -14.72 -5.03 -12.64
N MET H 261 -14.72 -5.03 -12.64
CA MET H 261 -16.14 -5.16 -12.95
CA MET H 261 -16.14 -5.20 -12.95
C MET H 261 -16.41 -4.93 -14.43
C MET H 261 -16.40 -4.94 -14.44
N GLN H 262 -15.73 -3.97 -15.02
CA GLN H 262 -15.87 -3.73 -16.45
C GLN H 262 -15.41 -4.94 -17.25
N ALA H 263 -14.28 -5.54 -16.84
CA ALA H 263 -13.77 -6.71 -17.55
C ALA H 263 -14.78 -7.85 -17.54
N CYS H 264 -15.38 -8.13 -16.38
CA CYS H 264 -16.40 -9.17 -16.29
C CYS H 264 -17.57 -8.87 -17.22
N MET H 265 -18.09 -7.64 -17.17
CA MET H 265 -19.22 -7.27 -18.03
C MET H 265 -18.83 -7.30 -19.49
N ASP H 266 -17.59 -6.98 -19.80
CA ASP H 266 -17.08 -7.02 -21.16
C ASP H 266 -16.84 -8.43 -21.67
N GLY H 267 -17.04 -9.44 -20.84
CA GLY H 267 -16.91 -10.82 -21.27
C GLY H 267 -15.58 -11.47 -20.99
N PHE H 268 -14.82 -10.98 -20.02
CA PHE H 268 -13.52 -11.55 -19.69
C PHE H 268 -13.57 -12.20 -18.32
N GLU H 269 -12.83 -13.30 -18.19
CA GLU H 269 -12.62 -13.94 -16.89
C GLU H 269 -11.52 -13.18 -16.15
N VAL H 270 -11.82 -12.72 -14.94
CA VAL H 270 -10.87 -11.93 -14.16
C VAL H 270 -10.14 -12.85 -13.21
N VAL H 271 -8.81 -12.84 -13.28
CA VAL H 271 -7.97 -13.79 -12.54
C VAL H 271 -6.79 -13.04 -11.97
N SER H 272 -6.12 -13.68 -11.01
CA SER H 272 -4.89 -13.10 -10.49
C SER H 272 -3.74 -14.07 -10.66
N PRO H 273 -2.55 -13.58 -11.03
CA PRO H 273 -1.37 -14.46 -11.04
C PRO H 273 -1.08 -15.10 -9.69
N TYR H 274 -1.59 -14.54 -8.60
CA TYR H 274 -1.34 -15.04 -7.26
C TYR H 274 -2.61 -15.67 -6.69
N LYS H 275 -2.42 -16.68 -5.83
CA LYS H 275 -3.54 -17.35 -5.20
C LYS H 275 -4.25 -16.39 -4.27
N ASN H 276 -5.56 -16.22 -4.47
CA ASN H 276 -6.39 -15.28 -3.73
C ASN H 276 -5.94 -13.84 -3.93
N GLY H 277 -5.18 -13.58 -5.00
CA GLY H 277 -4.75 -12.24 -5.33
C GLY H 277 -3.68 -11.66 -4.44
N ILE H 278 -3.09 -12.44 -3.54
CA ILE H 278 -2.14 -11.91 -2.57
C ILE H 278 -0.73 -12.38 -2.93
N ASN H 279 0.15 -11.42 -3.16
CA ASN H 279 1.52 -11.63 -3.60
C ASN H 279 2.45 -11.50 -2.39
N ASP H 280 2.87 -12.64 -1.83
CA ASP H 280 3.72 -12.66 -0.64
C ASP H 280 5.20 -12.77 -0.98
N GLY H 281 5.57 -12.65 -2.25
CA GLY H 281 6.95 -12.74 -2.66
C GLY H 281 7.50 -14.13 -2.88
N THR H 282 6.78 -15.17 -2.45
CA THR H 282 7.25 -16.54 -2.55
C THR H 282 6.67 -17.23 -3.78
N GLU H 283 7.38 -18.26 -4.26
CA GLU H 283 6.86 -19.08 -5.36
C GLU H 283 5.57 -19.78 -4.97
N ALA H 284 5.34 -20.00 -3.67
CA ALA H 284 4.12 -20.67 -3.25
C ALA H 284 2.87 -19.87 -3.61
N SER H 285 2.97 -18.53 -3.61
CA SER H 285 1.80 -17.72 -3.91
C SER H 285 1.46 -17.68 -5.39
N ILE H 286 2.34 -18.14 -6.27
CA ILE H 286 2.06 -18.10 -7.70
C ILE H 286 1.02 -19.16 -8.05
N ASP H 287 0.01 -18.76 -8.82
CA ASP H 287 -0.93 -19.73 -9.39
C ASP H 287 -0.26 -20.39 -10.59
N ALA H 288 0.40 -21.51 -10.33
CA ALA H 288 1.20 -22.17 -11.36
C ALA H 288 0.33 -22.84 -12.41
N ALA H 289 -0.81 -23.39 -11.99
CA ALA H 289 -1.73 -23.99 -12.95
C ALA H 289 -2.21 -22.96 -13.96
N LEU H 290 -2.55 -21.76 -13.49
CA LEU H 290 -3.02 -20.72 -14.39
C LEU H 290 -1.92 -20.28 -15.34
N LEU H 291 -0.75 -19.96 -14.79
CA LEU H 291 0.31 -19.44 -15.65
C LEU H 291 0.87 -20.51 -16.58
N GLY H 292 0.77 -21.78 -16.20
CA GLY H 292 1.18 -22.85 -17.07
C GLY H 292 0.32 -23.00 -18.32
N LYS H 293 -0.81 -22.31 -18.40
CA LYS H 293 -1.65 -22.37 -19.60
C LYS H 293 -1.62 -21.09 -20.41
N ILE H 294 -0.83 -20.10 -20.03
CA ILE H 294 -0.86 -18.80 -20.69
C ILE H 294 0.14 -18.82 -21.85
N ASP H 295 -0.36 -18.56 -23.06
CA ASP H 295 0.48 -18.45 -24.24
C ASP H 295 1.00 -17.05 -24.48
N LEU H 296 0.38 -16.04 -23.87
CA LEU H 296 0.77 -14.64 -24.09
C LEU H 296 0.41 -13.83 -22.86
N ILE H 297 1.36 -13.06 -22.34
CA ILE H 297 1.08 -12.10 -21.28
C ILE H 297 1.46 -10.71 -21.75
N VAL H 298 0.59 -9.74 -21.50
CA VAL H 298 0.79 -8.34 -21.86
C VAL H 298 0.57 -7.50 -20.61
N THR H 299 1.52 -6.63 -20.29
CA THR H 299 1.39 -5.72 -19.15
C THR H 299 0.98 -4.34 -19.66
N THR H 300 -0.04 -3.75 -19.01
CA THR H 300 -0.61 -2.47 -19.44
C THR H 300 -0.79 -1.50 -18.27
N THR H 301 -0.02 -1.64 -17.20
CA THR H 301 -0.39 -0.99 -15.95
C THR H 301 0.24 0.39 -15.72
N GLY H 302 1.43 0.63 -16.23
CA GLY H 302 2.18 1.77 -15.72
C GLY H 302 2.67 1.58 -14.30
N ASN H 303 2.50 0.39 -13.73
CA ASN H 303 3.03 0.06 -12.42
C ASN H 303 4.37 -0.66 -12.59
N VAL H 304 4.93 -1.15 -11.48
CA VAL H 304 6.24 -1.77 -11.46
C VAL H 304 6.09 -3.25 -11.14
N ASN H 305 6.78 -4.09 -11.92
CA ASN H 305 6.96 -5.50 -11.58
C ASN H 305 5.62 -6.22 -11.47
N VAL H 306 4.72 -5.96 -12.42
CA VAL H 306 3.45 -6.69 -12.48
C VAL H 306 3.57 -8.01 -13.21
N CYS H 307 4.70 -8.26 -13.87
CA CYS H 307 5.08 -9.57 -14.39
C CYS H 307 6.45 -9.82 -13.75
N ASP H 308 6.47 -10.53 -12.63
CA ASP H 308 7.66 -10.66 -11.83
C ASP H 308 8.40 -11.97 -12.12
N ALA H 309 9.51 -12.16 -11.41
CA ALA H 309 10.38 -13.30 -11.65
C ALA H 309 9.62 -14.61 -11.48
N ASN H 310 8.86 -14.74 -10.39
CA ASN H 310 8.15 -15.98 -10.13
C ASN H 310 7.04 -16.23 -11.15
N MET H 311 6.45 -15.17 -11.70
CA MET H 311 5.51 -15.37 -12.79
C MET H 311 6.24 -15.90 -14.02
N LEU H 312 7.39 -15.29 -14.35
CA LEU H 312 8.17 -15.72 -15.50
C LEU H 312 8.68 -17.15 -15.34
N LYS H 313 9.03 -17.54 -14.12
CA LYS H 313 9.41 -18.93 -13.87
C LYS H 313 8.27 -19.88 -14.13
N ALA H 314 7.03 -19.45 -13.89
CA ALA H 314 5.88 -20.33 -13.96
C ALA H 314 5.17 -20.31 -15.32
N LEU H 315 5.56 -19.41 -16.22
CA LEU H 315 4.88 -19.31 -17.51
C LEU H 315 5.04 -20.57 -18.35
N LYS H 316 3.99 -20.89 -19.11
CA LYS H 316 4.03 -21.98 -20.08
C LYS H 316 5.25 -21.85 -20.98
N LYS H 317 5.85 -22.99 -21.31
CA LYS H 317 6.98 -22.98 -22.24
C LYS H 317 6.59 -22.31 -23.54
N ARG H 318 7.51 -21.51 -24.08
CA ARG H 318 7.37 -20.81 -25.36
C ARG H 318 6.29 -19.73 -25.32
N ALA H 319 5.92 -19.25 -24.14
CA ALA H 319 5.00 -18.12 -24.04
C ALA H 319 5.67 -16.85 -24.52
N VAL H 320 4.86 -15.94 -25.05
CA VAL H 320 5.33 -14.62 -25.45
C VAL H 320 5.10 -13.66 -24.29
N VAL H 321 6.08 -12.81 -24.02
CA VAL H 321 6.00 -11.80 -22.96
C VAL H 321 6.23 -10.44 -23.60
N CYS H 322 5.34 -9.48 -23.32
CA CYS H 322 5.54 -8.15 -23.85
C CYS H 322 4.85 -7.11 -22.99
N ASN H 323 5.27 -5.85 -23.18
CA ASN H 323 4.80 -4.73 -22.38
C ASN H 323 4.39 -3.58 -23.28
N ILE H 324 3.19 -3.04 -23.04
CA ILE H 324 2.67 -1.88 -23.75
C ILE H 324 2.43 -0.69 -22.81
N GLY H 325 2.78 -0.82 -21.54
CA GLY H 325 2.89 0.36 -20.67
C GLY H 325 4.11 1.17 -21.08
N HIS H 326 4.28 2.31 -20.40
CA HIS H 326 5.30 3.26 -20.87
C HIS H 326 6.71 2.76 -20.61
N PHE H 327 6.96 2.19 -19.44
CA PHE H 327 8.31 1.82 -19.04
C PHE H 327 8.45 0.31 -19.00
N ASP H 328 9.71 -0.15 -19.15
CA ASP H 328 9.95 -1.58 -19.25
C ASP H 328 10.06 -2.29 -17.90
N ASN H 329 10.07 -1.54 -16.79
CA ASN H 329 10.11 -2.14 -15.46
C ASN H 329 8.80 -2.80 -15.06
N GLU H 330 7.78 -2.82 -15.93
CA GLU H 330 6.59 -3.62 -15.64
C GLU H 330 6.94 -5.10 -15.59
N ILE H 331 7.89 -5.52 -16.42
CA ILE H 331 8.38 -6.89 -16.45
C ILE H 331 9.77 -6.91 -15.80
N ASP H 332 10.01 -7.91 -14.96
CA ASP H 332 11.32 -8.07 -14.34
C ASP H 332 12.30 -8.67 -15.37
N THR H 333 12.65 -7.84 -16.34
CA THR H 333 13.64 -8.21 -17.34
C THR H 333 15.03 -8.35 -16.73
N ALA H 334 15.31 -7.58 -15.67
CA ALA H 334 16.63 -7.64 -15.05
C ALA H 334 16.90 -9.03 -14.50
N PHE H 335 15.89 -9.67 -13.90
CA PHE H 335 16.03 -11.04 -13.46
C PHE H 335 16.37 -11.96 -14.63
N MET H 336 15.66 -11.78 -15.76
CA MET H 336 15.91 -12.62 -16.92
C MET H 336 17.32 -12.41 -17.48
N ARG H 337 17.81 -11.17 -17.45
CA ARG H 337 19.17 -10.90 -17.94
C ARG H 337 20.20 -11.57 -17.05
N LYS H 338 19.98 -11.56 -15.74
CA LYS H 338 20.95 -12.12 -14.80
C LYS H 338 20.95 -13.64 -14.79
N ASN H 339 19.80 -14.27 -15.02
CA ASN H 339 19.67 -15.71 -14.79
C ASN H 339 19.56 -16.56 -16.06
N TRP H 340 19.05 -16.01 -17.16
CA TRP H 340 18.75 -16.81 -18.34
C TRP H 340 19.50 -16.33 -19.56
N ALA H 341 19.62 -17.22 -20.55
CA ALA H 341 20.41 -16.96 -21.75
C ALA H 341 19.53 -16.45 -22.88
N TRP H 342 19.97 -15.37 -23.54
CA TRP H 342 19.18 -14.64 -24.52
C TRP H 342 19.64 -14.96 -25.93
N GLU H 343 18.75 -15.51 -26.74
CA GLU H 343 19.03 -15.78 -28.15
C GLU H 343 18.22 -14.80 -28.99
N GLU H 344 18.90 -13.90 -29.69
CA GLU H 344 18.19 -12.96 -30.55
C GLU H 344 17.65 -13.72 -31.76
N VAL H 345 16.32 -13.68 -31.92
CA VAL H 345 15.73 -14.21 -33.14
C VAL H 345 15.97 -13.25 -34.29
N LYS H 346 15.66 -11.98 -34.06
CA LYS H 346 15.78 -10.85 -34.98
C LYS H 346 15.62 -9.61 -34.11
N PRO H 347 15.89 -8.40 -34.60
CA PRO H 347 15.81 -7.22 -33.73
C PRO H 347 14.48 -7.13 -32.97
N GLN H 348 14.59 -6.80 -31.68
CA GLN H 348 13.46 -6.67 -30.77
C GLN H 348 12.65 -7.94 -30.66
N VAL H 349 13.28 -9.09 -30.86
CA VAL H 349 12.67 -10.40 -30.60
C VAL H 349 13.78 -11.29 -30.03
N HIS H 350 13.66 -11.67 -28.77
CA HIS H 350 14.65 -12.51 -28.10
C HIS H 350 13.97 -13.74 -27.50
N LYS H 351 14.56 -14.90 -27.74
CA LYS H 351 14.21 -16.11 -26.99
C LYS H 351 15.01 -16.11 -25.69
N ILE H 352 14.31 -16.35 -24.58
CA ILE H 352 14.90 -16.32 -23.25
C ILE H 352 14.89 -17.76 -22.73
N HIS H 353 16.07 -18.39 -22.69
CA HIS H 353 16.17 -19.80 -22.37
C HIS H 353 16.25 -20.00 -20.87
N ARG H 354 15.25 -20.68 -20.30
CA ARG H 354 15.18 -20.82 -18.87
C ARG H 354 16.03 -21.97 -18.33
N THR H 355 16.94 -22.50 -19.15
CA THR H 355 17.81 -23.57 -18.72
C THR H 355 19.08 -23.08 -18.03
N GLY H 356 19.40 -21.80 -18.12
CA GLY H 356 20.59 -21.29 -17.46
C GLY H 356 21.12 -20.05 -18.14
N LYS H 357 22.15 -19.46 -17.53
CA LYS H 357 22.69 -18.17 -17.93
C LYS H 357 23.75 -18.28 -19.02
N ASP H 358 24.63 -19.27 -18.96
CA ASP H 358 25.81 -19.31 -19.82
C ASP H 358 25.57 -20.30 -20.95
N GLY H 359 25.10 -19.77 -22.09
CA GLY H 359 24.87 -20.59 -23.26
C GLY H 359 23.51 -21.27 -23.23
N PHE H 360 23.13 -21.79 -24.40
CA PHE H 360 21.84 -22.42 -24.57
C PHE H 360 21.93 -23.45 -25.69
N ASP H 361 21.02 -24.42 -25.64
CA ASP H 361 20.84 -25.34 -26.75
C ASP H 361 19.92 -24.70 -27.79
N ALA H 362 20.37 -24.63 -29.04
CA ALA H 362 19.57 -24.01 -30.09
C ALA H 362 18.22 -24.70 -30.27
N HIS H 363 18.08 -25.95 -29.82
CA HIS H 363 16.83 -26.68 -29.94
C HIS H 363 16.13 -26.85 -28.60
N ASN H 364 16.53 -26.07 -27.60
CA ASN H 364 15.87 -26.09 -26.29
C ASN H 364 14.41 -25.66 -26.44
N ASP H 365 13.52 -26.39 -25.78
CA ASP H 365 12.10 -26.08 -25.82
C ASP H 365 11.63 -25.25 -24.64
N ASP H 366 12.45 -25.07 -23.61
CA ASP H 366 12.07 -24.29 -22.44
C ASP H 366 12.63 -22.88 -22.59
N TYR H 367 11.89 -22.06 -23.33
CA TYR H 367 12.22 -20.64 -23.47
C TYR H 367 10.94 -19.82 -23.44
N LEU H 368 11.11 -18.52 -23.25
CA LEU H 368 10.07 -17.53 -23.50
C LEU H 368 10.52 -16.64 -24.65
N ILE H 369 9.57 -15.99 -25.29
CA ILE H 369 9.86 -15.01 -26.33
C ILE H 369 9.51 -13.64 -25.78
N LEU H 370 10.51 -12.75 -25.73
CA LEU H 370 10.35 -11.39 -25.23
C LEU H 370 10.44 -10.42 -26.39
N LEU H 371 9.44 -9.55 -26.52
CA LEU H 371 9.40 -8.54 -27.57
C LEU H 371 9.89 -7.20 -27.04
N ALA H 372 10.64 -6.49 -27.88
CA ALA H 372 11.12 -5.13 -27.60
C ALA H 372 11.95 -5.04 -26.31
N GLU H 373 12.53 -6.16 -25.87
CA GLU H 373 13.28 -6.21 -24.61
C GLU H 373 12.49 -5.57 -23.46
N GLY H 374 11.16 -5.73 -23.50
CA GLY H 374 10.30 -5.19 -22.46
C GLY H 374 9.76 -3.79 -22.71
N ARG H 375 10.29 -3.06 -23.68
CA ARG H 375 9.81 -1.72 -23.97
C ARG H 375 8.46 -1.75 -24.69
N LEU H 376 7.81 -0.59 -24.77
CA LEU H 376 6.52 -0.42 -25.45
C LEU H 376 6.46 -1.23 -26.74
N VAL H 377 5.67 -2.30 -26.74
CA VAL H 377 5.81 -3.30 -27.81
C VAL H 377 5.18 -2.79 -29.11
N ASN H 378 4.07 -2.04 -29.03
CA ASN H 378 3.44 -1.57 -30.26
C ASN H 378 4.40 -0.69 -31.05
N LEU H 379 5.11 0.21 -30.36
CA LEU H 379 6.08 1.06 -31.01
C LEU H 379 7.38 0.32 -31.32
N GLY H 380 7.70 -0.70 -30.52
CA GLY H 380 8.96 -1.40 -30.64
C GLY H 380 9.00 -2.43 -31.75
N ASN H 381 7.91 -3.16 -31.93
CA ASN H 381 7.84 -4.22 -32.92
C ASN H 381 6.94 -3.88 -34.10
N ALA H 382 6.26 -2.75 -34.06
CA ALA H 382 5.49 -2.26 -35.19
C ALA H 382 5.68 -0.76 -35.33
N THR H 383 4.61 0.02 -35.53
CA THR H 383 4.78 1.47 -35.74
C THR H 383 3.90 2.28 -34.79
N GLY H 384 3.49 1.70 -33.66
CA GLY H 384 2.61 2.39 -32.75
C GLY H 384 1.24 2.63 -33.35
N HIS H 385 0.56 3.65 -32.82
CA HIS H 385 -0.81 3.94 -33.21
C HIS H 385 -0.88 4.44 -34.64
N PRO H 386 -2.01 4.25 -35.31
CA PRO H 386 -2.17 4.77 -36.68
C PRO H 386 -2.41 6.28 -36.70
N SER H 387 -2.02 6.87 -37.82
CA SER H 387 -2.15 8.31 -38.02
C SER H 387 -3.52 8.82 -37.60
N ARG H 388 -4.59 8.15 -38.02
CA ARG H 388 -5.91 8.70 -37.77
C ARG H 388 -6.28 8.69 -36.29
N ILE H 389 -5.68 7.80 -35.49
CA ILE H 389 -5.86 7.85 -34.05
C ILE H 389 -4.99 8.93 -33.43
N MET H 390 -3.69 8.96 -33.78
CA MET H 390 -2.80 9.99 -33.26
C MET H 390 -3.28 11.39 -33.61
N ASP H 391 -4.07 11.53 -34.67
CA ASP H 391 -4.60 12.83 -35.08
C ASP H 391 -5.27 13.56 -33.90
N GLY H 392 -6.00 12.83 -33.06
CA GLY H 392 -6.65 13.46 -31.93
C GLY H 392 -5.65 13.91 -30.87
N SER H 393 -4.75 12.99 -30.48
CA SER H 393 -3.75 13.32 -29.48
C SER H 393 -2.96 14.57 -29.86
N PHE H 394 -2.52 14.62 -31.11
CA PHE H 394 -1.59 15.68 -31.50
C PHE H 394 -2.30 16.99 -31.81
N ALA H 395 -3.58 16.96 -32.18
CA ALA H 395 -4.35 18.20 -32.20
C ALA H 395 -4.46 18.79 -30.81
N ASN H 396 -4.71 17.94 -29.80
CA ASN H 396 -4.66 18.40 -28.42
C ASN H 396 -3.28 18.96 -28.08
N GLN H 397 -2.21 18.26 -28.48
CA GLN H 397 -0.86 18.78 -28.23
C GLN H 397 -0.70 20.19 -28.80
N VAL H 398 -1.09 20.38 -30.07
CA VAL H 398 -0.95 21.68 -30.70
C VAL H 398 -1.75 22.75 -29.95
N LEU H 399 -2.99 22.44 -29.58
CA LEU H 399 -3.81 23.40 -28.86
C LEU H 399 -3.20 23.72 -27.50
N ALA H 400 -2.64 22.72 -26.83
CA ALA H 400 -2.01 22.94 -25.53
C ALA H 400 -0.76 23.79 -25.66
N GLN H 401 0.05 23.53 -26.70
CA GLN H 401 1.22 24.37 -26.92
C GLN H 401 0.83 25.81 -27.14
N ILE H 402 -0.17 26.03 -28.00
CA ILE H 402 -0.64 27.39 -28.30
C ILE H 402 -1.08 28.09 -27.02
N HIS H 403 -1.89 27.40 -26.20
CA HIS H 403 -2.44 28.05 -25.01
C HIS H 403 -1.34 28.46 -24.05
N LEU H 404 -0.42 27.54 -23.75
CA LEU H 404 0.60 27.85 -22.75
C LEU H 404 1.59 28.89 -23.25
N PHE H 405 1.98 28.81 -24.53
CA PHE H 405 2.88 29.83 -25.07
C PHE H 405 2.25 31.20 -24.97
N GLU H 406 0.96 31.30 -25.28
CA GLU H 406 0.28 32.59 -25.29
C GLU H 406 0.09 33.15 -23.88
N GLN H 407 0.14 32.31 -22.84
CA GLN H 407 -0.02 32.82 -21.48
C GLN H 407 1.27 33.43 -20.93
N LYS H 408 2.42 33.07 -21.51
CA LYS H 408 3.70 33.70 -21.17
C LYS H 408 3.98 33.64 -19.67
N TYR H 409 3.98 32.42 -19.13
CA TYR H 409 4.27 32.23 -17.71
C TYR H 409 5.65 32.73 -17.35
N ALA H 410 6.65 32.49 -18.21
CA ALA H 410 8.03 32.86 -17.89
C ALA H 410 8.23 34.36 -17.81
N ASP H 411 7.37 35.16 -18.44
CA ASP H 411 7.45 36.62 -18.34
C ASP H 411 6.76 37.17 -17.10
N LEU H 412 6.12 36.32 -16.30
CA LEU H 412 5.38 36.78 -15.14
C LEU H 412 6.34 37.13 -14.01
N PRO H 413 5.94 38.04 -13.11
CA PRO H 413 6.73 38.29 -11.91
C PRO H 413 6.83 37.04 -11.04
N ALA H 414 7.86 37.02 -10.18
CA ALA H 414 8.08 35.85 -9.33
C ALA H 414 6.94 35.64 -8.34
N ALA H 415 6.38 36.73 -7.81
CA ALA H 415 5.27 36.61 -6.86
C ALA H 415 4.00 36.12 -7.52
N GLU H 416 3.86 36.33 -8.83
CA GLU H 416 2.68 35.85 -9.54
C GLU H 416 2.85 34.44 -10.10
N LYS H 417 4.09 34.02 -10.37
CA LYS H 417 4.31 32.69 -10.90
C LYS H 417 3.82 31.61 -9.94
N ALA H 418 3.94 31.85 -8.63
CA ALA H 418 3.54 30.86 -7.64
C ALA H 418 2.05 30.57 -7.70
N LYS H 419 1.23 31.58 -8.01
CA LYS H 419 -0.22 31.45 -8.06
C LYS H 419 -0.71 31.07 -9.45
N ARG H 420 0.19 30.90 -10.41
CA ARG H 420 -0.16 30.45 -11.76
C ARG H 420 0.37 29.06 -12.06
N LEU H 421 0.81 28.31 -11.04
CA LEU H 421 1.47 27.03 -11.22
C LEU H 421 0.48 25.91 -10.91
N SER H 422 0.20 25.08 -11.90
CA SER H 422 -0.80 24.03 -11.77
C SER H 422 -0.67 23.06 -12.93
N VAL H 423 -1.42 21.98 -12.85
CA VAL H 423 -1.55 21.02 -13.93
C VAL H 423 -3.00 21.05 -14.38
N GLU H 424 -3.23 21.49 -15.62
CA GLU H 424 -4.58 21.68 -16.13
C GLU H 424 -4.82 20.82 -17.35
N VAL H 425 -6.08 20.70 -17.73
CA VAL H 425 -6.51 20.01 -18.95
C VAL H 425 -7.18 21.03 -19.86
N LEU H 426 -7.24 20.68 -21.14
CA LEU H 426 -7.95 21.51 -22.10
C LEU H 426 -9.45 21.54 -21.76
N PRO H 427 -10.14 22.65 -22.00
CA PRO H 427 -11.57 22.70 -21.72
C PRO H 427 -12.37 21.81 -22.67
N LYS H 428 -13.57 21.43 -22.22
CA LYS H 428 -14.36 20.47 -22.98
C LYS H 428 -14.68 20.99 -24.37
N LYS H 429 -14.86 22.31 -24.50
CA LYS H 429 -15.21 22.88 -25.80
C LYS H 429 -14.18 22.50 -26.86
N LEU H 430 -12.89 22.60 -26.52
CA LEU H 430 -11.84 22.25 -27.47
C LEU H 430 -11.79 20.75 -27.73
N ASP H 431 -11.94 19.95 -26.68
CA ASP H 431 -12.05 18.50 -26.84
C ASP H 431 -13.14 18.15 -27.85
N GLU H 432 -14.29 18.83 -27.76
CA GLU H 432 -15.39 18.55 -28.67
C GLU H 432 -15.05 18.97 -30.10
N GLU H 433 -14.31 20.07 -30.25
CA GLU H 433 -13.96 20.52 -31.59
C GLU H 433 -12.95 19.59 -32.25
N VAL H 434 -12.03 19.03 -31.47
CA VAL H 434 -11.12 18.02 -32.01
C VAL H 434 -11.92 16.81 -32.47
N ALA H 435 -12.83 16.34 -31.62
CA ALA H 435 -13.65 15.18 -31.95
C ALA H 435 -14.46 15.41 -33.20
N LEU H 436 -15.00 16.62 -33.37
CA LEU H 436 -15.81 16.92 -34.55
C LEU H 436 -15.00 16.71 -35.82
N GLU H 437 -13.77 17.21 -35.83
CA GLU H 437 -12.93 17.03 -37.02
C GLU H 437 -12.63 15.55 -37.28
N MET H 438 -12.37 14.81 -36.21
CA MET H 438 -12.17 13.36 -36.35
C MET H 438 -13.38 12.69 -36.97
N VAL H 439 -14.58 13.02 -36.47
CA VAL H 439 -15.79 12.39 -36.99
C VAL H 439 -15.97 12.70 -38.46
N LYS H 440 -15.70 13.94 -38.86
CA LYS H 440 -15.79 14.30 -40.27
C LYS H 440 -14.81 13.50 -41.10
N GLY H 441 -13.66 13.14 -40.53
CA GLY H 441 -12.69 12.32 -41.25
C GLY H 441 -13.26 10.97 -41.65
N PHE H 442 -14.17 10.44 -40.86
CA PHE H 442 -14.85 9.19 -41.17
C PHE H 442 -16.06 9.40 -42.06
N GLY H 443 -16.31 10.62 -42.50
CA GLY H 443 -17.55 10.92 -43.19
C GLY H 443 -18.76 10.92 -42.29
N GLY H 444 -18.55 11.04 -40.97
CA GLY H 444 -19.68 11.08 -40.06
C GLY H 444 -20.37 12.43 -40.09
N VAL H 445 -21.67 12.43 -39.80
CA VAL H 445 -22.49 13.63 -39.84
C VAL H 445 -23.12 13.80 -38.46
N VAL H 446 -22.74 14.86 -37.77
CA VAL H 446 -23.25 15.17 -36.45
C VAL H 446 -24.52 15.98 -36.58
N THR H 447 -25.53 15.63 -35.77
CA THR H 447 -26.79 16.35 -35.77
C THR H 447 -26.69 17.61 -34.91
N GLN H 448 -27.36 18.66 -35.36
CA GLN H 448 -27.47 19.91 -34.60
C GLN H 448 -28.77 19.91 -33.80
N LEU H 449 -28.69 20.28 -32.53
CA LEU H 449 -29.88 20.45 -31.73
C LEU H 449 -30.75 21.59 -32.27
N THR H 450 -32.07 21.42 -32.17
CA THR H 450 -32.97 22.54 -32.32
C THR H 450 -32.91 23.39 -31.04
N PRO H 451 -33.31 24.66 -31.12
CA PRO H 451 -33.36 25.47 -29.90
C PRO H 451 -34.24 24.86 -28.82
N LYS H 452 -35.39 24.28 -29.18
CA LYS H 452 -36.20 23.59 -28.18
C LYS H 452 -35.40 22.49 -27.49
N GLN H 453 -34.75 21.62 -28.28
CA GLN H 453 -34.02 20.49 -27.72
C GLN H 453 -32.85 20.93 -26.86
N ALA H 454 -32.12 21.94 -27.31
CA ALA H 454 -31.03 22.47 -26.50
C ALA H 454 -31.56 22.98 -25.16
N GLU H 455 -32.68 23.69 -25.19
CA GLU H 455 -33.27 24.20 -23.96
C GLU H 455 -33.74 23.06 -23.07
N TYR H 456 -34.29 22.01 -23.69
CA TYR H 456 -34.83 20.89 -22.92
C TYR H 456 -33.75 20.20 -22.08
N ILE H 457 -32.57 19.98 -22.65
CA ILE H 457 -31.49 19.33 -21.91
C ILE H 457 -30.51 20.31 -21.30
N GLY H 458 -30.75 21.62 -21.46
CA GLY H 458 -29.95 22.61 -20.78
C GLY H 458 -28.54 22.82 -21.31
N VAL H 459 -28.35 22.78 -22.62
CA VAL H 459 -27.04 23.06 -23.20
C VAL H 459 -27.20 24.06 -24.34
N SER H 460 -26.08 24.71 -24.67
CA SER H 460 -26.04 25.52 -25.88
C SER H 460 -26.06 24.61 -27.10
N VAL H 461 -26.63 25.15 -28.19
CA VAL H 461 -26.58 24.44 -29.47
C VAL H 461 -25.14 24.15 -29.85
N GLU H 462 -24.21 25.04 -29.49
CA GLU H 462 -22.80 24.93 -29.84
C GLU H 462 -22.01 24.04 -28.88
N GLY H 463 -22.62 23.50 -27.84
CA GLY H 463 -21.89 22.78 -26.84
C GLY H 463 -21.28 23.71 -25.81
N PRO H 464 -20.64 23.18 -24.76
CA PRO H 464 -20.42 21.75 -24.47
C PRO H 464 -21.73 21.03 -24.18
N PHE H 465 -21.78 19.76 -24.55
CA PHE H 465 -23.00 18.98 -24.46
C PHE H 465 -23.07 18.16 -23.19
N LYS H 466 -21.97 18.06 -22.45
CA LYS H 466 -21.88 17.26 -21.24
C LYS H 466 -21.28 18.10 -20.12
N PRO H 467 -21.61 17.80 -18.88
CA PRO H 467 -20.92 18.44 -17.75
C PRO H 467 -19.51 17.89 -17.62
N ASP H 468 -18.65 18.66 -16.95
CA ASP H 468 -17.25 18.25 -16.82
C ASP H 468 -17.10 16.93 -16.06
N THR H 469 -18.11 16.52 -15.31
CA THR H 469 -18.07 15.24 -14.60
C THR H 469 -18.41 14.05 -15.49
N TYR H 470 -18.81 14.29 -16.74
CA TYR H 470 -19.25 13.20 -17.59
C TYR H 470 -18.08 12.30 -17.97
N ARG H 471 -18.31 11.00 -17.94
CA ARG H 471 -17.24 10.03 -18.09
C ARG H 471 -17.19 9.36 -19.45
N TYR H 472 -18.22 9.53 -20.28
CA TYR H 472 -18.27 8.90 -21.61
C TYR H 472 -18.00 7.40 -21.57
#